data_4POT
#
_entry.id   4POT
#
_cell.length_a   103.400
_cell.length_b   177.650
_cell.length_c   198.650
_cell.angle_alpha   90.00
_cell.angle_beta   90.00
_cell.angle_gamma   90.00
#
_symmetry.space_group_name_H-M   'P 21 21 21'
#
loop_
_entity.id
_entity.type
_entity.pdbx_description
1 polymer VP1
2 branched 'N-glycolyl-alpha-neuraminic acid-(2-3)-beta-D-galactopyranose-(1-4)-2-acetamido-2-deoxy-beta-D-glucopyranose'
3 non-polymer 'CALCIUM ION'
4 non-polymer 1,2-ETHANEDIOL
5 non-polymer 'ISOPROPYL ALCOHOL'
6 water water
#
_entity_poly.entity_id   1
_entity_poly.type   'polypeptide(L)'
_entity_poly.pdbx_seq_one_letter_code
;GSHMGGVEVLEVRTGPDAITQIEAYLNPRMGNNNPTDELYGYSADINVASSKASDNPNATTLPTYSVAVIKLPMLNEDMT
CDTLLMWEAVSVKTEVMGISSLVNLHQGGKYIYGSSSGTIPVQGTTLHMFSVGGEPLELQGLVASSTTTYPTDMVTIKNM
KPVNQALDPNAKALLDKDGKYPVEVWSPDPSKNENTRYYGSFTGGATTPPVMQFTNSVTTVLLDENGVGPLCKGDKLFLS
AVDIVGIHTNYSESQNWRGLPRYFNVTLRKRVVKNPYP
;
_entity_poly.pdbx_strand_id   A,B,C,D,E,F,G,H,I,J
#
# COMPACT_ATOMS: atom_id res chain seq x y z
N VAL A 7 -10.74 5.69 -36.10
CA VAL A 7 -11.84 5.02 -35.31
C VAL A 7 -11.72 5.36 -33.81
N GLU A 8 -12.81 5.82 -33.21
CA GLU A 8 -12.81 6.10 -31.79
C GLU A 8 -12.88 4.80 -30.98
N VAL A 9 -11.89 4.57 -30.14
CA VAL A 9 -11.80 3.34 -29.35
C VAL A 9 -12.46 3.52 -27.98
N LEU A 10 -13.43 2.65 -27.66
CA LEU A 10 -14.10 2.74 -26.36
C LEU A 10 -13.62 1.63 -25.41
N GLU A 11 -14.53 1.11 -24.58
CA GLU A 11 -14.15 0.18 -23.53
C GLU A 11 -14.02 -1.30 -23.99
N VAL A 12 -13.37 -2.11 -23.14
CA VAL A 12 -13.32 -3.56 -23.30
C VAL A 12 -14.70 -4.19 -23.08
N ARG A 13 -15.10 -5.10 -23.97
CA ARG A 13 -16.36 -5.85 -23.82
C ARG A 13 -16.17 -7.02 -22.86
N THR A 14 -16.95 -7.05 -21.79
CA THR A 14 -16.86 -8.14 -20.80
C THR A 14 -17.94 -9.20 -21.05
N GLY A 15 -17.93 -10.26 -20.24
CA GLY A 15 -18.94 -11.31 -20.34
C GLY A 15 -18.33 -12.62 -20.79
N PRO A 16 -19.16 -13.67 -20.94
CA PRO A 16 -18.63 -14.97 -21.36
C PRO A 16 -18.15 -14.90 -22.81
N ASP A 17 -17.28 -15.81 -23.23
CA ASP A 17 -16.81 -15.89 -24.62
C ASP A 17 -16.23 -14.58 -25.15
N ALA A 18 -15.52 -13.83 -24.31
CA ALA A 18 -14.98 -12.54 -24.74
C ALA A 18 -13.51 -12.63 -25.06
N ILE A 19 -12.92 -13.72 -24.78
CA ILE A 19 -11.48 -13.92 -24.92
C ILE A 19 -11.22 -14.96 -26.00
N THR A 20 -10.24 -15.07 -26.71
CA THR A 20 -9.89 -16.14 -27.65
C THR A 20 -8.37 -16.25 -27.74
N GLN A 21 -7.85 -17.41 -28.12
CA GLN A 21 -6.43 -17.61 -28.35
C GLN A 21 -6.19 -18.16 -29.72
N ILE A 22 -5.11 -17.74 -30.36
CA ILE A 22 -4.69 -18.40 -31.59
C ILE A 22 -3.23 -18.83 -31.45
N GLU A 23 -2.83 -19.81 -32.25
CA GLU A 23 -1.42 -20.13 -32.33
C GLU A 23 -1.01 -20.36 -33.78
N ALA A 24 0.25 -20.12 -34.08
CA ALA A 24 0.77 -20.28 -35.44
C ALA A 24 2.27 -20.35 -35.39
N TYR A 25 2.87 -20.93 -36.42
CA TYR A 25 4.32 -20.84 -36.55
C TYR A 25 4.65 -20.27 -37.91
N LEU A 26 5.78 -19.58 -38.01
CA LEU A 26 6.21 -19.02 -39.28
C LEU A 26 7.55 -19.68 -39.64
N ASN A 27 7.60 -20.34 -40.79
CA ASN A 27 8.87 -20.90 -41.25
C ASN A 27 9.77 -19.81 -41.84
N PRO A 28 11.10 -19.96 -41.66
CA PRO A 28 12.04 -18.90 -42.02
C PRO A 28 12.22 -18.77 -43.53
N ARG A 29 12.53 -17.58 -43.99
CA ARG A 29 12.66 -17.36 -45.40
C ARG A 29 14.05 -16.80 -45.66
N MET A 30 15.01 -17.71 -45.66
CA MET A 30 16.41 -17.33 -45.78
C MET A 30 16.86 -17.21 -47.22
N GLY A 31 16.06 -17.69 -48.16
CA GLY A 31 16.46 -17.67 -49.56
C GLY A 31 16.08 -18.94 -50.30
N ASN A 32 16.43 -20.09 -49.74
CA ASN A 32 15.82 -21.32 -50.20
C ASN A 32 14.50 -21.42 -49.44
N ASN A 33 13.42 -21.05 -50.10
CA ASN A 33 12.14 -20.87 -49.40
C ASN A 33 11.03 -21.87 -49.73
N ASN A 34 11.38 -22.91 -50.47
CA ASN A 34 10.44 -23.97 -50.82
C ASN A 34 10.80 -25.21 -50.00
N PRO A 35 9.82 -25.80 -49.29
CA PRO A 35 10.10 -26.96 -48.42
C PRO A 35 10.78 -28.15 -49.12
N THR A 36 10.74 -28.21 -50.44
CA THR A 36 11.47 -29.24 -51.19
C THR A 36 12.93 -28.88 -51.53
N ASP A 37 13.35 -27.64 -51.27
CA ASP A 37 14.74 -27.23 -51.54
C ASP A 37 15.68 -28.01 -50.61
N GLU A 38 16.78 -28.49 -51.19
CA GLU A 38 17.82 -29.19 -50.41
C GLU A 38 18.30 -28.36 -49.21
N LEU A 39 18.47 -27.05 -49.40
CA LEU A 39 18.87 -26.18 -48.29
C LEU A 39 17.74 -25.30 -47.74
N TYR A 40 16.53 -25.85 -47.67
CA TYR A 40 15.39 -25.16 -47.05
C TYR A 40 15.81 -24.76 -45.65
N GLY A 41 15.55 -23.50 -45.29
CA GLY A 41 15.97 -22.96 -43.99
C GLY A 41 17.32 -22.27 -44.03
N TYR A 42 17.91 -22.22 -45.23
CA TYR A 42 19.20 -21.56 -45.46
C TYR A 42 19.11 -20.69 -46.69
N SER A 43 20.02 -19.72 -46.81
CA SER A 43 20.23 -19.04 -48.08
C SER A 43 21.11 -19.91 -48.97
N ALA A 44 21.15 -19.61 -50.25
CA ALA A 44 22.16 -20.20 -51.14
C ALA A 44 23.52 -19.57 -50.81
N ASP A 45 24.58 -20.06 -51.47
CA ASP A 45 25.91 -19.49 -51.28
C ASP A 45 25.91 -17.99 -51.58
N ILE A 46 26.32 -17.18 -50.59
CA ILE A 46 26.45 -15.73 -50.75
C ILE A 46 27.31 -15.37 -51.98
N ASN A 47 26.74 -14.62 -52.92
CA ASN A 47 27.51 -14.10 -54.06
C ASN A 47 27.87 -12.64 -53.81
N VAL A 48 29.16 -12.39 -53.65
CA VAL A 48 29.69 -11.12 -53.19
C VAL A 48 29.84 -10.15 -54.37
N ALA A 49 29.59 -8.86 -54.13
CA ALA A 49 29.78 -7.82 -55.15
C ALA A 49 31.20 -7.75 -55.65
N SER A 50 31.36 -7.55 -56.96
N SER A 50 31.36 -7.56 -56.96
CA SER A 50 32.69 -7.30 -57.54
CA SER A 50 32.67 -7.27 -57.54
C SER A 50 33.17 -5.87 -57.32
C SER A 50 33.15 -5.91 -57.07
N SER A 51 32.23 -4.94 -57.08
CA SER A 51 32.57 -3.54 -56.82
C SER A 51 31.35 -2.83 -56.27
N LYS A 52 31.53 -1.57 -55.88
CA LYS A 52 30.41 -0.69 -55.52
C LYS A 52 29.34 -0.70 -56.61
N ALA A 53 29.75 -0.50 -57.87
CA ALA A 53 28.82 -0.35 -58.99
C ALA A 53 28.19 -1.65 -59.47
N SER A 54 28.87 -2.77 -59.19
CA SER A 54 28.49 -4.06 -59.71
C SER A 54 28.19 -5.01 -58.57
N ASP A 55 26.94 -4.98 -58.11
CA ASP A 55 26.51 -5.71 -56.93
C ASP A 55 25.14 -6.24 -57.25
N ASN A 56 25.10 -7.51 -57.65
CA ASN A 56 23.89 -8.16 -58.12
C ASN A 56 23.57 -9.40 -57.27
N PRO A 57 23.09 -9.21 -56.04
CA PRO A 57 22.86 -10.39 -55.18
C PRO A 57 21.76 -11.30 -55.72
N ASN A 58 21.99 -12.62 -55.77
CA ASN A 58 20.94 -13.57 -56.19
C ASN A 58 19.79 -13.59 -55.19
N ALA A 59 18.56 -13.72 -55.69
CA ALA A 59 17.36 -13.76 -54.83
C ALA A 59 17.48 -14.80 -53.71
N THR A 60 18.03 -15.98 -54.04
CA THR A 60 18.13 -17.06 -53.05
C THR A 60 19.19 -16.77 -51.98
N THR A 61 19.90 -15.65 -52.11
CA THR A 61 20.95 -15.32 -51.15
C THR A 61 20.49 -14.26 -50.14
N LEU A 62 19.27 -13.75 -50.31
CA LEU A 62 18.78 -12.61 -49.53
C LEU A 62 17.64 -12.98 -48.58
N PRO A 63 17.93 -13.08 -47.26
CA PRO A 63 16.88 -13.39 -46.29
C PRO A 63 15.77 -12.36 -46.30
N THR A 64 14.53 -12.82 -46.18
CA THR A 64 13.34 -11.96 -46.22
C THR A 64 12.47 -12.19 -44.97
N TYR A 65 11.55 -11.25 -44.72
CA TYR A 65 10.61 -11.36 -43.62
C TYR A 65 9.57 -12.44 -43.87
N SER A 66 9.16 -13.08 -42.78
CA SER A 66 8.03 -13.99 -42.80
C SER A 66 6.79 -13.23 -42.38
N VAL A 67 5.65 -13.55 -43.00
CA VAL A 67 4.39 -12.97 -42.55
C VAL A 67 3.23 -13.93 -42.76
N ALA A 68 2.31 -13.95 -41.78
CA ALA A 68 1.09 -14.74 -41.87
C ALA A 68 -0.10 -13.91 -41.41
N VAL A 69 -1.23 -14.08 -42.09
CA VAL A 69 -2.46 -13.42 -41.70
C VAL A 69 -3.34 -14.49 -41.07
N ILE A 70 -3.79 -14.25 -39.84
CA ILE A 70 -4.70 -15.19 -39.15
C ILE A 70 -6.12 -14.61 -39.21
N LYS A 71 -7.07 -15.38 -39.76
CA LYS A 71 -8.44 -14.92 -39.84
C LYS A 71 -9.17 -15.29 -38.55
N LEU A 72 -9.74 -14.29 -37.88
CA LEU A 72 -10.41 -14.48 -36.58
C LEU A 72 -11.92 -14.57 -36.77
N PRO A 73 -12.65 -15.05 -35.74
CA PRO A 73 -14.11 -15.14 -35.84
C PRO A 73 -14.75 -13.79 -36.18
N MET A 74 -15.76 -13.81 -37.03
CA MET A 74 -16.45 -12.59 -37.43
C MET A 74 -17.21 -12.05 -36.22
N LEU A 75 -17.13 -10.75 -35.99
CA LEU A 75 -17.75 -10.18 -34.79
C LEU A 75 -19.10 -9.50 -34.96
N ASN A 76 -19.39 -8.99 -36.16
CA ASN A 76 -20.59 -8.14 -36.34
C ASN A 76 -21.67 -8.68 -37.29
N GLU A 77 -22.92 -8.65 -36.82
CA GLU A 77 -24.09 -9.08 -37.59
C GLU A 77 -24.77 -7.91 -38.29
N MET A 79 -23.59 -4.63 -38.85
CA MET A 79 -22.80 -3.48 -39.27
C MET A 79 -23.63 -2.21 -39.20
N THR A 80 -24.89 -2.38 -38.83
CA THR A 80 -25.81 -1.27 -38.68
C THR A 80 -25.62 -0.43 -37.43
N CYS A 81 -25.20 -1.04 -36.34
CA CYS A 81 -25.28 -0.46 -35.02
C CYS A 81 -24.29 0.64 -34.70
N ASP A 82 -24.50 1.31 -33.60
CA ASP A 82 -23.73 2.48 -33.29
C ASP A 82 -22.28 2.20 -32.86
N THR A 83 -22.05 1.03 -32.31
CA THR A 83 -20.73 0.65 -31.90
C THR A 83 -20.50 -0.67 -32.53
N LEU A 84 -19.26 -1.05 -32.71
CA LEU A 84 -18.90 -2.36 -33.26
C LEU A 84 -17.87 -3.01 -32.37
N LEU A 85 -17.59 -4.28 -32.59
CA LEU A 85 -16.52 -4.98 -31.87
C LEU A 85 -15.35 -5.29 -32.77
N MET A 86 -14.14 -5.21 -32.21
CA MET A 86 -12.92 -5.61 -32.90
C MET A 86 -12.12 -6.50 -31.95
N TRP A 87 -11.38 -7.45 -32.52
CA TRP A 87 -10.41 -8.23 -31.75
C TRP A 87 -9.21 -7.39 -31.39
N GLU A 88 -8.82 -7.49 -30.14
CA GLU A 88 -7.72 -6.72 -29.57
C GLU A 88 -6.66 -7.69 -29.08
N ALA A 89 -5.48 -7.65 -29.68
CA ALA A 89 -4.36 -8.48 -29.20
C ALA A 89 -3.82 -7.93 -27.87
N VAL A 90 -3.87 -8.77 -26.84
CA VAL A 90 -3.49 -8.37 -25.47
C VAL A 90 -2.10 -8.82 -25.08
N SER A 91 -1.73 -10.04 -25.48
CA SER A 91 -0.48 -10.63 -25.06
C SER A 91 -0.05 -11.72 -26.03
N VAL A 92 1.26 -11.99 -26.03
CA VAL A 92 1.78 -13.04 -26.88
C VAL A 92 2.89 -13.81 -26.16
N LYS A 93 2.89 -15.13 -26.34
CA LYS A 93 4.03 -15.97 -26.05
C LYS A 93 4.62 -16.34 -27.38
N THR A 94 5.91 -16.09 -27.52
CA THR A 94 6.58 -16.39 -28.77
C THR A 94 7.87 -17.14 -28.48
N GLU A 95 8.28 -18.00 -29.40
CA GLU A 95 9.44 -18.85 -29.16
C GLU A 95 10.17 -19.15 -30.47
N VAL A 96 11.49 -19.05 -30.45
CA VAL A 96 12.30 -19.49 -31.60
C VAL A 96 12.52 -20.99 -31.45
N MET A 97 12.07 -21.76 -32.44
CA MET A 97 12.08 -23.21 -32.35
C MET A 97 13.31 -23.85 -32.99
N GLY A 98 13.72 -24.98 -32.43
CA GLY A 98 14.85 -25.75 -32.96
C GLY A 98 16.19 -25.11 -32.68
N ILE A 99 16.29 -24.32 -31.61
CA ILE A 99 17.56 -23.70 -31.24
C ILE A 99 18.69 -24.75 -31.09
N SER A 100 18.38 -25.88 -30.45
CA SER A 100 19.42 -26.87 -30.13
C SER A 100 19.95 -27.58 -31.37
N SER A 101 19.27 -27.42 -32.50
CA SER A 101 19.75 -27.99 -33.76
C SER A 101 21.11 -27.42 -34.16
N LEU A 102 21.45 -26.25 -33.61
CA LEU A 102 22.76 -25.59 -33.85
C LEU A 102 23.90 -26.27 -33.07
N VAL A 103 23.54 -27.05 -32.07
CA VAL A 103 24.47 -27.73 -31.18
C VAL A 103 24.89 -29.05 -31.89
N ASN A 104 25.79 -28.88 -32.86
CA ASN A 104 26.09 -29.88 -33.87
C ASN A 104 27.47 -29.54 -34.40
N LEU A 105 28.43 -30.44 -34.16
CA LEU A 105 29.82 -30.22 -34.59
C LEU A 105 30.28 -31.22 -35.64
N HIS A 106 29.34 -31.90 -36.28
CA HIS A 106 29.68 -32.92 -37.28
C HIS A 106 29.16 -32.61 -38.66
N GLN A 107 28.29 -31.62 -38.79
CA GLN A 107 27.79 -31.18 -40.09
C GLN A 107 28.97 -30.84 -41.01
N GLY A 108 28.87 -31.23 -42.27
CA GLY A 108 29.91 -30.90 -43.27
C GLY A 108 30.21 -29.42 -43.24
N GLY A 109 31.49 -29.07 -43.24
CA GLY A 109 31.86 -27.66 -43.15
C GLY A 109 33.34 -27.44 -42.96
N LYS A 110 33.68 -26.34 -42.27
CA LYS A 110 35.05 -25.91 -42.09
C LYS A 110 35.54 -26.40 -40.73
N TYR A 111 36.74 -27.00 -40.69
CA TYR A 111 37.26 -27.55 -39.42
C TYR A 111 37.60 -26.46 -38.42
N ILE A 112 37.28 -26.71 -37.15
CA ILE A 112 37.65 -25.77 -36.09
C ILE A 112 39.17 -25.61 -36.03
N TYR A 113 39.89 -26.73 -36.00
CA TYR A 113 41.34 -26.75 -36.07
C TYR A 113 41.72 -27.47 -37.37
N GLY A 114 42.51 -28.53 -37.29
CA GLY A 114 42.75 -29.36 -38.46
C GLY A 114 41.68 -30.41 -38.68
N SER A 115 41.95 -31.33 -39.61
CA SER A 115 40.97 -32.31 -40.05
C SER A 115 40.55 -33.39 -39.05
N SER A 116 41.15 -33.43 -37.86
CA SER A 116 40.69 -34.31 -36.78
C SER A 116 39.63 -33.65 -35.85
N SER A 117 39.43 -32.35 -36.01
CA SER A 117 38.50 -31.62 -35.11
C SER A 117 37.07 -31.66 -35.62
N GLY A 118 36.14 -31.15 -34.81
CA GLY A 118 34.77 -30.90 -35.26
C GLY A 118 34.75 -29.71 -36.21
N THR A 119 33.58 -29.39 -36.75
CA THR A 119 33.40 -28.27 -37.69
C THR A 119 32.82 -27.03 -37.01
N ILE A 120 33.06 -25.86 -37.59
CA ILE A 120 32.59 -24.59 -37.04
C ILE A 120 31.05 -24.51 -37.14
N PRO A 121 30.37 -24.31 -36.00
CA PRO A 121 28.90 -24.25 -36.10
C PRO A 121 28.44 -22.89 -36.62
N VAL A 122 27.14 -22.76 -36.85
CA VAL A 122 26.50 -21.50 -37.24
C VAL A 122 26.89 -20.37 -36.26
N GLN A 123 27.43 -19.28 -36.80
CA GLN A 123 27.85 -18.10 -36.03
C GLN A 123 27.87 -16.86 -36.93
N GLY A 124 28.17 -15.70 -36.36
CA GLY A 124 28.15 -14.44 -37.12
C GLY A 124 26.89 -13.64 -36.80
N THR A 125 26.55 -12.70 -37.69
CA THR A 125 25.37 -11.81 -37.55
C THR A 125 24.05 -12.54 -37.26
N THR A 126 23.33 -12.05 -36.25
CA THR A 126 21.97 -12.53 -35.98
C THR A 126 20.99 -11.37 -35.98
N LEU A 127 19.75 -11.67 -36.37
CA LEU A 127 18.70 -10.67 -36.36
C LEU A 127 17.41 -11.39 -36.00
N HIS A 128 16.80 -10.95 -34.91
CA HIS A 128 15.52 -11.50 -34.44
C HIS A 128 14.50 -10.40 -34.40
N MET A 129 13.35 -10.65 -35.00
CA MET A 129 12.25 -9.73 -34.90
C MET A 129 10.92 -10.49 -34.90
N PHE A 130 10.01 -10.08 -34.03
CA PHE A 130 8.62 -10.49 -34.16
C PHE A 130 7.73 -9.28 -34.02
N SER A 131 6.57 -9.35 -34.66
CA SER A 131 5.57 -8.30 -34.51
C SER A 131 4.19 -8.90 -34.56
N VAL A 132 3.28 -8.29 -33.80
CA VAL A 132 1.87 -8.68 -33.77
C VAL A 132 1.07 -7.40 -34.02
N GLY A 133 0.24 -7.39 -35.07
CA GLY A 133 -0.52 -6.18 -35.37
C GLY A 133 -1.87 -6.45 -35.99
N GLY A 134 -2.71 -5.40 -36.06
CA GLY A 134 -4.05 -5.50 -36.61
C GLY A 134 -4.12 -5.20 -38.10
N GLU A 135 -2.94 -5.15 -38.72
CA GLU A 135 -2.78 -4.83 -40.13
C GLU A 135 -1.32 -5.05 -40.51
N PRO A 136 -0.99 -4.92 -41.81
CA PRO A 136 0.41 -5.16 -42.18
C PRO A 136 1.41 -4.26 -41.43
N LEU A 137 2.56 -4.82 -41.11
CA LEU A 137 3.67 -4.05 -40.52
C LEU A 137 4.11 -3.02 -41.57
N GLU A 138 4.27 -1.78 -41.12
CA GLU A 138 4.72 -0.72 -42.01
C GLU A 138 6.25 -0.63 -42.02
N LEU A 139 6.80 -0.55 -43.21
CA LEU A 139 8.24 -0.69 -43.38
C LEU A 139 8.86 0.61 -43.88
N GLN A 140 10.11 0.85 -43.46
CA GLN A 140 10.94 1.93 -43.98
C GLN A 140 12.12 1.35 -44.75
N GLY A 141 12.39 1.88 -45.94
CA GLY A 141 13.53 1.39 -46.74
C GLY A 141 14.82 2.12 -46.39
N LEU A 142 15.91 1.35 -46.30
CA LEU A 142 17.26 1.89 -46.11
C LEU A 142 18.24 0.76 -46.46
N VAL A 143 19.24 1.07 -47.29
CA VAL A 143 20.23 0.06 -47.73
C VAL A 143 21.68 0.45 -47.40
N ALA A 144 22.57 -0.55 -47.40
CA ALA A 144 24.01 -0.31 -47.28
C ALA A 144 24.54 0.43 -48.51
N SER A 145 23.95 0.16 -49.68
CA SER A 145 24.43 0.71 -50.94
C SER A 145 23.31 0.88 -51.95
N SER A 146 23.13 2.10 -52.45
CA SER A 146 22.10 2.36 -53.44
C SER A 146 22.47 1.91 -54.86
N THR A 147 23.73 1.51 -55.06
CA THR A 147 24.14 1.02 -56.37
C THR A 147 24.06 -0.53 -56.46
N THR A 148 23.45 -1.16 -55.46
CA THR A 148 23.10 -2.57 -55.55
C THR A 148 21.92 -2.70 -56.50
N THR A 149 21.98 -3.70 -57.37
CA THR A 149 20.83 -4.06 -58.18
C THR A 149 20.17 -5.30 -57.58
N TYR A 150 18.99 -5.12 -57.02
CA TYR A 150 18.25 -6.21 -56.39
C TYR A 150 17.50 -7.04 -57.40
N PRO A 151 17.28 -8.33 -57.09
CA PRO A 151 16.53 -9.20 -58.00
C PRO A 151 15.15 -8.61 -58.30
N THR A 152 14.73 -8.77 -59.55
CA THR A 152 13.49 -8.19 -60.04
C THR A 152 12.22 -8.71 -59.31
N ASP A 153 12.23 -9.99 -58.94
CA ASP A 153 11.09 -10.68 -58.31
C ASP A 153 10.86 -10.41 -56.83
N MET A 154 11.73 -9.63 -56.22
CA MET A 154 11.59 -9.25 -54.83
C MET A 154 10.99 -7.84 -54.76
N VAL A 155 10.53 -7.44 -53.59
CA VAL A 155 10.03 -6.07 -53.41
C VAL A 155 11.08 -5.24 -52.70
N THR A 156 11.63 -4.25 -53.41
CA THR A 156 12.70 -3.41 -52.89
C THR A 156 12.47 -1.96 -53.27
N ILE A 157 13.40 -1.07 -52.96
CA ILE A 157 13.19 0.36 -53.18
C ILE A 157 13.28 0.69 -54.67
N LYS A 158 12.20 1.22 -55.22
CA LYS A 158 12.20 1.61 -56.64
C LYS A 158 13.07 2.86 -56.90
N ASN A 159 13.85 2.84 -57.99
CA ASN A 159 14.69 3.98 -58.40
C ASN A 159 15.58 4.52 -57.27
N MET A 160 16.30 3.61 -56.60
CA MET A 160 17.19 4.00 -55.52
C MET A 160 18.17 5.10 -55.89
N LYS A 161 18.45 5.96 -54.92
CA LYS A 161 19.46 7.00 -55.06
C LYS A 161 20.28 6.97 -53.78
N PRO A 162 21.45 7.64 -53.77
CA PRO A 162 22.29 7.64 -52.57
C PRO A 162 21.53 8.01 -51.28
N VAL A 163 20.48 8.82 -51.41
CA VAL A 163 19.65 9.16 -50.24
C VAL A 163 19.13 7.91 -49.50
N ASN A 164 18.94 6.82 -50.25
CA ASN A 164 18.47 5.58 -49.66
C ASN A 164 19.48 4.81 -48.81
N GLN A 165 20.70 5.31 -48.74
CA GLN A 165 21.67 4.78 -47.78
C GLN A 165 21.45 5.40 -46.39
N ALA A 166 20.49 6.34 -46.32
CA ALA A 166 19.99 6.90 -45.09
C ALA A 166 18.46 7.02 -45.19
N LEU A 167 17.85 7.97 -44.49
CA LEU A 167 16.38 8.06 -44.46
C LEU A 167 15.78 8.87 -45.61
N ASP A 168 15.09 8.18 -46.52
CA ASP A 168 14.31 8.81 -47.57
C ASP A 168 12.85 8.59 -47.20
N PRO A 169 12.11 9.68 -46.86
CA PRO A 169 10.76 9.52 -46.34
C PRO A 169 9.79 8.97 -47.37
N ASN A 170 10.21 8.91 -48.64
CA ASN A 170 9.39 8.31 -49.68
C ASN A 170 9.52 6.79 -49.81
N ALA A 171 10.53 6.21 -49.18
CA ALA A 171 10.81 4.79 -49.33
C ALA A 171 10.10 3.99 -48.25
N LYS A 172 8.80 3.75 -48.46
CA LYS A 172 7.94 3.04 -47.49
C LYS A 172 7.25 1.85 -48.15
N ALA A 173 6.89 0.86 -47.34
CA ALA A 173 6.20 -0.30 -47.86
C ALA A 173 5.34 -0.90 -46.75
N LEU A 174 4.54 -1.88 -47.15
CA LEU A 174 3.79 -2.73 -46.25
C LEU A 174 4.34 -4.15 -46.35
N LEU A 175 4.53 -4.82 -45.21
CA LEU A 175 4.89 -6.23 -45.23
C LEU A 175 3.62 -7.04 -45.49
N ASP A 176 3.25 -7.15 -46.75
CA ASP A 176 2.00 -7.81 -47.13
C ASP A 176 2.25 -9.07 -47.94
N LYS A 177 3.50 -9.52 -47.99
CA LYS A 177 3.88 -10.75 -48.71
C LYS A 177 5.03 -11.46 -48.01
N ASP A 178 4.81 -12.75 -47.77
CA ASP A 178 5.78 -13.62 -47.14
C ASP A 178 6.96 -13.90 -48.10
N GLY A 179 8.17 -13.89 -47.55
CA GLY A 179 9.37 -14.20 -48.34
C GLY A 179 9.64 -13.33 -49.57
N LYS A 180 9.33 -12.03 -49.50
CA LYS A 180 9.55 -11.14 -50.65
C LYS A 180 10.30 -9.85 -50.29
N TYR A 181 10.25 -9.46 -49.01
CA TYR A 181 10.82 -8.20 -48.55
C TYR A 181 12.14 -8.46 -47.86
N PRO A 182 13.28 -8.09 -48.48
CA PRO A 182 14.59 -8.35 -47.87
C PRO A 182 14.83 -7.59 -46.58
N VAL A 183 15.33 -8.27 -45.55
CA VAL A 183 15.70 -7.60 -44.29
C VAL A 183 16.72 -6.48 -44.49
N GLU A 184 17.64 -6.68 -45.44
CA GLU A 184 18.71 -5.70 -45.67
C GLU A 184 18.22 -4.43 -46.38
N VAL A 185 16.95 -4.45 -46.81
CA VAL A 185 16.30 -3.30 -47.44
C VAL A 185 15.23 -2.62 -46.55
N TRP A 186 14.47 -3.43 -45.79
CA TRP A 186 13.34 -2.91 -45.03
C TRP A 186 13.47 -3.18 -43.56
N SER A 187 13.04 -2.19 -42.76
CA SER A 187 12.94 -2.36 -41.31
C SER A 187 11.62 -1.72 -40.83
N PRO A 188 11.22 -2.02 -39.59
CA PRO A 188 9.96 -1.43 -39.11
C PRO A 188 10.06 0.10 -39.08
N ASP A 189 8.99 0.76 -39.54
CA ASP A 189 8.92 2.21 -39.60
C ASP A 189 8.41 2.75 -38.27
N PRO A 190 9.29 3.39 -37.45
CA PRO A 190 8.81 3.82 -36.13
C PRO A 190 7.87 5.04 -36.17
N SER A 191 7.75 5.67 -37.33
CA SER A 191 6.87 6.83 -37.50
C SER A 191 5.42 6.42 -37.80
N LYS A 192 5.20 5.13 -38.01
CA LYS A 192 3.85 4.63 -38.19
C LYS A 192 3.66 3.48 -37.19
N ASN A 193 3.03 2.37 -37.62
CA ASN A 193 2.81 1.20 -36.74
C ASN A 193 2.15 1.51 -35.39
N GLU A 194 1.14 2.39 -35.41
CA GLU A 194 0.33 2.65 -34.23
C GLU A 194 -0.55 1.44 -33.86
N ASN A 195 -0.79 0.56 -34.83
CA ASN A 195 -1.69 -0.59 -34.66
C ASN A 195 -0.95 -1.95 -34.73
N THR A 196 0.37 -1.92 -34.48
CA THR A 196 1.23 -3.09 -34.46
C THR A 196 2.26 -2.88 -33.34
N ARG A 197 2.66 -3.96 -32.68
CA ARG A 197 3.79 -3.90 -31.74
C ARG A 197 4.92 -4.74 -32.30
N TYR A 198 6.10 -4.16 -32.44
CA TYR A 198 7.25 -4.92 -32.93
C TYR A 198 8.41 -4.88 -31.95
N TYR A 199 9.22 -5.93 -31.97
CA TYR A 199 10.32 -6.12 -31.01
C TYR A 199 11.48 -6.76 -31.77
N GLY A 200 12.65 -6.13 -31.69
CA GLY A 200 13.77 -6.46 -32.55
C GLY A 200 15.10 -6.46 -31.85
N SER A 201 15.97 -7.37 -32.28
CA SER A 201 17.29 -7.50 -31.69
C SER A 201 18.32 -7.83 -32.76
N PHE A 202 19.40 -7.07 -32.80
CA PHE A 202 20.48 -7.26 -33.77
C PHE A 202 21.84 -7.33 -33.08
N THR A 203 22.63 -8.34 -33.47
CA THR A 203 24.05 -8.39 -33.14
C THR A 203 24.81 -8.72 -34.42
N GLY A 204 25.81 -7.91 -34.75
CA GLY A 204 26.54 -8.09 -35.99
C GLY A 204 27.81 -8.90 -35.82
N GLY A 205 28.79 -8.61 -36.67
CA GLY A 205 30.04 -9.33 -36.63
C GLY A 205 30.08 -10.48 -37.61
N ALA A 206 31.29 -10.83 -38.00
CA ALA A 206 31.51 -11.92 -38.95
C ALA A 206 31.31 -13.29 -38.32
N THR A 207 31.81 -13.45 -37.08
CA THR A 207 31.91 -14.78 -36.47
C THR A 207 31.36 -14.84 -35.03
N THR A 208 30.54 -13.86 -34.67
CA THR A 208 30.00 -13.74 -33.31
C THR A 208 29.23 -14.99 -32.86
N PRO A 209 29.48 -15.47 -31.62
CA PRO A 209 28.69 -16.59 -31.07
C PRO A 209 27.23 -16.17 -30.93
N PRO A 210 26.30 -16.93 -31.54
CA PRO A 210 24.87 -16.66 -31.34
C PRO A 210 24.43 -16.95 -29.90
N VAL A 211 23.49 -16.14 -29.38
CA VAL A 211 22.95 -16.32 -28.02
C VAL A 211 21.42 -16.29 -28.12
N MET A 212 20.76 -17.29 -27.53
CA MET A 212 19.29 -17.39 -27.55
C MET A 212 18.81 -18.12 -26.32
N GLN A 213 17.66 -17.70 -25.78
CA GLN A 213 17.00 -18.48 -24.73
C GLN A 213 15.68 -19.05 -25.18
N PHE A 214 15.16 -20.00 -24.42
CA PHE A 214 13.90 -20.63 -24.73
C PHE A 214 13.23 -21.08 -23.44
N THR A 215 11.93 -20.83 -23.37
CA THR A 215 11.14 -21.06 -22.17
C THR A 215 9.67 -20.98 -22.55
N ASN A 216 8.78 -21.56 -21.75
CA ASN A 216 7.36 -21.31 -21.95
C ASN A 216 6.76 -20.53 -20.79
N SER A 217 7.62 -19.83 -20.06
CA SER A 217 7.19 -19.07 -18.90
C SER A 217 7.12 -17.55 -19.13
N VAL A 218 7.33 -17.09 -20.36
CA VAL A 218 7.41 -15.64 -20.63
C VAL A 218 6.31 -15.16 -21.58
N THR A 219 5.66 -14.08 -21.19
CA THR A 219 4.58 -13.49 -21.96
C THR A 219 4.94 -12.03 -22.20
N THR A 220 4.71 -11.54 -23.41
CA THR A 220 4.82 -10.12 -23.71
C THR A 220 3.42 -9.47 -23.79
N VAL A 221 3.21 -8.42 -23.01
CA VAL A 221 1.94 -7.67 -23.04
C VAL A 221 1.97 -6.64 -24.18
N LEU A 222 0.91 -6.60 -24.98
CA LEU A 222 0.90 -5.80 -26.21
C LEU A 222 0.20 -4.45 -26.07
N LEU A 223 -0.36 -4.20 -24.88
CA LEU A 223 -1.09 -2.97 -24.64
C LEU A 223 -0.20 -1.72 -24.72
N ASP A 224 -0.71 -0.66 -25.34
CA ASP A 224 0.05 0.60 -25.36
C ASP A 224 -0.22 1.37 -24.06
N GLU A 225 0.26 2.59 -23.98
CA GLU A 225 0.20 3.37 -22.75
C GLU A 225 -1.23 3.79 -22.37
N ASN A 226 -2.17 3.63 -23.30
CA ASN A 226 -3.59 3.82 -23.03
C ASN A 226 -4.31 2.51 -22.74
N GLY A 227 -3.56 1.42 -22.62
CA GLY A 227 -4.11 0.11 -22.32
C GLY A 227 -4.80 -0.52 -23.52
N VAL A 228 -4.43 -0.10 -24.72
CA VAL A 228 -5.01 -0.64 -25.95
C VAL A 228 -3.98 -1.45 -26.74
N GLY A 229 -4.36 -2.67 -27.09
CA GLY A 229 -3.54 -3.54 -27.94
C GLY A 229 -3.89 -3.37 -29.40
N PRO A 230 -3.13 -3.99 -30.30
CA PRO A 230 -3.48 -3.90 -31.71
C PRO A 230 -4.91 -4.36 -31.96
N LEU A 231 -5.62 -3.63 -32.83
CA LEU A 231 -7.00 -3.90 -33.18
C LEU A 231 -7.11 -4.44 -34.59
N CYS A 232 -7.76 -5.59 -34.72
CA CYS A 232 -7.74 -6.38 -35.94
C CYS A 232 -8.76 -5.92 -36.99
N LYS A 233 -8.29 -5.10 -37.92
CA LYS A 233 -9.12 -4.61 -39.01
C LYS A 233 -9.57 -5.77 -39.90
N GLY A 234 -10.88 -5.84 -40.16
CA GLY A 234 -11.46 -6.94 -40.93
C GLY A 234 -11.24 -8.31 -40.31
N ASP A 235 -11.12 -8.34 -38.98
CA ASP A 235 -10.94 -9.56 -38.20
C ASP A 235 -9.69 -10.33 -38.65
N LYS A 236 -8.64 -9.59 -39.00
CA LYS A 236 -7.40 -10.18 -39.45
C LYS A 236 -6.24 -9.80 -38.52
N LEU A 237 -5.49 -10.80 -38.11
CA LEU A 237 -4.35 -10.60 -37.24
C LEU A 237 -3.09 -10.91 -38.04
N PHE A 238 -2.13 -9.98 -38.00
CA PHE A 238 -0.88 -10.09 -38.75
C PHE A 238 0.28 -10.44 -37.83
N LEU A 239 0.94 -11.56 -38.15
CA LEU A 239 2.12 -12.01 -37.44
C LEU A 239 3.31 -11.97 -38.40
N SER A 240 4.40 -11.32 -37.99
CA SER A 240 5.57 -11.17 -38.83
C SER A 240 6.80 -11.52 -38.01
N ALA A 241 7.86 -11.93 -38.69
CA ALA A 241 9.05 -12.39 -38.00
C ALA A 241 10.24 -12.46 -38.93
N VAL A 242 11.43 -12.34 -38.36
CA VAL A 242 12.63 -12.91 -38.97
C VAL A 242 13.51 -13.41 -37.85
N ASP A 243 14.13 -14.57 -38.07
CA ASP A 243 15.10 -15.10 -37.11
C ASP A 243 16.33 -15.69 -37.79
N ILE A 244 17.17 -14.79 -38.26
CA ILE A 244 18.47 -15.18 -38.80
C ILE A 244 19.36 -15.51 -37.60
N VAL A 245 19.86 -16.74 -37.53
CA VAL A 245 20.61 -17.18 -36.36
C VAL A 245 22.12 -17.26 -36.60
N GLY A 246 22.54 -16.85 -37.80
CA GLY A 246 23.96 -16.81 -38.13
C GLY A 246 24.25 -17.35 -39.51
N ILE A 247 25.53 -17.67 -39.73
CA ILE A 247 26.01 -18.10 -41.03
C ILE A 247 26.64 -19.46 -40.88
N HIS A 248 26.27 -20.39 -41.75
CA HIS A 248 27.01 -21.64 -41.82
C HIS A 248 28.10 -21.58 -42.87
N THR A 249 29.31 -22.01 -42.49
CA THR A 249 30.45 -21.97 -43.40
C THR A 249 30.71 -23.37 -43.95
N ASN A 250 30.78 -23.48 -45.26
CA ASN A 250 30.98 -24.74 -45.94
C ASN A 250 32.46 -25.02 -46.10
N TYR A 251 32.80 -26.24 -46.52
CA TYR A 251 34.19 -26.65 -46.60
C TYR A 251 35.02 -25.76 -47.56
N SER A 252 34.43 -25.39 -48.69
CA SER A 252 35.06 -24.46 -49.65
C SER A 252 35.10 -23.02 -49.13
N GLU A 253 34.44 -22.78 -47.99
CA GLU A 253 34.34 -21.45 -47.39
C GLU A 253 33.21 -20.62 -47.98
N SER A 254 32.43 -21.20 -48.90
CA SER A 254 31.13 -20.59 -49.24
C SER A 254 30.28 -20.51 -47.97
N GLN A 255 29.33 -19.58 -47.95
CA GLN A 255 28.54 -19.34 -46.74
C GLN A 255 27.04 -19.24 -47.03
N ASN A 256 26.23 -19.80 -46.13
CA ASN A 256 24.78 -19.72 -46.21
C ASN A 256 24.21 -19.18 -44.92
N TRP A 257 23.30 -18.22 -45.04
CA TRP A 257 22.49 -17.78 -43.91
C TRP A 257 21.68 -18.94 -43.38
N ARG A 258 21.50 -18.99 -42.07
CA ARG A 258 20.68 -20.02 -41.44
C ARG A 258 19.59 -19.33 -40.62
N GLY A 259 18.34 -19.77 -40.78
CA GLY A 259 17.23 -19.20 -40.01
C GLY A 259 16.47 -20.29 -39.28
N LEU A 260 15.64 -19.87 -38.33
CA LEU A 260 14.83 -20.81 -37.55
C LEU A 260 13.36 -20.32 -37.52
N PRO A 261 12.41 -21.27 -37.38
CA PRO A 261 11.01 -20.88 -37.32
C PRO A 261 10.62 -20.31 -35.96
N ARG A 262 9.51 -19.54 -35.96
CA ARG A 262 9.02 -18.87 -34.78
C ARG A 262 7.57 -19.23 -34.52
N TYR A 263 7.29 -19.59 -33.26
CA TYR A 263 5.96 -19.92 -32.78
C TYR A 263 5.33 -18.67 -32.16
N PHE A 264 4.04 -18.48 -32.39
CA PHE A 264 3.25 -17.42 -31.74
C PHE A 264 2.05 -18.06 -31.04
N ASN A 265 1.75 -17.57 -29.84
CA ASN A 265 0.48 -17.83 -29.19
C ASN A 265 -0.06 -16.48 -28.69
N VAL A 266 -1.14 -16.01 -29.32
CA VAL A 266 -1.69 -14.69 -29.05
C VAL A 266 -3.05 -14.81 -28.37
N THR A 267 -3.23 -14.06 -27.29
CA THR A 267 -4.52 -13.95 -26.62
C THR A 267 -5.19 -12.67 -27.05
N LEU A 268 -6.44 -12.78 -27.50
CA LEU A 268 -7.21 -11.61 -27.94
C LEU A 268 -8.51 -11.43 -27.18
N ARG A 269 -8.95 -10.18 -27.03
CA ARG A 269 -10.21 -9.88 -26.39
C ARG A 269 -11.07 -8.99 -27.29
N LYS A 270 -12.33 -8.79 -26.90
CA LYS A 270 -13.23 -7.95 -27.66
C LYS A 270 -13.20 -6.51 -27.15
N ARG A 271 -12.99 -5.58 -28.08
CA ARG A 271 -12.94 -4.15 -27.79
C ARG A 271 -14.08 -3.43 -28.52
N VAL A 272 -14.82 -2.59 -27.79
CA VAL A 272 -15.87 -1.80 -28.40
C VAL A 272 -15.23 -0.58 -29.09
N VAL A 273 -15.72 -0.25 -30.29
CA VAL A 273 -15.31 0.95 -31.01
C VAL A 273 -16.55 1.62 -31.60
N LYS A 274 -16.49 2.94 -31.82
CA LYS A 274 -17.59 3.68 -32.44
C LYS A 274 -17.66 3.37 -33.94
N ASN A 275 -18.87 3.12 -34.44
CA ASN A 275 -19.08 2.80 -35.85
C ASN A 275 -18.87 4.05 -36.73
N PRO A 276 -17.81 4.05 -37.57
CA PRO A 276 -17.44 5.27 -38.28
C PRO A 276 -18.20 5.51 -39.59
N VAL B 7 -9.08 -32.28 -17.72
CA VAL B 7 -8.59 -32.07 -16.31
C VAL B 7 -9.03 -30.67 -15.78
N GLU B 8 -10.21 -30.62 -15.17
CA GLU B 8 -10.69 -29.38 -14.57
C GLU B 8 -10.01 -29.16 -13.22
N VAL B 9 -9.32 -28.03 -13.08
CA VAL B 9 -8.50 -27.77 -11.91
C VAL B 9 -9.27 -26.93 -10.89
N LEU B 10 -9.22 -27.35 -9.63
CA LEU B 10 -9.90 -26.64 -8.56
C LEU B 10 -8.90 -25.99 -7.61
N GLU B 11 -9.20 -25.97 -6.30
CA GLU B 11 -8.39 -25.22 -5.35
C GLU B 11 -7.26 -26.05 -4.75
N VAL B 12 -6.27 -25.37 -4.18
CA VAL B 12 -5.22 -26.00 -3.40
C VAL B 12 -5.80 -26.62 -2.12
N ARG B 13 -5.37 -27.85 -1.81
CA ARG B 13 -5.72 -28.51 -0.55
C ARG B 13 -4.86 -27.95 0.57
N THR B 14 -5.49 -27.41 1.60
CA THR B 14 -4.73 -26.86 2.71
C THR B 14 -4.65 -27.85 3.87
N GLY B 15 -3.86 -27.53 4.89
CA GLY B 15 -3.81 -28.33 6.09
C GLY B 15 -2.45 -28.96 6.35
N PRO B 16 -2.36 -29.80 7.38
CA PRO B 16 -1.10 -30.48 7.69
C PRO B 16 -0.71 -31.39 6.54
N ASP B 17 0.59 -31.59 6.35
CA ASP B 17 1.12 -32.47 5.31
C ASP B 17 0.55 -32.28 3.92
N ALA B 18 0.27 -31.04 3.55
CA ALA B 18 -0.19 -30.73 2.21
C ALA B 18 1.02 -30.52 1.29
N ILE B 19 2.20 -30.43 1.90
CA ILE B 19 3.44 -30.14 1.19
C ILE B 19 4.37 -31.33 1.21
N THR B 20 5.08 -31.53 0.11
CA THR B 20 6.14 -32.49 0.06
C THR B 20 7.30 -31.94 -0.76
N GLN B 21 8.44 -32.60 -0.69
CA GLN B 21 9.65 -32.10 -1.29
C GLN B 21 10.51 -33.28 -1.73
N ILE B 22 10.98 -33.24 -2.98
CA ILE B 22 11.88 -34.29 -3.49
C ILE B 22 13.19 -33.67 -3.95
N GLU B 23 14.24 -34.50 -4.02
CA GLU B 23 15.46 -34.11 -4.65
C GLU B 23 16.01 -35.26 -5.49
N ALA B 24 16.75 -34.91 -6.54
CA ALA B 24 17.28 -35.88 -7.49
C ALA B 24 18.45 -35.24 -8.23
N TYR B 25 19.29 -36.07 -8.84
CA TYR B 25 20.28 -35.58 -9.77
C TYR B 25 20.21 -36.37 -11.07
N LEU B 26 20.53 -35.73 -12.18
CA LEU B 26 20.53 -36.37 -13.48
C LEU B 26 21.95 -36.27 -14.05
N ASN B 27 22.58 -37.42 -14.28
CA ASN B 27 23.92 -37.43 -14.91
C ASN B 27 23.83 -37.11 -16.41
N PRO B 28 24.86 -36.42 -16.95
CA PRO B 28 24.79 -36.01 -18.37
C PRO B 28 24.84 -37.19 -19.34
N ARG B 29 24.23 -37.03 -20.51
CA ARG B 29 24.27 -38.03 -21.57
C ARG B 29 24.91 -37.45 -22.84
N MET B 30 26.24 -37.38 -22.82
CA MET B 30 27.02 -36.75 -23.87
C MET B 30 27.38 -37.70 -25.01
N GLY B 31 27.13 -39.01 -24.81
CA GLY B 31 27.48 -40.02 -25.80
C GLY B 31 28.12 -41.22 -25.13
N ASN B 32 29.13 -40.98 -24.29
CA ASN B 32 29.63 -42.03 -23.43
C ASN B 32 28.78 -42.06 -22.16
N ASN B 33 27.74 -42.90 -22.21
CA ASN B 33 26.64 -42.84 -21.24
C ASN B 33 26.61 -43.97 -20.23
N ASN B 34 27.65 -44.79 -20.20
CA ASN B 34 27.77 -45.87 -19.24
C ASN B 34 28.81 -45.45 -18.21
N PRO B 35 28.47 -45.52 -16.90
CA PRO B 35 29.44 -45.11 -15.87
C PRO B 35 30.75 -45.94 -15.84
N THR B 36 30.79 -47.11 -16.48
CA THR B 36 32.07 -47.79 -16.69
C THR B 36 32.88 -47.25 -17.89
N ASP B 37 32.26 -46.47 -18.78
CA ASP B 37 32.96 -45.84 -19.90
C ASP B 37 34.13 -45.02 -19.44
N GLU B 38 35.29 -45.23 -20.06
CA GLU B 38 36.47 -44.45 -19.76
C GLU B 38 36.20 -42.94 -19.87
N LEU B 39 35.43 -42.53 -20.88
CA LEU B 39 35.08 -41.11 -21.03
C LEU B 39 33.62 -40.78 -20.67
N TYR B 40 33.11 -41.45 -19.64
CA TYR B 40 31.81 -41.08 -19.08
C TYR B 40 31.78 -39.57 -18.79
N GLY B 41 30.70 -38.91 -19.24
CA GLY B 41 30.55 -37.46 -19.08
C GLY B 41 31.01 -36.65 -20.29
N TYR B 42 31.54 -37.36 -21.28
CA TYR B 42 32.01 -36.79 -22.56
C TYR B 42 31.40 -37.61 -23.69
N SER B 43 31.37 -37.03 -24.89
CA SER B 43 31.10 -37.78 -26.10
C SER B 43 32.39 -38.43 -26.56
N ALA B 44 32.29 -39.35 -27.50
CA ALA B 44 33.46 -39.88 -28.20
C ALA B 44 33.96 -38.82 -29.21
N ASP B 45 35.10 -39.06 -29.84
CA ASP B 45 35.65 -38.14 -30.83
C ASP B 45 34.61 -37.84 -31.90
N ILE B 46 34.28 -36.56 -32.07
CA ILE B 46 33.33 -36.12 -33.11
C ILE B 46 33.76 -36.67 -34.47
N ASN B 47 32.92 -37.47 -35.11
CA ASN B 47 33.18 -37.92 -36.48
C ASN B 47 32.39 -37.03 -37.44
N VAL B 48 33.12 -36.27 -38.23
CA VAL B 48 32.57 -35.22 -39.07
C VAL B 48 32.08 -35.76 -40.40
N ALA B 49 31.02 -35.15 -40.95
CA ALA B 49 30.51 -35.49 -42.27
C ALA B 49 31.56 -35.22 -43.36
N SER B 50 31.61 -36.08 -44.37
CA SER B 50 32.50 -35.81 -45.48
C SER B 50 31.80 -34.93 -46.53
N SER B 51 30.47 -34.94 -46.53
CA SER B 51 29.67 -34.21 -47.53
C SER B 51 28.27 -33.96 -47.00
N LYS B 52 27.45 -33.29 -47.82
CA LYS B 52 26.03 -33.13 -47.52
C LYS B 52 25.32 -34.50 -47.54
N ALA B 53 25.59 -35.30 -48.57
CA ALA B 53 24.97 -36.63 -48.69
C ALA B 53 25.46 -37.66 -47.65
N SER B 54 26.66 -37.46 -47.13
CA SER B 54 27.30 -38.49 -46.33
C SER B 54 27.68 -37.97 -44.94
N ASP B 55 26.78 -38.22 -43.98
CA ASP B 55 26.88 -37.68 -42.65
C ASP B 55 26.25 -38.68 -41.68
N ASN B 56 27.10 -39.50 -41.08
CA ASN B 56 26.68 -40.62 -40.24
C ASN B 56 27.29 -40.50 -38.86
N PRO B 57 26.76 -39.58 -38.03
CA PRO B 57 27.38 -39.39 -36.71
C PRO B 57 27.23 -40.64 -35.84
N ASN B 58 28.31 -41.05 -35.21
CA ASN B 58 28.23 -42.14 -34.24
C ASN B 58 27.35 -41.76 -33.05
N ALA B 59 26.60 -42.73 -32.53
CA ALA B 59 25.71 -42.54 -31.38
C ALA B 59 26.47 -41.99 -30.18
N THR B 60 27.70 -42.45 -29.98
CA THR B 60 28.55 -41.97 -28.89
C THR B 60 29.04 -40.51 -29.06
N THR B 61 28.75 -39.90 -30.22
CA THR B 61 29.18 -38.52 -30.46
C THR B 61 28.03 -37.51 -30.33
N LEU B 62 26.83 -37.99 -30.02
CA LEU B 62 25.63 -37.14 -29.99
C LEU B 62 25.01 -36.95 -28.59
N PRO B 63 25.19 -35.75 -28.02
CA PRO B 63 24.54 -35.49 -26.74
C PRO B 63 23.02 -35.64 -26.80
N THR B 64 22.47 -36.27 -25.76
CA THR B 64 21.03 -36.47 -25.64
C THR B 64 20.51 -35.87 -24.33
N TYR B 65 19.18 -35.68 -24.28
CA TYR B 65 18.53 -35.23 -23.06
C TYR B 65 18.58 -36.29 -21.97
N SER B 66 18.74 -35.81 -20.74
CA SER B 66 18.58 -36.63 -19.55
C SER B 66 17.13 -36.48 -19.11
N VAL B 67 16.55 -37.58 -18.62
CA VAL B 67 15.22 -37.54 -18.02
C VAL B 67 15.13 -38.56 -16.87
N ALA B 68 14.46 -38.15 -15.79
CA ALA B 68 14.17 -39.03 -14.65
C ALA B 68 12.73 -38.84 -14.24
N VAL B 69 12.11 -39.95 -13.83
CA VAL B 69 10.75 -39.93 -13.30
C VAL B 69 10.87 -40.13 -11.78
N ILE B 70 10.25 -39.23 -11.02
CA ILE B 70 10.27 -39.28 -9.57
C ILE B 70 8.90 -39.74 -9.11
N LYS B 71 8.85 -40.83 -8.36
CA LYS B 71 7.59 -41.33 -7.87
C LYS B 71 7.15 -40.59 -6.59
N LEU B 72 5.90 -40.16 -6.55
CA LEU B 72 5.39 -39.35 -5.44
C LEU B 72 4.43 -40.14 -4.57
N PRO B 73 4.23 -39.72 -3.29
CA PRO B 73 3.33 -40.51 -2.44
C PRO B 73 1.89 -40.55 -2.95
N MET B 74 1.28 -41.71 -2.85
CA MET B 74 -0.11 -41.94 -3.23
C MET B 74 -1.03 -40.97 -2.47
N LEU B 75 -2.05 -40.44 -3.15
CA LEU B 75 -2.88 -39.36 -2.60
C LEU B 75 -4.33 -39.71 -2.36
N ASN B 76 -4.86 -40.62 -3.17
CA ASN B 76 -6.28 -40.91 -3.09
C ASN B 76 -6.59 -42.34 -2.63
N GLU B 77 -7.59 -42.48 -1.77
CA GLU B 77 -8.04 -43.81 -1.35
C GLU B 77 -9.25 -44.22 -2.19
N ASP B 78 -10.38 -43.56 -1.92
CA ASP B 78 -11.62 -43.74 -2.71
C ASP B 78 -11.46 -43.01 -4.05
N MET B 79 -11.42 -43.79 -5.14
CA MET B 79 -11.15 -43.26 -6.48
C MET B 79 -12.44 -42.95 -7.25
N THR B 80 -13.55 -43.25 -6.61
CA THR B 80 -14.86 -43.09 -7.17
C THR B 80 -15.55 -41.80 -6.81
N CYS B 81 -14.83 -40.86 -6.21
CA CYS B 81 -15.45 -39.63 -5.76
C CYS B 81 -15.45 -38.50 -6.78
N ASP B 82 -16.04 -37.38 -6.41
CA ASP B 82 -16.24 -36.31 -7.37
C ASP B 82 -14.98 -35.55 -7.62
N THR B 83 -14.11 -35.48 -6.65
CA THR B 83 -12.81 -34.86 -6.79
C THR B 83 -11.67 -35.80 -6.46
N LEU B 84 -10.48 -35.50 -6.97
CA LEU B 84 -9.25 -36.18 -6.63
C LEU B 84 -8.13 -35.22 -6.34
N LEU B 85 -7.11 -35.66 -5.66
CA LEU B 85 -5.94 -34.86 -5.42
C LEU B 85 -4.84 -35.26 -6.40
N MET B 86 -4.13 -34.26 -6.92
CA MET B 86 -2.88 -34.46 -7.66
C MET B 86 -1.80 -33.59 -7.05
N TRP B 87 -0.56 -34.06 -7.11
CA TRP B 87 0.62 -33.29 -6.71
C TRP B 87 0.93 -32.20 -7.70
N GLU B 88 1.17 -31.00 -7.17
CA GLU B 88 1.39 -29.80 -7.97
C GLU B 88 2.79 -29.30 -7.65
N ALA B 89 3.64 -29.24 -8.66
CA ALA B 89 5.01 -28.74 -8.47
C ALA B 89 4.94 -27.21 -8.41
N VAL B 90 5.41 -26.64 -7.31
CA VAL B 90 5.26 -25.20 -7.08
C VAL B 90 6.56 -24.45 -7.34
N SER B 91 7.67 -25.01 -6.85
CA SER B 91 8.95 -24.33 -7.00
C SER B 91 10.10 -25.34 -7.10
N VAL B 92 11.20 -24.88 -7.69
CA VAL B 92 12.41 -25.72 -7.81
C VAL B 92 13.69 -24.93 -7.53
N LYS B 93 14.64 -25.56 -6.83
CA LYS B 93 16.02 -25.09 -6.80
C LYS B 93 16.79 -26.09 -7.65
N THR B 94 17.57 -25.59 -8.60
CA THR B 94 18.33 -26.43 -9.48
C THR B 94 19.73 -25.87 -9.69
N GLU B 95 20.71 -26.75 -9.83
CA GLU B 95 22.09 -26.36 -9.85
C GLU B 95 22.91 -27.29 -10.76
N VAL B 96 23.82 -26.72 -11.54
CA VAL B 96 24.75 -27.51 -12.31
C VAL B 96 25.94 -27.83 -11.39
N MET B 97 26.24 -29.10 -11.23
CA MET B 97 27.26 -29.53 -10.27
C MET B 97 28.60 -29.74 -10.94
N GLY B 98 29.68 -29.50 -10.19
CA GLY B 98 31.05 -29.75 -10.65
C GLY B 98 31.56 -28.72 -11.64
N ILE B 99 30.98 -27.53 -11.59
CA ILE B 99 31.41 -26.44 -12.47
C ILE B 99 32.91 -26.21 -12.33
N SER B 100 33.39 -26.14 -11.10
CA SER B 100 34.81 -25.90 -10.84
C SER B 100 35.77 -26.98 -11.39
N SER B 101 35.24 -28.14 -11.75
CA SER B 101 36.06 -29.18 -12.41
C SER B 101 36.66 -28.68 -13.72
N LEU B 102 36.03 -27.68 -14.33
CA LEU B 102 36.53 -27.08 -15.57
C LEU B 102 37.74 -26.18 -15.37
N VAL B 103 38.02 -25.83 -14.12
CA VAL B 103 39.13 -24.92 -13.77
C VAL B 103 40.40 -25.75 -13.66
N ASN B 104 40.90 -26.15 -14.83
CA ASN B 104 41.88 -27.21 -14.96
C ASN B 104 42.66 -26.95 -16.24
N LEU B 105 43.93 -26.62 -16.09
CA LEU B 105 44.83 -26.34 -17.20
C LEU B 105 45.90 -27.41 -17.41
N HIS B 106 45.75 -28.56 -16.75
CA HIS B 106 46.74 -29.65 -16.86
C HIS B 106 46.26 -30.89 -17.57
N GLN B 107 44.96 -31.00 -17.82
CA GLN B 107 44.41 -32.17 -18.52
C GLN B 107 45.05 -32.31 -19.90
N GLY B 108 45.37 -33.54 -20.30
CA GLY B 108 45.97 -33.77 -21.60
C GLY B 108 45.12 -33.16 -22.70
N GLY B 109 45.76 -32.48 -23.65
CA GLY B 109 45.04 -31.84 -24.74
C GLY B 109 45.92 -30.99 -25.61
N LYS B 110 45.39 -29.83 -25.99
CA LYS B 110 46.06 -28.89 -26.89
C LYS B 110 46.65 -27.75 -26.05
N TYR B 111 47.90 -27.39 -26.32
CA TYR B 111 48.52 -26.29 -25.57
C TYR B 111 47.87 -24.98 -25.94
N ILE B 112 47.71 -24.11 -24.95
CA ILE B 112 47.19 -22.77 -25.19
C ILE B 112 48.16 -22.00 -26.10
N TYR B 113 49.43 -21.98 -25.75
CA TYR B 113 50.47 -21.36 -26.57
C TYR B 113 51.38 -22.46 -27.11
N GLY B 114 52.63 -22.53 -26.64
CA GLY B 114 53.51 -23.65 -26.99
C GLY B 114 53.53 -24.69 -25.88
N SER B 115 54.44 -25.64 -26.00
CA SER B 115 54.48 -26.80 -25.10
C SER B 115 54.95 -26.51 -23.68
N SER B 116 55.33 -25.27 -23.38
CA SER B 116 55.60 -24.88 -21.99
C SER B 116 54.31 -24.43 -21.25
N SER B 117 53.21 -24.31 -21.98
CA SER B 117 52.00 -23.68 -21.42
C SER B 117 50.99 -24.70 -20.93
N GLY B 118 49.88 -24.21 -20.38
CA GLY B 118 48.81 -25.10 -19.98
C GLY B 118 48.00 -25.51 -21.19
N THR B 119 47.05 -26.42 -21.00
CA THR B 119 46.19 -26.86 -22.10
C THR B 119 44.89 -26.07 -22.17
N ILE B 120 44.31 -25.98 -23.37
CA ILE B 120 43.04 -25.30 -23.55
C ILE B 120 41.93 -26.00 -22.73
N PRO B 121 41.23 -25.25 -21.86
CA PRO B 121 40.17 -25.87 -21.09
C PRO B 121 38.92 -26.01 -21.96
N VAL B 122 37.89 -26.66 -21.42
CA VAL B 122 36.62 -26.84 -22.12
C VAL B 122 35.97 -25.50 -22.44
N GLN B 123 35.64 -25.34 -23.71
CA GLN B 123 35.05 -24.11 -24.22
C GLN B 123 34.32 -24.42 -25.51
N GLY B 124 33.67 -23.41 -26.09
CA GLY B 124 32.84 -23.62 -27.28
C GLY B 124 31.35 -23.58 -26.95
N THR B 125 30.54 -24.21 -27.82
CA THR B 125 29.07 -24.19 -27.73
C THR B 125 28.56 -24.76 -26.39
N THR B 126 27.64 -24.04 -25.75
CA THR B 126 27.00 -24.51 -24.52
C THR B 126 25.48 -24.57 -24.72
N LEU B 127 24.85 -25.53 -24.06
CA LEU B 127 23.40 -25.66 -24.05
C LEU B 127 22.98 -26.12 -22.66
N HIS B 128 22.18 -25.29 -22.01
CA HIS B 128 21.65 -25.56 -20.67
C HIS B 128 20.16 -25.50 -20.72
N MET B 129 19.51 -26.59 -20.29
CA MET B 129 18.06 -26.63 -20.18
C MET B 129 17.64 -27.48 -18.98
N PHE B 130 16.61 -27.01 -18.27
CA PHE B 130 15.94 -27.86 -17.29
C PHE B 130 14.44 -27.73 -17.44
N SER B 131 13.73 -28.81 -17.13
CA SER B 131 12.29 -28.80 -17.11
C SER B 131 11.69 -29.64 -15.99
N VAL B 132 10.54 -29.18 -15.51
CA VAL B 132 9.80 -29.86 -14.46
C VAL B 132 8.36 -29.95 -14.96
N GLY B 133 7.83 -31.17 -15.01
CA GLY B 133 6.50 -31.42 -15.54
C GLY B 133 5.81 -32.60 -14.89
N GLY B 134 4.49 -32.68 -15.08
CA GLY B 134 3.71 -33.79 -14.55
C GLY B 134 3.46 -34.88 -15.57
N GLU B 135 4.30 -34.91 -16.61
CA GLU B 135 4.24 -35.85 -17.72
C GLU B 135 5.48 -35.58 -18.60
N PRO B 136 5.73 -36.41 -19.62
CA PRO B 136 6.92 -36.17 -20.46
C PRO B 136 6.96 -34.81 -21.18
N LEU B 137 8.15 -34.22 -21.26
CA LEU B 137 8.36 -32.98 -22.03
C LEU B 137 8.03 -33.25 -23.50
N GLU B 138 7.20 -32.39 -24.08
CA GLU B 138 6.80 -32.58 -25.46
C GLU B 138 7.81 -31.90 -26.37
N LEU B 139 8.25 -32.62 -27.40
CA LEU B 139 9.38 -32.23 -28.25
C LEU B 139 8.98 -31.93 -29.68
N GLN B 140 9.73 -31.03 -30.31
CA GLN B 140 9.59 -30.74 -31.74
C GLN B 140 10.90 -31.11 -32.44
N GLY B 141 10.78 -31.72 -33.61
CA GLY B 141 11.97 -32.11 -34.40
C GLY B 141 12.34 -31.09 -35.45
N LEU B 142 13.65 -30.86 -35.57
CA LEU B 142 14.21 -29.91 -36.54
C LEU B 142 15.70 -30.15 -36.57
N VAL B 143 16.27 -30.32 -37.76
CA VAL B 143 17.68 -30.63 -37.90
C VAL B 143 18.42 -29.62 -38.80
N ALA B 144 19.73 -29.57 -38.66
CA ALA B 144 20.60 -28.77 -39.54
C ALA B 144 20.59 -29.38 -40.95
N SER B 145 20.50 -30.71 -41.04
CA SER B 145 20.51 -31.38 -42.33
C SER B 145 19.63 -32.61 -42.34
N SER B 146 18.68 -32.63 -43.27
CA SER B 146 17.73 -33.73 -43.40
C SER B 146 18.37 -34.96 -44.03
N THR B 147 19.53 -34.77 -44.66
CA THR B 147 20.25 -35.89 -45.27
C THR B 147 21.21 -36.60 -44.29
N THR B 148 21.18 -36.22 -43.02
CA THR B 148 21.97 -36.91 -42.01
C THR B 148 21.36 -38.29 -41.74
N THR B 149 22.21 -39.32 -41.65
CA THR B 149 21.80 -40.65 -41.22
C THR B 149 22.10 -40.84 -39.75
N TYR B 150 21.06 -40.87 -38.92
CA TYR B 150 21.24 -40.98 -37.49
C TYR B 150 21.29 -42.45 -37.09
N PRO B 151 21.99 -42.77 -35.99
CA PRO B 151 22.05 -44.17 -35.51
C PRO B 151 20.66 -44.66 -35.25
N THR B 152 20.34 -45.84 -35.72
CA THR B 152 18.98 -46.35 -35.61
C THR B 152 18.57 -46.66 -34.16
N ASP B 153 19.53 -46.79 -33.25
CA ASP B 153 19.23 -46.99 -31.80
C ASP B 153 18.75 -45.74 -31.07
N MET B 154 18.86 -44.58 -31.69
CA MET B 154 18.41 -43.36 -31.04
C MET B 154 17.02 -43.02 -31.54
N VAL B 155 16.36 -42.07 -30.89
CA VAL B 155 15.05 -41.64 -31.35
C VAL B 155 15.19 -40.32 -32.09
N THR B 156 15.04 -40.39 -33.40
CA THR B 156 15.20 -39.23 -34.28
C THR B 156 13.97 -39.20 -35.20
N ILE B 157 13.96 -38.31 -36.19
CA ILE B 157 12.78 -38.13 -37.05
C ILE B 157 12.74 -39.23 -38.11
N LYS B 158 11.57 -39.84 -38.30
CA LYS B 158 11.42 -40.89 -39.29
C LYS B 158 11.26 -40.31 -40.69
N ASN B 159 11.97 -40.88 -41.66
CA ASN B 159 11.87 -40.49 -43.08
C ASN B 159 11.94 -39.01 -43.33
N MET B 160 13.06 -38.40 -42.93
CA MET B 160 13.23 -36.96 -43.08
C MET B 160 13.17 -36.54 -44.54
N LYS B 161 12.70 -35.31 -44.76
CA LYS B 161 12.78 -34.62 -46.05
C LYS B 161 13.29 -33.21 -45.76
N PRO B 162 13.68 -32.44 -46.80
CA PRO B 162 14.24 -31.13 -46.51
C PRO B 162 13.38 -30.25 -45.58
N VAL B 163 12.06 -30.45 -45.60
CA VAL B 163 11.14 -29.73 -44.71
C VAL B 163 11.57 -29.81 -43.23
N ASN B 164 12.23 -30.91 -42.86
CA ASN B 164 12.70 -31.11 -41.50
C ASN B 164 13.89 -30.25 -41.07
N GLN B 165 14.44 -29.45 -41.99
CA GLN B 165 15.40 -28.40 -41.63
C GLN B 165 14.72 -27.15 -41.09
N ALA B 166 13.39 -27.14 -41.13
CA ALA B 166 12.57 -26.09 -40.52
C ALA B 166 11.42 -26.78 -39.76
N LEU B 167 10.28 -26.11 -39.64
CA LEU B 167 9.13 -26.65 -38.91
C LEU B 167 8.22 -27.57 -39.76
N ASP B 168 8.27 -28.86 -39.44
CA ASP B 168 7.37 -29.88 -39.99
C ASP B 168 6.46 -30.26 -38.82
N PRO B 169 5.16 -29.91 -38.92
CA PRO B 169 4.28 -30.10 -37.76
C PRO B 169 4.06 -31.58 -37.39
N ASN B 170 4.51 -32.51 -38.21
CA ASN B 170 4.43 -33.93 -37.88
C ASN B 170 5.64 -34.48 -37.14
N ALA B 171 6.68 -33.67 -36.99
CA ALA B 171 7.90 -34.15 -36.36
C ALA B 171 7.85 -33.86 -34.86
N LYS B 172 7.06 -34.67 -34.13
CA LYS B 172 6.79 -34.47 -32.71
C LYS B 172 7.19 -35.71 -31.93
N ALA B 173 7.58 -35.54 -30.67
CA ALA B 173 7.94 -36.69 -29.81
C ALA B 173 7.79 -36.37 -28.33
N LEU B 174 7.96 -37.40 -27.51
CA LEU B 174 7.95 -37.24 -26.06
C LEU B 174 9.32 -37.56 -25.48
N LEU B 175 9.82 -36.69 -24.60
CA LEU B 175 11.02 -37.03 -23.85
C LEU B 175 10.71 -38.11 -22.80
N ASP B 176 10.64 -39.36 -23.25
CA ASP B 176 10.21 -40.48 -22.40
C ASP B 176 11.30 -41.54 -22.18
N LYS B 177 12.51 -41.29 -22.68
CA LYS B 177 13.63 -42.19 -22.51
C LYS B 177 14.92 -41.41 -22.23
N ASP B 178 15.64 -41.78 -21.17
CA ASP B 178 16.92 -41.15 -20.85
C ASP B 178 17.99 -41.47 -21.90
N GLY B 179 18.72 -40.45 -22.34
CA GLY B 179 19.90 -40.66 -23.20
C GLY B 179 19.60 -41.25 -24.56
N LYS B 180 18.50 -40.81 -25.18
CA LYS B 180 18.06 -41.36 -26.47
C LYS B 180 17.66 -40.33 -27.50
N TYR B 181 17.21 -39.17 -27.03
CA TYR B 181 16.73 -38.08 -27.89
C TYR B 181 17.84 -37.03 -28.06
N PRO B 182 18.45 -36.98 -29.24
CA PRO B 182 19.57 -36.03 -29.41
C PRO B 182 19.13 -34.58 -29.41
N VAL B 183 19.93 -33.70 -28.81
CA VAL B 183 19.57 -32.28 -28.70
C VAL B 183 19.59 -31.59 -30.07
N GLU B 184 20.35 -32.15 -31.01
CA GLU B 184 20.50 -31.53 -32.32
C GLU B 184 19.32 -31.89 -33.22
N VAL B 185 18.47 -32.79 -32.74
CA VAL B 185 17.25 -33.17 -33.42
C VAL B 185 15.99 -32.61 -32.72
N TRP B 186 15.98 -32.58 -31.40
CA TRP B 186 14.76 -32.27 -30.63
C TRP B 186 14.90 -31.07 -29.75
N SER B 187 13.81 -30.32 -29.63
CA SER B 187 13.74 -29.19 -28.70
C SER B 187 12.32 -29.10 -28.15
N PRO B 188 12.14 -28.40 -27.00
CA PRO B 188 10.81 -28.33 -26.40
C PRO B 188 9.81 -27.71 -27.37
N ASP B 189 8.63 -28.33 -27.47
CA ASP B 189 7.57 -27.87 -28.34
C ASP B 189 6.74 -26.79 -27.63
N PRO B 190 6.89 -25.51 -28.07
CA PRO B 190 6.15 -24.43 -27.40
C PRO B 190 4.67 -24.46 -27.69
N SER B 191 4.25 -25.27 -28.67
CA SER B 191 2.82 -25.36 -28.99
C SER B 191 2.09 -26.32 -28.07
N LYS B 192 2.83 -27.03 -27.23
CA LYS B 192 2.23 -27.95 -26.26
C LYS B 192 2.82 -27.63 -24.89
N ASN B 193 3.19 -28.65 -24.11
CA ASN B 193 3.87 -28.44 -22.82
C ASN B 193 3.10 -27.55 -21.82
N GLU B 194 1.77 -27.62 -21.89
CA GLU B 194 0.87 -26.93 -20.98
CA GLU B 194 0.95 -26.86 -20.95
C GLU B 194 1.10 -27.36 -19.52
N ASN B 195 1.52 -28.61 -19.34
CA ASN B 195 1.69 -29.20 -18.01
C ASN B 195 3.17 -29.46 -17.63
N THR B 196 4.07 -28.73 -18.29
CA THR B 196 5.51 -28.75 -18.00
C THR B 196 6.02 -27.31 -18.00
N ARG B 197 7.03 -27.01 -17.18
CA ARG B 197 7.73 -25.72 -17.34
C ARG B 197 9.18 -25.99 -17.73
N TYR B 198 9.63 -25.39 -18.84
CA TYR B 198 11.00 -25.58 -19.30
C TYR B 198 11.72 -24.25 -19.47
N TYR B 199 13.04 -24.28 -19.26
CA TYR B 199 13.88 -23.07 -19.25
C TYR B 199 15.21 -23.43 -19.91
N GLY B 200 15.58 -22.69 -20.96
CA GLY B 200 16.73 -23.05 -21.77
C GLY B 200 17.61 -21.88 -22.15
N SER B 201 18.88 -22.17 -22.37
CA SER B 201 19.85 -21.14 -22.71
C SER B 201 20.93 -21.70 -23.61
N PHE B 202 21.14 -21.03 -24.74
CA PHE B 202 22.11 -21.46 -25.75
C PHE B 202 23.07 -20.32 -26.08
N THR B 203 24.37 -20.62 -26.05
CA THR B 203 25.40 -19.75 -26.63
C THR B 203 26.29 -20.61 -27.51
N GLY B 204 26.38 -20.25 -28.80
CA GLY B 204 27.14 -21.04 -29.77
C GLY B 204 28.60 -20.66 -29.92
N GLY B 205 29.12 -20.84 -31.13
CA GLY B 205 30.53 -20.56 -31.42
C GLY B 205 31.41 -21.77 -31.14
N ALA B 206 32.63 -21.76 -31.64
CA ALA B 206 33.48 -22.95 -31.54
C ALA B 206 34.43 -22.91 -30.36
N THR B 207 34.79 -21.70 -29.94
CA THR B 207 35.77 -21.54 -28.87
C THR B 207 35.28 -20.61 -27.74
N THR B 208 33.99 -20.33 -27.72
CA THR B 208 33.37 -19.42 -26.73
C THR B 208 33.63 -19.82 -25.26
N PRO B 209 34.09 -18.86 -24.43
CA PRO B 209 34.26 -19.18 -22.99
C PRO B 209 32.92 -19.52 -22.34
N PRO B 210 32.86 -20.65 -21.61
CA PRO B 210 31.60 -20.96 -20.91
C PRO B 210 31.41 -20.07 -19.68
N VAL B 211 30.15 -19.80 -19.35
CA VAL B 211 29.81 -18.94 -18.22
C VAL B 211 28.73 -19.66 -17.41
N MET B 212 28.97 -19.83 -16.12
CA MET B 212 27.98 -20.50 -15.25
C MET B 212 28.01 -19.88 -13.86
N GLN B 213 26.83 -19.84 -13.23
CA GLN B 213 26.70 -19.44 -11.81
C GLN B 213 26.34 -20.67 -10.99
N PHE B 214 26.65 -20.61 -9.70
CA PHE B 214 26.22 -21.61 -8.75
C PHE B 214 25.94 -20.98 -7.39
N THR B 215 24.80 -21.34 -6.80
CA THR B 215 24.40 -20.81 -5.51
C THR B 215 23.34 -21.72 -4.89
N ASN B 216 23.14 -21.65 -3.58
CA ASN B 216 21.96 -22.28 -3.02
C ASN B 216 20.86 -21.28 -2.63
N SER B 217 20.93 -20.06 -3.14
CA SER B 217 19.98 -19.03 -2.71
C SER B 217 18.86 -18.74 -3.72
N VAL B 218 18.86 -19.44 -4.85
CA VAL B 218 17.92 -19.07 -5.93
C VAL B 218 16.82 -20.11 -6.14
N THR B 219 15.57 -19.65 -6.22
CA THR B 219 14.42 -20.52 -6.46
C THR B 219 13.67 -20.04 -7.72
N THR B 220 13.21 -20.99 -8.51
CA THR B 220 12.29 -20.70 -9.60
C THR B 220 10.88 -21.18 -9.21
N VAL B 221 9.91 -20.27 -9.25
CA VAL B 221 8.51 -20.60 -9.03
C VAL B 221 7.95 -21.15 -10.33
N LEU B 222 7.19 -22.24 -10.23
CA LEU B 222 6.69 -22.96 -11.41
C LEU B 222 5.23 -22.68 -11.77
N LEU B 223 4.57 -21.79 -11.03
CA LEU B 223 3.15 -21.53 -11.23
C LEU B 223 2.93 -20.79 -12.53
N ASP B 224 1.88 -21.14 -13.25
CA ASP B 224 1.56 -20.44 -14.49
C ASP B 224 0.76 -19.18 -14.15
N GLU B 225 0.25 -18.48 -15.17
CA GLU B 225 -0.47 -17.23 -14.95
C GLU B 225 -1.83 -17.42 -14.29
N ASN B 226 -2.25 -18.66 -14.09
CA ASN B 226 -3.44 -18.91 -13.28
C ASN B 226 -3.06 -19.41 -11.89
N GLY B 227 -1.76 -19.36 -11.57
CA GLY B 227 -1.25 -19.80 -10.28
C GLY B 227 -1.25 -21.32 -10.10
N VAL B 228 -1.12 -22.05 -11.21
CA VAL B 228 -1.14 -23.52 -11.20
C VAL B 228 0.23 -24.05 -11.67
N GLY B 229 0.82 -24.94 -10.87
CA GLY B 229 2.06 -25.63 -11.24
C GLY B 229 1.78 -26.87 -12.09
N PRO B 230 2.82 -27.51 -12.63
CA PRO B 230 2.65 -28.81 -13.29
C PRO B 230 1.91 -29.78 -12.38
N LEU B 231 0.97 -30.51 -12.94
CA LEU B 231 0.17 -31.48 -12.17
C LEU B 231 0.59 -32.89 -12.53
N CYS B 232 0.94 -33.66 -11.50
CA CYS B 232 1.64 -34.94 -11.69
C CYS B 232 0.72 -36.13 -11.97
N LYS B 233 0.51 -36.39 -13.26
CA LYS B 233 -0.33 -37.52 -13.66
C LYS B 233 0.24 -38.84 -13.13
N GLY B 234 -0.64 -39.70 -12.63
CA GLY B 234 -0.23 -40.99 -12.05
C GLY B 234 0.80 -40.85 -10.94
N ASP B 235 0.79 -39.72 -10.23
CA ASP B 235 1.70 -39.43 -9.11
C ASP B 235 3.17 -39.52 -9.51
N LYS B 236 3.49 -39.04 -10.71
CA LYS B 236 4.84 -39.04 -11.23
C LYS B 236 5.26 -37.63 -11.63
N LEU B 237 6.50 -37.30 -11.31
CA LEU B 237 7.10 -36.02 -11.68
C LEU B 237 8.25 -36.26 -12.66
N PHE B 238 8.21 -35.56 -13.79
CA PHE B 238 9.27 -35.66 -14.80
C PHE B 238 10.28 -34.53 -14.66
N LEU B 239 11.56 -34.89 -14.54
CA LEU B 239 12.65 -33.95 -14.49
C LEU B 239 13.50 -34.19 -15.71
N SER B 240 13.75 -33.14 -16.50
CA SER B 240 14.57 -33.26 -17.70
C SER B 240 15.64 -32.20 -17.71
N ALA B 241 16.76 -32.52 -18.36
CA ALA B 241 17.90 -31.62 -18.46
C ALA B 241 18.86 -31.97 -19.58
N VAL B 242 19.58 -30.94 -20.04
CA VAL B 242 20.86 -31.12 -20.72
C VAL B 242 21.77 -29.98 -20.26
N ASP B 243 23.03 -30.31 -19.97
CA ASP B 243 24.00 -29.30 -19.59
C ASP B 243 25.35 -29.50 -20.27
N ILE B 244 25.38 -29.14 -21.55
CA ILE B 244 26.60 -29.16 -22.34
C ILE B 244 27.39 -27.90 -22.02
N VAL B 245 28.61 -28.08 -21.50
CA VAL B 245 29.42 -26.96 -21.03
C VAL B 245 30.55 -26.58 -22.00
N GLY B 246 30.60 -27.28 -23.13
CA GLY B 246 31.56 -27.00 -24.20
C GLY B 246 32.24 -28.24 -24.75
N ILE B 247 33.37 -27.99 -25.41
CA ILE B 247 34.14 -29.00 -26.09
C ILE B 247 35.53 -29.11 -25.46
N HIS B 248 35.95 -30.34 -25.17
CA HIS B 248 37.34 -30.56 -24.85
C HIS B 248 38.09 -31.00 -26.08
N THR B 249 39.20 -30.31 -26.34
CA THR B 249 40.07 -30.62 -27.48
C THR B 249 41.27 -31.47 -27.03
N ASN B 250 41.50 -32.56 -27.77
CA ASN B 250 42.57 -33.48 -27.48
C ASN B 250 43.85 -33.13 -28.24
N TYR B 251 44.95 -33.81 -27.89
CA TYR B 251 46.23 -33.50 -28.50
C TYR B 251 46.22 -33.58 -30.04
N SER B 252 45.53 -34.58 -30.58
CA SER B 252 45.41 -34.73 -32.04
C SER B 252 44.40 -33.76 -32.64
N GLU B 253 43.73 -32.99 -31.78
CA GLU B 253 42.69 -32.03 -32.19
C GLU B 253 41.33 -32.67 -32.40
N SER B 254 41.21 -33.97 -32.08
CA SER B 254 39.90 -34.59 -31.95
C SER B 254 39.19 -33.89 -30.78
N GLN B 255 37.87 -33.97 -30.76
CA GLN B 255 37.08 -33.19 -29.82
C GLN B 255 35.93 -33.98 -29.20
N ASN B 256 35.76 -33.81 -27.89
CA ASN B 256 34.67 -34.45 -27.15
C ASN B 256 33.81 -33.38 -26.48
N TRP B 257 32.49 -33.48 -26.69
CA TRP B 257 31.51 -32.73 -25.88
C TRP B 257 31.68 -33.01 -24.41
N ARG B 258 31.54 -31.98 -23.57
CA ARG B 258 31.61 -32.15 -22.12
C ARG B 258 30.31 -31.67 -21.46
N GLY B 259 29.72 -32.55 -20.65
CA GLY B 259 28.48 -32.27 -19.97
C GLY B 259 28.69 -32.39 -18.47
N LEU B 260 27.77 -31.80 -17.71
CA LEU B 260 27.83 -31.80 -16.24
C LEU B 260 26.46 -32.21 -15.69
N PRO B 261 26.43 -32.90 -14.53
CA PRO B 261 25.16 -33.31 -13.94
C PRO B 261 24.37 -32.15 -13.35
N ARG B 262 23.04 -32.35 -13.23
CA ARG B 262 22.14 -31.33 -12.69
C ARG B 262 21.34 -31.83 -11.49
N TYR B 263 21.35 -31.03 -10.43
CA TYR B 263 20.61 -31.25 -9.21
C TYR B 263 19.26 -30.54 -9.26
N PHE B 264 18.24 -31.22 -8.75
CA PHE B 264 16.88 -30.68 -8.62
C PHE B 264 16.40 -30.87 -7.20
N ASN B 265 15.78 -29.82 -6.65
CA ASN B 265 15.05 -29.90 -5.40
C ASN B 265 13.71 -29.22 -5.65
N VAL B 266 12.64 -30.01 -5.62
CA VAL B 266 11.31 -29.55 -6.01
C VAL B 266 10.36 -29.61 -4.82
N THR B 267 9.63 -28.52 -4.61
CA THR B 267 8.55 -28.50 -3.64
C THR B 267 7.20 -28.68 -4.33
N LEU B 268 6.39 -29.57 -3.77
CA LEU B 268 5.07 -29.87 -4.34
C LEU B 268 3.98 -29.75 -3.27
N ARG B 269 2.77 -29.42 -3.71
CA ARG B 269 1.65 -29.30 -2.81
C ARG B 269 0.48 -30.08 -3.39
N LYS B 270 -0.53 -30.32 -2.55
CA LYS B 270 -1.72 -31.02 -2.98
C LYS B 270 -2.72 -30.07 -3.67
N ARG B 271 -3.23 -30.50 -4.82
CA ARG B 271 -4.18 -29.71 -5.61
C ARG B 271 -5.42 -30.55 -5.88
N VAL B 272 -6.59 -29.94 -5.71
CA VAL B 272 -7.86 -30.58 -6.00
C VAL B 272 -8.21 -30.46 -7.48
N VAL B 273 -8.62 -31.57 -8.08
CA VAL B 273 -9.09 -31.60 -9.47
C VAL B 273 -10.42 -32.34 -9.55
N LYS B 274 -11.24 -32.00 -10.54
CA LYS B 274 -12.49 -32.70 -10.79
C LYS B 274 -12.12 -34.11 -11.24
N ASN B 275 -12.89 -35.11 -10.80
CA ASN B 275 -12.65 -36.51 -11.18
C ASN B 275 -13.04 -36.81 -12.63
N PRO B 276 -12.06 -37.16 -13.49
CA PRO B 276 -12.36 -37.44 -14.90
C PRO B 276 -13.00 -38.81 -15.11
N VAL C 7 17.20 -29.96 14.65
CA VAL C 7 17.06 -28.91 15.71
C VAL C 7 15.94 -27.93 15.37
N GLU C 8 14.97 -27.78 16.26
CA GLU C 8 13.82 -26.89 16.02
C GLU C 8 14.21 -25.41 16.23
N VAL C 9 14.03 -24.60 15.18
CA VAL C 9 14.41 -23.19 15.23
C VAL C 9 13.25 -22.35 15.71
N LEU C 10 13.46 -21.56 16.75
CA LEU C 10 12.41 -20.69 17.27
C LEU C 10 12.60 -19.23 16.81
N GLU C 11 12.25 -18.26 17.65
CA GLU C 11 12.23 -16.85 17.25
C GLU C 11 13.56 -16.13 17.46
N VAL C 12 13.70 -14.98 16.81
CA VAL C 12 14.84 -14.08 17.04
C VAL C 12 14.77 -13.44 18.45
N ARG C 13 15.90 -13.53 19.16
CA ARG C 13 16.06 -12.88 20.46
C ARG C 13 16.28 -11.38 20.29
N THR C 14 15.39 -10.59 20.87
CA THR C 14 15.47 -9.13 20.76
C THR C 14 16.14 -8.58 22.00
N GLY C 15 16.30 -7.26 22.04
CA GLY C 15 16.82 -6.58 23.22
C GLY C 15 18.19 -5.99 22.96
N PRO C 16 18.81 -5.40 24.01
CA PRO C 16 20.14 -4.83 23.83
C PRO C 16 21.14 -5.94 23.57
N ASP C 17 22.21 -5.62 22.84
CA ASP C 17 23.30 -6.56 22.62
C ASP C 17 22.85 -7.87 21.97
N ALA C 18 21.86 -7.81 21.10
CA ALA C 18 21.37 -8.99 20.41
C ALA C 18 22.19 -9.25 19.12
N ILE C 19 22.94 -8.24 18.72
CA ILE C 19 23.63 -8.23 17.42
C ILE C 19 25.13 -8.16 17.64
N THR C 20 25.88 -8.82 16.76
CA THR C 20 27.32 -8.58 16.70
C THR C 20 27.81 -8.58 15.24
N GLN C 21 29.00 -8.03 15.02
CA GLN C 21 29.65 -8.06 13.72
C GLN C 21 31.05 -8.60 13.85
N ILE C 22 31.49 -9.32 12.83
CA ILE C 22 32.89 -9.74 12.74
C ILE C 22 33.45 -9.37 11.37
N GLU C 23 34.76 -9.25 11.28
CA GLU C 23 35.39 -9.13 9.98
C GLU C 23 36.61 -10.02 9.86
N ALA C 24 36.91 -10.47 8.66
CA ALA C 24 38.07 -11.32 8.37
C ALA C 24 38.50 -11.19 6.91
N TYR C 25 39.74 -11.57 6.63
CA TYR C 25 40.16 -11.73 5.26
C TYR C 25 40.78 -13.10 5.09
N LEU C 26 40.58 -13.68 3.91
CA LEU C 26 41.20 -14.96 3.56
C LEU C 26 42.18 -14.72 2.43
N ASN C 27 43.44 -15.10 2.65
CA ASN C 27 44.43 -15.08 1.57
C ASN C 27 44.24 -16.25 0.61
N PRO C 28 44.59 -16.06 -0.68
CA PRO C 28 44.37 -17.10 -1.68
C PRO C 28 45.33 -18.29 -1.53
N ARG C 29 44.86 -19.46 -1.94
CA ARG C 29 45.67 -20.67 -1.87
C ARG C 29 45.78 -21.24 -3.28
N MET C 30 46.62 -20.60 -4.08
CA MET C 30 46.77 -20.94 -5.49
C MET C 30 47.76 -22.08 -5.74
N GLY C 31 48.56 -22.41 -4.75
CA GLY C 31 49.61 -23.43 -4.89
C GLY C 31 50.86 -23.05 -4.13
N ASN C 32 51.34 -21.83 -4.32
CA ASN C 32 52.35 -21.27 -3.45
C ASN C 32 51.63 -20.62 -2.25
N ASN C 33 51.54 -21.38 -1.16
CA ASN C 33 50.61 -21.04 -0.10
C ASN C 33 51.25 -20.52 1.18
N ASN C 34 52.57 -20.45 1.17
CA ASN C 34 53.35 -19.92 2.28
C ASN C 34 53.73 -18.47 1.94
N PRO C 35 53.49 -17.52 2.87
CA PRO C 35 53.84 -16.10 2.67
C PRO C 35 55.32 -15.80 2.37
N THR C 36 56.22 -16.77 2.61
CA THR C 36 57.62 -16.60 2.24
C THR C 36 57.91 -17.10 0.83
N ASP C 37 56.95 -17.77 0.19
CA ASP C 37 57.13 -18.21 -1.21
C ASP C 37 57.29 -17.00 -2.12
N GLU C 38 58.30 -17.05 -2.99
CA GLU C 38 58.52 -15.98 -3.97
C GLU C 38 57.24 -15.67 -4.75
N LEU C 39 56.51 -16.70 -5.16
CA LEU C 39 55.27 -16.52 -5.92
C LEU C 39 53.99 -16.72 -5.09
N TYR C 40 54.04 -16.34 -3.82
CA TYR C 40 52.86 -16.37 -2.95
C TYR C 40 51.71 -15.65 -3.66
N GLY C 41 50.54 -16.28 -3.73
CA GLY C 41 49.39 -15.70 -4.42
C GLY C 41 49.24 -16.20 -5.85
N TYR C 42 50.18 -17.04 -6.27
CA TYR C 42 50.16 -17.67 -7.58
C TYR C 42 50.36 -19.18 -7.43
N SER C 43 49.97 -19.94 -8.45
CA SER C 43 50.36 -21.34 -8.53
C SER C 43 51.77 -21.37 -9.12
N ALA C 44 52.42 -22.53 -9.02
CA ALA C 44 53.67 -22.78 -9.76
C ALA C 44 53.36 -23.03 -11.24
N ASP C 45 54.40 -23.11 -12.08
CA ASP C 45 54.22 -23.45 -13.50
C ASP C 45 53.35 -24.70 -13.65
N ILE C 46 52.21 -24.56 -14.34
CA ILE C 46 51.31 -25.68 -14.59
C ILE C 46 52.11 -26.78 -15.26
N ASN C 47 52.08 -27.99 -14.69
CA ASN C 47 52.68 -29.15 -15.36
C ASN C 47 51.59 -30.02 -15.96
N VAL C 48 51.68 -30.21 -17.27
CA VAL C 48 50.59 -30.75 -18.09
C VAL C 48 50.72 -32.28 -18.23
N ALA C 49 49.60 -32.97 -18.33
CA ALA C 49 49.54 -34.40 -18.59
C ALA C 49 50.10 -34.76 -19.96
N SER C 50 50.81 -35.88 -20.05
CA SER C 50 51.27 -36.37 -21.35
C SER C 50 50.21 -37.24 -22.01
N SER C 51 49.21 -37.68 -21.24
CA SER C 51 48.18 -38.58 -21.78
C SER C 51 47.02 -38.70 -20.81
N LYS C 52 45.96 -39.38 -21.26
CA LYS C 52 44.83 -39.75 -20.40
C LYS C 52 45.32 -40.54 -19.19
N ALA C 53 46.20 -41.50 -19.45
CA ALA C 53 46.69 -42.41 -18.41
C ALA C 53 47.66 -41.73 -17.44
N SER C 54 48.44 -40.79 -17.96
CA SER C 54 49.51 -40.19 -17.19
C SER C 54 49.27 -38.68 -16.96
N ASP C 55 48.75 -38.36 -15.77
CA ASP C 55 48.42 -36.98 -15.39
C ASP C 55 48.71 -36.79 -13.91
N ASN C 56 49.86 -36.22 -13.58
CA ASN C 56 50.34 -36.08 -12.19
C ASN C 56 50.63 -34.63 -11.83
N PRO C 57 49.56 -33.82 -11.59
CA PRO C 57 49.78 -32.40 -11.33
C PRO C 57 50.48 -32.19 -9.98
N ASN C 58 51.46 -31.29 -9.97
CA ASN C 58 52.10 -30.91 -8.71
C ASN C 58 51.11 -30.19 -7.76
N ALA C 59 51.27 -30.43 -6.45
CA ALA C 59 50.43 -29.82 -5.42
C ALA C 59 50.46 -28.31 -5.58
N THR C 60 51.64 -27.77 -5.84
CA THR C 60 51.83 -26.34 -6.03
C THR C 60 51.16 -25.77 -7.29
N THR C 61 50.54 -26.63 -8.11
CA THR C 61 49.89 -26.15 -9.33
C THR C 61 48.36 -26.16 -9.25
N LEU C 62 47.82 -26.60 -8.12
CA LEU C 62 46.37 -26.79 -7.96
C LEU C 62 45.80 -25.82 -6.95
N PRO C 63 45.06 -24.79 -7.42
CA PRO C 63 44.32 -23.90 -6.52
C PRO C 63 43.35 -24.69 -5.64
N THR C 64 43.32 -24.32 -4.36
CA THR C 64 42.46 -24.95 -3.37
C THR C 64 41.59 -23.88 -2.69
N TYR C 65 40.58 -24.35 -1.97
CA TYR C 65 39.70 -23.46 -1.23
C TYR C 65 40.37 -22.88 0.00
N SER C 66 40.07 -21.60 0.24
CA SER C 66 40.41 -20.98 1.50
C SER C 66 39.26 -21.20 2.48
N VAL C 67 39.59 -21.38 3.75
CA VAL C 67 38.59 -21.47 4.81
C VAL C 67 39.15 -20.95 6.13
N ALA C 68 38.33 -20.22 6.87
CA ALA C 68 38.68 -19.76 8.21
C ALA C 68 37.50 -20.00 9.14
N VAL C 69 37.81 -20.29 10.40
CA VAL C 69 36.76 -20.47 11.41
C VAL C 69 36.83 -19.34 12.42
N ILE C 70 35.74 -18.61 12.55
CA ILE C 70 35.69 -17.48 13.47
C ILE C 70 34.97 -17.91 14.74
N LYS C 71 35.67 -17.85 15.88
CA LYS C 71 35.03 -18.21 17.14
C LYS C 71 34.23 -17.00 17.65
N LEU C 72 32.93 -17.20 17.86
CA LEU C 72 32.05 -16.12 18.28
C LEU C 72 31.88 -16.15 19.78
N PRO C 73 31.38 -15.05 20.38
CA PRO C 73 31.13 -15.00 21.82
C PRO C 73 30.23 -16.13 22.30
N MET C 74 30.63 -16.79 23.38
CA MET C 74 29.89 -17.92 23.94
C MET C 74 28.52 -17.51 24.47
N LEU C 75 27.49 -18.25 24.06
CA LEU C 75 26.11 -17.83 24.30
C LEU C 75 25.41 -18.53 25.47
N ASN C 76 25.70 -19.77 25.73
CA ASN C 76 24.98 -20.50 26.72
C ASN C 76 25.90 -21.04 27.81
N GLU C 77 25.66 -20.72 29.06
CA GLU C 77 26.30 -21.45 30.16
C GLU C 77 25.56 -22.76 30.41
N MET C 79 23.54 -24.75 30.13
CA MET C 79 23.33 -25.62 28.99
C MET C 79 22.08 -26.48 29.16
N THR C 80 21.49 -26.48 30.32
CA THR C 80 20.34 -27.30 30.54
C THR C 80 18.99 -26.63 30.34
N CYS C 81 18.98 -25.33 30.10
CA CYS C 81 17.72 -24.65 29.86
C CYS C 81 17.04 -25.22 28.67
N ASP C 82 15.73 -25.08 28.60
CA ASP C 82 14.90 -25.69 27.59
C ASP C 82 15.10 -25.10 26.21
N THR C 83 15.61 -23.90 26.16
CA THR C 83 15.93 -23.30 24.89
C THR C 83 17.35 -22.82 24.98
N LEU C 84 18.02 -22.76 23.83
CA LEU C 84 19.35 -22.22 23.75
C LEU C 84 19.47 -21.09 22.73
N LEU C 85 20.53 -20.36 22.80
CA LEU C 85 20.82 -19.33 21.80
C LEU C 85 21.93 -19.77 20.84
N MET C 86 21.74 -19.44 19.55
CA MET C 86 22.76 -19.59 18.52
C MET C 86 22.95 -18.27 17.77
N TRP C 87 24.18 -17.97 17.36
CA TRP C 87 24.43 -16.86 16.47
C TRP C 87 23.91 -17.15 15.09
N GLU C 88 23.15 -16.22 14.54
CA GLU C 88 22.57 -16.38 13.21
C GLU C 88 23.18 -15.33 12.29
N ALA C 89 23.88 -15.79 11.24
CA ALA C 89 24.45 -14.88 10.24
C ALA C 89 23.34 -14.32 9.36
N VAL C 90 23.17 -13.00 9.42
CA VAL C 90 22.03 -12.35 8.80
C VAL C 90 22.41 -11.74 7.45
N SER C 91 23.63 -11.21 7.36
CA SER C 91 24.06 -10.50 6.17
C SER C 91 25.58 -10.39 6.13
N VAL C 92 26.08 -10.12 4.94
CA VAL C 92 27.51 -10.09 4.71
C VAL C 92 27.85 -9.03 3.67
N LYS C 93 28.89 -8.25 3.94
CA LYS C 93 29.54 -7.44 2.93
C LYS C 93 30.83 -8.18 2.60
N THR C 94 31.05 -8.46 1.31
CA THR C 94 32.25 -9.15 0.91
C THR C 94 32.88 -8.50 -0.31
N GLU C 95 34.21 -8.53 -0.34
CA GLU C 95 34.98 -7.81 -1.34
C GLU C 95 36.24 -8.57 -1.73
N VAL C 96 36.52 -8.63 -3.03
CA VAL C 96 37.80 -9.12 -3.52
C VAL C 96 38.80 -7.96 -3.52
N MET C 97 39.90 -8.13 -2.78
CA MET C 97 40.85 -7.05 -2.57
C MET C 97 42.04 -7.05 -3.56
N GLY C 98 42.55 -5.88 -3.90
CA GLY C 98 43.71 -5.76 -4.80
C GLY C 98 43.39 -5.97 -6.27
N ILE C 99 42.14 -5.73 -6.65
CA ILE C 99 41.73 -5.90 -8.04
C ILE C 99 42.61 -5.06 -8.97
N SER C 100 42.86 -3.80 -8.58
CA SER C 100 43.64 -2.90 -9.42
C SER C 100 45.10 -3.33 -9.62
N SER C 101 45.56 -4.31 -8.82
CA SER C 101 46.88 -4.90 -9.00
C SER C 101 47.08 -5.53 -10.39
N LEU C 102 45.98 -5.95 -11.01
CA LEU C 102 46.04 -6.57 -12.34
C LEU C 102 46.16 -5.54 -13.47
N VAL C 103 45.94 -4.26 -13.14
CA VAL C 103 46.08 -3.13 -14.07
C VAL C 103 47.57 -2.79 -14.17
N ASN C 104 48.31 -3.66 -14.86
CA ASN C 104 49.76 -3.68 -14.84
C ASN C 104 50.24 -4.28 -16.15
N LEU C 105 50.98 -3.49 -16.93
CA LEU C 105 51.45 -3.94 -18.23
C LEU C 105 52.96 -4.02 -18.30
N HIS C 106 53.61 -3.96 -17.15
CA HIS C 106 55.07 -3.98 -17.12
C HIS C 106 55.62 -5.22 -16.48
N GLN C 107 54.78 -5.99 -15.77
CA GLN C 107 55.22 -7.23 -15.16
C GLN C 107 55.88 -8.13 -16.21
N GLY C 108 56.99 -8.79 -15.83
CA GLY C 108 57.70 -9.69 -16.75
C GLY C 108 56.76 -10.75 -17.28
N GLY C 109 56.83 -11.03 -18.58
CA GLY C 109 55.87 -11.96 -19.19
C GLY C 109 55.96 -12.03 -20.71
N LYS C 110 54.80 -12.24 -21.34
CA LYS C 110 54.71 -12.39 -22.79
C LYS C 110 54.24 -11.08 -23.38
N TYR C 111 54.95 -10.57 -24.39
CA TYR C 111 54.60 -9.29 -25.02
C TYR C 111 53.24 -9.35 -25.69
N ILE C 112 52.46 -8.27 -25.55
CA ILE C 112 51.17 -8.19 -26.22
C ILE C 112 51.38 -8.30 -27.72
N TYR C 113 52.28 -7.46 -28.26
CA TYR C 113 52.65 -7.53 -29.66
C TYR C 113 54.09 -8.00 -29.73
N GLY C 114 54.98 -7.20 -30.29
CA GLY C 114 56.41 -7.49 -30.27
C GLY C 114 57.04 -6.89 -29.02
N SER C 115 58.37 -6.84 -29.00
CA SER C 115 59.12 -6.49 -27.80
C SER C 115 59.16 -5.00 -27.45
N SER C 116 58.50 -4.15 -28.24
CA SER C 116 58.30 -2.75 -27.84
C SER C 116 57.06 -2.54 -26.97
N SER C 117 56.15 -3.52 -26.94
CA SER C 117 54.85 -3.36 -26.26
C SER C 117 54.85 -3.70 -24.77
N GLY C 118 53.69 -3.49 -24.12
CA GLY C 118 53.45 -4.02 -22.78
C GLY C 118 53.29 -5.54 -22.82
N THR C 119 53.24 -6.15 -21.64
CA THR C 119 53.07 -7.59 -21.53
C THR C 119 51.61 -7.95 -21.28
N ILE C 120 51.22 -9.18 -21.62
CA ILE C 120 49.83 -9.60 -21.48
C ILE C 120 49.50 -9.73 -20.00
N PRO C 121 48.46 -9.02 -19.53
CA PRO C 121 48.08 -9.08 -18.11
C PRO C 121 47.33 -10.37 -17.80
N VAL C 122 47.09 -10.62 -16.52
CA VAL C 122 46.36 -11.80 -16.07
C VAL C 122 44.99 -11.91 -16.74
N GLN C 123 44.72 -13.07 -17.35
CA GLN C 123 43.49 -13.30 -18.10
C GLN C 123 43.22 -14.79 -18.25
N GLY C 124 42.09 -15.13 -18.86
CA GLY C 124 41.65 -16.53 -18.94
C GLY C 124 40.60 -16.89 -17.90
N THR C 125 40.53 -18.18 -17.56
CA THR C 125 39.55 -18.70 -16.62
C THR C 125 39.54 -18.00 -15.25
N THR C 126 38.33 -17.64 -14.79
CA THR C 126 38.13 -17.09 -13.44
C THR C 126 37.12 -17.92 -12.66
N LEU C 127 37.32 -18.02 -11.35
CA LEU C 127 36.40 -18.72 -10.48
C LEU C 127 36.29 -17.95 -9.16
N HIS C 128 35.09 -17.48 -8.87
CA HIS C 128 34.83 -16.75 -7.63
C HIS C 128 33.77 -17.45 -6.84
N MET C 129 34.07 -17.71 -5.59
CA MET C 129 33.09 -18.27 -4.68
C MET C 129 33.29 -17.72 -3.27
N PHE C 130 32.19 -17.39 -2.61
CA PHE C 130 32.21 -17.20 -1.17
C PHE C 130 31.05 -17.94 -0.50
N SER C 131 31.27 -18.34 0.74
CA SER C 131 30.21 -18.97 1.53
C SER C 131 30.32 -18.56 2.97
N VAL C 132 29.16 -18.46 3.61
CA VAL C 132 29.05 -18.14 5.02
C VAL C 132 28.16 -19.23 5.59
N GLY C 133 28.67 -19.96 6.57
CA GLY C 133 27.93 -21.07 7.15
C GLY C 133 28.16 -21.28 8.64
N GLY C 134 27.25 -22.03 9.26
CA GLY C 134 27.35 -22.36 10.68
C GLY C 134 28.14 -23.63 10.97
N GLU C 135 28.75 -24.18 9.92
CA GLU C 135 29.51 -25.42 10.00
C GLU C 135 30.31 -25.52 8.69
N PRO C 136 31.21 -26.53 8.56
CA PRO C 136 31.99 -26.59 7.31
C PRO C 136 31.10 -26.67 6.06
N LEU C 137 31.52 -25.99 4.99
CA LEU C 137 30.90 -26.14 3.67
C LEU C 137 30.90 -27.61 3.25
N GLU C 138 29.75 -28.11 2.80
CA GLU C 138 29.66 -29.49 2.31
C GLU C 138 29.97 -29.55 0.80
N LEU C 139 30.80 -30.52 0.43
CA LEU C 139 31.39 -30.61 -0.91
C LEU C 139 31.00 -31.85 -1.69
N GLN C 140 30.85 -31.70 -3.00
CA GLN C 140 30.68 -32.82 -3.92
C GLN C 140 31.94 -32.92 -4.80
N GLY C 141 32.46 -34.14 -4.96
CA GLY C 141 33.61 -34.39 -5.83
C GLY C 141 33.18 -34.67 -7.26
N LEU C 142 33.87 -34.06 -8.22
CA LEU C 142 33.71 -34.33 -9.65
C LEU C 142 34.97 -33.84 -10.35
N VAL C 143 35.53 -34.65 -11.24
CA VAL C 143 36.80 -34.33 -11.90
C VAL C 143 36.71 -34.44 -13.42
N ALA C 144 37.61 -33.76 -14.12
CA ALA C 144 37.72 -33.87 -15.58
C ALA C 144 38.16 -35.27 -15.98
N SER C 145 39.00 -35.89 -15.16
CA SER C 145 39.54 -37.22 -15.44
C SER C 145 39.78 -38.04 -14.18
N SER C 146 39.18 -39.23 -14.15
CA SER C 146 39.29 -40.11 -13.00
C SER C 146 40.63 -40.87 -12.97
N THR C 147 41.42 -40.73 -14.02
CA THR C 147 42.73 -41.37 -14.09
C THR C 147 43.85 -40.40 -13.68
N THR C 148 43.49 -39.17 -13.30
CA THR C 148 44.46 -38.22 -12.76
C THR C 148 45.00 -38.71 -11.41
N THR C 149 46.31 -38.60 -11.21
CA THR C 149 46.92 -38.95 -9.94
C THR C 149 47.19 -37.67 -9.17
N TYR C 150 46.40 -37.45 -8.12
CA TYR C 150 46.51 -36.24 -7.33
C TYR C 150 47.56 -36.42 -6.24
N PRO C 151 48.25 -35.34 -5.86
CA PRO C 151 49.21 -35.46 -4.76
C PRO C 151 48.52 -36.01 -3.53
N THR C 152 49.16 -36.94 -2.84
CA THR C 152 48.53 -37.61 -1.71
C THR C 152 48.34 -36.69 -0.48
N ASP C 153 49.12 -35.61 -0.42
CA ASP C 153 49.03 -34.63 0.67
C ASP C 153 47.77 -33.77 0.62
N MET C 154 47.11 -33.78 -0.53
CA MET C 154 45.88 -33.01 -0.69
C MET C 154 44.71 -33.94 -0.37
N VAL C 155 43.55 -33.34 -0.09
CA VAL C 155 42.34 -34.12 0.10
C VAL C 155 41.56 -34.21 -1.21
N THR C 156 41.53 -35.41 -1.79
CA THR C 156 40.87 -35.62 -3.08
C THR C 156 39.95 -36.84 -3.00
N ILE C 157 39.40 -37.27 -4.13
CA ILE C 157 38.49 -38.41 -4.13
C ILE C 157 39.27 -39.72 -3.99
N LYS C 158 38.95 -40.50 -2.97
CA LYS C 158 39.55 -41.82 -2.76
C LYS C 158 39.11 -42.82 -3.83
N ASN C 159 40.07 -43.54 -4.41
CA ASN C 159 39.74 -44.71 -5.22
C ASN C 159 38.86 -44.37 -6.44
N MET C 160 39.28 -43.38 -7.22
CA MET C 160 38.45 -42.85 -8.32
C MET C 160 38.08 -43.87 -9.38
N LYS C 161 36.88 -43.71 -9.93
CA LYS C 161 36.42 -44.51 -11.04
C LYS C 161 35.85 -43.56 -12.08
N PRO C 162 35.62 -44.04 -13.31
CA PRO C 162 35.08 -43.12 -14.32
C PRO C 162 33.78 -42.42 -13.88
N VAL C 163 33.02 -43.02 -12.97
CA VAL C 163 31.83 -42.34 -12.45
C VAL C 163 32.17 -40.96 -11.82
N ASN C 164 33.41 -40.77 -11.39
CA ASN C 164 33.81 -39.51 -10.77
C ASN C 164 34.00 -38.35 -11.75
N GLN C 165 33.82 -38.66 -13.04
CA GLN C 165 33.76 -37.65 -14.10
C GLN C 165 32.35 -37.04 -14.20
N ALA C 166 31.41 -37.65 -13.47
CA ALA C 166 30.07 -37.10 -13.30
C ALA C 166 29.67 -37.23 -11.82
N LEU C 167 28.38 -37.37 -11.52
CA LEU C 167 27.94 -37.40 -10.14
C LEU C 167 28.00 -38.81 -9.53
N ASP C 168 28.91 -38.97 -8.57
CA ASP C 168 28.99 -40.16 -7.74
C ASP C 168 28.55 -39.74 -6.32
N PRO C 169 27.35 -40.18 -5.89
CA PRO C 169 26.84 -39.69 -4.61
C PRO C 169 27.73 -40.10 -3.42
N ASN C 170 28.65 -41.04 -3.61
CA ASN C 170 29.61 -41.42 -2.56
C ASN C 170 30.81 -40.48 -2.38
N ALA C 171 31.09 -39.65 -3.39
CA ALA C 171 32.21 -38.71 -3.35
C ALA C 171 31.83 -37.37 -2.69
N LYS C 172 31.74 -37.37 -1.35
CA LYS C 172 31.43 -36.15 -0.57
C LYS C 172 32.54 -35.84 0.43
N ALA C 173 32.65 -34.58 0.84
CA ALA C 173 33.66 -34.18 1.82
C ALA C 173 33.21 -32.92 2.53
N LEU C 174 33.95 -32.51 3.57
CA LEU C 174 33.73 -31.23 4.25
C LEU C 174 34.94 -30.34 4.03
N LEU C 175 34.70 -29.06 3.74
CA LEU C 175 35.79 -28.10 3.63
C LEU C 175 36.24 -27.72 5.04
N ASP C 176 37.08 -28.56 5.62
CA ASP C 176 37.50 -28.35 7.01
C ASP C 176 38.98 -28.04 7.14
N LYS C 177 39.64 -27.82 6.02
CA LYS C 177 41.06 -27.47 5.99
C LYS C 177 41.34 -26.42 4.92
N ASP C 178 42.08 -25.40 5.32
CA ASP C 178 42.51 -24.33 4.41
C ASP C 178 43.60 -24.86 3.47
N GLY C 179 43.50 -24.53 2.18
CA GLY C 179 44.52 -24.87 1.21
C GLY C 179 44.84 -26.35 1.00
N LYS C 180 43.81 -27.19 1.03
CA LYS C 180 43.99 -28.62 0.89
C LYS C 180 43.02 -29.27 -0.10
N TYR C 181 41.90 -28.60 -0.35
CA TYR C 181 40.83 -29.14 -1.21
C TYR C 181 40.87 -28.49 -2.58
N PRO C 182 41.29 -29.23 -3.62
CA PRO C 182 41.43 -28.61 -4.94
C PRO C 182 40.10 -28.19 -5.51
N VAL C 183 40.06 -27.02 -6.15
CA VAL C 183 38.81 -26.53 -6.72
C VAL C 183 38.39 -27.40 -7.92
N GLU C 184 39.37 -28.01 -8.61
CA GLU C 184 39.06 -28.79 -9.79
C GLU C 184 38.51 -30.16 -9.42
N VAL C 185 38.53 -30.47 -8.11
CA VAL C 185 38.06 -31.74 -7.59
C VAL C 185 36.73 -31.60 -6.81
N TRP C 186 36.57 -30.47 -6.11
CA TRP C 186 35.43 -30.26 -5.22
C TRP C 186 34.65 -29.01 -5.57
N SER C 187 33.33 -29.11 -5.46
CA SER C 187 32.42 -27.97 -5.56
C SER C 187 31.34 -28.06 -4.48
N PRO C 188 30.62 -26.94 -4.20
CA PRO C 188 29.63 -26.99 -3.13
C PRO C 188 28.52 -27.96 -3.48
N ASP C 189 28.12 -28.78 -2.51
CA ASP C 189 27.08 -29.80 -2.71
C ASP C 189 25.66 -29.21 -2.53
N PRO C 190 24.90 -29.07 -3.64
CA PRO C 190 23.58 -28.44 -3.53
C PRO C 190 22.55 -29.33 -2.84
N SER C 191 22.87 -30.62 -2.70
CA SER C 191 21.98 -31.56 -2.03
C SER C 191 22.06 -31.48 -0.51
N LYS C 192 23.07 -30.78 0.02
CA LYS C 192 23.16 -30.54 1.46
C LYS C 192 23.22 -29.04 1.68
N ASN C 193 24.14 -28.58 2.54
CA ASN C 193 24.36 -27.15 2.80
C ASN C 193 23.12 -26.35 3.22
N GLU C 194 22.27 -26.95 4.05
CA GLU C 194 21.12 -26.25 4.63
C GLU C 194 21.53 -25.16 5.59
N ASN C 195 22.74 -25.30 6.15
CA ASN C 195 23.23 -24.40 7.16
C ASN C 195 24.37 -23.51 6.68
N THR C 196 24.50 -23.38 5.35
CA THR C 196 25.49 -22.51 4.70
C THR C 196 24.83 -21.79 3.53
N ARG C 197 25.22 -20.55 3.24
CA ARG C 197 24.86 -19.93 1.96
C ARG C 197 26.11 -19.77 1.17
N TYR C 198 26.09 -20.25 -0.07
CA TYR C 198 27.22 -20.07 -0.97
C TYR C 198 26.80 -19.42 -2.28
N TYR C 199 27.74 -18.69 -2.87
CA TYR C 199 27.54 -17.95 -4.10
C TYR C 199 28.82 -18.06 -4.95
N GLY C 200 28.66 -18.47 -6.20
CA GLY C 200 29.81 -18.66 -7.09
C GLY C 200 29.58 -18.25 -8.54
N SER C 201 30.65 -17.85 -9.21
CA SER C 201 30.58 -17.59 -10.65
C SER C 201 31.84 -18.05 -11.35
N PHE C 202 31.63 -18.61 -12.54
CA PHE C 202 32.67 -19.18 -13.36
C PHE C 202 32.60 -18.59 -14.77
N THR C 203 33.75 -18.19 -15.30
CA THR C 203 33.87 -17.88 -16.72
C THR C 203 35.13 -18.58 -17.21
N GLY C 204 34.98 -19.43 -18.23
CA GLY C 204 36.09 -20.28 -18.72
C GLY C 204 36.98 -19.61 -19.76
N GLY C 205 37.60 -20.42 -20.62
CA GLY C 205 38.46 -19.88 -21.69
C GLY C 205 39.92 -19.74 -21.28
N ALA C 206 40.80 -19.62 -22.26
CA ALA C 206 42.24 -19.44 -22.04
C ALA C 206 42.70 -17.97 -22.00
N THR C 207 41.99 -17.08 -22.70
CA THR C 207 42.43 -15.69 -22.78
C THR C 207 41.34 -14.69 -22.41
N THR C 208 40.28 -15.17 -21.75
CA THR C 208 39.10 -14.33 -21.48
C THR C 208 39.45 -13.16 -20.58
N PRO C 209 39.00 -11.94 -20.94
CA PRO C 209 39.22 -10.79 -20.05
C PRO C 209 38.47 -11.03 -18.74
N PRO C 210 39.16 -10.89 -17.59
CA PRO C 210 38.50 -10.92 -16.27
C PRO C 210 37.66 -9.67 -16.04
N VAL C 211 36.53 -9.85 -15.37
CA VAL C 211 35.62 -8.74 -15.06
C VAL C 211 35.32 -8.86 -13.57
N MET C 212 35.50 -7.76 -12.85
CA MET C 212 35.20 -7.67 -11.41
C MET C 212 34.71 -6.28 -11.04
N GLN C 213 33.83 -6.24 -10.04
CA GLN C 213 33.34 -5.01 -9.42
C GLN C 213 33.92 -4.92 -8.02
N PHE C 214 34.05 -3.69 -7.53
CA PHE C 214 34.39 -3.45 -6.14
C PHE C 214 33.67 -2.22 -5.60
N THR C 215 33.11 -2.35 -4.40
CA THR C 215 32.34 -1.27 -3.77
C THR C 215 32.14 -1.58 -2.29
N ASN C 216 31.83 -0.58 -1.48
CA ASN C 216 31.40 -0.85 -0.11
C ASN C 216 29.91 -0.60 0.11
N SER C 217 29.13 -0.57 -0.98
CA SER C 217 27.71 -0.18 -0.91
C SER C 217 26.74 -1.37 -0.99
N VAL C 218 27.27 -2.58 -1.16
CA VAL C 218 26.45 -3.75 -1.44
C VAL C 218 26.51 -4.79 -0.31
N THR C 219 25.33 -5.28 0.07
CA THR C 219 25.19 -6.28 1.13
C THR C 219 24.42 -7.45 0.56
N THR C 220 24.83 -8.66 0.91
CA THR C 220 24.07 -9.87 0.63
C THR C 220 23.35 -10.33 1.90
N VAL C 221 22.03 -10.50 1.81
CA VAL C 221 21.24 -11.03 2.93
C VAL C 221 21.30 -12.57 2.91
N LEU C 222 21.60 -13.16 4.07
CA LEU C 222 21.85 -14.60 4.17
C LEU C 222 20.63 -15.43 4.63
N LEU C 223 19.52 -14.76 4.92
CA LEU C 223 18.33 -15.44 5.42
C LEU C 223 17.72 -16.32 4.35
N ASP C 224 17.23 -17.51 4.73
CA ASP C 224 16.54 -18.38 3.76
C ASP C 224 15.08 -17.98 3.59
N GLU C 225 14.30 -18.82 2.92
CA GLU C 225 12.89 -18.54 2.64
C GLU C 225 12.01 -18.54 3.89
N ASN C 226 12.55 -19.01 5.01
CA ASN C 226 11.87 -18.92 6.29
C ASN C 226 12.43 -17.81 7.17
N GLY C 227 13.31 -16.98 6.59
CA GLY C 227 13.89 -15.86 7.32
C GLY C 227 14.94 -16.27 8.33
N VAL C 228 15.56 -17.44 8.09
CA VAL C 228 16.61 -17.95 8.97
C VAL C 228 17.97 -17.96 8.25
N GLY C 229 18.95 -17.31 8.86
CA GLY C 229 20.32 -17.34 8.35
C GLY C 229 21.02 -18.58 8.85
N PRO C 230 22.28 -18.80 8.43
CA PRO C 230 23.05 -19.94 8.95
C PRO C 230 23.23 -19.80 10.46
N LEU C 231 23.16 -20.92 11.18
CA LEU C 231 23.27 -20.95 12.64
C LEU C 231 24.58 -21.58 13.10
N CYS C 232 25.34 -20.85 13.92
CA CYS C 232 26.72 -21.22 14.24
C CYS C 232 26.85 -22.29 15.32
N LYS C 233 27.00 -23.55 14.88
CA LYS C 233 27.18 -24.66 15.81
C LYS C 233 28.45 -24.46 16.62
N GLY C 234 28.36 -24.68 17.92
CA GLY C 234 29.47 -24.44 18.86
C GLY C 234 30.03 -23.02 18.82
N ASP C 235 29.21 -22.06 18.37
CA ASP C 235 29.58 -20.64 18.27
C ASP C 235 30.75 -20.42 17.30
N LYS C 236 30.76 -21.19 16.21
CA LYS C 236 31.78 -21.08 15.17
C LYS C 236 31.13 -20.69 13.86
N LEU C 237 31.72 -19.69 13.22
CA LEU C 237 31.30 -19.22 11.90
C LEU C 237 32.35 -19.68 10.88
N PHE C 238 31.89 -20.27 9.79
CA PHE C 238 32.79 -20.74 8.76
C PHE C 238 32.74 -19.83 7.54
N LEU C 239 33.89 -19.25 7.19
CA LEU C 239 34.00 -18.40 6.01
C LEU C 239 34.87 -19.11 4.99
N SER C 240 34.35 -19.31 3.79
CA SER C 240 35.10 -20.02 2.75
C SER C 240 35.11 -19.21 1.45
N ALA C 241 36.17 -19.40 0.66
CA ALA C 241 36.37 -18.61 -0.55
C ALA C 241 37.34 -19.23 -1.53
N VAL C 242 37.16 -18.85 -2.80
CA VAL C 242 38.21 -18.94 -3.82
C VAL C 242 37.98 -17.82 -4.83
N ASP C 243 39.06 -17.13 -5.20
CA ASP C 243 38.99 -16.09 -6.21
C ASP C 243 40.19 -16.18 -7.12
N ILE C 244 40.06 -17.06 -8.09
CA ILE C 244 41.01 -17.19 -9.17
C ILE C 244 40.63 -16.13 -10.17
N VAL C 245 41.52 -15.18 -10.38
CA VAL C 245 41.24 -14.03 -11.24
C VAL C 245 41.84 -14.18 -12.64
N GLY C 246 42.49 -15.32 -12.89
CA GLY C 246 43.00 -15.63 -14.21
C GLY C 246 44.37 -16.30 -14.20
N ILE C 247 44.99 -16.31 -15.38
CA ILE C 247 46.27 -16.98 -15.62
C ILE C 247 47.30 -15.94 -16.03
N HIS C 248 48.42 -15.89 -15.31
CA HIS C 248 49.55 -15.09 -15.76
C HIS C 248 50.44 -15.92 -16.64
N THR C 249 50.70 -15.42 -17.84
CA THR C 249 51.59 -16.09 -18.77
C THR C 249 53.00 -15.49 -18.70
N ASN C 250 53.99 -16.38 -18.57
CA ASN C 250 55.36 -15.98 -18.45
C ASN C 250 56.05 -15.91 -19.81
N TYR C 251 57.25 -15.32 -19.84
CA TYR C 251 57.98 -15.15 -21.08
C TYR C 251 58.18 -16.47 -21.85
N SER C 252 58.51 -17.55 -21.14
CA SER C 252 58.72 -18.86 -21.79
C SER C 252 57.39 -19.54 -22.14
N GLU C 253 56.29 -18.87 -21.78
CA GLU C 253 54.93 -19.35 -22.04
C GLU C 253 54.42 -20.31 -20.98
N SER C 254 55.23 -20.54 -19.94
CA SER C 254 54.78 -21.26 -18.76
C SER C 254 53.69 -20.40 -18.11
N GLN C 255 52.78 -21.02 -17.36
CA GLN C 255 51.64 -20.29 -16.81
C GLN C 255 51.37 -20.56 -15.33
N ASN C 256 50.94 -19.50 -14.63
CA ASN C 256 50.63 -19.56 -13.21
C ASN C 256 49.25 -18.97 -12.93
N TRP C 257 48.41 -19.75 -12.24
CA TRP C 257 47.16 -19.22 -11.70
C TRP C 257 47.44 -18.07 -10.78
N ARG C 258 46.63 -17.02 -10.90
CA ARG C 258 46.69 -15.90 -9.99
C ARG C 258 45.38 -15.78 -9.20
N GLY C 259 45.53 -15.66 -7.88
CA GLY C 259 44.39 -15.46 -6.98
C GLY C 259 44.50 -14.14 -6.23
N LEU C 260 43.36 -13.68 -5.69
CA LEU C 260 43.28 -12.48 -4.83
C LEU C 260 42.59 -12.79 -3.50
N PRO C 261 42.91 -12.02 -2.44
CA PRO C 261 42.29 -12.28 -1.13
C PRO C 261 40.88 -11.72 -1.05
N ARG C 262 40.09 -12.28 -0.13
CA ARG C 262 38.70 -11.87 0.05
C ARG C 262 38.40 -11.38 1.47
N TYR C 263 37.79 -10.22 1.56
CA TYR C 263 37.32 -9.66 2.83
C TYR C 263 35.87 -10.08 3.12
N PHE C 264 35.56 -10.28 4.39
CA PHE C 264 34.19 -10.55 4.84
C PHE C 264 33.88 -9.61 5.98
N ASN C 265 32.66 -9.09 5.99
CA ASN C 265 32.14 -8.45 7.17
C ASN C 265 30.75 -9.01 7.36
N VAL C 266 30.57 -9.80 8.40
CA VAL C 266 29.31 -10.50 8.66
C VAL C 266 28.60 -9.93 9.91
N THR C 267 27.32 -9.59 9.76
CA THR C 267 26.47 -9.23 10.88
C THR C 267 25.66 -10.43 11.37
N LEU C 268 25.66 -10.66 12.69
CA LEU C 268 24.96 -11.79 13.29
C LEU C 268 24.05 -11.36 14.43
N ARG C 269 22.94 -12.09 14.60
CA ARG C 269 21.99 -11.82 15.66
C ARG C 269 21.79 -13.09 16.47
N LYS C 270 21.13 -12.96 17.63
CA LYS C 270 20.89 -14.10 18.50
C LYS C 270 19.58 -14.79 18.14
N ARG C 271 19.63 -16.12 17.98
CA ARG C 271 18.45 -16.89 17.58
C ARG C 271 18.12 -17.96 18.63
N VAL C 272 16.85 -18.02 19.05
CA VAL C 272 16.42 -19.06 19.98
C VAL C 272 16.19 -20.38 19.27
N VAL C 273 16.70 -21.46 19.85
CA VAL C 273 16.45 -22.80 19.37
C VAL C 273 16.02 -23.70 20.54
N LYS C 274 15.24 -24.73 20.23
CA LYS C 274 14.85 -25.76 21.18
C LYS C 274 16.06 -26.65 21.41
N ASN C 275 16.41 -26.81 22.69
CA ASN C 275 17.55 -27.61 23.12
C ASN C 275 17.31 -29.10 22.79
N PRO C 276 18.19 -29.70 21.96
CA PRO C 276 18.08 -31.13 21.63
C PRO C 276 18.87 -32.06 22.56
N VAL D 7 32.02 9.66 16.09
CA VAL D 7 30.96 10.55 16.67
C VAL D 7 29.56 9.91 16.67
N GLU D 8 28.82 10.13 17.75
CA GLU D 8 27.42 9.74 17.80
C GLU D 8 26.61 10.62 16.83
N VAL D 9 26.03 9.99 15.81
CA VAL D 9 25.22 10.70 14.83
C VAL D 9 23.78 10.85 15.34
N LEU D 10 23.20 12.02 15.15
CA LEU D 10 21.80 12.27 15.53
C LEU D 10 20.96 12.59 14.29
N GLU D 11 19.94 13.44 14.41
CA GLU D 11 18.99 13.64 13.31
C GLU D 11 19.46 14.63 12.22
N VAL D 12 18.77 14.60 11.08
CA VAL D 12 18.97 15.62 10.06
C VAL D 12 18.41 16.98 10.49
N ARG D 13 19.18 18.05 10.22
CA ARG D 13 18.75 19.42 10.52
C ARG D 13 17.78 19.90 9.43
N THR D 14 16.61 20.36 9.86
CA THR D 14 15.62 20.85 8.89
C THR D 14 15.66 22.38 8.85
N GLY D 15 14.89 22.96 7.94
CA GLY D 15 14.79 24.42 7.82
C GLY D 15 15.49 24.95 6.58
N PRO D 16 15.49 26.28 6.40
CA PRO D 16 16.12 26.92 5.23
C PRO D 16 17.63 26.72 5.23
N ASP D 17 18.25 26.89 4.05
CA ASP D 17 19.71 26.75 3.87
C ASP D 17 20.32 25.53 4.53
N ALA D 18 19.63 24.40 4.52
CA ALA D 18 20.17 23.19 5.14
C ALA D 18 20.75 22.24 4.10
N ILE D 19 20.60 22.62 2.82
CA ILE D 19 21.07 21.84 1.68
C ILE D 19 22.13 22.63 0.92
N THR D 20 23.22 21.98 0.54
CA THR D 20 24.19 22.62 -0.36
C THR D 20 24.60 21.68 -1.50
N GLN D 21 25.25 22.23 -2.51
CA GLN D 21 25.59 21.45 -3.69
C GLN D 21 26.90 21.93 -4.27
N ILE D 22 27.82 21.00 -4.54
CA ILE D 22 29.10 21.34 -5.13
C ILE D 22 29.28 20.60 -6.45
N GLU D 23 30.12 21.14 -7.31
CA GLU D 23 30.57 20.41 -8.48
C GLU D 23 32.06 20.56 -8.63
N ALA D 24 32.71 19.56 -9.23
CA ALA D 24 34.15 19.58 -9.45
C ALA D 24 34.48 18.59 -10.57
N TYR D 25 35.66 18.78 -11.17
CA TYR D 25 36.18 17.76 -12.09
C TYR D 25 37.58 17.39 -11.65
N LEU D 26 38.00 16.16 -11.94
CA LEU D 26 39.34 15.71 -11.64
C LEU D 26 40.00 15.24 -12.93
N ASN D 27 41.17 15.80 -13.27
CA ASN D 27 41.93 15.36 -14.43
C ASN D 27 42.70 14.06 -14.16
N PRO D 28 42.83 13.18 -15.19
CA PRO D 28 43.47 11.87 -14.96
C PRO D 28 44.96 12.01 -14.70
N ARG D 29 45.50 11.09 -13.91
CA ARG D 29 46.91 11.10 -13.61
C ARG D 29 47.51 9.79 -14.12
N MET D 30 47.71 9.74 -15.43
CA MET D 30 48.14 8.51 -16.12
C MET D 30 49.66 8.33 -16.11
N GLY D 31 50.40 9.40 -15.79
CA GLY D 31 51.85 9.36 -15.81
C GLY D 31 52.40 10.68 -16.33
N ASN D 32 51.93 11.12 -17.49
CA ASN D 32 52.18 12.49 -17.92
C ASN D 32 51.13 13.37 -17.22
N ASN D 33 51.52 13.93 -16.08
CA ASN D 33 50.58 14.58 -15.16
C ASN D 33 50.67 16.10 -15.11
N ASN D 34 51.51 16.68 -15.96
CA ASN D 34 51.65 18.13 -16.10
C ASN D 34 50.91 18.57 -17.37
N PRO D 35 49.99 19.55 -17.26
CA PRO D 35 49.18 19.94 -18.43
C PRO D 35 50.00 20.48 -19.59
N THR D 36 51.26 20.80 -19.35
CA THR D 36 52.14 21.19 -20.45
C THR D 36 52.83 19.99 -21.12
N ASP D 37 52.74 18.80 -20.52
CA ASP D 37 53.28 17.55 -21.09
C ASP D 37 52.64 17.26 -22.44
N GLU D 38 53.44 16.86 -23.43
CA GLU D 38 52.92 16.59 -24.77
C GLU D 38 51.87 15.47 -24.76
N LEU D 39 52.12 14.43 -23.97
CA LEU D 39 51.15 13.34 -23.82
C LEU D 39 50.35 13.44 -22.51
N TYR D 40 50.04 14.67 -22.09
CA TYR D 40 49.16 14.88 -20.93
C TYR D 40 47.87 14.06 -21.10
N GLY D 41 47.45 13.35 -20.05
CA GLY D 41 46.30 12.45 -20.14
C GLY D 41 46.67 11.04 -20.57
N TYR D 42 47.95 10.78 -20.78
CA TYR D 42 48.47 9.43 -21.12
C TYR D 42 49.68 9.11 -20.25
N SER D 43 49.97 7.83 -20.08
CA SER D 43 51.26 7.40 -19.55
C SER D 43 52.31 7.54 -20.66
N ALA D 44 53.58 7.52 -20.27
CA ALA D 44 54.67 7.42 -21.21
C ALA D 44 54.73 5.98 -21.72
N ASP D 45 55.59 5.71 -22.71
CA ASP D 45 55.75 4.33 -23.22
C ASP D 45 56.03 3.37 -22.08
N ILE D 46 55.19 2.35 -21.95
CA ILE D 46 55.37 1.34 -20.90
C ILE D 46 56.77 0.71 -21.02
N ASN D 47 57.54 0.73 -19.94
CA ASN D 47 58.82 0.01 -19.88
C ASN D 47 58.68 -1.29 -19.08
N VAL D 48 58.96 -2.40 -19.75
CA VAL D 48 58.61 -3.75 -19.28
C VAL D 48 59.74 -4.40 -18.47
N ALA D 49 59.40 -5.20 -17.46
CA ALA D 49 60.40 -5.97 -16.70
C ALA D 49 61.18 -6.92 -17.60
N SER D 50 62.49 -7.04 -17.37
CA SER D 50 63.27 -8.04 -18.11
C SER D 50 63.15 -9.42 -17.43
N SER D 51 62.69 -9.42 -16.17
CA SER D 51 62.63 -10.63 -15.37
C SER D 51 61.82 -10.42 -14.09
N LYS D 52 61.67 -11.49 -13.32
CA LYS D 52 61.07 -11.43 -11.99
C LYS D 52 61.89 -10.50 -11.07
N ALA D 53 63.22 -10.64 -11.10
CA ALA D 53 64.08 -9.88 -10.21
C ALA D 53 64.23 -8.41 -10.61
N SER D 54 64.08 -8.14 -11.91
CA SER D 54 64.43 -6.84 -12.46
C SER D 54 63.23 -6.17 -13.13
N ASP D 55 62.61 -5.24 -12.39
CA ASP D 55 61.35 -4.65 -12.78
C ASP D 55 61.28 -3.27 -12.16
N ASN D 56 61.66 -2.27 -12.96
CA ASN D 56 61.77 -0.89 -12.50
C ASN D 56 60.89 0.02 -13.35
N PRO D 57 59.56 -0.03 -13.13
CA PRO D 57 58.70 0.82 -13.95
C PRO D 57 59.00 2.30 -13.71
N ASN D 58 59.00 3.10 -14.78
CA ASN D 58 59.18 4.53 -14.65
C ASN D 58 57.93 5.20 -14.06
N ALA D 59 58.14 6.24 -13.27
CA ALA D 59 57.03 6.99 -12.66
C ALA D 59 55.97 7.43 -13.69
N THR D 60 56.43 7.80 -14.88
CA THR D 60 55.55 8.30 -15.96
C THR D 60 54.77 7.18 -16.65
N THR D 61 55.00 5.93 -16.25
CA THR D 61 54.28 4.82 -16.84
C THR D 61 53.23 4.20 -15.90
N LEU D 62 53.14 4.73 -14.67
CA LEU D 62 52.26 4.16 -13.63
C LEU D 62 51.07 5.08 -13.35
N PRO D 63 49.86 4.72 -13.83
CA PRO D 63 48.70 5.55 -13.48
C PRO D 63 48.45 5.58 -11.98
N THR D 64 48.07 6.75 -11.48
CA THR D 64 47.78 6.96 -10.07
C THR D 64 46.37 7.50 -9.89
N TYR D 65 45.86 7.43 -8.65
CA TYR D 65 44.54 7.98 -8.33
C TYR D 65 44.53 9.49 -8.34
N SER D 66 43.42 10.06 -8.79
CA SER D 66 43.12 11.47 -8.59
C SER D 66 42.40 11.69 -7.27
N VAL D 67 42.70 12.80 -6.60
CA VAL D 67 41.96 13.20 -5.41
C VAL D 67 41.89 14.73 -5.30
N ALA D 68 40.71 15.24 -4.94
CA ALA D 68 40.52 16.67 -4.68
C ALA D 68 39.75 16.86 -3.38
N VAL D 69 40.14 17.87 -2.62
CA VAL D 69 39.44 18.23 -1.39
C VAL D 69 38.58 19.45 -1.67
N ILE D 70 37.31 19.37 -1.29
CA ILE D 70 36.39 20.49 -1.49
C ILE D 70 36.07 21.11 -0.14
N LYS D 71 36.30 22.41 -0.02
CA LYS D 71 35.98 23.16 1.19
C LYS D 71 34.50 23.48 1.18
N LEU D 72 33.79 23.03 2.20
CA LEU D 72 32.36 23.30 2.30
C LEU D 72 32.14 24.51 3.19
N PRO D 73 30.96 25.16 3.10
CA PRO D 73 30.62 26.25 4.03
C PRO D 73 30.86 25.88 5.51
N MET D 74 31.54 26.75 6.27
CA MET D 74 31.90 26.46 7.66
C MET D 74 30.65 26.42 8.52
N LEU D 75 30.59 25.47 9.45
CA LEU D 75 29.32 25.14 10.12
C LEU D 75 29.14 25.50 11.60
N ASN D 76 30.19 25.37 12.40
CA ASN D 76 29.99 25.47 13.85
C ASN D 76 30.67 26.67 14.47
N GLU D 77 29.89 27.72 14.67
CA GLU D 77 30.39 28.95 15.26
C GLU D 77 30.86 28.72 16.68
N ASP D 78 30.03 28.00 17.44
CA ASP D 78 30.28 27.71 18.84
C ASP D 78 30.64 26.24 18.99
N MET D 79 31.91 25.98 19.27
CA MET D 79 32.43 24.61 19.40
C MET D 79 32.18 23.99 20.78
N THR D 80 31.65 24.78 21.68
CA THR D 80 31.32 24.26 22.99
C THR D 80 29.90 23.73 23.07
N CYS D 81 29.11 23.93 22.04
CA CYS D 81 27.77 23.44 22.02
C CYS D 81 27.76 21.93 22.14
N ASP D 82 26.68 21.40 22.71
CA ASP D 82 26.67 19.99 23.06
C ASP D 82 26.42 19.15 21.85
N THR D 83 25.83 19.74 20.84
CA THR D 83 25.76 19.12 19.55
C THR D 83 26.41 20.04 18.50
N LEU D 84 26.81 19.45 17.40
CA LEU D 84 27.37 20.17 16.29
C LEU D 84 26.73 19.73 15.00
N LEU D 85 27.03 20.43 13.92
CA LEU D 85 26.56 20.08 12.59
C LEU D 85 27.70 19.59 11.71
N MET D 86 27.38 18.65 10.84
CA MET D 86 28.31 18.20 9.82
C MET D 86 27.57 18.14 8.50
N TRP D 87 28.27 18.47 7.40
CA TRP D 87 27.74 18.22 6.08
C TRP D 87 27.73 16.75 5.80
N GLU D 88 26.60 16.28 5.30
CA GLU D 88 26.38 14.87 4.98
C GLU D 88 26.17 14.76 3.47
N ALA D 89 27.07 14.06 2.79
CA ALA D 89 26.91 13.85 1.35
C ALA D 89 25.74 12.89 1.12
N VAL D 90 24.75 13.34 0.34
CA VAL D 90 23.50 12.60 0.20
C VAL D 90 23.43 11.83 -1.12
N SER D 91 23.86 12.48 -2.18
CA SER D 91 23.83 11.86 -3.48
C SER D 91 24.86 12.51 -4.42
N VAL D 92 25.12 11.83 -5.53
CA VAL D 92 26.11 12.28 -6.49
C VAL D 92 25.71 11.93 -7.92
N LYS D 93 25.85 12.90 -8.82
CA LYS D 93 25.89 12.63 -10.25
C LYS D 93 27.34 12.71 -10.64
N THR D 94 27.80 11.68 -11.35
CA THR D 94 29.17 11.65 -11.78
C THR D 94 29.23 11.17 -13.24
N GLU D 95 30.24 11.63 -13.96
CA GLU D 95 30.33 11.43 -15.41
C GLU D 95 31.80 11.40 -15.83
N VAL D 96 32.15 10.40 -16.64
CA VAL D 96 33.42 10.42 -17.37
C VAL D 96 33.25 11.29 -18.62
N MET D 97 34.11 12.30 -18.75
CA MET D 97 34.00 13.29 -19.81
C MET D 97 34.93 12.99 -20.98
N GLY D 98 34.48 13.35 -22.18
CA GLY D 98 35.29 13.21 -23.38
C GLY D 98 35.34 11.79 -23.90
N ILE D 99 34.37 10.97 -23.50
CA ILE D 99 34.28 9.60 -23.99
C ILE D 99 34.39 9.49 -25.52
N SER D 100 33.66 10.35 -26.23
CA SER D 100 33.63 10.31 -27.69
C SER D 100 34.97 10.66 -28.36
N SER D 101 35.91 11.19 -27.59
CA SER D 101 37.28 11.43 -28.11
C SER D 101 37.97 10.12 -28.54
N LEU D 102 37.52 8.99 -28.00
CA LEU D 102 38.05 7.67 -28.38
C LEU D 102 37.57 7.22 -29.76
N VAL D 103 36.48 7.83 -30.24
CA VAL D 103 35.90 7.48 -31.52
C VAL D 103 36.72 8.19 -32.61
N ASN D 104 37.90 7.64 -32.87
CA ASN D 104 38.94 8.29 -33.62
C ASN D 104 39.79 7.21 -34.24
N LEU D 105 39.68 7.03 -35.56
CA LEU D 105 40.46 6.02 -36.26
C LEU D 105 41.62 6.60 -37.07
N HIS D 106 41.94 7.90 -36.89
CA HIS D 106 43.02 8.52 -37.68
C HIS D 106 44.25 8.86 -36.89
N GLN D 107 44.16 8.79 -35.57
CA GLN D 107 45.31 9.06 -34.69
C GLN D 107 46.49 8.18 -35.09
N GLY D 108 47.69 8.76 -35.12
CA GLY D 108 48.89 7.99 -35.43
C GLY D 108 48.97 6.77 -34.55
N GLY D 109 49.34 5.63 -35.12
CA GLY D 109 49.37 4.39 -34.34
C GLY D 109 49.58 3.17 -35.20
N LYS D 110 48.96 2.06 -34.79
CA LYS D 110 49.13 0.78 -35.45
C LYS D 110 47.91 0.53 -36.33
N TYR D 111 48.15 0.17 -37.59
CA TYR D 111 47.08 -0.07 -38.53
C TYR D 111 46.21 -1.24 -38.07
N ILE D 112 44.89 -1.11 -38.21
CA ILE D 112 43.99 -2.22 -37.91
C ILE D 112 44.28 -3.41 -38.82
N TYR D 113 44.35 -3.16 -40.13
CA TYR D 113 44.76 -4.17 -41.11
C TYR D 113 46.10 -3.76 -41.68
N GLY D 114 46.14 -3.39 -42.97
CA GLY D 114 47.36 -2.87 -43.58
C GLY D 114 47.38 -1.34 -43.59
N SER D 115 48.31 -0.79 -44.36
CA SER D 115 48.58 0.64 -44.32
C SER D 115 47.50 1.51 -44.99
N SER D 116 46.50 0.86 -45.59
CA SER D 116 45.33 1.57 -46.12
C SER D 116 44.22 1.75 -45.08
N SER D 117 44.35 1.08 -43.93
CA SER D 117 43.23 1.05 -42.97
C SER D 117 43.35 2.14 -41.92
N GLY D 118 42.35 2.26 -41.06
CA GLY D 118 42.44 3.16 -39.92
C GLY D 118 43.41 2.57 -38.91
N THR D 119 43.62 3.28 -37.80
CA THR D 119 44.46 2.75 -36.73
C THR D 119 43.64 2.18 -35.56
N ILE D 120 44.28 1.32 -34.77
CA ILE D 120 43.62 0.68 -33.65
C ILE D 120 43.30 1.72 -32.56
N PRO D 121 42.00 1.87 -32.22
CA PRO D 121 41.64 2.84 -31.17
C PRO D 121 42.05 2.33 -29.78
N VAL D 122 41.84 3.17 -28.78
CA VAL D 122 42.18 2.81 -27.41
C VAL D 122 41.35 1.61 -26.93
N GLN D 123 42.04 0.58 -26.45
CA GLN D 123 41.40 -0.65 -26.00
C GLN D 123 42.29 -1.37 -24.97
N GLY D 124 41.79 -2.47 -24.42
CA GLY D 124 42.56 -3.21 -23.41
C GLY D 124 41.99 -2.99 -22.02
N THR D 125 42.80 -3.20 -21.00
CA THR D 125 42.38 -3.08 -19.60
C THR D 125 41.78 -1.70 -19.30
N THR D 126 40.60 -1.70 -18.68
CA THR D 126 39.98 -0.48 -18.15
C THR D 126 39.78 -0.61 -16.63
N LEU D 127 39.89 0.51 -15.93
CA LEU D 127 39.64 0.58 -14.50
C LEU D 127 38.93 1.89 -14.19
N HIS D 128 37.73 1.78 -13.65
CA HIS D 128 36.91 2.93 -13.30
C HIS D 128 36.61 2.91 -11.85
N MET D 129 36.91 4.01 -11.18
CA MET D 129 36.54 4.12 -9.79
C MET D 129 36.19 5.55 -9.44
N PHE D 130 35.13 5.72 -8.64
CA PHE D 130 34.88 7.02 -8.01
C PHE D 130 34.53 6.81 -6.55
N SER D 131 34.92 7.78 -5.72
CA SER D 131 34.54 7.73 -4.32
C SER D 131 34.18 9.10 -3.81
N VAL D 132 33.25 9.15 -2.88
CA VAL D 132 32.87 10.37 -2.17
C VAL D 132 32.92 10.06 -0.68
N GLY D 133 33.74 10.81 0.05
CA GLY D 133 33.89 10.58 1.49
C GLY D 133 34.10 11.84 2.30
N GLY D 134 34.05 11.69 3.62
CA GLY D 134 34.21 12.84 4.53
C GLY D 134 35.60 12.92 5.13
N GLU D 135 36.53 12.20 4.50
CA GLU D 135 37.92 12.08 4.93
C GLU D 135 38.65 11.31 3.80
N PRO D 136 40.00 11.23 3.85
CA PRO D 136 40.68 10.51 2.76
C PRO D 136 40.25 9.04 2.61
N LEU D 137 40.13 8.59 1.38
CA LEU D 137 39.90 7.20 1.07
C LEU D 137 41.02 6.35 1.67
N GLU D 138 40.64 5.29 2.38
CA GLU D 138 41.63 4.43 2.99
C GLU D 138 41.99 3.31 2.02
N LEU D 139 43.29 3.10 1.88
CA LEU D 139 43.84 2.21 0.85
C LEU D 139 44.46 0.98 1.44
N GLN D 140 44.38 -0.13 0.70
CA GLN D 140 45.10 -1.37 1.01
C GLN D 140 46.17 -1.65 -0.09
N GLY D 141 47.36 -2.03 0.34
CA GLY D 141 48.47 -2.31 -0.58
C GLY D 141 48.45 -3.75 -1.01
N LEU D 142 48.66 -3.98 -2.32
CA LEU D 142 48.80 -5.33 -2.88
C LEU D 142 49.35 -5.21 -4.29
N VAL D 143 50.40 -5.98 -4.58
CA VAL D 143 51.10 -5.87 -5.86
C VAL D 143 51.17 -7.20 -6.62
N ALA D 144 51.33 -7.09 -7.94
CA ALA D 144 51.59 -8.25 -8.80
C ALA D 144 52.90 -8.95 -8.43
N SER D 145 53.89 -8.14 -8.05
CA SER D 145 55.23 -8.64 -7.70
C SER D 145 55.91 -7.80 -6.62
N SER D 146 56.29 -8.45 -5.53
CA SER D 146 56.98 -7.77 -4.44
C SER D 146 58.43 -7.42 -4.76
N THR D 147 58.95 -7.96 -5.87
CA THR D 147 60.34 -7.71 -6.26
C THR D 147 60.41 -6.48 -7.18
N THR D 148 59.26 -5.91 -7.52
CA THR D 148 59.21 -4.67 -8.30
C THR D 148 59.83 -3.54 -7.51
N THR D 149 60.71 -2.77 -8.16
CA THR D 149 61.29 -1.58 -7.57
C THR D 149 60.52 -0.35 -8.09
N TYR D 150 59.74 0.28 -7.21
CA TYR D 150 58.93 1.43 -7.61
C TYR D 150 59.71 2.74 -7.50
N PRO D 151 59.35 3.76 -8.31
CA PRO D 151 60.02 5.06 -8.15
C PRO D 151 59.84 5.59 -6.74
N THR D 152 60.92 6.09 -6.15
CA THR D 152 60.95 6.50 -4.74
C THR D 152 60.07 7.71 -4.40
N ASP D 153 59.79 8.56 -5.40
N ASP D 153 59.78 8.58 -5.37
CA ASP D 153 58.98 9.76 -5.23
CA ASP D 153 58.97 9.76 -5.08
C ASP D 153 57.49 9.51 -5.46
C ASP D 153 57.47 9.47 -5.13
N MET D 154 57.10 8.24 -5.44
CA MET D 154 55.71 7.84 -5.45
C MET D 154 55.45 7.24 -4.08
N VAL D 155 54.19 7.13 -3.69
CA VAL D 155 53.86 6.50 -2.42
C VAL D 155 53.51 5.03 -2.68
N THR D 156 54.37 4.14 -2.21
CA THR D 156 54.14 2.71 -2.39
C THR D 156 54.47 2.01 -1.07
N ILE D 157 54.45 0.67 -1.08
CA ILE D 157 54.67 -0.15 0.11
C ILE D 157 56.14 -0.21 0.51
N LYS D 158 56.44 0.15 1.75
CA LYS D 158 57.81 0.14 2.21
C LYS D 158 58.28 -1.27 2.53
N ASN D 159 59.49 -1.60 2.06
CA ASN D 159 60.12 -2.89 2.33
C ASN D 159 59.20 -4.07 2.03
N MET D 160 58.76 -4.17 0.78
CA MET D 160 57.91 -5.28 0.36
C MET D 160 58.56 -6.62 0.61
N LYS D 161 57.75 -7.60 0.96
CA LYS D 161 58.15 -9.00 1.00
C LYS D 161 57.11 -9.76 0.18
N PRO D 162 57.36 -11.06 -0.12
CA PRO D 162 56.41 -11.79 -0.97
C PRO D 162 54.95 -11.75 -0.47
N VAL D 163 54.76 -11.60 0.85
CA VAL D 163 53.42 -11.44 1.45
C VAL D 163 52.58 -10.32 0.80
N ASN D 164 53.25 -9.29 0.28
CA ASN D 164 52.58 -8.16 -0.39
C ASN D 164 51.99 -8.47 -1.76
N GLN D 165 52.26 -9.68 -2.26
CA GLN D 165 51.50 -10.21 -3.39
C GLN D 165 50.09 -10.69 -3.00
N ALA D 166 49.85 -10.77 -1.69
CA ALA D 166 48.52 -11.02 -1.12
C ALA D 166 48.21 -9.98 -0.04
N LEU D 167 47.36 -10.33 0.93
CA LEU D 167 46.97 -9.36 1.96
C LEU D 167 47.95 -9.35 3.13
N ASP D 168 48.74 -8.28 3.18
CA ASP D 168 49.54 -7.92 4.34
C ASP D 168 48.77 -6.85 5.11
N PRO D 169 48.32 -7.17 6.34
CA PRO D 169 47.51 -6.22 7.10
C PRO D 169 48.25 -4.93 7.50
N ASN D 170 49.57 -4.89 7.30
CA ASN D 170 50.35 -3.70 7.62
C ASN D 170 50.51 -2.76 6.44
N ALA D 171 50.09 -3.22 5.26
CA ALA D 171 50.23 -2.43 4.04
C ALA D 171 49.03 -1.52 3.82
N LYS D 172 48.97 -0.43 4.60
CA LYS D 172 47.84 0.52 4.57
C LYS D 172 48.30 1.93 4.23
N ALA D 173 47.39 2.72 3.65
CA ALA D 173 47.65 4.12 3.35
C ALA D 173 46.37 4.95 3.22
N LEU D 174 46.53 6.26 3.17
CA LEU D 174 45.43 7.17 2.88
C LEU D 174 45.69 7.82 1.53
N LEU D 175 44.65 7.95 0.72
CA LEU D 175 44.75 8.70 -0.54
C LEU D 175 44.74 10.20 -0.22
N ASP D 176 45.90 10.73 0.13
CA ASP D 176 45.99 12.13 0.54
C ASP D 176 46.84 12.97 -0.41
N LYS D 177 47.22 12.40 -1.55
CA LYS D 177 48.00 13.11 -2.57
C LYS D 177 47.50 12.74 -3.94
N ASP D 178 47.28 13.75 -4.77
CA ASP D 178 46.84 13.57 -6.15
C ASP D 178 48.02 13.12 -6.99
N GLY D 179 47.81 12.12 -7.83
CA GLY D 179 48.86 11.66 -8.74
C GLY D 179 50.12 11.12 -8.09
N LYS D 180 49.97 10.42 -6.95
CA LYS D 180 51.12 9.85 -6.22
C LYS D 180 50.96 8.37 -5.86
N TYR D 181 49.72 7.87 -5.85
CA TYR D 181 49.40 6.53 -5.38
C TYR D 181 49.05 5.63 -6.58
N PRO D 182 49.98 4.74 -6.98
CA PRO D 182 49.74 3.93 -8.18
C PRO D 182 48.56 2.98 -7.99
N VAL D 183 47.71 2.85 -9.01
CA VAL D 183 46.56 1.96 -8.88
C VAL D 183 47.00 0.49 -8.79
N GLU D 184 48.17 0.18 -9.34
CA GLU D 184 48.62 -1.21 -9.33
C GLU D 184 49.20 -1.61 -7.97
N VAL D 185 49.25 -0.67 -7.04
CA VAL D 185 49.78 -0.94 -5.71
C VAL D 185 48.65 -0.84 -4.66
N TRP D 186 47.76 0.12 -4.85
CA TRP D 186 46.74 0.45 -3.85
C TRP D 186 45.33 0.25 -4.36
N SER D 187 44.44 -0.25 -3.52
CA SER D 187 43.02 -0.29 -3.84
C SER D 187 42.21 0.07 -2.57
N PRO D 188 40.90 0.40 -2.72
CA PRO D 188 40.13 0.78 -1.54
C PRO D 188 40.08 -0.33 -0.51
N ASP D 189 40.28 0.03 0.75
CA ASP D 189 40.34 -0.92 1.84
C ASP D 189 38.92 -1.17 2.38
N PRO D 190 38.33 -2.36 2.10
CA PRO D 190 36.95 -2.65 2.56
C PRO D 190 36.83 -2.85 4.06
N SER D 191 37.96 -3.03 4.76
CA SER D 191 37.91 -3.16 6.22
C SER D 191 37.80 -1.80 6.94
N LYS D 192 37.83 -0.72 6.18
CA LYS D 192 37.57 0.60 6.79
C LYS D 192 36.61 1.34 5.89
N ASN D 193 36.93 2.60 5.58
CA ASN D 193 36.10 3.41 4.71
C ASN D 193 34.64 3.51 5.17
N GLU D 194 34.42 3.48 6.48
CA GLU D 194 33.07 3.62 7.06
C GLU D 194 32.46 4.98 6.64
N ASN D 195 33.31 5.98 6.44
CA ASN D 195 32.87 7.34 6.19
C ASN D 195 33.11 7.79 4.73
N THR D 196 33.20 6.82 3.84
CA THR D 196 33.40 7.04 2.40
C THR D 196 32.57 6.02 1.64
N ARG D 197 31.97 6.43 0.53
CA ARG D 197 31.38 5.45 -0.40
C ARG D 197 32.26 5.39 -1.63
N TYR D 198 32.66 4.19 -2.03
CA TYR D 198 33.44 4.00 -3.26
C TYR D 198 32.79 2.97 -4.19
N TYR D 199 33.00 3.15 -5.50
CA TYR D 199 32.36 2.34 -6.54
C TYR D 199 33.36 2.11 -7.67
N GLY D 200 33.57 0.84 -8.00
CA GLY D 200 34.69 0.47 -8.86
C GLY D 200 34.37 -0.68 -9.81
N SER D 201 35.03 -0.64 -10.96
CA SER D 201 34.71 -1.46 -12.08
C SER D 201 35.99 -1.76 -12.86
N PHE D 202 36.29 -3.06 -13.02
CA PHE D 202 37.48 -3.51 -13.71
C PHE D 202 37.14 -4.53 -14.80
N THR D 203 37.67 -4.28 -16.01
CA THR D 203 37.77 -5.33 -17.05
C THR D 203 39.22 -5.38 -17.56
N GLY D 204 39.78 -6.59 -17.63
CA GLY D 204 41.18 -6.77 -18.00
C GLY D 204 41.37 -7.09 -19.46
N GLY D 205 42.41 -7.87 -19.75
CA GLY D 205 42.76 -8.20 -21.14
C GLY D 205 43.60 -7.12 -21.81
N ALA D 206 44.21 -7.47 -22.95
CA ALA D 206 45.11 -6.57 -23.66
C ALA D 206 44.43 -5.83 -24.80
N THR D 207 43.40 -6.42 -25.38
CA THR D 207 42.75 -5.79 -26.54
C THR D 207 41.24 -5.60 -26.36
N THR D 208 40.75 -5.78 -25.14
CA THR D 208 39.32 -5.73 -24.83
C THR D 208 38.71 -4.39 -25.24
N PRO D 209 37.53 -4.41 -25.92
CA PRO D 209 36.83 -3.18 -26.28
C PRO D 209 36.34 -2.44 -25.03
N PRO D 210 36.64 -1.13 -24.94
CA PRO D 210 36.11 -0.35 -23.81
C PRO D 210 34.60 -0.14 -23.96
N VAL D 211 33.89 -0.13 -22.83
CA VAL D 211 32.45 0.07 -22.81
C VAL D 211 32.14 1.20 -21.82
N MET D 212 31.46 2.25 -22.26
CA MET D 212 31.12 3.34 -21.34
C MET D 212 29.78 3.97 -21.64
N GLN D 213 29.10 4.43 -20.59
CA GLN D 213 27.82 5.14 -20.72
C GLN D 213 28.04 6.58 -20.32
N PHE D 214 27.17 7.44 -20.83
CA PHE D 214 27.13 8.82 -20.36
C PHE D 214 25.72 9.38 -20.45
N THR D 215 25.29 10.00 -19.37
CA THR D 215 23.95 10.61 -19.30
C THR D 215 23.96 11.69 -18.21
N ASN D 216 22.92 12.51 -18.15
CA ASN D 216 22.77 13.39 -16.99
C ASN D 216 21.51 13.06 -16.19
N SER D 217 21.03 11.82 -16.36
CA SER D 217 19.75 11.39 -15.80
C SER D 217 19.90 10.40 -14.64
N VAL D 218 21.13 10.11 -14.25
CA VAL D 218 21.40 9.06 -13.26
C VAL D 218 22.04 9.64 -12.01
N THR D 219 21.49 9.28 -10.85
CA THR D 219 22.00 9.73 -9.56
C THR D 219 22.33 8.52 -8.69
N THR D 220 23.40 8.61 -7.91
CA THR D 220 23.74 7.56 -6.95
C THR D 220 23.53 8.10 -5.56
N VAL D 221 22.68 7.41 -4.77
CA VAL D 221 22.40 7.81 -3.38
C VAL D 221 23.52 7.28 -2.48
N LEU D 222 24.05 8.15 -1.62
CA LEU D 222 25.24 7.83 -0.83
C LEU D 222 24.94 7.33 0.60
N LEU D 223 23.66 7.29 0.96
CA LEU D 223 23.25 6.89 2.31
C LEU D 223 23.53 5.41 2.60
N ASP D 224 24.04 5.11 3.80
CA ASP D 224 24.24 3.73 4.19
C ASP D 224 22.91 3.10 4.65
N GLU D 225 22.98 1.90 5.22
CA GLU D 225 21.77 1.20 5.62
C GLU D 225 21.02 1.87 6.78
N ASN D 226 21.71 2.77 7.49
CA ASN D 226 21.09 3.58 8.54
C ASN D 226 20.62 4.93 8.04
N GLY D 227 20.75 5.18 6.74
CA GLY D 227 20.31 6.44 6.16
C GLY D 227 21.29 7.57 6.38
N VAL D 228 22.56 7.23 6.62
CA VAL D 228 23.59 8.23 6.87
C VAL D 228 24.62 8.20 5.75
N GLY D 229 24.87 9.38 5.19
CA GLY D 229 25.90 9.56 4.17
C GLY D 229 27.25 9.88 4.78
N PRO D 230 28.29 9.98 3.94
CA PRO D 230 29.60 10.42 4.43
C PRO D 230 29.45 11.77 5.15
N LEU D 231 30.08 11.87 6.32
CA LEU D 231 30.06 13.09 7.13
C LEU D 231 31.40 13.82 7.00
N CYS D 232 31.34 15.08 6.57
CA CYS D 232 32.54 15.80 6.17
C CYS D 232 33.31 16.39 7.35
N LYS D 233 34.36 15.71 7.77
CA LYS D 233 35.18 16.17 8.88
C LYS D 233 35.90 17.47 8.51
N GLY D 234 35.86 18.43 9.44
CA GLY D 234 36.44 19.76 9.23
C GLY D 234 35.87 20.48 8.03
N ASP D 235 34.61 20.16 7.68
CA ASP D 235 33.91 20.76 6.53
C ASP D 235 34.65 20.54 5.21
N LYS D 236 35.26 19.36 5.07
CA LYS D 236 35.97 18.96 3.85
C LYS D 236 35.35 17.73 3.19
N LEU D 237 35.15 17.83 1.89
CA LEU D 237 34.64 16.72 1.08
C LEU D 237 35.76 16.17 0.22
N PHE D 238 35.97 14.86 0.29
CA PHE D 238 37.00 14.19 -0.50
C PHE D 238 36.41 13.48 -1.72
N LEU D 239 36.87 13.90 -2.90
CA LEU D 239 36.50 13.25 -4.16
C LEU D 239 37.72 12.58 -4.78
N SER D 240 37.58 11.29 -5.04
CA SER D 240 38.65 10.49 -5.63
C SER D 240 38.17 9.76 -6.87
N ALA D 241 39.12 9.37 -7.73
CA ALA D 241 38.81 8.79 -9.03
C ALA D 241 40.02 8.17 -9.70
N VAL D 242 39.74 7.18 -10.54
CA VAL D 242 40.63 6.78 -11.62
C VAL D 242 39.75 6.29 -12.76
N ASP D 243 40.08 6.70 -13.97
CA ASP D 243 39.33 6.29 -15.15
C ASP D 243 40.29 5.98 -16.30
N ILE D 244 40.88 4.79 -16.23
CA ILE D 244 41.74 4.26 -17.28
C ILE D 244 40.79 3.67 -18.31
N VAL D 245 40.79 4.23 -19.51
CA VAL D 245 39.86 3.78 -20.55
C VAL D 245 40.51 2.79 -21.54
N GLY D 246 41.77 2.42 -21.25
CA GLY D 246 42.50 1.46 -22.05
C GLY D 246 43.91 1.89 -22.43
N ILE D 247 44.41 1.31 -23.51
CA ILE D 247 45.79 1.43 -23.94
C ILE D 247 45.82 1.92 -25.37
N HIS D 248 46.54 3.00 -25.62
CA HIS D 248 46.82 3.38 -27.00
C HIS D 248 48.09 2.73 -27.51
N THR D 249 47.99 2.00 -28.61
CA THR D 249 49.16 1.38 -29.23
C THR D 249 49.78 2.28 -30.34
N ASN D 250 51.09 2.50 -30.25
CA ASN D 250 51.81 3.37 -31.20
C ASN D 250 52.36 2.59 -32.39
N TYR D 251 52.83 3.31 -33.41
CA TYR D 251 53.33 2.65 -34.62
C TYR D 251 54.40 1.61 -34.34
N SER D 252 55.35 1.95 -33.47
CA SER D 252 56.42 1.03 -33.10
C SER D 252 55.95 -0.08 -32.17
N GLU D 253 54.68 -0.03 -31.76
CA GLU D 253 54.06 -1.00 -30.84
C GLU D 253 54.33 -0.68 -29.38
N SER D 254 55.01 0.44 -29.14
CA SER D 254 55.09 0.98 -27.79
C SER D 254 53.66 1.31 -27.37
N GLN D 255 53.41 1.35 -26.06
CA GLN D 255 52.04 1.56 -25.57
C GLN D 255 51.89 2.61 -24.46
N ASN D 256 50.80 3.38 -24.53
CA ASN D 256 50.47 4.38 -23.51
C ASN D 256 49.08 4.14 -22.94
N TRP D 257 49.00 4.10 -21.60
CA TRP D 257 47.72 4.11 -20.91
C TRP D 257 46.99 5.39 -21.25
N ARG D 258 45.68 5.29 -21.46
CA ARG D 258 44.85 6.47 -21.70
C ARG D 258 43.81 6.61 -20.59
N GLY D 259 43.67 7.82 -20.06
CA GLY D 259 42.67 8.12 -19.04
C GLY D 259 41.79 9.31 -19.40
N LEU D 260 40.66 9.46 -18.71
CA LEU D 260 39.71 10.55 -18.99
C LEU D 260 39.30 11.24 -17.70
N PRO D 261 38.97 12.55 -17.77
CA PRO D 261 38.62 13.23 -16.53
C PRO D 261 37.22 12.83 -16.05
N ARG D 262 36.97 13.06 -14.76
CA ARG D 262 35.69 12.73 -14.16
C ARG D 262 35.03 13.95 -13.52
N TYR D 263 33.75 14.15 -13.85
CA TYR D 263 32.93 15.20 -13.24
C TYR D 263 32.15 14.67 -12.02
N PHE D 264 32.04 15.50 -10.98
CA PHE D 264 31.26 15.21 -9.77
C PHE D 264 30.24 16.33 -9.52
N ASN D 265 29.00 15.96 -9.15
CA ASN D 265 28.03 16.93 -8.60
C ASN D 265 27.43 16.31 -7.35
N VAL D 266 27.73 16.88 -6.19
CA VAL D 266 27.36 16.26 -4.93
C VAL D 266 26.39 17.17 -4.20
N THR D 267 25.28 16.59 -3.73
CA THR D 267 24.33 17.31 -2.90
C THR D 267 24.54 16.89 -1.45
N LEU D 268 24.63 17.88 -0.56
CA LEU D 268 24.90 17.65 0.86
C LEU D 268 23.86 18.32 1.75
N ARG D 269 23.63 17.74 2.93
CA ARG D 269 22.67 18.31 3.88
C ARG D 269 23.34 18.39 5.24
N LYS D 270 22.76 19.18 6.14
CA LYS D 270 23.30 19.33 7.49
C LYS D 270 22.79 18.21 8.40
N ARG D 271 23.72 17.59 9.12
CA ARG D 271 23.39 16.48 10.01
C ARG D 271 23.86 16.82 11.42
N VAL D 272 23.00 16.61 12.42
CA VAL D 272 23.36 16.89 13.81
C VAL D 272 24.22 15.75 14.37
N VAL D 273 25.31 16.09 15.04
CA VAL D 273 26.14 15.09 15.70
C VAL D 273 26.39 15.54 17.13
N LYS D 274 26.65 14.57 18.00
CA LYS D 274 27.03 14.83 19.38
C LYS D 274 28.47 15.37 19.41
N ASN D 275 28.72 16.34 20.28
CA ASN D 275 30.06 16.94 20.38
C ASN D 275 31.06 16.01 21.06
N PRO D 276 32.16 15.66 20.37
CA PRO D 276 33.27 14.92 20.98
C PRO D 276 34.34 15.85 21.58
N VAL E 7 14.69 31.64 -14.60
CA VAL E 7 13.21 31.69 -14.65
C VAL E 7 12.60 30.78 -13.58
N GLU E 8 11.69 31.33 -12.78
CA GLU E 8 11.01 30.56 -11.76
C GLU E 8 9.95 29.65 -12.40
N VAL E 9 10.10 28.35 -12.20
CA VAL E 9 9.18 27.36 -12.74
C VAL E 9 8.04 27.11 -11.78
N LEU E 10 6.81 27.24 -12.27
CA LEU E 10 5.64 27.00 -11.45
C LEU E 10 5.01 25.65 -11.78
N GLU E 11 3.69 25.55 -11.65
CA GLU E 11 3.00 24.27 -11.81
C GLU E 11 2.67 23.97 -13.28
N VAL E 12 2.32 22.70 -13.53
CA VAL E 12 1.83 22.26 -14.84
C VAL E 12 0.45 22.85 -15.11
N ARG E 13 0.26 23.36 -16.33
CA ARG E 13 -1.04 23.85 -16.75
C ARG E 13 -1.96 22.67 -17.08
N THR E 14 -3.03 22.52 -16.31
CA THR E 14 -4.02 21.48 -16.59
C THR E 14 -5.09 22.04 -17.51
N GLY E 15 -5.91 21.16 -18.09
CA GLY E 15 -7.03 21.59 -18.93
C GLY E 15 -6.94 20.93 -20.29
N PRO E 16 -7.99 21.10 -21.13
CA PRO E 16 -7.96 20.58 -22.50
C PRO E 16 -6.83 21.20 -23.31
N ASP E 17 -6.40 20.52 -24.37
CA ASP E 17 -5.36 21.02 -25.29
C ASP E 17 -4.07 21.48 -24.61
N ALA E 18 -3.71 20.82 -23.50
CA ALA E 18 -2.49 21.15 -22.80
C ALA E 18 -1.29 20.32 -23.27
N ILE E 19 -1.56 19.32 -24.11
CA ILE E 19 -0.55 18.34 -24.53
C ILE E 19 -0.27 18.46 -26.03
N THR E 20 0.99 18.33 -26.44
CA THR E 20 1.28 18.24 -27.87
C THR E 20 2.30 17.15 -28.19
N GLN E 21 2.30 16.68 -29.43
CA GLN E 21 3.28 15.68 -29.90
C GLN E 21 3.96 16.15 -31.16
N ILE E 22 5.27 15.92 -31.24
CA ILE E 22 5.99 16.11 -32.50
C ILE E 22 6.75 14.83 -32.85
N GLU E 23 7.05 14.68 -34.13
CA GLU E 23 7.94 13.64 -34.56
C GLU E 23 8.91 14.21 -35.59
N ALA E 24 10.09 13.59 -35.68
CA ALA E 24 11.14 14.06 -36.55
C ALA E 24 12.18 12.96 -36.74
N TYR E 25 12.93 13.05 -37.82
CA TYR E 25 14.10 12.19 -37.99
C TYR E 25 15.34 13.00 -38.34
N LEU E 26 16.48 12.50 -37.88
CA LEU E 26 17.76 13.14 -38.13
C LEU E 26 18.63 12.15 -38.91
N ASN E 27 19.03 12.57 -40.11
CA ASN E 27 19.98 11.81 -40.91
C ASN E 27 21.40 11.89 -40.37
N PRO E 28 22.16 10.80 -40.49
CA PRO E 28 23.50 10.81 -39.94
C PRO E 28 24.43 11.76 -40.72
N ARG E 29 25.45 12.26 -40.04
CA ARG E 29 26.45 13.11 -40.66
C ARG E 29 27.80 12.49 -40.39
N MET E 30 28.15 11.49 -41.20
CA MET E 30 29.38 10.74 -41.00
C MET E 30 30.58 11.37 -41.72
N GLY E 31 30.32 12.36 -42.56
CA GLY E 31 31.38 13.01 -43.33
C GLY E 31 30.97 13.24 -44.77
N ASN E 32 30.41 12.22 -45.40
CA ASN E 32 29.68 12.41 -46.65
C ASN E 32 28.27 12.79 -46.26
N ASN E 33 28.05 14.11 -46.16
CA ASN E 33 26.87 14.65 -45.52
C ASN E 33 25.83 15.21 -46.47
N ASN E 34 26.10 15.05 -47.76
CA ASN E 34 25.25 15.57 -48.80
C ASN E 34 24.50 14.39 -49.43
N PRO E 35 23.16 14.47 -49.54
CA PRO E 35 22.36 13.32 -50.04
C PRO E 35 22.63 12.92 -51.49
N THR E 36 23.45 13.70 -52.19
CA THR E 36 23.91 13.32 -53.51
C THR E 36 25.29 12.65 -53.46
N ASP E 37 25.93 12.64 -52.28
CA ASP E 37 27.22 11.96 -52.17
C ASP E 37 26.99 10.47 -52.37
N GLU E 38 27.85 9.88 -53.20
CA GLU E 38 27.83 8.46 -53.45
C GLU E 38 27.83 7.64 -52.16
N LEU E 39 28.65 8.07 -51.20
CA LEU E 39 28.75 7.42 -49.91
C LEU E 39 28.00 8.16 -48.82
N TYR E 40 26.84 8.72 -49.15
CA TYR E 40 26.00 9.37 -48.18
C TYR E 40 25.70 8.37 -47.08
N GLY E 41 25.91 8.79 -45.83
CA GLY E 41 25.67 7.92 -44.67
C GLY E 41 26.92 7.20 -44.20
N TYR E 42 28.05 7.51 -44.85
CA TYR E 42 29.36 7.01 -44.48
C TYR E 42 30.36 8.16 -44.45
N SER E 43 31.48 7.97 -43.76
CA SER E 43 32.64 8.85 -43.94
C SER E 43 33.36 8.48 -45.23
N ALA E 44 34.21 9.39 -45.72
CA ALA E 44 35.19 9.06 -46.75
C ALA E 44 36.23 8.10 -46.17
N ASP E 45 37.15 7.60 -47.02
CA ASP E 45 38.21 6.70 -46.53
C ASP E 45 39.02 7.44 -45.47
N ILE E 46 39.15 6.85 -44.28
CA ILE E 46 39.90 7.47 -43.17
C ILE E 46 41.32 7.79 -43.64
N ASN E 47 41.75 9.04 -43.50
CA ASN E 47 43.15 9.37 -43.76
C ASN E 47 43.93 9.47 -42.44
N VAL E 48 44.92 8.60 -42.30
CA VAL E 48 45.59 8.39 -41.02
C VAL E 48 46.73 9.40 -40.83
N ALA E 49 47.00 9.78 -39.59
CA ALA E 49 48.17 10.61 -39.27
C ALA E 49 49.44 9.87 -39.62
N SER E 50 50.46 10.57 -40.07
CA SER E 50 51.76 9.91 -40.26
C SER E 50 52.61 10.03 -39.01
N SER E 51 52.27 10.97 -38.13
CA SER E 51 53.01 11.15 -36.90
C SER E 51 52.16 11.85 -35.86
N LYS E 52 52.70 11.96 -34.66
CA LYS E 52 52.11 12.80 -33.62
C LYS E 52 51.98 14.24 -34.16
N ALA E 53 53.06 14.74 -34.76
CA ALA E 53 53.10 16.13 -35.25
C ALA E 53 52.20 16.39 -36.45
N SER E 54 52.03 15.39 -37.32
CA SER E 54 51.37 15.60 -38.58
C SER E 54 50.11 14.75 -38.71
N ASP E 55 48.96 15.40 -38.46
CA ASP E 55 47.68 14.73 -38.39
C ASP E 55 46.60 15.68 -38.88
N ASN E 56 46.19 15.51 -40.13
CA ASN E 56 45.21 16.37 -40.77
C ASN E 56 44.02 15.59 -41.31
N PRO E 57 43.12 15.13 -40.43
CA PRO E 57 41.95 14.42 -40.94
C PRO E 57 41.14 15.26 -41.92
N ASN E 58 40.72 14.68 -43.03
CA ASN E 58 39.84 15.38 -43.94
C ASN E 58 38.48 15.58 -43.27
N ALA E 59 37.82 16.69 -43.60
CA ALA E 59 36.45 16.96 -43.12
C ALA E 59 35.49 15.79 -43.35
N THR E 60 35.64 15.14 -44.51
CA THR E 60 34.76 14.07 -44.92
C THR E 60 35.01 12.74 -44.16
N THR E 61 36.06 12.70 -43.33
CA THR E 61 36.37 11.49 -42.56
C THR E 61 36.00 11.62 -41.08
N LEU E 62 35.40 12.75 -40.69
CA LEU E 62 35.10 13.03 -39.29
C LEU E 62 33.60 13.10 -39.02
N PRO E 63 33.05 12.07 -38.33
CA PRO E 63 31.62 12.09 -38.02
C PRO E 63 31.27 13.25 -37.08
N THR E 64 30.13 13.88 -37.35
CA THR E 64 29.70 15.04 -36.56
C THR E 64 28.32 14.84 -35.95
N TYR E 65 27.97 15.67 -34.97
CA TYR E 65 26.64 15.56 -34.35
C TYR E 65 25.55 16.03 -35.29
N SER E 66 24.41 15.34 -35.25
CA SER E 66 23.21 15.83 -35.91
C SER E 66 22.43 16.68 -34.91
N VAL E 67 21.77 17.72 -35.40
CA VAL E 67 20.88 18.54 -34.57
C VAL E 67 19.76 19.16 -35.42
N ALA E 68 18.52 19.07 -34.93
CA ALA E 68 17.41 19.76 -35.54
C ALA E 68 16.70 20.63 -34.50
N VAL E 69 16.14 21.75 -34.95
CA VAL E 69 15.33 22.61 -34.10
C VAL E 69 13.89 22.48 -34.58
N ILE E 70 12.99 22.10 -33.68
CA ILE E 70 11.56 22.01 -33.99
C ILE E 70 10.84 23.23 -33.41
N LYS E 71 10.19 23.99 -34.27
CA LYS E 71 9.42 25.15 -33.83
C LYS E 71 8.04 24.70 -33.37
N LEU E 72 7.71 25.02 -32.13
CA LEU E 72 6.44 24.62 -31.51
C LEU E 72 5.41 25.74 -31.58
N PRO E 73 4.11 25.43 -31.38
CA PRO E 73 3.07 26.46 -31.38
C PRO E 73 3.36 27.58 -30.37
N MET E 74 3.18 28.83 -30.79
CA MET E 74 3.38 29.99 -29.93
C MET E 74 2.36 29.93 -28.79
N LEU E 75 2.83 30.20 -27.58
CA LEU E 75 1.97 30.05 -26.40
C LEU E 75 1.52 31.37 -25.78
N ASN E 76 2.31 32.41 -25.96
CA ASN E 76 2.04 33.65 -25.23
C ASN E 76 1.51 34.80 -26.08
N ASP E 78 0.71 37.47 -26.29
CA ASP E 78 0.90 38.48 -25.26
C ASP E 78 2.09 38.15 -24.36
N MET E 79 2.90 39.16 -24.04
CA MET E 79 4.08 38.98 -23.19
C MET E 79 4.02 39.80 -21.90
N THR E 80 2.86 40.36 -21.61
CA THR E 80 2.70 41.34 -20.56
C THR E 80 2.05 40.81 -19.30
N CYS E 81 1.94 39.51 -19.12
CA CYS E 81 1.24 38.99 -17.95
C CYS E 81 2.17 38.48 -16.87
N ASP E 82 1.66 38.29 -15.66
CA ASP E 82 2.50 37.89 -14.55
C ASP E 82 3.19 36.55 -14.73
N THR E 83 2.55 35.65 -15.43
CA THR E 83 3.09 34.35 -15.70
C THR E 83 3.00 34.09 -17.17
N LEU E 84 3.82 33.15 -17.63
CA LEU E 84 3.90 32.74 -19.01
C LEU E 84 3.79 31.21 -19.11
N LEU E 85 3.62 30.70 -20.32
CA LEU E 85 3.61 29.27 -20.54
C LEU E 85 4.77 28.87 -21.45
N MET E 86 5.41 27.76 -21.13
CA MET E 86 6.44 27.16 -21.96
C MET E 86 6.07 25.71 -22.24
N TRP E 87 6.47 25.20 -23.40
CA TRP E 87 6.34 23.79 -23.71
C TRP E 87 7.36 23.03 -22.96
N GLU E 88 6.90 21.96 -22.29
CA GLU E 88 7.76 21.12 -21.46
C GLU E 88 7.81 19.71 -22.06
N ALA E 89 9.01 19.29 -22.46
CA ALA E 89 9.20 17.96 -23.04
C ALA E 89 9.06 16.89 -21.95
N VAL E 90 8.05 16.04 -22.08
CA VAL E 90 7.73 15.11 -20.99
C VAL E 90 8.28 13.70 -21.23
N SER E 91 8.19 13.24 -22.47
CA SER E 91 8.66 11.91 -22.81
C SER E 91 9.01 11.81 -24.29
N VAL E 92 9.84 10.82 -24.61
CA VAL E 92 10.31 10.58 -25.97
C VAL E 92 10.33 9.07 -26.30
N LYS E 93 9.83 8.71 -27.48
CA LYS E 93 10.11 7.42 -28.08
C LYS E 93 11.16 7.69 -29.12
N THR E 94 12.25 6.95 -29.07
CA THR E 94 13.30 7.18 -30.04
C THR E 94 13.77 5.85 -30.61
N GLU E 95 14.22 5.87 -31.88
CA GLU E 95 14.55 4.64 -32.60
C GLU E 95 15.65 4.89 -33.64
N VAL E 96 16.63 4.00 -33.66
CA VAL E 96 17.64 4.00 -34.71
C VAL E 96 17.10 3.18 -35.88
N MET E 97 17.01 3.82 -37.05
CA MET E 97 16.31 3.22 -38.20
C MET E 97 17.25 2.52 -39.18
N GLY E 98 16.74 1.50 -39.86
CA GLY E 98 17.52 0.74 -40.84
C GLY E 98 18.61 -0.13 -40.24
N ILE E 99 18.39 -0.61 -39.02
CA ILE E 99 19.35 -1.48 -38.36
C ILE E 99 19.61 -2.74 -39.20
N SER E 100 18.54 -3.27 -39.81
CA SER E 100 18.68 -4.55 -40.52
C SER E 100 19.47 -4.41 -41.83
N SER E 101 19.75 -3.17 -42.24
CA SER E 101 20.58 -2.91 -43.42
C SER E 101 22.00 -3.44 -43.24
N LEU E 102 22.44 -3.55 -41.98
CA LEU E 102 23.74 -4.15 -41.66
C LEU E 102 23.81 -5.66 -41.91
N VAL E 103 22.64 -6.29 -41.98
CA VAL E 103 22.54 -7.76 -42.14
C VAL E 103 22.70 -8.10 -43.62
N ASN E 104 23.95 -8.07 -44.08
CA ASN E 104 24.29 -8.01 -45.49
C ASN E 104 25.73 -8.51 -45.63
N LEU E 105 25.90 -9.65 -46.27
CA LEU E 105 27.22 -10.25 -46.42
C LEU E 105 27.77 -10.19 -47.85
N HIS E 106 27.05 -9.49 -48.74
CA HIS E 106 27.46 -9.45 -50.15
C HIS E 106 28.04 -8.11 -50.57
N GLN E 107 27.85 -7.08 -49.74
CA GLN E 107 28.44 -5.76 -50.03
C GLN E 107 29.94 -5.87 -50.29
N GLY E 108 30.38 -5.22 -51.36
CA GLY E 108 31.80 -5.23 -51.71
C GLY E 108 32.64 -4.88 -50.50
N GLY E 109 33.69 -5.64 -50.26
CA GLY E 109 34.53 -5.42 -49.09
C GLY E 109 35.62 -6.46 -48.94
N LYS E 110 35.94 -6.74 -47.68
CA LYS E 110 37.00 -7.69 -47.32
C LYS E 110 36.37 -9.04 -46.98
N TYR E 111 36.87 -10.11 -47.58
CA TYR E 111 36.30 -11.44 -47.36
C TYR E 111 36.47 -11.88 -45.92
N ILE E 112 35.47 -12.57 -45.38
CA ILE E 112 35.58 -13.14 -44.04
C ILE E 112 36.71 -14.20 -43.99
N TYR E 113 36.68 -15.14 -44.92
CA TYR E 113 37.76 -16.10 -45.07
C TYR E 113 38.51 -15.81 -46.37
N GLY E 114 38.63 -16.80 -47.26
CA GLY E 114 39.11 -16.57 -48.62
C GLY E 114 38.00 -16.07 -49.53
N SER E 115 38.24 -16.08 -50.84
CA SER E 115 37.37 -15.36 -51.80
C SER E 115 36.06 -16.07 -52.16
N SER E 116 35.82 -17.25 -51.58
CA SER E 116 34.53 -17.93 -51.71
C SER E 116 33.52 -17.50 -50.64
N SER E 117 33.98 -16.79 -49.60
CA SER E 117 33.14 -16.42 -48.46
C SER E 117 32.41 -15.08 -48.64
N GLY E 118 31.51 -14.76 -47.73
CA GLY E 118 30.87 -13.44 -47.70
C GLY E 118 31.89 -12.43 -47.19
N THR E 119 31.50 -11.17 -47.15
CA THR E 119 32.40 -10.11 -46.72
C THR E 119 32.13 -9.67 -45.27
N ILE E 120 33.14 -9.10 -44.62
CA ILE E 120 33.00 -8.64 -43.24
C ILE E 120 32.00 -7.49 -43.16
N PRO E 121 30.98 -7.61 -42.29
CA PRO E 121 29.96 -6.58 -42.14
C PRO E 121 30.47 -5.41 -41.31
N VAL E 122 29.68 -4.33 -41.25
CA VAL E 122 30.04 -3.16 -40.44
C VAL E 122 30.28 -3.61 -38.98
N GLN E 123 31.45 -3.28 -38.44
CA GLN E 123 31.80 -3.66 -37.06
C GLN E 123 32.84 -2.71 -36.47
N GLY E 124 33.20 -2.90 -35.21
CA GLY E 124 34.15 -2.01 -34.54
C GLY E 124 33.44 -0.96 -33.69
N THR E 125 34.11 0.18 -33.48
CA THR E 125 33.63 1.24 -32.57
C THR E 125 32.19 1.70 -32.85
N THR E 126 31.39 1.81 -31.79
CA THR E 126 30.05 2.39 -31.91
C THR E 126 29.86 3.54 -30.92
N LEU E 127 29.05 4.52 -31.33
CA LEU E 127 28.67 5.63 -30.46
C LEU E 127 27.23 6.00 -30.74
N HIS E 128 26.39 5.84 -29.74
CA HIS E 128 24.98 6.23 -29.81
C HIS E 128 24.71 7.29 -28.80
N MET E 129 24.12 8.39 -29.25
CA MET E 129 23.67 9.42 -28.35
C MET E 129 22.39 10.06 -28.86
N PHE E 130 21.46 10.31 -27.95
CA PHE E 130 20.37 11.22 -28.25
C PHE E 130 20.13 12.21 -27.12
N SER E 131 19.58 13.37 -27.46
CA SER E 131 19.27 14.38 -26.48
C SER E 131 18.04 15.17 -26.89
N VAL E 132 17.26 15.57 -25.88
CA VAL E 132 16.07 16.39 -26.05
C VAL E 132 16.23 17.56 -25.10
N GLY E 133 16.18 18.79 -25.63
CA GLY E 133 16.43 19.98 -24.84
C GLY E 133 15.59 21.16 -25.26
N GLY E 134 15.51 22.16 -24.38
CA GLY E 134 14.78 23.40 -24.68
C GLY E 134 15.69 24.51 -25.16
N GLU E 135 16.91 24.12 -25.51
CA GLU E 135 17.98 25.00 -25.99
C GLU E 135 19.13 24.09 -26.49
N PRO E 136 20.16 24.66 -27.15
CA PRO E 136 21.24 23.80 -27.66
C PRO E 136 21.95 22.98 -26.59
N LEU E 137 22.27 21.71 -26.92
CA LEU E 137 23.14 20.89 -26.11
C LEU E 137 24.45 21.64 -25.86
N GLU E 138 24.87 21.65 -24.60
CA GLU E 138 26.11 22.31 -24.22
C GLU E 138 27.22 21.28 -24.25
N LEU E 139 28.34 21.66 -24.87
CA LEU E 139 29.42 20.72 -25.19
C LEU E 139 30.72 21.04 -24.44
N GLN E 140 31.49 20.00 -24.16
CA GLN E 140 32.84 20.13 -23.63
C GLN E 140 33.82 19.59 -24.66
N GLY E 141 34.93 20.29 -24.83
CA GLY E 141 35.96 19.87 -25.79
C GLY E 141 37.04 19.03 -25.15
N LEU E 142 37.41 17.96 -25.84
CA LEU E 142 38.47 17.04 -25.42
C LEU E 142 38.83 16.15 -26.60
N VAL E 143 40.13 16.07 -26.89
CA VAL E 143 40.65 15.38 -28.07
C VAL E 143 41.74 14.36 -27.71
N ALA E 144 41.92 13.35 -28.56
CA ALA E 144 43.03 12.41 -28.40
C ALA E 144 44.38 13.10 -28.52
N SER E 145 44.49 14.09 -29.41
CA SER E 145 45.77 14.76 -29.63
C SER E 145 45.63 16.24 -29.93
N SER E 146 46.32 17.06 -29.14
CA SER E 146 46.23 18.51 -29.30
C SER E 146 47.01 19.01 -30.52
N THR E 147 47.79 18.14 -31.15
CA THR E 147 48.60 18.56 -32.29
C THR E 147 47.90 18.25 -33.61
N THR E 148 46.73 17.64 -33.53
CA THR E 148 45.89 17.42 -34.71
C THR E 148 45.45 18.77 -35.30
N THR E 149 45.53 18.90 -36.63
CA THR E 149 45.01 20.07 -37.35
C THR E 149 43.65 19.74 -37.97
N TYR E 150 42.60 20.30 -37.38
CA TYR E 150 41.24 20.04 -37.84
C TYR E 150 40.87 20.94 -39.04
N PRO E 151 39.94 20.48 -39.89
CA PRO E 151 39.49 21.36 -40.98
C PRO E 151 38.90 22.64 -40.41
N THR E 152 39.27 23.77 -41.02
CA THR E 152 38.90 25.08 -40.48
C THR E 152 37.42 25.37 -40.62
N ASP E 153 36.73 24.73 -41.57
CA ASP E 153 35.30 25.01 -41.71
C ASP E 153 34.41 24.17 -40.81
N MET E 154 35.04 23.30 -40.01
CA MET E 154 34.34 22.63 -38.93
C MET E 154 34.51 23.46 -37.67
N VAL E 155 33.69 23.18 -36.65
CA VAL E 155 33.78 23.87 -35.37
C VAL E 155 34.54 23.02 -34.39
N THR E 156 35.77 23.44 -34.07
CA THR E 156 36.61 22.66 -33.15
C THR E 156 37.24 23.58 -32.11
N ILE E 157 38.11 23.05 -31.24
CA ILE E 157 38.75 23.87 -30.19
C ILE E 157 39.76 24.88 -30.77
N LYS E 158 39.63 26.15 -30.40
CA LYS E 158 40.58 27.18 -30.85
C LYS E 158 41.91 27.08 -30.13
N ASN E 159 43.01 27.25 -30.87
CA ASN E 159 44.36 27.26 -30.32
C ASN E 159 44.63 26.20 -29.25
N MET E 160 44.55 24.94 -29.65
CA MET E 160 44.74 23.83 -28.74
C MET E 160 46.12 23.78 -28.10
N LYS E 161 46.17 23.36 -26.84
CA LYS E 161 47.42 23.02 -26.18
C LYS E 161 47.25 21.62 -25.56
N PRO E 162 48.35 20.99 -25.11
CA PRO E 162 48.22 19.65 -24.53
C PRO E 162 47.17 19.51 -23.43
N VAL E 163 46.80 20.61 -22.77
CA VAL E 163 45.72 20.58 -21.77
C VAL E 163 44.43 20.05 -22.40
N ASN E 164 44.25 20.25 -23.70
CA ASN E 164 43.00 19.83 -24.35
C ASN E 164 42.88 18.31 -24.57
N GLN E 165 43.89 17.56 -24.14
CA GLN E 165 43.81 16.09 -24.13
C GLN E 165 43.14 15.59 -22.85
N ALA E 166 42.80 16.55 -21.97
CA ALA E 166 42.02 16.30 -20.76
C ALA E 166 41.01 17.45 -20.61
N LEU E 167 40.71 17.86 -19.38
CA LEU E 167 39.67 18.87 -19.19
C LEU E 167 40.23 20.27 -19.14
N ASP E 168 39.94 21.05 -20.20
CA ASP E 168 40.17 22.50 -20.24
C ASP E 168 38.79 23.14 -20.08
N PRO E 169 38.56 23.81 -18.95
CA PRO E 169 37.25 24.41 -18.67
C PRO E 169 36.89 25.53 -19.65
N ASN E 170 37.88 26.02 -20.41
CA ASN E 170 37.62 27.07 -21.41
C ASN E 170 37.13 26.51 -22.74
N ALA E 171 37.29 25.19 -22.94
CA ALA E 171 36.93 24.54 -24.19
C ALA E 171 35.47 24.10 -24.17
N LYS E 172 34.58 25.07 -24.38
CA LYS E 172 33.13 24.87 -24.32
C LYS E 172 32.48 25.30 -25.62
N ALA E 173 31.33 24.72 -25.95
CA ALA E 173 30.64 25.10 -27.16
C ALA E 173 29.17 24.76 -27.06
N LEU E 174 28.43 25.16 -28.09
CA LEU E 174 27.02 24.83 -28.20
C LEU E 174 26.80 24.03 -29.45
N LEU E 175 26.00 22.97 -29.34
CA LEU E 175 25.62 22.23 -30.53
C LEU E 175 24.54 23.01 -31.27
N ASP E 176 24.96 24.02 -32.03
CA ASP E 176 24.02 24.90 -32.69
C ASP E 176 24.01 24.77 -34.22
N LYS E 177 24.75 23.79 -34.75
CA LYS E 177 24.85 23.58 -36.19
C LYS E 177 24.93 22.09 -36.49
N ASP E 178 24.10 21.65 -37.43
CA ASP E 178 24.10 20.27 -37.89
C ASP E 178 25.36 19.97 -38.70
N GLY E 179 25.96 18.80 -38.46
CA GLY E 179 27.08 18.31 -39.26
C GLY E 179 28.33 19.16 -39.26
N LYS E 180 28.68 19.73 -38.11
CA LYS E 180 29.81 20.67 -38.02
C LYS E 180 30.71 20.42 -36.80
N TYR E 181 30.13 19.83 -35.76
CA TYR E 181 30.84 19.56 -34.52
C TYR E 181 31.22 18.09 -34.48
N PRO E 182 32.54 17.78 -34.61
CA PRO E 182 33.06 16.40 -34.64
C PRO E 182 32.89 15.69 -33.31
N VAL E 183 32.47 14.42 -33.34
CA VAL E 183 32.28 13.68 -32.10
C VAL E 183 33.61 13.45 -31.37
N GLU E 184 34.71 13.37 -32.11
CA GLU E 184 36.01 13.09 -31.48
C GLU E 184 36.61 14.31 -30.77
N VAL E 185 35.94 15.47 -30.91
CA VAL E 185 36.34 16.73 -30.29
C VAL E 185 35.38 17.13 -29.16
N TRP E 186 34.07 16.94 -29.37
CA TRP E 186 33.08 17.43 -28.41
C TRP E 186 32.25 16.35 -27.79
N SER E 187 31.94 16.50 -26.50
CA SER E 187 30.99 15.60 -25.81
C SER E 187 30.07 16.42 -24.92
N PRO E 188 28.88 15.88 -24.56
CA PRO E 188 27.98 16.66 -23.68
C PRO E 188 28.66 17.08 -22.37
N ASP E 189 28.46 18.35 -21.99
CA ASP E 189 29.07 18.89 -20.80
C ASP E 189 28.17 18.62 -19.57
N PRO E 190 28.59 17.71 -18.67
CA PRO E 190 27.77 17.37 -17.51
C PRO E 190 27.68 18.49 -16.48
N SER E 191 28.56 19.48 -16.56
CA SER E 191 28.52 20.64 -15.67
C SER E 191 27.43 21.65 -16.05
N LYS E 192 26.84 21.49 -17.23
CA LYS E 192 25.74 22.35 -17.64
C LYS E 192 24.55 21.49 -18.01
N ASN E 193 23.84 21.86 -19.09
CA ASN E 193 22.72 21.06 -19.59
C ASN E 193 21.61 20.78 -18.58
N GLU E 194 21.29 21.76 -17.74
CA GLU E 194 20.17 21.61 -16.82
C GLU E 194 18.84 21.59 -17.58
N ASN E 195 18.85 22.09 -18.81
CA ASN E 195 17.63 22.18 -19.60
C ASN E 195 17.61 21.24 -20.83
N THR E 196 18.43 20.20 -20.77
CA THR E 196 18.50 19.14 -21.79
C THR E 196 18.68 17.81 -21.10
N ARG E 197 18.06 16.76 -21.60
CA ARG E 197 18.40 15.40 -21.15
C ARG E 197 19.15 14.71 -22.27
N TYR E 198 20.34 14.20 -21.96
CA TYR E 198 21.09 13.46 -22.96
C TYR E 198 21.38 12.04 -22.46
N TYR E 199 21.46 11.10 -23.40
CA TYR E 199 21.66 9.68 -23.08
C TYR E 199 22.63 9.13 -24.12
N GLY E 200 23.70 8.50 -23.65
CA GLY E 200 24.79 8.10 -24.52
C GLY E 200 25.41 6.75 -24.19
N SER E 201 25.82 6.05 -25.24
CA SER E 201 26.46 4.77 -25.10
C SER E 201 27.60 4.59 -26.09
N PHE E 202 28.73 4.14 -25.58
CA PHE E 202 29.94 3.90 -26.36
C PHE E 202 30.48 2.48 -26.16
N THR E 203 30.84 1.83 -27.26
CA THR E 203 31.69 0.63 -27.20
C THR E 203 32.80 0.76 -28.24
N GLY E 204 34.04 0.56 -27.80
CA GLY E 204 35.22 0.77 -28.64
C GLY E 204 35.68 -0.46 -29.39
N GLY E 205 36.98 -0.54 -29.68
CA GLY E 205 37.55 -1.68 -30.40
C GLY E 205 37.49 -1.49 -31.90
N ALA E 206 38.27 -2.27 -32.64
CA ALA E 206 38.32 -2.20 -34.09
C ALA E 206 37.41 -3.19 -34.81
N THR E 207 37.09 -4.31 -34.17
CA THR E 207 36.28 -5.33 -34.84
C THR E 207 35.07 -5.78 -34.03
N THR E 208 34.73 -5.03 -32.98
CA THR E 208 33.66 -5.42 -32.07
C THR E 208 32.32 -5.55 -32.80
N PRO E 209 31.60 -6.67 -32.59
CA PRO E 209 30.25 -6.79 -33.14
C PRO E 209 29.35 -5.69 -32.59
N PRO E 210 28.60 -5.01 -33.47
CA PRO E 210 27.61 -4.02 -33.04
C PRO E 210 26.38 -4.70 -32.45
N VAL E 211 25.71 -4.04 -31.50
CA VAL E 211 24.52 -4.59 -30.85
C VAL E 211 23.46 -3.48 -30.74
N MET E 212 22.28 -3.70 -31.32
CA MET E 212 21.19 -2.73 -31.25
C MET E 212 19.84 -3.42 -31.10
N GLN E 213 18.92 -2.73 -30.43
CA GLN E 213 17.53 -3.14 -30.29
C GLN E 213 16.68 -2.17 -31.07
N PHE E 214 15.50 -2.63 -31.48
CA PHE E 214 14.50 -1.75 -32.04
C PHE E 214 13.12 -2.23 -31.61
N THR E 215 12.24 -1.30 -31.25
CA THR E 215 10.90 -1.62 -30.78
C THR E 215 10.08 -0.35 -30.78
N ASN E 216 8.77 -0.49 -30.78
CA ASN E 216 7.95 0.70 -30.60
C ASN E 216 7.19 0.66 -29.28
N SER E 217 7.67 -0.15 -28.33
CA SER E 217 7.00 -0.32 -27.04
C SER E 217 7.68 0.42 -25.89
N VAL E 218 8.77 1.15 -26.17
CA VAL E 218 9.56 1.72 -25.09
C VAL E 218 9.60 3.26 -25.07
N THR E 219 9.34 3.85 -23.90
CA THR E 219 9.34 5.32 -23.76
C THR E 219 10.37 5.78 -22.72
N THR E 220 11.11 6.86 -23.01
CA THR E 220 11.97 7.48 -22.00
C THR E 220 11.32 8.73 -21.40
N VAL E 221 11.10 8.72 -20.09
CA VAL E 221 10.53 9.89 -19.38
C VAL E 221 11.65 10.91 -19.16
N LEU E 222 11.38 12.19 -19.44
CA LEU E 222 12.43 13.23 -19.45
C LEU E 222 12.40 14.14 -18.24
N LEU E 223 11.46 13.90 -17.33
CA LEU E 223 11.34 14.72 -16.12
C LEU E 223 12.57 14.55 -15.23
N ASP E 224 13.04 15.65 -14.64
CA ASP E 224 14.15 15.58 -13.69
C ASP E 224 13.66 15.20 -12.29
N GLU E 225 14.55 15.30 -11.31
CA GLU E 225 14.26 14.92 -9.92
C GLU E 225 13.19 15.80 -9.29
N ASN E 226 12.98 17.00 -9.84
CA ASN E 226 11.89 17.89 -9.37
C ASN E 226 10.61 17.72 -10.18
N GLY E 227 10.61 16.77 -11.10
CA GLY E 227 9.45 16.51 -11.95
C GLY E 227 9.29 17.48 -13.11
N VAL E 228 10.38 18.10 -13.54
CA VAL E 228 10.36 19.11 -14.62
C VAL E 228 11.13 18.60 -15.84
N GLY E 229 10.50 18.62 -17.01
CA GLY E 229 11.20 18.29 -18.24
C GLY E 229 11.90 19.51 -18.83
N PRO E 230 12.68 19.32 -19.91
CA PRO E 230 13.28 20.46 -20.61
C PRO E 230 12.21 21.51 -20.98
N LEU E 231 12.52 22.77 -20.76
CA LEU E 231 11.58 23.87 -21.06
C LEU E 231 12.02 24.62 -22.31
N CYS E 232 11.12 24.76 -23.27
CA CYS E 232 11.50 25.16 -24.64
C CYS E 232 11.60 26.68 -24.80
N LYS E 233 12.82 27.20 -24.78
CA LYS E 233 12.98 28.65 -24.86
C LYS E 233 12.65 29.14 -26.27
N GLY E 234 11.90 30.23 -26.33
CA GLY E 234 11.39 30.76 -27.60
C GLY E 234 10.58 29.74 -28.38
N ASP E 235 9.90 28.84 -27.66
CA ASP E 235 9.09 27.78 -28.27
C ASP E 235 9.89 26.91 -29.25
N LYS E 236 11.14 26.65 -28.91
CA LYS E 236 11.97 25.76 -29.74
C LYS E 236 12.40 24.51 -29.00
N LEU E 237 12.30 23.39 -29.72
CA LEU E 237 12.69 22.10 -29.20
C LEU E 237 13.97 21.66 -29.93
N PHE E 238 15.02 21.36 -29.18
CA PHE E 238 16.28 20.88 -29.77
C PHE E 238 16.43 19.37 -29.70
N LEU E 239 16.59 18.74 -30.85
CA LEU E 239 16.82 17.30 -30.93
C LEU E 239 18.22 17.06 -31.50
N SER E 240 19.07 16.36 -30.74
CA SER E 240 20.42 16.04 -31.17
C SER E 240 20.70 14.53 -31.12
N ALA E 241 21.58 14.08 -32.00
CA ALA E 241 21.87 12.66 -32.10
C ALA E 241 23.24 12.40 -32.75
N VAL E 242 23.81 11.25 -32.43
CA VAL E 242 24.82 10.61 -33.26
C VAL E 242 24.66 9.11 -33.07
N ASP E 243 24.71 8.36 -34.18
CA ASP E 243 24.57 6.92 -34.15
C ASP E 243 25.55 6.29 -35.13
N ILE E 244 26.79 6.19 -34.68
CA ILE E 244 27.84 5.53 -35.41
C ILE E 244 27.70 4.02 -35.11
N VAL E 245 27.48 3.23 -36.15
CA VAL E 245 27.16 1.81 -35.95
C VAL E 245 28.33 0.88 -36.26
N GLY E 246 29.44 1.47 -36.69
CA GLY E 246 30.68 0.74 -36.87
C GLY E 246 31.51 1.25 -38.03
N ILE E 247 32.39 0.40 -38.53
CA ILE E 247 33.31 0.72 -39.58
C ILE E 247 33.07 -0.28 -40.71
N HIS E 248 32.88 0.22 -41.92
CA HIS E 248 32.90 -0.68 -43.06
C HIS E 248 34.29 -0.79 -43.62
N THR E 249 34.76 -2.02 -43.81
CA THR E 249 36.07 -2.24 -44.40
C THR E 249 35.95 -2.56 -45.88
N ASN E 250 36.72 -1.85 -46.70
CA ASN E 250 36.71 -2.04 -48.12
C ASN E 250 37.77 -3.07 -48.57
N TYR E 251 37.69 -3.47 -49.84
CA TYR E 251 38.61 -4.48 -50.37
C TYR E 251 40.08 -4.12 -50.19
N SER E 252 40.43 -2.85 -50.44
CA SER E 252 41.82 -2.40 -50.31
C SER E 252 42.22 -2.23 -48.84
N GLU E 253 41.25 -2.42 -47.95
CA GLU E 253 41.39 -2.22 -46.51
C GLU E 253 41.20 -0.76 -46.07
N SER E 254 40.88 0.13 -47.00
CA SER E 254 40.44 1.47 -46.60
C SER E 254 39.16 1.29 -45.75
N GLN E 255 38.81 2.30 -44.96
CA GLN E 255 37.68 2.16 -44.03
C GLN E 255 36.82 3.41 -43.92
N ASN E 256 35.51 3.18 -43.88
CA ASN E 256 34.50 4.23 -43.78
C ASN E 256 33.63 4.03 -42.55
N TRP E 257 33.48 5.09 -41.76
CA TRP E 257 32.50 5.12 -40.68
C TRP E 257 31.14 4.93 -41.27
N ARG E 258 30.26 4.23 -40.56
CA ARG E 258 28.88 4.04 -40.99
C ARG E 258 27.91 4.51 -39.90
N GLY E 259 27.01 5.41 -40.27
CA GLY E 259 25.98 5.92 -39.35
C GLY E 259 24.58 5.58 -39.84
N LEU E 260 23.61 5.59 -38.91
CA LEU E 260 22.18 5.38 -39.22
C LEU E 260 21.31 6.54 -38.71
N PRO E 261 20.13 6.76 -39.32
CA PRO E 261 19.27 7.87 -38.86
C PRO E 261 18.54 7.51 -37.58
N ARG E 262 18.11 8.54 -36.85
CA ARG E 262 17.36 8.36 -35.62
C ARG E 262 16.01 9.08 -35.68
N TYR E 263 15.00 8.40 -35.15
CA TYR E 263 13.65 8.95 -35.10
C TYR E 263 13.38 9.40 -33.67
N PHE E 264 12.59 10.46 -33.55
CA PHE E 264 12.19 11.05 -32.27
C PHE E 264 10.69 11.25 -32.32
N ASN E 265 10.01 10.83 -31.26
CA ASN E 265 8.62 11.22 -31.04
C ASN E 265 8.54 11.78 -29.64
N VAL E 266 8.32 13.08 -29.54
CA VAL E 266 8.37 13.76 -28.24
C VAL E 266 6.96 14.24 -27.86
N THR E 267 6.55 13.95 -26.62
CA THR E 267 5.32 14.49 -26.06
C THR E 267 5.65 15.67 -25.13
N LEU E 268 4.92 16.77 -25.31
CA LEU E 268 5.17 17.99 -24.54
C LEU E 268 3.91 18.49 -23.89
N ARG E 269 4.05 19.20 -22.77
CA ARG E 269 2.91 19.74 -22.04
C ARG E 269 3.15 21.21 -21.70
N LYS E 270 2.09 21.93 -21.37
CA LYS E 270 2.21 23.33 -20.97
C LYS E 270 2.65 23.49 -19.51
N ARG E 271 3.76 24.20 -19.30
CA ARG E 271 4.25 24.49 -17.95
C ARG E 271 4.15 25.99 -17.65
N VAL E 272 3.63 26.33 -16.47
CA VAL E 272 3.53 27.72 -16.02
C VAL E 272 4.88 28.16 -15.44
N VAL E 273 5.32 29.36 -15.84
CA VAL E 273 6.54 29.96 -15.32
C VAL E 273 6.25 31.43 -14.98
N LYS E 274 6.97 31.96 -14.00
CA LYS E 274 6.83 33.37 -13.66
C LYS E 274 7.56 34.24 -14.68
N ASN E 275 6.85 35.25 -15.18
CA ASN E 275 7.37 36.19 -16.17
C ASN E 275 8.59 36.96 -15.65
N PRO E 276 9.77 36.80 -16.32
CA PRO E 276 11.04 37.44 -15.92
C PRO E 276 11.03 38.97 -15.84
N VAL F 7 9.13 32.39 17.35
CA VAL F 7 10.25 31.39 17.37
C VAL F 7 10.10 30.35 16.25
N GLU F 8 11.19 30.12 15.51
CA GLU F 8 11.19 29.17 14.42
C GLU F 8 11.35 27.75 14.97
N VAL F 9 10.38 26.89 14.67
CA VAL F 9 10.38 25.51 15.15
C VAL F 9 11.09 24.61 14.15
N LEU F 10 12.11 23.90 14.60
CA LEU F 10 12.84 22.98 13.71
C LEU F 10 12.46 21.52 13.98
N GLU F 11 13.42 20.60 13.89
CA GLU F 11 13.13 19.16 13.95
C GLU F 11 13.13 18.56 15.38
N VAL F 12 12.53 17.40 15.55
CA VAL F 12 12.65 16.62 16.80
C VAL F 12 14.10 16.18 17.08
N ARG F 13 14.56 16.37 18.32
CA ARG F 13 15.87 15.84 18.72
C ARG F 13 15.78 14.32 18.97
N THR F 14 16.65 13.56 18.32
CA THR F 14 16.69 12.13 18.59
C THR F 14 17.83 11.79 19.54
N GLY F 15 17.87 10.54 19.97
CA GLY F 15 18.93 10.05 20.85
C GLY F 15 18.36 9.38 22.09
N PRO F 16 19.23 8.87 22.98
CA PRO F 16 18.77 8.37 24.27
C PRO F 16 18.29 9.53 25.13
N ASP F 17 17.44 9.25 26.12
CA ASP F 17 16.92 10.28 27.04
C ASP F 17 16.24 11.46 26.34
N ALA F 18 15.64 11.22 25.19
CA ALA F 18 14.99 12.28 24.40
C ALA F 18 13.51 12.43 24.76
N ILE F 19 12.99 11.47 25.53
CA ILE F 19 11.58 11.41 25.93
C ILE F 19 11.47 11.50 27.45
N THR F 20 10.40 12.13 27.93
CA THR F 20 10.05 12.07 29.35
C THR F 20 8.52 11.98 29.56
N GLN F 21 8.13 11.58 30.77
CA GLN F 21 6.72 11.52 31.14
C GLN F 21 6.49 12.22 32.46
N ILE F 22 5.35 12.88 32.58
CA ILE F 22 4.94 13.46 33.84
C ILE F 22 3.51 13.03 34.17
N GLU F 23 3.19 12.97 35.45
CA GLU F 23 1.81 12.71 35.81
C GLU F 23 1.37 13.63 36.94
N ALA F 24 0.08 13.94 36.97
CA ALA F 24 -0.47 14.86 37.94
C ALA F 24 -1.97 14.63 38.07
N TYR F 25 -2.55 15.15 39.14
CA TYR F 25 -4.00 15.17 39.24
C TYR F 25 -4.40 16.53 39.76
N LEU F 26 -5.57 17.00 39.32
CA LEU F 26 -6.13 18.28 39.74
C LEU F 26 -7.45 18.01 40.45
N ASN F 27 -7.55 18.44 41.70
CA ASN F 27 -8.82 18.35 42.43
C ASN F 27 -9.84 19.40 41.95
N PRO F 28 -11.14 19.06 41.99
CA PRO F 28 -12.16 19.98 41.48
C PRO F 28 -12.31 21.22 42.34
N ARG F 29 -12.71 22.31 41.72
CA ARG F 29 -12.92 23.57 42.42
C ARG F 29 -14.38 24.01 42.21
N MET F 30 -15.30 23.34 42.89
CA MET F 30 -16.72 23.60 42.71
C MET F 30 -17.25 24.78 43.56
N GLY F 31 -16.43 25.26 44.50
CA GLY F 31 -16.84 26.37 45.35
C GLY F 31 -16.36 26.18 46.78
N ASN F 32 -16.59 25.00 47.32
CA ASN F 32 -15.92 24.58 48.56
C ASN F 32 -14.56 24.00 48.14
N ASN F 33 -13.53 24.84 48.18
CA ASN F 33 -12.27 24.52 47.50
C ASN F 33 -11.13 24.22 48.45
N ASN F 34 -11.47 24.15 49.73
CA ASN F 34 -10.50 23.86 50.77
C ASN F 34 -10.75 22.44 51.28
N PRO F 35 -9.70 21.58 51.29
CA PRO F 35 -9.85 20.15 51.65
C PRO F 35 -10.43 19.90 53.05
N THR F 36 -10.46 20.92 53.89
CA THR F 36 -11.11 20.79 55.20
C THR F 36 -12.60 21.19 55.17
N ASP F 37 -13.09 21.75 54.06
CA ASP F 37 -14.53 22.04 53.92
C ASP F 37 -15.35 20.74 54.02
N GLU F 38 -16.43 20.78 54.80
CA GLU F 38 -17.33 19.64 54.89
C GLU F 38 -17.81 19.18 53.51
N LEU F 39 -18.14 20.13 52.64
CA LEU F 39 -18.60 19.80 51.30
C LEU F 39 -17.51 19.98 50.22
N TYR F 40 -16.27 19.70 50.58
CA TYR F 40 -15.17 19.73 49.62
C TYR F 40 -15.54 18.89 48.40
N GLY F 41 -15.41 19.48 47.21
CA GLY F 41 -15.74 18.78 45.97
C GLY F 41 -17.15 19.08 45.47
N TYR F 42 -17.81 19.99 46.15
CA TYR F 42 -19.17 20.41 45.84
C TYR F 42 -19.21 21.93 45.94
N SER F 43 -20.18 22.58 45.30
CA SER F 43 -20.45 23.98 45.61
C SER F 43 -21.28 24.05 46.91
N ALA F 44 -21.49 25.25 47.42
CA ALA F 44 -22.47 25.47 48.48
C ALA F 44 -23.84 25.53 47.82
N ASP F 45 -24.89 25.66 48.61
CA ASP F 45 -26.26 25.76 48.08
C ASP F 45 -26.38 26.91 47.07
N ILE F 46 -26.84 26.61 45.85
CA ILE F 46 -26.99 27.64 44.82
C ILE F 46 -27.89 28.75 45.38
N ASN F 47 -27.42 29.99 45.34
CA ASN F 47 -28.29 31.11 45.70
C ASN F 47 -28.76 31.84 44.43
N VAL F 48 -30.06 31.87 44.23
CA VAL F 48 -30.63 32.27 42.95
C VAL F 48 -30.92 33.78 42.91
N ALA F 49 -30.85 34.36 41.72
CA ALA F 49 -31.23 35.77 41.49
C ALA F 49 -32.70 36.04 41.80
N SER F 50 -32.96 37.22 42.36
N SER F 50 -32.97 37.21 42.37
CA SER F 50 -34.32 37.66 42.64
CA SER F 50 -34.35 37.63 42.63
C SER F 50 -34.94 38.34 41.42
C SER F 50 -34.95 38.35 41.42
N SER F 51 -34.07 38.86 40.54
CA SER F 51 -34.50 39.55 39.32
C SER F 51 -33.32 39.59 38.36
N LYS F 52 -33.55 40.11 37.16
CA LYS F 52 -32.47 40.43 36.22
C LYS F 52 -31.44 41.36 36.88
N ALA F 53 -31.91 42.40 37.56
CA ALA F 53 -31.04 43.42 38.16
C ALA F 53 -30.35 42.96 39.43
N SER F 54 -30.98 42.04 40.17
CA SER F 54 -30.45 41.61 41.44
C SER F 54 -30.00 40.16 41.37
N ASP F 55 -28.70 39.97 41.13
CA ASP F 55 -28.12 38.65 40.95
C ASP F 55 -26.71 38.66 41.52
N ASN F 56 -26.57 38.15 42.75
CA ASN F 56 -25.31 38.15 43.48
C ASN F 56 -24.88 36.74 43.90
N PRO F 57 -24.38 35.92 42.96
CA PRO F 57 -24.00 34.56 43.36
C PRO F 57 -22.85 34.55 44.37
N ASN F 58 -22.97 33.73 45.42
CA ASN F 58 -21.87 33.54 46.37
C ASN F 58 -20.68 32.85 45.70
N ALA F 59 -19.46 33.29 46.04
CA ALA F 59 -18.24 32.66 45.49
C ALA F 59 -18.26 31.13 45.64
N THR F 60 -18.74 30.64 46.79
CA THR F 60 -18.73 29.20 47.04
C THR F 60 -19.78 28.44 46.24
N THR F 61 -20.57 29.16 45.43
CA THR F 61 -21.60 28.54 44.56
C THR F 61 -21.20 28.48 43.08
N LEU F 62 -19.98 28.93 42.76
CA LEU F 62 -19.54 29.11 41.38
C LEU F 62 -18.34 28.23 41.06
N PRO F 63 -18.55 27.16 40.26
CA PRO F 63 -17.43 26.32 39.85
C PRO F 63 -16.42 27.11 39.03
N THR F 64 -15.14 26.83 39.27
CA THR F 64 -14.04 27.52 38.61
C THR F 64 -13.14 26.46 38.00
N TYR F 65 -12.30 26.88 37.05
CA TYR F 65 -11.30 26.00 36.43
C TYR F 65 -10.21 25.60 37.41
N SER F 66 -9.74 24.37 37.24
CA SER F 66 -8.52 23.92 37.89
C SER F 66 -7.33 24.15 36.94
N VAL F 67 -6.16 24.46 37.50
CA VAL F 67 -4.93 24.57 36.71
C VAL F 67 -3.71 24.27 37.57
N ALA F 68 -2.78 23.52 37.00
CA ALA F 68 -1.51 23.23 37.65
C ALA F 68 -0.38 23.53 36.67
N VAL F 69 0.79 23.90 37.20
CA VAL F 69 1.96 24.15 36.38
C VAL F 69 3.04 23.18 36.79
N ILE F 70 3.57 22.43 35.83
CA ILE F 70 4.63 21.45 36.08
C ILE F 70 5.91 22.06 35.53
N LYS F 71 6.92 22.19 36.39
CA LYS F 71 8.22 22.72 35.95
C LYS F 71 9.06 21.57 35.47
N LEU F 72 9.57 21.67 34.25
CA LEU F 72 10.28 20.57 33.60
C LEU F 72 11.79 20.76 33.71
N PRO F 73 12.60 19.70 33.44
CA PRO F 73 14.06 19.83 33.50
C PRO F 73 14.62 20.85 32.50
N MET F 74 15.60 21.64 32.92
CA MET F 74 16.28 22.60 32.01
C MET F 74 17.10 21.85 30.97
N LEU F 75 16.96 22.27 29.71
CA LEU F 75 17.51 21.54 28.58
C LEU F 75 18.75 22.11 27.93
N ASN F 76 19.06 23.38 28.20
CA ASN F 76 20.06 24.09 27.41
C ASN F 76 21.30 24.54 28.19
N GLU F 77 22.42 23.90 27.91
CA GLU F 77 23.64 24.14 28.68
C GLU F 77 24.48 25.28 28.09
N ASP F 78 24.29 25.56 26.80
CA ASP F 78 25.06 26.59 26.11
C ASP F 78 24.13 27.55 25.37
N MET F 79 24.02 28.78 25.87
CA MET F 79 23.07 29.73 25.32
C MET F 79 23.53 30.42 24.03
N THR F 80 24.76 30.18 23.64
CA THR F 80 25.27 30.74 22.38
C THR F 80 25.10 29.83 21.17
N CYS F 81 24.54 28.63 21.37
CA CYS F 81 24.27 27.73 20.27
C CYS F 81 23.26 28.37 19.40
N ASP F 82 23.31 28.05 18.13
CA ASP F 82 22.37 28.61 17.20
C ASP F 82 20.96 28.00 17.27
N THR F 83 20.85 26.88 17.96
CA THR F 83 19.57 26.26 18.26
C THR F 83 19.46 25.95 19.75
N LEU F 84 18.24 25.77 20.23
CA LEU F 84 17.97 25.39 21.62
C LEU F 84 16.94 24.28 21.61
N LEU F 85 16.76 23.63 22.75
CA LEU F 85 15.74 22.61 22.87
C LEU F 85 14.58 23.08 23.73
N MET F 86 13.36 22.67 23.38
CA MET F 86 12.20 22.87 24.22
C MET F 86 11.48 21.54 24.43
N TRP F 87 10.80 21.40 25.56
CA TRP F 87 9.92 20.26 25.75
C TRP F 87 8.68 20.40 24.93
N GLU F 88 8.33 19.32 24.24
CA GLU F 88 7.17 19.28 23.38
C GLU F 88 6.22 18.20 23.92
N ALA F 89 4.99 18.59 24.25
CA ALA F 89 3.96 17.64 24.67
C ALA F 89 3.41 16.91 23.44
N VAL F 90 3.62 15.59 23.40
CA VAL F 90 3.27 14.76 22.25
C VAL F 90 1.88 14.11 22.42
N SER F 91 1.58 13.67 23.65
CA SER F 91 0.37 12.88 23.90
C SER F 91 0.04 12.89 25.38
N VAL F 92 -1.19 12.51 25.70
CA VAL F 92 -1.69 12.53 27.06
C VAL F 92 -2.71 11.44 27.25
N LYS F 93 -2.62 10.72 28.38
CA LYS F 93 -3.67 9.86 28.88
C LYS F 93 -4.32 10.63 30.02
N THR F 94 -5.63 10.82 29.94
CA THR F 94 -6.32 11.56 30.98
C THR F 94 -7.62 10.88 31.42
N GLU F 95 -7.94 11.02 32.70
CA GLU F 95 -9.03 10.25 33.27
C GLU F 95 -9.75 11.04 34.37
N VAL F 96 -11.08 10.98 34.35
CA VAL F 96 -11.88 11.53 35.43
C VAL F 96 -11.98 10.44 36.49
N MET F 97 -11.52 10.74 37.70
CA MET F 97 -11.44 9.72 38.75
C MET F 97 -12.65 9.70 39.68
N GLY F 98 -12.95 8.53 40.25
CA GLY F 98 -14.06 8.40 41.20
C GLY F 98 -15.45 8.44 40.58
N ILE F 99 -15.56 8.09 39.29
CA ILE F 99 -16.85 8.13 38.60
C ILE F 99 -17.90 7.29 39.34
N SER F 100 -17.49 6.12 39.85
CA SER F 100 -18.43 5.21 40.50
C SER F 100 -18.94 5.68 41.88
N SER F 101 -18.30 6.69 42.46
CA SER F 101 -18.83 7.34 43.67
C SER F 101 -20.26 7.85 43.46
N LEU F 102 -20.63 8.13 42.21
CA LEU F 102 -21.98 8.58 41.89
C LEU F 102 -23.02 7.44 41.89
N VAL F 103 -22.54 6.19 41.82
CA VAL F 103 -23.38 5.00 41.88
C VAL F 103 -23.76 4.75 43.35
N ASN F 104 -24.67 5.59 43.85
CA ASN F 104 -24.95 5.70 45.27
C ASN F 104 -26.36 6.23 45.41
N LEU F 105 -27.25 5.40 45.96
CA LEU F 105 -28.65 5.80 46.16
C LEU F 105 -29.04 5.99 47.62
N HIS F 106 -28.06 6.03 48.53
CA HIS F 106 -28.37 6.22 49.95
C HIS F 106 -27.92 7.54 50.54
N GLN F 107 -27.19 8.36 49.78
CA GLN F 107 -26.77 9.69 50.24
C GLN F 107 -28.00 10.55 50.60
N GLY F 108 -27.93 11.26 51.72
CA GLY F 108 -29.01 12.19 52.10
C GLY F 108 -29.37 13.09 50.94
N GLY F 109 -30.67 13.22 50.68
CA GLY F 109 -31.15 14.08 49.59
C GLY F 109 -32.64 13.94 49.33
N LYS F 110 -33.02 14.04 48.07
CA LYS F 110 -34.42 13.97 47.64
C LYS F 110 -34.75 12.55 47.15
N TYR F 111 -35.84 11.97 47.67
CA TYR F 111 -36.27 10.63 47.28
C TYR F 111 -36.67 10.58 45.82
N ILE F 112 -36.30 9.50 45.13
CA ILE F 112 -36.70 9.31 43.74
C ILE F 112 -38.23 9.24 43.66
N TYR F 113 -38.83 8.41 44.52
CA TYR F 113 -40.29 8.33 44.60
C TYR F 113 -40.75 8.87 45.97
N GLY F 114 -41.43 8.06 46.77
CA GLY F 114 -41.74 8.44 48.16
C GLY F 114 -40.59 8.04 49.07
N SER F 115 -40.80 8.18 50.38
CA SER F 115 -39.70 8.01 51.33
C SER F 115 -39.26 6.56 51.59
N SER F 116 -39.85 5.61 50.88
CA SER F 116 -39.35 4.24 50.92
C SER F 116 -38.26 3.99 49.87
N SER F 117 -38.10 4.93 48.94
CA SER F 117 -37.20 4.74 47.79
C SER F 117 -35.77 5.22 48.05
N GLY F 118 -34.87 5.01 47.09
CA GLY F 118 -33.55 5.61 47.15
C GLY F 118 -33.65 7.11 46.92
N THR F 119 -32.53 7.81 47.06
CA THR F 119 -32.48 9.24 46.73
C THR F 119 -31.94 9.45 45.32
N ILE F 120 -32.32 10.56 44.69
CA ILE F 120 -31.88 10.94 43.35
C ILE F 120 -30.36 11.16 43.35
N PRO F 121 -29.63 10.48 42.43
CA PRO F 121 -28.18 10.68 42.33
C PRO F 121 -27.82 11.95 41.58
N VAL F 122 -26.56 12.35 41.64
CA VAL F 122 -26.05 13.54 40.96
C VAL F 122 -26.43 13.47 39.47
N GLN F 123 -27.13 14.51 39.00
CA GLN F 123 -27.60 14.56 37.62
C GLN F 123 -27.79 16.02 37.18
N GLY F 124 -28.14 16.22 35.91
CA GLY F 124 -28.26 17.56 35.35
C GLY F 124 -27.04 17.97 34.53
N THR F 125 -26.88 19.28 34.33
CA THR F 125 -25.80 19.86 33.54
C THR F 125 -24.42 19.29 33.90
N THR F 126 -23.68 18.93 32.85
CA THR F 126 -22.30 18.47 32.96
C THR F 126 -21.41 19.26 32.00
N LEU F 127 -20.18 19.50 32.44
CA LEU F 127 -19.18 20.20 31.66
C LEU F 127 -17.86 19.48 31.88
N HIS F 128 -17.26 18.96 30.81
CA HIS F 128 -15.94 18.36 30.90
C HIS F 128 -15.00 19.07 29.97
N MET F 129 -13.84 19.45 30.50
CA MET F 129 -12.79 20.07 29.68
C MET F 129 -11.43 19.68 30.22
N PHE F 130 -10.49 19.39 29.32
CA PHE F 130 -9.10 19.32 29.72
C PHE F 130 -8.27 19.99 28.66
N SER F 131 -7.13 20.51 29.09
CA SER F 131 -6.18 21.11 28.17
C SER F 131 -4.73 20.90 28.62
N VAL F 132 -3.86 20.79 27.63
CA VAL F 132 -2.42 20.63 27.84
C VAL F 132 -1.78 21.69 26.95
N GLY F 133 -0.98 22.57 27.55
CA GLY F 133 -0.32 23.64 26.80
C GLY F 133 1.04 24.03 27.36
N GLY F 134 1.78 24.83 26.60
CA GLY F 134 3.09 25.29 27.04
C GLY F 134 3.06 26.71 27.60
N GLU F 135 1.87 27.11 28.05
CA GLU F 135 1.60 28.45 28.58
C GLU F 135 0.15 28.45 29.05
N PRO F 136 -0.27 29.46 29.85
CA PRO F 136 -1.65 29.38 30.33
C PRO F 136 -2.67 29.33 29.20
N LEU F 137 -3.73 28.56 29.41
CA LEU F 137 -4.87 28.53 28.52
C LEU F 137 -5.44 29.93 28.39
N GLU F 138 -5.71 30.33 27.15
CA GLU F 138 -6.26 31.64 26.88
C GLU F 138 -7.78 31.62 26.87
N LEU F 139 -8.37 32.57 27.58
CA LEU F 139 -9.82 32.57 27.87
C LEU F 139 -10.56 33.72 27.18
N GLN F 140 -11.80 33.45 26.79
CA GLN F 140 -12.73 34.46 26.30
C GLN F 140 -13.90 34.59 27.30
N GLY F 141 -14.26 35.84 27.63
CA GLY F 141 -15.36 36.08 28.57
C GLY F 141 -16.70 36.21 27.88
N LEU F 142 -17.72 35.59 28.49
CA LEU F 142 -19.10 35.69 28.03
C LEU F 142 -20.03 35.18 29.14
N VAL F 143 -21.09 35.92 29.41
CA VAL F 143 -21.97 35.62 30.54
C VAL F 143 -23.42 35.49 30.12
N ALA F 144 -24.20 34.79 30.94
CA ALA F 144 -25.65 34.73 30.75
C ALA F 144 -26.31 36.10 30.98
N SER F 145 -25.75 36.89 31.89
CA SER F 145 -26.31 38.21 32.23
C SER F 145 -25.22 39.18 32.64
N SER F 146 -25.13 40.30 31.95
CA SER F 146 -24.12 41.31 32.24
C SER F 146 -24.40 42.10 33.51
N THR F 147 -25.63 41.97 34.05
CA THR F 147 -26.02 42.67 35.26
C THR F 147 -25.81 41.84 36.52
N THR F 148 -25.24 40.63 36.37
CA THR F 148 -24.82 39.81 37.52
C THR F 148 -23.68 40.50 38.26
N THR F 149 -23.74 40.55 39.59
CA THR F 149 -22.62 41.06 40.38
C THR F 149 -21.80 39.88 40.88
N TYR F 150 -20.59 39.72 40.33
CA TYR F 150 -19.74 38.60 40.72
C TYR F 150 -18.94 38.94 41.98
N PRO F 151 -18.64 37.93 42.82
CA PRO F 151 -17.79 38.23 43.98
C PRO F 151 -16.48 38.88 43.51
N THR F 152 -16.01 39.91 44.21
CA THR F 152 -14.83 40.65 43.77
C THR F 152 -13.48 39.89 43.86
N ASP F 153 -13.42 38.88 44.73
N ASP F 153 -13.40 38.90 44.75
CA ASP F 153 -12.19 38.10 44.91
CA ASP F 153 -12.16 38.14 44.89
C ASP F 153 -11.97 37.04 43.82
C ASP F 153 -11.94 37.10 43.79
N MET F 154 -12.95 36.87 42.95
CA MET F 154 -12.81 35.97 41.79
C MET F 154 -12.36 36.80 40.61
N VAL F 155 -11.82 36.15 39.57
CA VAL F 155 -11.46 36.88 38.35
C VAL F 155 -12.59 36.77 37.33
N THR F 156 -13.26 37.89 37.10
CA THR F 156 -14.39 37.98 36.17
C THR F 156 -14.20 39.21 35.25
N ILE F 157 -15.21 39.54 34.45
CA ILE F 157 -15.07 40.62 33.46
C ILE F 157 -15.25 41.99 34.12
N LYS F 158 -14.23 42.83 33.98
CA LYS F 158 -14.30 44.22 34.52
C LYS F 158 -15.34 45.03 33.77
N ASN F 159 -16.25 45.67 34.50
CA ASN F 159 -17.17 46.67 33.92
C ASN F 159 -18.03 46.11 32.79
N MET F 160 -18.76 45.04 33.08
CA MET F 160 -19.58 44.40 32.08
C MET F 160 -20.62 45.35 31.53
N LYS F 161 -20.91 45.20 30.24
CA LYS F 161 -22.05 45.83 29.60
C LYS F 161 -22.86 44.75 28.88
N PRO F 162 -24.09 45.06 28.42
CA PRO F 162 -24.84 44.01 27.72
C PRO F 162 -24.07 43.30 26.60
N VAL F 163 -23.08 43.96 26.00
CA VAL F 163 -22.23 43.33 24.98
C VAL F 163 -21.58 42.01 25.49
N ASN F 164 -21.41 41.91 26.81
CA ASN F 164 -20.77 40.75 27.42
C ASN F 164 -21.63 39.47 27.50
N GLN F 165 -22.90 39.61 27.11
CA GLN F 165 -23.77 38.45 26.90
C GLN F 165 -23.52 37.76 25.56
N ALA F 166 -22.66 38.38 24.74
CA ALA F 166 -22.17 37.78 23.50
C ALA F 166 -20.67 38.05 23.38
N LEU F 167 -20.13 38.17 22.17
CA LEU F 167 -18.67 38.30 22.03
C LEU F 167 -18.21 39.75 22.12
N ASP F 168 -17.54 40.07 23.23
CA ASP F 168 -16.82 41.30 23.38
C ASP F 168 -15.33 41.00 23.20
N PRO F 169 -14.72 41.50 22.12
CA PRO F 169 -13.33 41.16 21.85
C PRO F 169 -12.36 41.62 22.95
N ASN F 170 -12.82 42.51 23.83
CA ASN F 170 -11.95 42.97 24.91
C ASN F 170 -11.97 42.11 26.16
N ALA F 171 -12.95 41.21 26.29
CA ALA F 171 -13.05 40.38 27.48
C ALA F 171 -12.20 39.11 27.34
N LYS F 172 -10.91 39.25 27.61
CA LYS F 172 -9.96 38.13 27.50
C LYS F 172 -9.20 37.97 28.81
N ALA F 173 -8.74 36.75 29.06
CA ALA F 173 -8.00 36.45 30.27
C ALA F 173 -7.04 35.29 30.03
N LEU F 174 -6.19 35.03 31.03
CA LEU F 174 -5.34 33.85 31.04
C LEU F 174 -5.78 33.01 32.22
N LEU F 175 -5.81 31.70 32.03
CA LEU F 175 -6.09 30.79 33.13
C LEU F 175 -4.79 30.59 33.92
N ASP F 176 -4.56 31.50 34.87
CA ASP F 176 -3.26 31.57 35.55
C ASP F 176 -3.38 31.44 37.07
N LYS F 177 -4.59 31.08 37.53
CA LYS F 177 -4.88 30.87 38.94
C LYS F 177 -5.87 29.73 39.11
N ASP F 178 -5.55 28.79 40.00
CA ASP F 178 -6.44 27.70 40.31
C ASP F 178 -7.64 28.20 41.09
N GLY F 179 -8.84 27.78 40.72
CA GLY F 179 -10.05 28.05 41.53
C GLY F 179 -10.47 29.50 41.65
N LYS F 180 -10.33 30.25 40.55
CA LYS F 180 -10.58 31.70 40.55
C LYS F 180 -11.40 32.15 39.35
N TYR F 181 -11.29 31.39 38.25
CA TYR F 181 -11.96 31.71 36.99
C TYR F 181 -13.25 30.91 36.84
N PRO F 182 -14.42 31.55 37.05
CA PRO F 182 -15.71 30.85 36.96
C PRO F 182 -15.97 30.32 35.54
N VAL F 183 -16.46 29.08 35.43
CA VAL F 183 -16.72 28.51 34.11
C VAL F 183 -17.86 29.25 33.42
N GLU F 184 -18.78 29.82 34.21
CA GLU F 184 -19.95 30.49 33.63
C GLU F 184 -19.59 31.88 33.08
N VAL F 185 -18.34 32.29 33.28
CA VAL F 185 -17.82 33.55 32.72
C VAL F 185 -16.78 33.35 31.61
N TRP F 186 -15.93 32.34 31.76
CA TRP F 186 -14.80 32.11 30.83
C TRP F 186 -14.87 30.79 30.15
N SER F 187 -14.45 30.78 28.89
CA SER F 187 -14.29 29.56 28.13
C SER F 187 -13.02 29.67 27.27
N PRO F 188 -12.50 28.54 26.76
CA PRO F 188 -11.29 28.61 25.96
C PRO F 188 -11.46 29.54 24.75
N ASP F 189 -10.46 30.36 24.48
CA ASP F 189 -10.50 31.31 23.36
C ASP F 189 -10.00 30.64 22.07
N PRO F 190 -10.91 30.39 21.10
CA PRO F 190 -10.49 29.67 19.90
C PRO F 190 -9.70 30.55 18.94
N SER F 191 -9.67 31.86 19.17
CA SER F 191 -8.90 32.75 18.32
C SER F 191 -7.43 32.78 18.72
N LYS F 192 -7.10 32.14 19.84
CA LYS F 192 -5.71 32.10 20.28
C LYS F 192 -5.37 30.64 20.55
N ASN F 193 -4.67 30.37 21.65
CA ASN F 193 -4.34 29.00 22.05
C ASN F 193 -3.62 28.14 20.99
N GLU F 194 -2.74 28.77 20.21
CA GLU F 194 -1.94 28.01 19.23
C GLU F 194 -0.91 27.10 19.89
N ASN F 195 -0.64 27.34 21.16
CA ASN F 195 0.35 26.57 21.88
C ASN F 195 -0.27 25.70 22.98
N THR F 196 -1.58 25.51 22.89
CA THR F 196 -2.32 24.67 23.83
C THR F 196 -3.31 23.82 23.04
N ARG F 197 -3.61 22.62 23.53
CA ARG F 197 -4.69 21.81 22.97
C ARG F 197 -5.75 21.67 24.05
N TYR F 198 -7.00 21.98 23.71
CA TYR F 198 -8.12 21.81 24.64
C TYR F 198 -9.25 21.02 24.01
N TYR F 199 -9.97 20.31 24.86
CA TYR F 199 -11.02 19.39 24.45
C TYR F 199 -12.10 19.54 25.50
N GLY F 200 -13.34 19.72 25.05
CA GLY F 200 -14.43 19.94 25.97
C GLY F 200 -15.77 19.46 25.47
N SER F 201 -16.65 19.10 26.39
CA SER F 201 -18.01 18.77 26.03
C SER F 201 -18.96 19.22 27.11
N PHE F 202 -20.14 19.59 26.65
CA PHE F 202 -21.19 20.13 27.49
C PHE F 202 -22.48 19.38 27.19
N THR F 203 -23.18 19.00 28.24
CA THR F 203 -24.59 18.59 28.12
C THR F 203 -25.33 19.31 29.23
N GLY F 204 -26.39 20.02 28.84
CA GLY F 204 -27.12 20.88 29.78
C GLY F 204 -28.29 20.16 30.42
N GLY F 205 -29.35 20.92 30.71
CA GLY F 205 -30.54 20.37 31.36
C GLY F 205 -30.45 20.34 32.88
N ALA F 206 -31.61 20.20 33.52
CA ALA F 206 -31.70 20.21 34.98
C ALA F 206 -31.60 18.84 35.61
N THR F 207 -32.07 17.83 34.89
CA THR F 207 -32.12 16.49 35.45
C THR F 207 -31.49 15.44 34.52
N THR F 208 -30.76 15.88 33.50
CA THR F 208 -30.12 14.98 32.52
C THR F 208 -29.17 13.95 33.17
N PRO F 209 -29.31 12.66 32.81
CA PRO F 209 -28.41 11.64 33.33
C PRO F 209 -26.98 11.90 32.87
N PRO F 210 -26.02 11.91 33.80
CA PRO F 210 -24.63 12.12 33.38
C PRO F 210 -24.10 10.85 32.68
N VAL F 211 -23.27 11.05 31.65
CA VAL F 211 -22.62 9.92 30.95
C VAL F 211 -21.09 10.08 31.01
N MET F 212 -20.38 9.03 31.45
CA MET F 212 -18.91 9.04 31.47
C MET F 212 -18.30 7.66 31.21
N GLN F 213 -17.17 7.62 30.51
CA GLN F 213 -16.41 6.38 30.31
C GLN F 213 -15.11 6.49 31.10
N PHE F 214 -14.50 5.35 31.39
CA PHE F 214 -13.16 5.34 31.99
C PHE F 214 -12.41 4.11 31.54
N THR F 215 -11.13 4.30 31.20
CA THR F 215 -10.30 3.22 30.68
C THR F 215 -8.84 3.65 30.81
N ASN F 216 -7.92 2.70 30.66
CA ASN F 216 -6.53 3.10 30.49
C ASN F 216 -5.98 2.72 29.11
N SER F 217 -6.87 2.48 28.14
CA SER F 217 -6.43 2.04 26.81
C SER F 217 -6.36 3.18 25.79
N VAL F 218 -6.65 4.40 26.23
CA VAL F 218 -6.90 5.52 25.33
C VAL F 218 -5.91 6.67 25.50
N THR F 219 -5.35 7.12 24.37
CA THR F 219 -4.41 8.22 24.34
C THR F 219 -4.86 9.28 23.33
N THR F 220 -4.73 10.55 23.70
CA THR F 220 -4.96 11.65 22.78
C THR F 220 -3.62 12.22 22.31
N VAL F 221 -3.41 12.24 20.99
CA VAL F 221 -2.22 12.82 20.40
C VAL F 221 -2.37 14.35 20.29
N LEU F 222 -1.37 15.09 20.73
CA LEU F 222 -1.50 16.55 20.87
C LEU F 222 -0.83 17.33 19.74
N LEU F 223 -0.25 16.60 18.79
CA LEU F 223 0.45 17.22 17.66
C LEU F 223 -0.52 17.96 16.74
N ASP F 224 -0.12 19.12 16.23
CA ASP F 224 -0.97 19.83 15.28
C ASP F 224 -0.75 19.29 13.88
N GLU F 225 -1.33 19.94 12.87
CA GLU F 225 -1.22 19.45 11.49
C GLU F 225 0.18 19.59 10.89
N ASN F 226 1.09 20.26 11.60
CA ASN F 226 2.48 20.24 11.22
C ASN F 226 3.29 19.25 12.03
N GLY F 227 2.60 18.47 12.86
CA GLY F 227 3.25 17.46 13.69
C GLY F 227 3.97 18.02 14.90
N VAL F 228 3.54 19.19 15.37
CA VAL F 228 4.17 19.85 16.51
C VAL F 228 3.18 19.90 17.68
N GLY F 229 3.59 19.41 18.84
CA GLY F 229 2.76 19.56 20.05
C GLY F 229 3.01 20.89 20.75
N PRO F 230 2.27 21.18 21.84
CA PRO F 230 2.56 22.40 22.62
C PRO F 230 4.03 22.41 23.05
N LEU F 231 4.67 23.58 22.94
CA LEU F 231 6.05 23.74 23.35
C LEU F 231 6.11 24.49 24.68
N CYS F 232 6.86 23.97 25.65
CA CYS F 232 6.78 24.48 27.01
C CYS F 232 7.68 25.69 27.24
N LYS F 233 7.08 26.87 27.26
CA LYS F 233 7.85 28.10 27.41
C LYS F 233 8.37 28.20 28.84
N GLY F 234 9.62 28.64 28.97
CA GLY F 234 10.28 28.67 30.28
C GLY F 234 10.22 27.33 31.01
N ASP F 235 10.17 26.24 30.23
CA ASP F 235 10.12 24.87 30.76
C ASP F 235 8.88 24.56 31.58
N LYS F 236 7.78 25.27 31.31
CA LYS F 236 6.56 25.08 32.08
C LYS F 236 5.48 24.39 31.27
N LEU F 237 4.89 23.35 31.87
CA LEU F 237 3.75 22.66 31.28
C LEU F 237 2.48 23.05 32.04
N PHE F 238 1.46 23.49 31.30
CA PHE F 238 0.18 23.91 31.88
C PHE F 238 -0.91 22.85 31.70
N LEU F 239 -1.46 22.40 32.82
CA LEU F 239 -2.56 21.45 32.80
C LEU F 239 -3.80 22.09 33.37
N SER F 240 -4.89 22.11 32.59
CA SER F 240 -6.13 22.72 33.06
C SER F 240 -7.31 21.76 32.90
N ALA F 241 -8.32 21.91 33.77
CA ALA F 241 -9.47 21.03 33.72
C ALA F 241 -10.71 21.66 34.36
N VAL F 242 -11.87 21.21 33.92
CA VAL F 242 -13.06 21.26 34.75
C VAL F 242 -13.87 19.99 34.46
N ASP F 243 -14.43 19.41 35.52
CA ASP F 243 -15.25 18.22 35.41
C ASP F 243 -16.46 18.28 36.35
N ILE F 244 -17.43 19.09 35.96
CA ILE F 244 -18.71 19.15 36.63
C ILE F 244 -19.54 17.96 36.15
N VAL F 245 -19.84 17.06 37.09
CA VAL F 245 -20.56 15.82 36.74
C VAL F 245 -22.06 15.91 37.06
N GLY F 246 -22.48 17.06 37.56
CA GLY F 246 -23.90 17.34 37.74
C GLY F 246 -24.21 18.06 39.02
N ILE F 247 -25.47 17.94 39.44
CA ILE F 247 -26.01 18.66 40.57
C ILE F 247 -26.54 17.64 41.57
N HIS F 248 -26.07 17.72 42.80
CA HIS F 248 -26.69 16.95 43.86
C HIS F 248 -27.82 17.74 44.47
N THR F 249 -29.00 17.12 44.58
CA THR F 249 -30.16 17.79 45.17
C THR F 249 -30.33 17.34 46.62
N ASN F 250 -30.49 18.32 47.51
CA ASN F 250 -30.63 18.02 48.94
C ASN F 250 -32.09 17.84 49.34
N TYR F 251 -32.33 17.34 50.57
CA TYR F 251 -33.69 17.05 51.02
C TYR F 251 -34.60 18.28 50.98
N SER F 252 -34.05 19.43 51.35
CA SER F 252 -34.77 20.72 51.30
C SER F 252 -34.94 21.24 49.86
N GLU F 253 -34.39 20.50 48.89
CA GLU F 253 -34.38 20.89 47.47
C GLU F 253 -33.32 21.93 47.10
N SER F 254 -32.50 22.33 48.07
CA SER F 254 -31.31 23.13 47.78
C SER F 254 -30.37 22.26 46.94
N GLN F 255 -29.51 22.90 46.17
CA GLN F 255 -28.70 22.16 45.22
C GLN F 255 -27.22 22.52 45.28
N ASN F 256 -26.35 21.52 45.06
CA ASN F 256 -24.91 21.73 45.02
C ASN F 256 -24.31 21.12 43.74
N TRP F 257 -23.49 21.89 43.05
CA TRP F 257 -22.68 21.34 41.96
C TRP F 257 -21.75 20.26 42.47
N ARG F 258 -21.59 19.19 41.71
CA ARG F 258 -20.63 18.15 42.07
C ARG F 258 -19.55 18.05 40.99
N GLY F 259 -18.29 18.05 41.44
CA GLY F 259 -17.16 17.81 40.54
C GLY F 259 -16.30 16.60 40.91
N LEU F 260 -15.50 16.15 39.95
CA LEU F 260 -14.58 15.03 40.18
C LEU F 260 -13.17 15.43 39.73
N PRO F 261 -12.13 14.83 40.34
CA PRO F 261 -10.76 15.16 39.95
C PRO F 261 -10.36 14.52 38.64
N ARG F 262 -9.34 15.09 37.99
CA ARG F 262 -8.85 14.58 36.72
C ARG F 262 -7.37 14.23 36.82
N TYR F 263 -7.02 13.07 36.27
CA TYR F 263 -5.65 12.60 36.22
C TYR F 263 -5.08 12.91 34.84
N PHE F 264 -3.77 13.19 34.80
CA PHE F 264 -3.05 13.44 33.54
C PHE F 264 -1.77 12.62 33.51
N ASN F 265 -1.49 12.02 32.37
CA ASN F 265 -0.17 11.48 32.11
C ASN F 265 0.27 11.96 30.74
N VAL F 266 1.28 12.84 30.71
CA VAL F 266 1.70 13.51 29.49
C VAL F 266 3.10 13.04 29.12
N THR F 267 3.26 12.62 27.87
CA THR F 267 4.55 12.28 27.31
C THR F 267 5.10 13.50 26.55
N LEU F 268 6.37 13.78 26.82
CA LEU F 268 7.05 14.92 26.21
C LEU F 268 8.36 14.49 25.57
N ARG F 269 8.75 15.19 24.52
CA ARG F 269 10.00 14.95 23.81
C ARG F 269 10.73 16.26 23.55
N LYS F 270 11.97 16.14 23.09
CA LYS F 270 12.82 17.29 22.89
C LYS F 270 12.70 17.80 21.45
N ARG F 271 12.37 19.09 21.33
CA ARG F 271 12.20 19.73 20.04
C ARG F 271 13.24 20.84 19.84
N VAL F 272 13.96 20.78 18.72
CA VAL F 272 14.91 21.82 18.35
C VAL F 272 14.14 23.07 17.90
N VAL F 273 14.53 24.24 18.42
CA VAL F 273 14.03 25.53 17.91
C VAL F 273 15.23 26.42 17.60
N LYS F 274 15.04 27.41 16.73
CA LYS F 274 16.12 28.35 16.46
C LYS F 274 16.24 29.33 17.65
N ASN F 275 17.47 29.54 18.11
CA ASN F 275 17.77 30.47 19.20
C ASN F 275 17.51 31.92 18.74
N PRO F 276 16.61 32.64 19.45
CA PRO F 276 16.36 34.06 19.14
C PRO F 276 17.53 34.97 19.50
N TYR F 277 18.38 34.55 20.44
CA TYR F 277 19.49 35.36 20.91
C TYR F 277 20.82 34.55 20.94
N PRO F 278 21.31 34.14 19.76
CA PRO F 278 22.51 33.29 19.71
C PRO F 278 23.79 34.08 20.00
N VAL G 7 11.54 -5.73 35.63
CA VAL G 7 11.62 -6.90 34.69
C VAL G 7 11.57 -6.47 33.22
N GLU G 8 12.68 -6.66 32.53
CA GLU G 8 12.80 -6.29 31.13
C GLU G 8 12.03 -7.28 30.22
N VAL G 9 11.12 -6.74 29.42
CA VAL G 9 10.27 -7.56 28.52
C VAL G 9 10.97 -7.75 27.17
N LEU G 10 11.14 -9.01 26.77
CA LEU G 10 11.74 -9.34 25.48
C LEU G 10 10.67 -9.73 24.46
N GLU G 11 10.99 -10.68 23.57
CA GLU G 11 10.10 -11.03 22.44
C GLU G 11 9.04 -12.09 22.79
N VAL G 12 8.06 -12.24 21.89
CA VAL G 12 7.09 -13.32 21.93
C VAL G 12 7.78 -14.65 21.59
N ARG G 13 7.48 -15.69 22.37
CA ARG G 13 7.96 -17.04 22.11
C ARG G 13 7.08 -17.68 21.03
N THR G 14 7.68 -18.08 19.92
CA THR G 14 6.91 -18.73 18.85
C THR G 14 6.98 -20.24 19.03
N GLY G 15 6.39 -20.98 18.09
CA GLY G 15 6.45 -22.44 18.10
C GLY G 15 5.09 -23.02 18.42
N PRO G 16 4.97 -24.37 18.42
CA PRO G 16 3.68 -24.99 18.74
C PRO G 16 3.37 -24.83 20.22
N ASP G 17 2.10 -24.91 20.60
CA ASP G 17 1.69 -24.79 22.01
C ASP G 17 2.08 -23.48 22.69
N ALA G 18 2.27 -22.43 21.91
CA ALA G 18 2.66 -21.13 22.47
C ALA G 18 1.43 -20.29 22.83
N ILE G 19 0.25 -20.80 22.52
CA ILE G 19 -1.01 -20.07 22.73
C ILE G 19 -1.89 -20.85 23.68
N THR G 20 -2.54 -20.16 24.61
CA THR G 20 -3.60 -20.79 25.40
C THR G 20 -4.85 -19.90 25.54
N GLN G 21 -5.95 -20.51 25.93
CA GLN G 21 -7.22 -19.82 26.08
C GLN G 21 -7.86 -20.25 27.36
N ILE G 22 -8.43 -19.29 28.08
CA ILE G 22 -9.22 -19.61 29.26
C ILE G 22 -10.60 -18.96 29.16
N GLU G 23 -11.57 -19.56 29.85
CA GLU G 23 -12.85 -18.90 30.03
C GLU G 23 -13.33 -18.99 31.46
N ALA G 24 -14.08 -17.98 31.87
CA ALA G 24 -14.62 -17.88 33.21
C ALA G 24 -15.87 -17.01 33.19
N TYR G 25 -16.70 -17.16 34.21
CA TYR G 25 -17.75 -16.19 34.49
C TYR G 25 -17.66 -15.72 35.92
N LEU G 26 -18.10 -14.48 36.15
CA LEU G 26 -18.12 -13.89 37.48
C LEU G 26 -19.56 -13.50 37.84
N ASN G 27 -20.10 -14.08 38.91
CA ASN G 27 -21.45 -13.68 39.34
C ASN G 27 -21.44 -12.30 40.01
N PRO G 28 -22.51 -11.51 39.84
CA PRO G 28 -22.53 -10.14 40.37
C PRO G 28 -22.64 -10.13 41.91
N ARG G 29 -22.06 -9.12 42.54
CA ARG G 29 -22.14 -8.98 43.98
C ARG G 29 -22.88 -7.67 44.33
N MET G 30 -24.20 -7.72 44.27
CA MET G 30 -25.02 -6.52 44.47
C MET G 30 -25.36 -6.22 45.93
N GLY G 31 -25.08 -7.17 46.83
CA GLY G 31 -25.41 -7.02 48.26
C GLY G 31 -25.94 -8.34 48.81
N ASN G 32 -26.96 -8.88 48.15
CA ASN G 32 -27.32 -10.27 48.39
C ASN G 32 -26.39 -11.09 47.52
N ASN G 33 -25.29 -11.54 48.13
CA ASN G 33 -24.15 -12.12 47.40
C ASN G 33 -24.03 -13.64 47.44
N ASN G 34 -24.89 -14.30 48.21
CA ASN G 34 -24.90 -15.77 48.30
C ASN G 34 -25.98 -16.40 47.44
N PRO G 35 -25.66 -17.48 46.72
CA PRO G 35 -26.63 -18.06 45.79
C PRO G 35 -27.88 -18.63 46.48
N THR G 36 -27.84 -18.78 47.80
CA THR G 36 -29.04 -19.16 48.57
C THR G 36 -29.84 -17.94 49.07
N ASP G 37 -29.35 -16.73 48.85
CA ASP G 37 -30.17 -15.53 49.16
C ASP G 37 -31.40 -15.51 48.26
N GLU G 38 -32.57 -15.20 48.84
CA GLU G 38 -33.80 -15.04 48.06
C GLU G 38 -33.64 -13.98 46.94
N LEU G 39 -33.02 -12.86 47.27
CA LEU G 39 -32.77 -11.80 46.29
C LEU G 39 -31.33 -11.80 45.73
N TYR G 40 -30.76 -12.99 45.59
CA TYR G 40 -29.45 -13.16 44.96
C TYR G 40 -29.41 -12.46 43.62
N GLY G 41 -28.35 -11.69 43.38
CA GLY G 41 -28.24 -10.87 42.17
C GLY G 41 -28.85 -9.48 42.29
N TYR G 42 -29.31 -9.13 43.49
CA TYR G 42 -29.87 -7.82 43.80
C TYR G 42 -29.27 -7.33 45.12
N SER G 43 -29.28 -6.02 45.36
CA SER G 43 -29.04 -5.50 46.70
C SER G 43 -30.30 -5.69 47.53
N ALA G 44 -30.19 -5.50 48.84
CA ALA G 44 -31.37 -5.41 49.72
C ALA G 44 -32.01 -4.03 49.53
N ASP G 45 -33.16 -3.78 50.17
CA ASP G 45 -33.82 -2.46 50.09
C ASP G 45 -32.85 -1.36 50.50
N ILE G 46 -32.62 -0.39 49.62
CA ILE G 46 -31.69 0.71 49.91
C ILE G 46 -32.16 1.41 51.18
N ASN G 47 -31.27 1.60 52.15
CA ASN G 47 -31.56 2.38 53.34
C ASN G 47 -30.84 3.73 53.29
N VAL G 48 -31.64 4.80 53.24
CA VAL G 48 -31.17 6.14 52.93
C VAL G 48 -30.70 6.88 54.19
N ALA G 49 -29.65 7.68 54.05
CA ALA G 49 -29.18 8.56 55.12
C ALA G 49 -30.27 9.51 55.61
N SER G 50 -30.33 9.69 56.92
N SER G 50 -30.32 9.72 56.91
CA SER G 50 -31.21 10.69 57.55
CA SER G 50 -31.24 10.69 57.50
C SER G 50 -30.69 12.10 57.31
C SER G 50 -30.70 12.12 57.42
N SER G 51 -29.37 12.25 57.31
CA SER G 51 -28.72 13.57 57.28
C SER G 51 -27.33 13.43 56.71
N LYS G 52 -26.61 14.55 56.62
CA LYS G 52 -25.19 14.51 56.26
C LYS G 52 -24.42 13.66 57.29
N ALA G 53 -24.70 13.89 58.57
CA ALA G 53 -23.94 13.28 59.65
C ALA G 53 -24.30 11.82 59.91
N SER G 54 -25.50 11.42 59.53
CA SER G 54 -26.01 10.09 59.86
C SER G 54 -26.31 9.30 58.58
N ASP G 55 -25.41 8.40 58.22
CA ASP G 55 -25.49 7.68 56.95
C ASP G 55 -24.78 6.35 57.13
N ASN G 56 -25.56 5.31 57.37
CA ASN G 56 -25.02 3.99 57.68
C ASN G 56 -25.63 2.97 56.74
N PRO G 57 -25.16 2.95 55.48
CA PRO G 57 -25.68 1.98 54.52
C PRO G 57 -25.36 0.55 54.97
N ASN G 58 -26.35 -0.34 54.86
CA ASN G 58 -26.16 -1.76 55.18
C ASN G 58 -25.29 -2.44 54.12
N ALA G 59 -24.46 -3.37 54.57
CA ALA G 59 -23.60 -4.16 53.68
C ALA G 59 -24.37 -4.68 52.46
N THR G 60 -25.58 -5.21 52.71
CA THR G 60 -26.42 -5.82 51.68
C THR G 60 -27.00 -4.83 50.68
N THR G 61 -26.77 -3.53 50.92
CA THR G 61 -27.27 -2.49 50.03
C THR G 61 -26.18 -1.86 49.14
N LEU G 62 -24.94 -2.32 49.28
CA LEU G 62 -23.78 -1.71 48.59
C LEU G 62 -23.18 -2.66 47.56
N PRO G 63 -23.42 -2.39 46.26
CA PRO G 63 -22.76 -3.24 45.26
C PRO G 63 -21.24 -3.14 45.31
N THR G 64 -20.57 -4.27 45.09
CA THR G 64 -19.11 -4.37 45.12
C THR G 64 -18.58 -4.98 43.83
N TYR G 65 -17.26 -4.86 43.63
CA TYR G 65 -16.63 -5.44 42.44
C TYR G 65 -16.50 -6.95 42.60
N SER G 66 -16.60 -7.63 41.46
CA SER G 66 -16.31 -9.07 41.36
C SER G 66 -14.85 -9.19 40.95
N VAL G 67 -14.17 -10.22 41.44
CA VAL G 67 -12.82 -10.52 40.96
C VAL G 67 -12.60 -12.02 41.03
N ALA G 68 -11.96 -12.57 40.00
CA ALA G 68 -11.60 -13.98 39.94
C ALA G 68 -10.11 -14.10 39.56
N VAL G 69 -9.41 -15.05 40.17
CA VAL G 69 -8.02 -15.32 39.81
C VAL G 69 -7.95 -16.68 39.12
N ILE G 70 -7.41 -16.71 37.91
CA ILE G 70 -7.26 -17.94 37.14
C ILE G 70 -5.80 -18.35 37.19
N LYS G 71 -5.53 -19.56 37.68
CA LYS G 71 -4.17 -20.10 37.66
C LYS G 71 -3.89 -20.67 36.28
N LEU G 72 -2.80 -20.22 35.67
CA LEU G 72 -2.47 -20.68 34.34
C LEU G 72 -1.41 -21.78 34.43
N PRO G 73 -1.19 -22.53 33.32
CA PRO G 73 -0.17 -23.57 33.37
C PRO G 73 1.21 -23.02 33.72
N MET G 74 1.96 -23.78 34.49
CA MET G 74 3.26 -23.38 34.97
C MET G 74 4.26 -23.38 33.81
N LEU G 75 5.04 -22.32 33.67
CA LEU G 75 5.87 -22.13 32.48
C LEU G 75 7.37 -22.36 32.68
N ASN G 76 7.85 -22.17 33.90
CA ASN G 76 9.29 -22.25 34.12
C ASN G 76 9.71 -23.39 35.05
N GLU G 77 10.15 -24.49 34.44
CA GLU G 77 10.71 -25.61 35.20
C GLU G 77 11.95 -25.14 35.96
N ASP G 78 13.03 -24.91 35.23
CA ASP G 78 14.27 -24.35 35.76
C ASP G 78 14.11 -22.83 35.87
N MET G 79 14.00 -22.33 37.11
CA MET G 79 13.83 -20.89 37.36
C MET G 79 15.15 -20.12 37.46
N THR G 80 16.24 -20.72 37.02
CA THR G 80 17.53 -20.09 37.11
C THR G 80 18.04 -19.60 35.79
N CYS G 81 17.33 -19.92 34.73
CA CYS G 81 17.78 -19.62 33.39
C CYS G 81 17.82 -18.14 33.15
N ASP G 82 18.55 -17.76 32.12
CA ASP G 82 18.75 -16.37 31.78
C ASP G 82 17.48 -15.59 31.45
N THR G 83 16.53 -16.22 30.77
CA THR G 83 15.26 -15.64 30.43
C THR G 83 14.17 -16.56 30.97
N LEU G 84 13.00 -16.00 31.21
CA LEU G 84 11.85 -16.73 31.69
C LEU G 84 10.64 -16.47 30.85
N LEU G 85 9.66 -17.34 30.90
CA LEU G 85 8.40 -17.11 30.18
C LEU G 85 7.28 -16.66 31.09
N MET G 86 6.50 -15.69 30.62
CA MET G 86 5.28 -15.26 31.29
C MET G 86 4.13 -15.32 30.31
N TRP G 87 2.96 -15.70 30.79
CA TRP G 87 1.74 -15.60 30.00
C TRP G 87 1.32 -14.18 29.81
N GLU G 88 1.04 -13.84 28.55
CA GLU G 88 0.68 -12.47 28.17
C GLU G 88 -0.73 -12.52 27.65
N ALA G 89 -1.64 -11.76 28.27
CA ALA G 89 -3.03 -11.70 27.80
C ALA G 89 -3.06 -10.82 26.56
N VAL G 90 -3.53 -11.35 25.42
N VAL G 90 -3.53 -11.38 25.43
CA VAL G 90 -3.51 -10.56 24.16
CA VAL G 90 -3.52 -10.70 24.14
C VAL G 90 -4.88 -10.07 23.68
C VAL G 90 -4.86 -10.06 23.80
N SER G 91 -5.93 -10.81 24.02
CA SER G 91 -7.28 -10.38 23.66
C SER G 91 -8.34 -11.06 24.52
N VAL G 92 -9.55 -10.52 24.47
CA VAL G 92 -10.65 -10.96 25.33
C VAL G 92 -11.97 -10.79 24.57
N LYS G 93 -12.81 -11.82 24.66
CA LYS G 93 -14.23 -11.70 24.36
C LYS G 93 -14.94 -11.71 25.69
N THR G 94 -15.78 -10.71 25.92
CA THR G 94 -16.46 -10.61 27.19
C THR G 94 -17.92 -10.28 26.92
N GLU G 95 -18.80 -10.81 27.77
CA GLU G 95 -20.24 -10.67 27.57
C GLU G 95 -20.98 -10.55 28.91
N VAL G 96 -21.95 -9.64 28.95
CA VAL G 96 -22.89 -9.56 30.07
C VAL G 96 -24.01 -10.56 29.79
N MET G 97 -24.16 -11.55 30.67
CA MET G 97 -25.12 -12.61 30.43
C MET G 97 -26.48 -12.31 31.06
N GLY G 98 -27.52 -12.83 30.43
CA GLY G 98 -28.86 -12.74 30.95
C GLY G 98 -29.50 -11.39 30.73
N ILE G 99 -29.03 -10.67 29.71
CA ILE G 99 -29.54 -9.34 29.42
C ILE G 99 -31.06 -9.33 29.22
N SER G 100 -31.57 -10.32 28.50
CA SER G 100 -32.97 -10.39 28.17
C SER G 100 -33.87 -10.73 29.36
N SER G 101 -33.25 -11.14 30.48
CA SER G 101 -34.02 -11.34 31.73
C SER G 101 -34.72 -10.05 32.14
N LEU G 102 -34.20 -8.90 31.70
CA LEU G 102 -34.81 -7.61 32.04
C LEU G 102 -36.07 -7.32 31.21
N VAL G 103 -36.28 -8.08 30.14
CA VAL G 103 -37.43 -7.90 29.25
C VAL G 103 -38.64 -8.64 29.85
N ASN G 104 -39.18 -8.05 30.93
CA ASN G 104 -40.10 -8.70 31.85
C ASN G 104 -40.93 -7.58 32.47
N LEU G 105 -42.23 -7.59 32.18
CA LEU G 105 -43.19 -6.57 32.65
C LEU G 105 -44.21 -7.11 33.67
N HIS G 106 -43.99 -8.32 34.17
CA HIS G 106 -44.94 -8.95 35.10
C HIS G 106 -44.40 -9.16 36.48
N GLN G 107 -43.10 -8.90 36.67
CA GLN G 107 -42.47 -9.05 37.99
C GLN G 107 -43.12 -8.11 39.00
N GLY G 108 -43.41 -8.62 40.19
CA GLY G 108 -44.02 -7.80 41.25
C GLY G 108 -43.26 -6.49 41.39
N GLY G 109 -43.97 -5.38 41.49
CA GLY G 109 -43.31 -4.08 41.48
C GLY G 109 -44.28 -2.94 41.35
N LYS G 110 -43.79 -1.82 40.81
CA LYS G 110 -44.57 -0.58 40.70
C LYS G 110 -45.21 -0.52 39.32
N TYR G 111 -46.50 -0.24 39.25
CA TYR G 111 -47.18 -0.21 37.95
C TYR G 111 -46.68 0.96 37.08
N ILE G 112 -46.52 0.71 35.78
CA ILE G 112 -46.17 1.75 34.81
C ILE G 112 -47.21 2.84 34.76
N TYR G 113 -48.47 2.48 34.49
CA TYR G 113 -49.57 3.43 34.65
C TYR G 113 -50.40 3.03 35.91
N GLY G 114 -51.57 2.45 35.72
CA GLY G 114 -52.38 1.99 36.86
C GLY G 114 -52.31 0.49 37.07
N SER G 115 -53.16 -0.02 37.96
CA SER G 115 -53.09 -1.43 38.31
C SER G 115 -53.46 -2.37 37.17
N SER G 116 -53.88 -1.84 36.03
CA SER G 116 -54.15 -2.69 34.87
C SER G 116 -52.93 -2.91 34.01
N SER G 117 -51.87 -2.14 34.25
CA SER G 117 -50.71 -2.12 33.35
C SER G 117 -49.63 -3.10 33.80
N GLY G 118 -48.56 -3.20 33.03
CA GLY G 118 -47.39 -3.95 33.46
C GLY G 118 -46.66 -3.14 34.51
N THR G 119 -45.58 -3.70 35.02
CA THR G 119 -44.75 -3.07 36.04
C THR G 119 -43.47 -2.47 35.43
N ILE G 120 -42.94 -1.44 36.08
CA ILE G 120 -41.72 -0.75 35.64
C ILE G 120 -40.52 -1.70 35.70
N PRO G 121 -39.82 -1.89 34.56
CA PRO G 121 -38.68 -2.81 34.55
C PRO G 121 -37.45 -2.12 35.15
N VAL G 122 -36.38 -2.89 35.32
CA VAL G 122 -35.12 -2.38 35.89
C VAL G 122 -34.60 -1.20 35.06
N GLN G 123 -34.38 -0.07 35.73
CA GLN G 123 -33.93 1.16 35.09
C GLN G 123 -33.18 2.07 36.09
N GLY G 124 -32.60 3.16 35.59
CA GLY G 124 -31.78 4.05 36.40
C GLY G 124 -30.29 3.86 36.11
N THR G 125 -29.47 4.26 37.08
CA THR G 125 -28.01 4.24 37.00
C THR G 125 -27.49 2.85 36.59
N THR G 126 -26.58 2.83 35.62
CA THR G 126 -25.87 1.62 35.22
C THR G 126 -24.38 1.86 35.35
N LEU G 127 -23.63 0.83 35.71
CA LEU G 127 -22.19 0.90 35.75
C LEU G 127 -21.62 -0.43 35.24
N HIS G 128 -20.84 -0.37 34.17
CA HIS G 128 -20.24 -1.56 33.57
C HIS G 128 -18.76 -1.40 33.54
N MET G 129 -18.07 -2.37 34.11
CA MET G 129 -16.63 -2.44 33.99
C MET G 129 -16.12 -3.87 33.88
N PHE G 130 -15.11 -4.05 33.04
CA PHE G 130 -14.33 -5.27 33.04
C PHE G 130 -12.85 -4.93 32.95
N SER G 131 -12.02 -5.82 33.48
CA SER G 131 -10.59 -5.64 33.43
C SER G 131 -9.86 -6.98 33.39
N VAL G 132 -8.74 -6.99 32.70
CA VAL G 132 -7.90 -8.18 32.56
C VAL G 132 -6.47 -7.73 32.87
N GLY G 133 -5.85 -8.37 33.86
CA GLY G 133 -4.52 -7.98 34.32
C GLY G 133 -3.72 -9.14 34.86
N GLY G 134 -2.41 -8.94 35.02
CA GLY G 134 -1.51 -9.99 35.52
C GLY G 134 -1.22 -9.86 37.01
N GLU G 135 -2.13 -9.18 37.71
CA GLU G 135 -2.01 -8.85 39.13
C GLU G 135 -3.30 -8.12 39.51
N PRO G 136 -3.53 -7.89 40.81
CA PRO G 136 -4.80 -7.25 41.22
C PRO G 136 -4.99 -5.86 40.58
N LEU G 137 -6.24 -5.54 40.24
CA LEU G 137 -6.60 -4.18 39.81
C LEU G 137 -6.29 -3.21 40.94
N GLU G 138 -5.61 -2.12 40.61
CA GLU G 138 -5.25 -1.10 41.59
C GLU G 138 -6.33 -0.05 41.65
N LEU G 139 -6.74 0.31 42.86
CA LEU G 139 -7.94 1.12 43.09
C LEU G 139 -7.61 2.45 43.74
N GLN G 140 -8.44 3.46 43.49
CA GLN G 140 -8.34 4.77 44.14
C GLN G 140 -9.66 5.02 44.87
N GLY G 141 -9.55 5.47 46.12
CA GLY G 141 -10.71 5.74 46.97
C GLY G 141 -11.23 7.14 46.78
N LEU G 142 -12.56 7.25 46.67
CA LEU G 142 -13.25 8.55 46.51
C LEU G 142 -14.74 8.36 46.79
N VAL G 143 -15.29 9.16 47.70
CA VAL G 143 -16.69 8.97 48.13
C VAL G 143 -17.57 10.21 47.93
N ALA G 144 -18.88 10.00 47.87
CA ALA G 144 -19.82 11.13 47.85
C ALA G 144 -19.83 11.88 49.19
N SER G 145 -19.56 11.17 50.29
CA SER G 145 -19.56 11.76 51.62
C SER G 145 -18.56 11.09 52.58
N SER G 146 -17.66 11.90 53.14
CA SER G 146 -16.65 11.39 54.06
C SER G 146 -17.24 11.09 55.45
N THR G 147 -18.48 11.49 55.67
CA THR G 147 -19.12 11.28 56.98
C THR G 147 -19.95 9.99 57.01
N THR G 148 -19.98 9.28 55.88
CA THR G 148 -20.63 7.97 55.78
C THR G 148 -19.92 6.92 56.64
N THR G 149 -20.68 6.16 57.43
CA THR G 149 -20.13 5.01 58.15
C THR G 149 -20.40 3.75 57.32
N TYR G 150 -19.33 3.17 56.78
CA TYR G 150 -19.48 1.92 56.03
C TYR G 150 -19.41 0.69 56.95
N PRO G 151 -20.04 -0.42 56.53
CA PRO G 151 -19.91 -1.66 57.32
C PRO G 151 -18.44 -2.02 57.49
N THR G 152 -18.07 -2.37 58.71
CA THR G 152 -16.68 -2.72 59.02
C THR G 152 -16.19 -4.01 58.32
N ASP G 153 -17.11 -4.84 57.85
CA ASP G 153 -16.75 -6.09 57.16
C ASP G 153 -16.45 -5.90 55.68
N MET G 154 -16.57 -4.68 55.18
CA MET G 154 -16.20 -4.35 53.80
C MET G 154 -14.91 -3.58 53.84
N VAL G 155 -14.19 -3.56 52.72
CA VAL G 155 -12.94 -2.81 52.65
C VAL G 155 -13.22 -1.41 52.10
N THR G 156 -13.03 -0.40 52.95
CA THR G 156 -13.31 0.99 52.58
C THR G 156 -12.18 1.89 53.09
N ILE G 157 -12.32 3.20 53.00
CA ILE G 157 -11.24 4.11 53.36
C ILE G 157 -11.08 4.27 54.89
N LYS G 158 -9.86 4.09 55.37
CA LYS G 158 -9.58 4.22 56.79
C LYS G 158 -9.55 5.68 57.23
N ASN G 159 -10.32 5.99 58.29
CA ASN G 159 -10.33 7.33 58.88
C ASN G 159 -10.50 8.45 57.85
N MET G 160 -11.65 8.45 57.17
CA MET G 160 -11.97 9.42 56.14
C MET G 160 -12.02 10.84 56.65
N LYS G 161 -11.63 11.76 55.78
CA LYS G 161 -11.78 13.18 56.02
C LYS G 161 -12.45 13.81 54.80
N PRO G 162 -12.94 15.05 54.93
CA PRO G 162 -13.54 15.69 53.76
C PRO G 162 -12.70 15.59 52.48
N VAL G 163 -11.37 15.54 52.62
CA VAL G 163 -10.49 15.34 51.45
C VAL G 163 -10.85 14.07 50.63
N ASN G 164 -11.41 13.05 51.28
CA ASN G 164 -11.78 11.80 50.58
C ASN G 164 -13.01 11.93 49.70
N GLN G 165 -13.66 13.09 49.75
CA GLN G 165 -14.68 13.46 48.77
C GLN G 165 -14.09 13.86 47.42
N ALA G 166 -12.77 14.01 47.39
CA ALA G 166 -12.03 14.27 46.17
C ALA G 166 -10.78 13.37 46.12
N LEU G 167 -9.68 13.84 45.53
CA LEU G 167 -8.47 12.99 45.43
C LEU G 167 -7.52 13.10 46.64
N ASP G 168 -7.56 12.06 47.47
CA ASP G 168 -6.57 11.87 48.52
C ASP G 168 -5.58 10.80 48.06
N PRO G 169 -4.32 11.19 47.79
CA PRO G 169 -3.36 10.26 47.23
C PRO G 169 -3.04 9.07 48.15
N ASN G 170 -3.41 9.14 49.43
CA ASN G 170 -3.20 8.01 50.34
C ASN G 170 -4.35 7.00 50.37
N ALA G 171 -5.45 7.28 49.68
CA ALA G 171 -6.62 6.40 49.67
C ALA G 171 -6.53 5.40 48.51
N LYS G 172 -5.69 4.38 48.68
CA LYS G 172 -5.35 3.41 47.63
C LYS G 172 -5.61 1.99 48.11
N ALA G 173 -5.93 1.10 47.18
CA ALA G 173 -6.18 -0.29 47.53
C ALA G 173 -5.97 -1.20 46.33
N LEU G 174 -5.99 -2.51 46.58
CA LEU G 174 -5.93 -3.52 45.57
C LEU G 174 -7.25 -4.27 45.56
N LEU G 175 -7.78 -4.55 44.36
CA LEU G 175 -9.00 -5.36 44.27
C LEU G 175 -8.60 -6.81 44.42
N ASP G 176 -8.53 -7.26 45.68
CA ASP G 176 -7.97 -8.58 45.97
C ASP G 176 -8.95 -9.51 46.67
N LYS G 177 -10.21 -9.06 46.79
CA LYS G 177 -11.27 -9.88 47.37
C LYS G 177 -12.54 -9.68 46.59
N ASP G 178 -13.22 -10.78 46.26
CA ASP G 178 -14.51 -10.74 45.59
C ASP G 178 -15.60 -10.25 46.54
N GLY G 179 -16.42 -9.31 46.07
CA GLY G 179 -17.56 -8.83 46.84
C GLY G 179 -17.27 -8.08 48.13
N LYS G 180 -16.10 -7.43 48.21
CA LYS G 180 -15.72 -6.71 49.43
C LYS G 180 -15.50 -5.18 49.24
N TYR G 181 -15.21 -4.76 48.01
CA TYR G 181 -14.86 -3.38 47.67
C TYR G 181 -16.03 -2.65 47.02
N PRO G 182 -16.71 -1.76 47.76
CA PRO G 182 -17.88 -1.08 47.17
C PRO G 182 -17.51 -0.22 45.96
N VAL G 183 -18.35 -0.24 44.94
CA VAL G 183 -18.11 0.60 43.78
C VAL G 183 -18.23 2.10 44.12
N GLU G 184 -19.01 2.44 45.14
CA GLU G 184 -19.20 3.86 45.48
C GLU G 184 -18.01 4.45 46.26
N VAL G 185 -17.05 3.58 46.61
CA VAL G 185 -15.84 3.97 47.36
C VAL G 185 -14.60 3.87 46.47
N TRP G 186 -14.55 2.83 45.64
CA TRP G 186 -13.34 2.57 44.80
C TRP G 186 -13.58 2.63 43.32
N SER G 187 -12.59 3.13 42.60
CA SER G 187 -12.55 3.10 41.15
C SER G 187 -11.13 2.79 40.69
N PRO G 188 -10.96 2.36 39.42
CA PRO G 188 -9.60 2.06 38.95
C PRO G 188 -8.67 3.26 39.06
N ASP G 189 -7.47 3.04 39.60
CA ASP G 189 -6.46 4.10 39.74
C ASP G 189 -5.69 4.26 38.41
N PRO G 190 -5.95 5.37 37.69
CA PRO G 190 -5.29 5.56 36.39
C PRO G 190 -3.80 5.88 36.52
N SER G 191 -3.34 6.19 37.74
CA SER G 191 -1.93 6.50 37.95
C SER G 191 -1.08 5.24 38.09
N LYS G 192 -1.74 4.08 38.23
CA LYS G 192 -0.99 2.83 38.24
C LYS G 192 -1.53 1.93 37.12
N ASN G 193 -1.75 0.65 37.43
CA ASN G 193 -2.33 -0.31 36.49
C ASN G 193 -1.63 -0.42 35.14
N GLU G 194 -0.30 -0.42 35.15
CA GLU G 194 0.44 -0.61 33.91
C GLU G 194 0.35 -2.04 33.41
N ASN G 195 0.01 -2.98 34.30
CA ASN G 195 -0.05 -4.42 33.97
C ASN G 195 -1.51 -4.96 33.97
N THR G 196 -2.47 -4.07 33.79
CA THR G 196 -3.89 -4.41 33.72
C THR G 196 -4.49 -3.49 32.67
N ARG G 197 -5.45 -3.99 31.91
CA ARG G 197 -6.27 -3.12 31.05
C ARG G 197 -7.67 -3.15 31.61
N TYR G 198 -8.24 -1.96 31.85
CA TYR G 198 -9.62 -1.83 32.31
C TYR G 198 -10.47 -0.95 31.39
N TYR G 199 -11.77 -1.23 31.36
CA TYR G 199 -12.72 -0.58 30.47
C TYR G 199 -14.01 -0.36 31.23
N GLY G 200 -14.46 0.89 31.30
CA GLY G 200 -15.59 1.22 32.17
C GLY G 200 -16.56 2.19 31.54
N SER G 201 -17.82 2.00 31.87
CA SER G 201 -18.88 2.83 31.32
C SER G 201 -19.95 3.13 32.37
N PHE G 202 -20.33 4.40 32.46
CA PHE G 202 -21.28 4.86 33.47
C PHE G 202 -22.36 5.76 32.85
N THR G 203 -23.63 5.45 33.13
CA THR G 203 -24.73 6.38 32.86
C THR G 203 -25.55 6.49 34.13
N GLY G 204 -25.75 7.72 34.62
CA GLY G 204 -26.43 7.93 35.89
C GLY G 204 -27.93 8.13 35.71
N GLY G 205 -28.52 8.97 36.58
CA GLY G 205 -29.95 9.21 36.52
C GLY G 205 -30.74 8.24 37.36
N ALA G 206 -31.95 8.66 37.73
CA ALA G 206 -32.78 7.85 38.62
C ALA G 206 -33.61 6.82 37.87
N THR G 207 -34.04 7.14 36.65
CA THR G 207 -34.96 6.27 35.89
C THR G 207 -34.50 5.98 34.43
N THR G 208 -33.22 6.23 34.15
CA THR G 208 -32.62 6.11 32.82
C THR G 208 -32.78 4.70 32.23
N PRO G 209 -33.29 4.59 30.99
CA PRO G 209 -33.36 3.29 30.32
C PRO G 209 -31.98 2.66 30.14
N PRO G 210 -31.83 1.40 30.59
CA PRO G 210 -30.57 0.68 30.34
C PRO G 210 -30.38 0.38 28.86
N VAL G 211 -29.13 0.45 28.39
CA VAL G 211 -28.76 0.07 27.01
C VAL G 211 -27.62 -0.95 27.08
N MET G 212 -27.80 -2.09 26.41
CA MET G 212 -26.75 -3.12 26.38
C MET G 212 -26.77 -3.89 25.07
N GLN G 213 -25.59 -4.29 24.61
CA GLN G 213 -25.41 -5.13 23.41
C GLN G 213 -24.94 -6.52 23.82
N PHE G 214 -25.18 -7.49 22.95
CA PHE G 214 -24.65 -8.83 23.14
C PHE G 214 -24.36 -9.50 21.80
N THR G 215 -23.15 -10.02 21.67
CA THR G 215 -22.75 -10.67 20.44
C THR G 215 -21.59 -11.60 20.75
N ASN G 216 -21.34 -12.55 19.87
CA ASN G 216 -20.14 -13.32 19.98
C ASN G 216 -19.13 -12.93 18.88
N SER G 217 -19.36 -11.78 18.24
CA SER G 217 -18.52 -11.33 17.12
C SER G 217 -17.42 -10.32 17.45
N VAL G 218 -17.32 -9.86 18.69
CA VAL G 218 -16.46 -8.72 19.04
C VAL G 218 -15.33 -9.14 19.98
N THR G 219 -14.11 -8.75 19.63
CA THR G 219 -12.92 -9.02 20.45
C THR G 219 -12.29 -7.69 20.87
N THR G 220 -11.81 -7.59 22.11
CA THR G 220 -11.00 -6.44 22.54
C THR G 220 -9.54 -6.88 22.63
N VAL G 221 -8.67 -6.19 21.90
CA VAL G 221 -7.23 -6.45 21.95
C VAL G 221 -6.63 -5.75 23.16
N LEU G 222 -5.77 -6.45 23.89
CA LEU G 222 -5.25 -5.96 25.17
C LEU G 222 -3.82 -5.43 25.11
N LEU G 223 -3.21 -5.44 23.92
CA LEU G 223 -1.83 -4.99 23.77
C LEU G 223 -1.70 -3.48 24.03
N ASP G 224 -0.64 -3.06 24.71
CA ASP G 224 -0.40 -1.63 24.87
C ASP G 224 0.26 -1.08 23.61
N GLU G 225 0.68 0.18 23.66
CA GLU G 225 1.30 0.84 22.48
C GLU G 225 2.66 0.24 22.10
N ASN G 226 3.23 -0.56 22.98
CA ASN G 226 4.47 -1.28 22.69
C ASN G 226 4.22 -2.71 22.22
N GLY G 227 2.94 -3.08 22.10
CA GLY G 227 2.56 -4.42 21.61
C GLY G 227 2.52 -5.47 22.70
N VAL G 228 2.50 -5.02 23.95
CA VAL G 228 2.62 -5.89 25.12
C VAL G 228 1.31 -5.92 25.91
N GLY G 229 0.77 -7.12 26.11
CA GLY G 229 -0.44 -7.31 26.92
C GLY G 229 -0.10 -7.48 28.40
N PRO G 230 -1.13 -7.59 29.27
CA PRO G 230 -0.83 -7.91 30.67
C PRO G 230 0.03 -9.18 30.80
N LEU G 231 1.05 -9.10 31.66
CA LEU G 231 1.94 -10.20 31.94
C LEU G 231 1.57 -10.81 33.30
N CYS G 232 1.22 -12.10 33.31
CA CYS G 232 0.64 -12.73 34.50
C CYS G 232 1.66 -13.14 35.54
N LYS G 233 1.85 -12.33 36.57
CA LYS G 233 2.84 -12.62 37.61
C LYS G 233 2.44 -13.87 38.39
N GLY G 234 3.41 -14.75 38.66
CA GLY G 234 3.15 -16.05 39.30
C GLY G 234 2.18 -16.96 38.54
N ASP G 235 2.07 -16.73 37.22
CA ASP G 235 1.10 -17.45 36.35
C ASP G 235 -0.36 -17.26 36.76
N LYS G 236 -0.70 -16.06 37.25
CA LYS G 236 -2.05 -15.76 37.69
C LYS G 236 -2.65 -14.64 36.86
N LEU G 237 -3.84 -14.91 36.35
CA LEU G 237 -4.62 -13.97 35.56
C LEU G 237 -5.78 -13.45 36.41
N PHE G 238 -5.85 -12.12 36.53
CA PHE G 238 -6.89 -11.44 37.30
C PHE G 238 -8.00 -10.90 36.38
N LEU G 239 -9.21 -11.40 36.61
CA LEU G 239 -10.40 -10.92 35.91
C LEU G 239 -11.26 -10.13 36.89
N SER G 240 -11.60 -8.91 36.55
CA SER G 240 -12.44 -8.10 37.44
C SER G 240 -13.62 -7.51 36.67
N ALA G 241 -14.72 -7.29 37.36
CA ALA G 241 -15.93 -6.80 36.72
C ALA G 241 -16.88 -6.19 37.71
N VAL G 242 -17.74 -5.30 37.21
CA VAL G 242 -18.98 -4.96 37.89
C VAL G 242 -19.99 -4.65 36.80
N ASP G 243 -21.22 -5.14 36.95
CA ASP G 243 -22.25 -4.90 35.94
C ASP G 243 -23.61 -4.59 36.58
N ILE G 244 -23.76 -3.33 36.99
CA ILE G 244 -25.01 -2.88 37.60
C ILE G 244 -25.88 -2.42 36.46
N VAL G 245 -27.04 -3.05 36.30
CA VAL G 245 -27.88 -2.82 35.13
C VAL G 245 -29.09 -1.92 35.44
N GLY G 246 -29.17 -1.46 36.69
CA GLY G 246 -30.18 -0.50 37.08
C GLY G 246 -30.81 -0.83 38.42
N ILE G 247 -31.98 -0.27 38.65
CA ILE G 247 -32.65 -0.38 39.93
C ILE G 247 -34.00 -1.04 39.68
N HIS G 248 -34.36 -2.05 40.48
CA HIS G 248 -35.72 -2.56 40.46
C HIS G 248 -36.52 -1.91 41.55
N THR G 249 -37.66 -1.31 41.19
CA THR G 249 -38.56 -0.69 42.17
C THR G 249 -39.69 -1.63 42.60
N ASN G 250 -39.85 -1.79 43.91
CA ASN G 250 -40.85 -2.70 44.49
C ASN G 250 -42.19 -2.00 44.70
N TYR G 251 -43.26 -2.73 45.02
CA TYR G 251 -44.58 -2.09 45.11
C TYR G 251 -44.61 -0.97 46.16
N SER G 252 -43.95 -1.17 47.29
CA SER G 252 -43.88 -0.13 48.32
C SER G 252 -42.94 1.02 47.97
N GLU G 253 -42.30 0.94 46.80
CA GLU G 253 -41.31 1.93 46.35
C GLU G 253 -39.90 1.76 46.94
N SER G 254 -39.70 0.73 47.76
CA SER G 254 -38.35 0.33 48.14
C SER G 254 -37.61 -0.07 46.87
N GLN G 255 -36.29 0.02 46.89
CA GLN G 255 -35.51 -0.17 45.67
C GLN G 255 -34.30 -1.07 45.86
N ASN G 256 -34.06 -1.94 44.88
CA ASN G 256 -32.93 -2.87 44.91
C ASN G 256 -32.08 -2.72 43.64
N TRP G 257 -30.78 -2.55 43.80
CA TRP G 257 -29.86 -2.61 42.65
C TRP G 257 -29.95 -3.99 42.03
N ARG G 258 -29.88 -4.04 40.69
CA ARG G 258 -29.84 -5.30 39.96
C ARG G 258 -28.51 -5.41 39.20
N GLY G 259 -27.88 -6.58 39.27
CA GLY G 259 -26.67 -6.85 38.51
C GLY G 259 -26.78 -8.11 37.68
N LEU G 260 -25.90 -8.23 36.68
CA LEU G 260 -25.82 -9.42 35.83
C LEU G 260 -24.38 -9.95 35.76
N PRO G 261 -24.22 -11.28 35.54
CA PRO G 261 -22.89 -11.87 35.53
C PRO G 261 -22.15 -11.56 34.23
N ARG G 262 -20.82 -11.62 34.29
CA ARG G 262 -20.00 -11.35 33.12
C ARG G 262 -19.17 -12.57 32.75
N TYR G 263 -19.19 -12.91 31.46
CA TYR G 263 -18.36 -13.97 30.88
C TYR G 263 -17.04 -13.40 30.33
N PHE G 264 -15.97 -14.19 30.41
CA PHE G 264 -14.66 -13.82 29.89
C PHE G 264 -14.09 -14.98 29.08
N ASN G 265 -13.49 -14.69 27.94
CA ASN G 265 -12.71 -15.66 27.18
C ASN G 265 -11.41 -14.97 26.76
N VAL G 266 -10.30 -15.34 27.41
CA VAL G 266 -9.04 -14.61 27.24
C VAL G 266 -8.05 -15.49 26.49
N THR G 267 -7.44 -14.92 25.45
CA THR G 267 -6.38 -15.59 24.72
C THR G 267 -5.03 -15.08 25.20
N LEU G 268 -4.15 -16.04 25.50
CA LEU G 268 -2.83 -15.74 26.04
C LEU G 268 -1.73 -16.42 25.20
N ARG G 269 -0.57 -15.80 25.18
CA ARG G 269 0.59 -16.32 24.49
C ARG G 269 1.78 -16.23 25.43
N LYS G 270 2.89 -16.85 25.05
CA LYS G 270 4.09 -16.86 25.88
C LYS G 270 5.01 -15.68 25.52
N ARG G 271 5.49 -15.00 26.54
CA ARG G 271 6.36 -13.86 26.36
C ARG G 271 7.66 -14.08 27.12
N VAL G 272 8.78 -13.87 26.42
CA VAL G 272 10.10 -13.95 27.02
C VAL G 272 10.39 -12.68 27.80
N VAL G 273 10.89 -12.85 29.03
CA VAL G 273 11.35 -11.72 29.84
C VAL G 273 12.73 -12.01 30.41
N LYS G 274 13.46 -10.93 30.71
CA LYS G 274 14.77 -11.05 31.33
C LYS G 274 14.64 -11.40 32.81
N ASN G 275 15.27 -12.51 33.20
CA ASN G 275 15.32 -12.93 34.59
C ASN G 275 16.06 -11.89 35.45
N PRO G 276 15.37 -11.29 36.44
CA PRO G 276 16.01 -10.29 37.30
C PRO G 276 16.92 -10.85 38.41
N VAL H 7 -14.92 -30.92 14.05
CA VAL H 7 -14.17 -31.60 12.95
C VAL H 7 -13.09 -30.66 12.37
N GLU H 8 -12.08 -31.25 11.73
CA GLU H 8 -11.00 -30.50 11.11
C GLU H 8 -11.48 -29.80 9.83
N VAL H 9 -11.48 -28.47 9.87
CA VAL H 9 -11.93 -27.65 8.76
C VAL H 9 -10.78 -27.36 7.79
N LEU H 10 -10.98 -27.67 6.51
CA LEU H 10 -9.96 -27.40 5.50
C LEU H 10 -10.35 -26.17 4.66
N GLU H 11 -10.02 -26.17 3.36
CA GLU H 11 -10.16 -24.98 2.52
C GLU H 11 -11.55 -24.84 1.89
N VAL H 12 -11.84 -23.65 1.39
CA VAL H 12 -13.07 -23.36 0.66
C VAL H 12 -13.04 -24.04 -0.71
N ARG H 13 -14.14 -24.71 -1.06
CA ARG H 13 -14.27 -25.35 -2.38
C ARG H 13 -14.63 -24.30 -3.44
N THR H 14 -13.79 -24.24 -4.47
CA THR H 14 -14.04 -23.35 -5.61
C THR H 14 -14.67 -24.14 -6.74
N GLY H 15 -15.10 -23.42 -7.78
CA GLY H 15 -15.64 -24.03 -8.98
C GLY H 15 -16.96 -23.39 -9.33
N PRO H 16 -17.66 -23.91 -10.35
CA PRO H 16 -19.04 -23.50 -10.62
C PRO H 16 -19.98 -24.01 -9.52
N ASP H 17 -21.11 -23.34 -9.31
CA ASP H 17 -22.11 -23.76 -8.32
C ASP H 17 -21.53 -23.99 -6.91
N ALA H 18 -20.56 -23.17 -6.52
CA ALA H 18 -19.97 -23.27 -5.19
C ALA H 18 -20.79 -22.47 -4.17
N ILE H 19 -21.67 -21.61 -4.67
CA ILE H 19 -22.39 -20.65 -3.83
C ILE H 19 -23.90 -20.87 -3.90
N THR H 20 -24.59 -20.71 -2.77
CA THR H 20 -26.03 -20.68 -2.79
C THR H 20 -26.58 -19.59 -1.85
N GLN H 21 -27.78 -19.13 -2.12
CA GLN H 21 -28.41 -18.12 -1.30
C GLN H 21 -29.78 -18.60 -0.86
N ILE H 22 -30.11 -18.34 0.40
CA ILE H 22 -31.45 -18.65 0.87
C ILE H 22 -32.11 -17.42 1.49
N GLU H 23 -33.40 -17.27 1.28
CA GLU H 23 -34.16 -16.21 1.90
C GLU H 23 -35.22 -16.81 2.81
N ALA H 24 -35.52 -16.11 3.89
CA ALA H 24 -36.48 -16.59 4.87
C ALA H 24 -37.00 -15.39 5.65
N TYR H 25 -38.22 -15.53 6.16
CA TYR H 25 -38.71 -14.57 7.13
C TYR H 25 -39.24 -15.30 8.36
N LEU H 26 -38.95 -14.75 9.54
CA LEU H 26 -39.40 -15.34 10.79
C LEU H 26 -40.45 -14.43 11.41
N ASN H 27 -41.65 -14.97 11.60
CA ASN H 27 -42.71 -14.24 12.28
C ASN H 27 -42.50 -14.12 13.80
N PRO H 28 -42.93 -12.99 14.40
CA PRO H 28 -42.71 -12.78 15.84
C PRO H 28 -43.53 -13.75 16.68
N ARG H 29 -42.99 -14.13 17.83
CA ARG H 29 -43.72 -15.00 18.77
C ARG H 29 -43.85 -14.28 20.12
N MET H 30 -44.78 -13.33 20.15
CA MET H 30 -44.99 -12.46 21.32
C MET H 30 -45.91 -13.06 22.37
N GLY H 31 -46.62 -14.13 22.01
CA GLY H 31 -47.60 -14.70 22.93
C GLY H 31 -48.82 -15.19 22.19
N ASN H 32 -49.41 -14.32 21.38
CA ASN H 32 -50.42 -14.72 20.41
C ASN H 32 -49.69 -15.20 19.15
N ASN H 33 -49.36 -16.49 19.14
CA ASN H 33 -48.37 -17.06 18.20
C ASN H 33 -48.96 -17.81 17.02
N ASN H 34 -50.26 -17.69 16.85
CA ASN H 34 -51.00 -18.43 15.84
C ASN H 34 -51.61 -17.41 14.88
N PRO H 35 -51.37 -17.55 13.57
CA PRO H 35 -51.72 -16.48 12.62
C PRO H 35 -53.21 -16.17 12.53
N THR H 36 -54.04 -17.01 13.12
CA THR H 36 -55.48 -16.76 13.18
C THR H 36 -55.90 -16.03 14.46
N ASP H 37 -54.96 -15.81 15.40
CA ASP H 37 -55.26 -15.05 16.63
C ASP H 37 -55.56 -13.60 16.29
N GLU H 38 -56.58 -13.04 16.94
CA GLU H 38 -56.95 -11.64 16.75
C GLU H 38 -55.78 -10.68 16.96
N LEU H 39 -54.97 -10.94 17.99
CA LEU H 39 -53.79 -10.13 18.26
C LEU H 39 -52.46 -10.82 17.90
N TYR H 40 -52.46 -11.57 16.80
CA TYR H 40 -51.24 -12.14 16.25
C TYR H 40 -50.20 -11.03 16.10
N GLY H 41 -48.98 -11.29 16.58
CA GLY H 41 -47.90 -10.30 16.56
C GLY H 41 -47.87 -9.45 17.84
N TYR H 42 -48.75 -9.77 18.79
CA TYR H 42 -48.74 -9.17 20.14
C TYR H 42 -48.85 -10.25 21.21
N SER H 43 -48.44 -9.91 22.42
CA SER H 43 -48.74 -10.73 23.59
C SER H 43 -50.17 -10.40 24.03
N ALA H 44 -50.74 -11.23 24.90
CA ALA H 44 -52.02 -10.94 25.54
C ALA H 44 -51.79 -9.88 26.62
N ASP H 45 -52.85 -9.40 27.27
CA ASP H 45 -52.71 -8.43 28.37
C ASP H 45 -51.75 -8.98 29.42
N ILE H 46 -50.71 -8.21 29.75
CA ILE H 46 -49.69 -8.66 30.72
C ILE H 46 -50.36 -8.87 32.09
N ASN H 47 -50.21 -10.08 32.65
CA ASN H 47 -50.76 -10.35 33.99
C ASN H 47 -49.62 -10.34 35.02
N VAL H 48 -49.75 -9.42 35.97
CA VAL H 48 -48.66 -9.05 36.86
C VAL H 48 -48.65 -9.89 38.13
N ALA H 49 -47.45 -10.16 38.65
CA ALA H 49 -47.30 -10.84 39.94
C ALA H 49 -47.97 -10.03 41.03
N SER H 50 -48.60 -10.68 42.00
CA SER H 50 -49.09 -9.93 43.13
C SER H 50 -48.03 -9.88 44.24
N SER H 51 -46.98 -10.69 44.12
CA SER H 51 -45.95 -10.76 45.16
C SER H 51 -44.69 -11.48 44.67
N LYS H 52 -43.65 -11.46 45.48
CA LYS H 52 -42.45 -12.27 45.23
C LYS H 52 -42.83 -13.75 45.11
N ALA H 53 -43.64 -14.22 46.07
CA ALA H 53 -44.06 -15.63 46.12
C ALA H 53 -44.98 -16.05 44.97
N SER H 54 -45.81 -15.14 44.51
CA SER H 54 -46.90 -15.49 43.59
C SER H 54 -46.79 -14.74 42.28
N ASP H 55 -46.28 -15.43 41.26
CA ASP H 55 -45.97 -14.84 39.96
C ASP H 55 -46.19 -15.93 38.91
N ASN H 56 -47.37 -15.91 38.31
CA ASN H 56 -47.76 -16.93 37.35
C ASN H 56 -48.13 -16.31 36.00
N PRO H 57 -47.12 -15.88 35.21
CA PRO H 57 -47.43 -15.25 33.92
C PRO H 57 -48.08 -16.22 32.94
N ASN H 58 -49.14 -15.77 32.27
CA ASN H 58 -49.78 -16.57 31.22
C ASN H 58 -48.81 -16.80 30.06
N ALA H 59 -48.86 -18.00 29.47
CA ALA H 59 -48.01 -18.32 28.29
C ALA H 59 -48.19 -17.28 27.19
N THR H 60 -49.44 -16.87 26.98
CA THR H 60 -49.73 -15.85 25.96
C THR H 60 -49.15 -14.46 26.26
N THR H 61 -48.54 -14.26 27.42
CA THR H 61 -47.97 -12.95 27.76
C THR H 61 -46.44 -12.90 27.73
N LEU H 62 -45.80 -14.00 27.38
CA LEU H 62 -44.35 -14.12 27.42
C LEU H 62 -43.74 -14.26 26.02
N PRO H 63 -43.09 -13.19 25.52
CA PRO H 63 -42.46 -13.35 24.21
C PRO H 63 -41.38 -14.43 24.21
N THR H 64 -41.33 -15.21 23.13
CA THR H 64 -40.36 -16.29 22.95
C THR H 64 -39.51 -16.07 21.70
N TYR H 65 -38.43 -16.83 21.58
CA TYR H 65 -37.56 -16.76 20.41
C TYR H 65 -38.22 -17.40 19.19
N SER H 66 -38.01 -16.80 18.02
CA SER H 66 -38.36 -17.44 16.76
C SER H 66 -37.18 -18.26 16.27
N VAL H 67 -37.47 -19.41 15.66
CA VAL H 67 -36.42 -20.25 15.06
C VAL H 67 -36.97 -20.95 13.82
N ALA H 68 -36.19 -20.95 12.75
CA ALA H 68 -36.52 -21.71 11.54
C ALA H 68 -35.32 -22.53 11.16
N VAL H 69 -35.57 -23.77 10.75
CA VAL H 69 -34.52 -24.65 10.25
C VAL H 69 -34.70 -24.86 8.74
N ILE H 70 -33.66 -24.50 8.00
CA ILE H 70 -33.66 -24.64 6.55
C ILE H 70 -32.75 -25.83 6.25
N LYS H 71 -33.28 -26.84 5.56
CA LYS H 71 -32.46 -27.95 5.09
C LYS H 71 -31.98 -27.68 3.69
N LEU H 72 -30.66 -27.68 3.53
CA LEU H 72 -29.98 -27.31 2.31
C LEU H 72 -29.70 -28.53 1.42
N PRO H 73 -29.29 -28.31 0.15
CA PRO H 73 -28.94 -29.41 -0.75
C PRO H 73 -27.90 -30.35 -0.17
N MET H 74 -28.13 -31.64 -0.35
CA MET H 74 -27.24 -32.65 0.18
C MET H 74 -25.92 -32.58 -0.57
N LEU H 75 -24.83 -32.44 0.17
CA LEU H 75 -23.49 -32.41 -0.42
C LEU H 75 -22.77 -33.75 -0.40
N ASN H 76 -23.10 -34.61 0.56
CA ASN H 76 -22.44 -35.92 0.66
C ASN H 76 -23.44 -37.09 0.67
N GLU H 77 -23.45 -37.86 -0.42
CA GLU H 77 -24.33 -39.04 -0.54
C GLU H 77 -24.15 -40.02 0.61
N ASP H 78 -22.89 -40.36 0.90
CA ASP H 78 -22.55 -41.16 2.07
C ASP H 78 -21.33 -40.56 2.78
N MET H 79 -20.74 -41.33 3.68
CA MET H 79 -19.58 -40.88 4.44
C MET H 79 -18.27 -41.51 3.98
N THR H 80 -18.23 -41.91 2.72
CA THR H 80 -17.07 -42.67 2.23
C THR H 80 -15.95 -41.95 1.51
N CYS H 81 -16.18 -40.76 0.99
CA CYS H 81 -15.11 -40.02 0.34
C CYS H 81 -14.09 -39.57 1.34
N ASP H 82 -12.89 -39.30 0.84
CA ASP H 82 -11.73 -38.96 1.63
C ASP H 82 -11.97 -37.72 2.51
N THR H 83 -12.72 -36.76 2.01
CA THR H 83 -13.11 -35.55 2.73
C THR H 83 -14.61 -35.28 2.52
N LEU H 84 -15.20 -34.35 3.27
CA LEU H 84 -16.61 -34.02 3.10
C LEU H 84 -16.78 -32.53 2.79
N LEU H 85 -17.93 -32.18 2.21
CA LEU H 85 -18.33 -30.79 2.01
C LEU H 85 -19.44 -30.40 3.00
N MET H 86 -19.38 -29.17 3.49
CA MET H 86 -20.43 -28.57 4.31
C MET H 86 -20.76 -27.18 3.78
N TRP H 87 -22.00 -26.77 4.00
CA TRP H 87 -22.43 -25.41 3.71
C TRP H 87 -21.93 -24.49 4.78
N GLU H 88 -21.29 -23.41 4.36
CA GLU H 88 -20.70 -22.41 5.23
C GLU H 88 -21.47 -21.10 5.04
N ALA H 89 -22.07 -20.59 6.12
CA ALA H 89 -22.76 -19.32 6.06
C ALA H 89 -21.72 -18.20 6.06
N VAL H 90 -21.66 -17.46 4.96
CA VAL H 90 -20.63 -16.46 4.72
C VAL H 90 -21.07 -15.06 5.17
N SER H 91 -22.27 -14.67 4.79
CA SER H 91 -22.78 -13.36 5.13
C SER H 91 -24.31 -13.37 5.13
N VAL H 92 -24.89 -12.29 5.66
CA VAL H 92 -26.33 -12.20 5.78
C VAL H 92 -26.78 -10.74 5.67
N LYS H 93 -27.80 -10.50 4.84
CA LYS H 93 -28.56 -9.26 4.89
C LYS H 93 -29.79 -9.55 5.73
N THR H 94 -29.97 -8.78 6.79
CA THR H 94 -31.14 -8.96 7.63
C THR H 94 -31.86 -7.64 7.90
N GLU H 95 -33.17 -7.71 8.08
CA GLU H 95 -34.02 -6.53 8.09
C GLU H 95 -35.23 -6.81 8.98
N VAL H 96 -35.59 -5.86 9.84
CA VAL H 96 -36.86 -5.92 10.56
C VAL H 96 -37.92 -5.33 9.65
N MET H 97 -38.95 -6.11 9.32
CA MET H 97 -40.02 -5.66 8.40
C MET H 97 -41.21 -5.00 9.11
N GLY H 98 -41.89 -4.14 8.38
CA GLY H 98 -43.09 -3.49 8.89
C GLY H 98 -42.86 -2.35 9.87
N ILE H 99 -41.63 -1.82 9.90
CA ILE H 99 -41.29 -0.79 10.89
C ILE H 99 -42.27 0.38 10.83
N SER H 100 -42.63 0.79 9.62
CA SER H 100 -43.50 1.95 9.45
C SER H 100 -44.93 1.73 9.95
N SER H 101 -45.26 0.48 10.31
CA SER H 101 -46.59 0.19 10.90
C SER H 101 -46.77 0.82 12.29
N LEU H 102 -45.66 1.13 12.96
CA LEU H 102 -45.69 1.83 14.25
C LEU H 102 -46.06 3.31 14.12
N VAL H 103 -45.90 3.86 12.91
CA VAL H 103 -46.18 5.28 12.65
C VAL H 103 -47.69 5.48 12.47
N ASN H 104 -48.38 5.41 13.60
CA ASN H 104 -49.83 5.25 13.64
C ASN H 104 -50.31 5.88 14.94
N LEU H 105 -51.09 6.94 14.86
CA LEU H 105 -51.59 7.58 16.06
C LEU H 105 -53.10 7.45 16.24
N HIS H 106 -53.74 6.54 15.51
CA HIS H 106 -55.20 6.43 15.55
C HIS H 106 -55.69 5.11 16.09
N GLN H 107 -54.76 4.17 16.29
CA GLN H 107 -55.09 2.87 16.87
C GLN H 107 -55.73 3.07 18.24
N GLY H 108 -56.76 2.27 18.53
CA GLY H 108 -57.43 2.32 19.83
C GLY H 108 -56.42 2.15 20.94
N GLY H 109 -56.51 3.00 21.96
CA GLY H 109 -55.52 2.96 23.04
C GLY H 109 -55.67 4.07 24.06
N LYS H 110 -54.53 4.56 24.54
CA LYS H 110 -54.44 5.61 25.57
C LYS H 110 -54.10 6.97 24.92
N TYR H 111 -54.88 8.01 25.23
CA TYR H 111 -54.65 9.32 24.65
C TYR H 111 -53.32 9.89 25.08
N ILE H 112 -52.64 10.57 24.15
CA ILE H 112 -51.40 11.24 24.45
C ILE H 112 -51.65 12.38 25.44
N TYR H 113 -52.68 13.19 25.17
CA TYR H 113 -53.13 14.24 26.10
C TYR H 113 -54.55 13.91 26.55
N GLY H 114 -55.52 14.76 26.29
CA GLY H 114 -56.92 14.43 26.51
C GLY H 114 -57.52 13.74 25.29
N SER H 115 -58.86 13.67 25.27
CA SER H 115 -59.59 12.89 24.27
C SER H 115 -59.67 13.46 22.85
N SER H 116 -59.20 14.68 22.64
CA SER H 116 -59.09 15.21 21.27
C SER H 116 -57.77 14.81 20.57
N SER H 117 -56.82 14.26 21.30
CA SER H 117 -55.49 13.95 20.75
C SER H 117 -55.41 12.56 20.15
N GLY H 118 -54.26 12.27 19.51
CA GLY H 118 -53.95 10.91 19.05
C GLY H 118 -53.64 10.00 20.23
N THR H 119 -53.46 8.72 19.95
CA THR H 119 -53.14 7.74 20.99
C THR H 119 -51.65 7.45 21.04
N ILE H 120 -51.19 7.00 22.21
CA ILE H 120 -49.79 6.69 22.42
C ILE H 120 -49.42 5.48 21.56
N PRO H 121 -48.38 5.64 20.72
CA PRO H 121 -47.89 4.54 19.88
C PRO H 121 -47.05 3.57 20.70
N VAL H 122 -46.65 2.46 20.07
CA VAL H 122 -45.83 1.43 20.70
C VAL H 122 -44.51 2.03 21.21
N GLN H 123 -44.17 1.80 22.47
CA GLN H 123 -42.95 2.35 23.07
C GLN H 123 -42.58 1.55 24.32
N GLY H 124 -41.41 1.81 24.89
CA GLY H 124 -40.92 1.03 26.03
C GLY H 124 -39.77 0.09 25.66
N THR H 125 -39.58 -0.97 26.45
CA THR H 125 -38.50 -1.93 26.27
C THR H 125 -38.47 -2.52 24.87
N THR H 126 -37.28 -2.54 24.26
CA THR H 126 -37.05 -3.22 23.00
C THR H 126 -35.93 -4.27 23.11
N LEU H 127 -36.03 -5.32 22.30
CA LEU H 127 -35.04 -6.37 22.27
C LEU H 127 -34.94 -6.90 20.86
N HIS H 128 -33.76 -6.72 20.29
CA HIS H 128 -33.50 -7.18 18.94
C HIS H 128 -32.36 -8.13 18.96
N MET H 129 -32.58 -9.32 18.39
CA MET H 129 -31.53 -10.32 18.24
C MET H 129 -31.75 -11.11 16.97
N PHE H 130 -30.69 -11.35 16.22
CA PHE H 130 -30.70 -12.35 15.16
C PHE H 130 -29.47 -13.24 15.25
N SER H 131 -29.60 -14.47 14.76
CA SER H 131 -28.50 -15.41 14.71
C SER H 131 -28.57 -16.33 13.48
N VAL H 132 -27.40 -16.73 13.02
CA VAL H 132 -27.24 -17.65 11.89
C VAL H 132 -26.24 -18.67 12.36
N GLY H 133 -26.62 -19.94 12.40
CA GLY H 133 -25.72 -21.00 12.84
C GLY H 133 -25.92 -22.28 12.08
N GLY H 134 -24.99 -23.23 12.25
CA GLY H 134 -25.11 -24.54 11.64
C GLY H 134 -25.64 -25.60 12.59
N GLU H 135 -26.33 -25.16 13.65
CA GLU H 135 -26.87 -26.01 14.70
C GLU H 135 -27.70 -25.11 15.64
N PRO H 136 -28.50 -25.70 16.55
CA PRO H 136 -29.31 -24.81 17.40
C PRO H 136 -28.48 -23.79 18.18
N LEU H 137 -28.98 -22.57 18.29
CA LEU H 137 -28.38 -21.56 19.17
C LEU H 137 -28.33 -22.09 20.60
N GLU H 138 -27.16 -21.99 21.23
CA GLU H 138 -26.99 -22.46 22.59
C GLU H 138 -27.34 -21.37 23.59
N LEU H 139 -28.18 -21.74 24.56
CA LEU H 139 -28.80 -20.79 25.50
C LEU H 139 -28.34 -20.96 26.94
N GLN H 140 -28.34 -19.85 27.67
CA GLN H 140 -28.08 -19.85 29.11
C GLN H 140 -29.32 -19.31 29.78
N GLY H 141 -29.73 -19.97 30.86
CA GLY H 141 -30.89 -19.58 31.64
C GLY H 141 -30.58 -18.63 32.78
N LEU H 142 -31.36 -17.55 32.86
CA LEU H 142 -31.27 -16.56 33.94
C LEU H 142 -32.60 -15.79 33.98
N VAL H 143 -33.18 -15.65 35.16
CA VAL H 143 -34.49 -15.01 35.33
C VAL H 143 -34.43 -13.88 36.37
N ALA H 144 -35.38 -12.94 36.28
CA ALA H 144 -35.54 -11.90 37.32
C ALA H 144 -35.91 -12.49 38.68
N SER H 145 -36.67 -13.57 38.67
CA SER H 145 -37.12 -14.19 39.91
C SER H 145 -37.22 -15.71 39.86
N SER H 146 -36.54 -16.38 40.77
CA SER H 146 -36.56 -17.83 40.79
C SER H 146 -37.88 -18.37 41.33
N THR H 147 -38.73 -17.51 41.89
CA THR H 147 -39.99 -17.98 42.45
C THR H 147 -41.17 -17.86 41.46
N THR H 148 -40.90 -17.35 40.26
CA THR H 148 -41.92 -17.28 39.22
C THR H 148 -42.32 -18.70 38.82
N THR H 149 -43.63 -18.95 38.67
CA THR H 149 -44.10 -20.23 38.14
C THR H 149 -44.40 -20.03 36.66
N TYR H 150 -43.53 -20.56 35.82
CA TYR H 150 -43.72 -20.48 34.37
C TYR H 150 -44.71 -21.55 33.93
N PRO H 151 -45.48 -21.28 32.85
CA PRO H 151 -46.35 -22.33 32.29
C PRO H 151 -45.53 -23.57 31.90
N THR H 152 -46.08 -24.75 32.16
CA THR H 152 -45.33 -26.00 31.99
C THR H 152 -45.17 -26.39 30.53
N ASP H 153 -46.03 -25.87 29.65
N ASP H 153 -46.05 -25.88 29.68
CA ASP H 153 -45.95 -26.16 28.21
CA ASP H 153 -45.98 -26.13 28.24
C ASP H 153 -44.98 -25.23 27.44
C ASP H 153 -44.76 -25.47 27.58
N MET H 154 -44.26 -24.38 28.17
CA MET H 154 -43.12 -23.65 27.61
C MET H 154 -41.84 -24.35 28.09
N VAL H 155 -40.70 -24.05 27.47
CA VAL H 155 -39.46 -24.61 27.97
C VAL H 155 -38.74 -23.60 28.86
N THR H 156 -38.60 -23.91 30.14
CA THR H 156 -37.96 -23.01 31.10
C THR H 156 -36.99 -23.78 32.01
N ILE H 157 -36.47 -23.14 33.05
CA ILE H 157 -35.48 -23.81 33.91
C ILE H 157 -36.16 -24.79 34.88
N LYS H 158 -35.76 -26.06 34.81
CA LYS H 158 -36.30 -27.07 35.71
C LYS H 158 -35.82 -26.83 37.13
N ASN H 159 -36.75 -26.91 38.09
CA ASN H 159 -36.43 -26.81 39.52
C ASN H 159 -35.57 -25.60 39.90
N MET H 160 -36.04 -24.41 39.56
CA MET H 160 -35.32 -23.19 39.86
C MET H 160 -34.99 -23.06 41.34
N LYS H 161 -33.85 -22.45 41.64
CA LYS H 161 -33.51 -22.03 42.99
C LYS H 161 -32.98 -20.61 42.85
N PRO H 162 -32.82 -19.87 43.98
CA PRO H 162 -32.37 -18.47 43.84
C PRO H 162 -31.06 -18.29 43.05
N VAL H 163 -30.23 -19.33 42.94
CA VAL H 163 -29.02 -19.25 42.10
C VAL H 163 -29.37 -18.85 40.65
N ASN H 164 -30.59 -19.18 40.23
CA ASN H 164 -31.01 -18.89 38.86
C ASN H 164 -31.34 -17.42 38.60
N GLN H 165 -31.18 -16.58 39.61
CA GLN H 165 -31.26 -15.13 39.42
C GLN H 165 -29.92 -14.56 38.94
N ALA H 166 -28.90 -15.43 38.92
CA ALA H 166 -27.61 -15.11 38.32
C ALA H 166 -27.13 -16.33 37.51
N LEU H 167 -25.83 -16.60 37.50
CA LEU H 167 -25.29 -17.64 36.60
C LEU H 167 -25.26 -19.02 37.26
N ASP H 168 -26.17 -19.88 36.84
CA ASP H 168 -26.16 -21.30 37.19
C ASP H 168 -25.67 -22.10 35.99
N PRO H 169 -24.48 -22.70 36.09
CA PRO H 169 -23.89 -23.37 34.95
C PRO H 169 -24.67 -24.58 34.41
N ASN H 170 -25.61 -25.14 35.18
CA ASN H 170 -26.46 -26.25 34.68
C ASN H 170 -27.73 -25.80 33.95
N ALA H 171 -28.05 -24.52 34.03
CA ALA H 171 -29.24 -23.98 33.34
C ALA H 171 -28.91 -23.65 31.88
N LYS H 172 -28.86 -24.69 31.05
CA LYS H 172 -28.47 -24.56 29.64
C LYS H 172 -29.55 -25.19 28.79
N ALA H 173 -29.72 -24.69 27.57
CA ALA H 173 -30.70 -25.28 26.64
C ALA H 173 -30.26 -25.05 25.21
N LEU H 174 -30.97 -25.69 24.27
CA LEU H 174 -30.78 -25.43 22.85
C LEU H 174 -32.06 -24.80 22.35
N LEU H 175 -31.94 -23.76 21.52
CA LEU H 175 -33.11 -23.16 20.90
C LEU H 175 -33.55 -24.04 19.73
N ASP H 176 -34.34 -25.06 20.07
CA ASP H 176 -34.69 -26.06 19.08
C ASP H 176 -36.19 -26.14 18.85
N LYS H 177 -36.93 -25.16 19.38
CA LYS H 177 -38.39 -25.09 19.19
C LYS H 177 -38.79 -23.65 18.97
N ASP H 178 -39.59 -23.42 17.92
CA ASP H 178 -40.12 -22.09 17.63
C ASP H 178 -41.21 -21.74 18.65
N GLY H 179 -41.14 -20.55 19.22
CA GLY H 179 -42.20 -20.07 20.11
C GLY H 179 -42.38 -20.80 21.43
N LYS H 180 -41.28 -21.17 22.08
CA LYS H 180 -41.36 -21.98 23.30
C LYS H 180 -40.37 -21.54 24.36
N TYR H 181 -39.30 -20.88 23.94
CA TYR H 181 -38.22 -20.48 24.83
C TYR H 181 -38.35 -18.98 25.16
N PRO H 182 -38.81 -18.63 26.39
CA PRO H 182 -39.06 -17.22 26.72
C PRO H 182 -37.78 -16.40 26.78
N VAL H 183 -37.83 -15.19 26.21
CA VAL H 183 -36.64 -14.34 26.18
C VAL H 183 -36.26 -13.90 27.59
N GLU H 184 -37.25 -13.87 28.50
CA GLU H 184 -36.97 -13.45 29.88
C GLU H 184 -36.30 -14.55 30.71
N VAL H 185 -36.23 -15.75 30.14
CA VAL H 185 -35.58 -16.88 30.79
C VAL H 185 -34.25 -17.24 30.12
N TRP H 186 -34.17 -17.11 28.79
CA TRP H 186 -33.02 -17.61 28.03
C TRP H 186 -32.34 -16.53 27.24
N SER H 187 -31.01 -16.60 27.19
CA SER H 187 -30.20 -15.70 26.35
C SER H 187 -29.05 -16.47 25.71
N PRO H 188 -28.45 -15.91 24.62
CA PRO H 188 -27.35 -16.65 23.98
C PRO H 188 -26.23 -16.96 24.98
N ASP H 189 -25.73 -18.19 24.95
CA ASP H 189 -24.65 -18.61 25.85
C ASP H 189 -23.29 -18.28 25.21
N PRO H 190 -22.54 -17.33 25.80
CA PRO H 190 -21.26 -16.92 25.20
C PRO H 190 -20.13 -17.93 25.45
N SER H 191 -20.38 -18.91 26.31
CA SER H 191 -19.38 -19.93 26.58
C SER H 191 -19.40 -21.02 25.52
N LYS H 192 -20.45 -21.04 24.72
CA LYS H 192 -20.54 -21.99 23.62
C LYS H 192 -20.72 -21.23 22.29
N ASN H 193 -21.64 -21.71 21.45
CA ASN H 193 -21.94 -21.08 20.16
C ASN H 193 -20.71 -20.82 19.25
N GLU H 194 -19.75 -21.74 19.26
CA GLU H 194 -18.62 -21.69 18.31
C GLU H 194 -19.10 -21.77 16.85
N ASN H 195 -20.28 -22.33 16.64
CA ASN H 195 -20.76 -22.61 15.28
C ASN H 195 -22.03 -21.83 14.90
N THR H 196 -22.26 -20.71 15.62
CA THR H 196 -23.36 -19.79 15.36
C THR H 196 -22.83 -18.36 15.55
N ARG H 197 -23.32 -17.43 14.74
CA ARG H 197 -23.06 -16.02 15.03
C ARG H 197 -24.37 -15.36 15.49
N TYR H 198 -24.32 -14.70 16.65
CA TYR H 198 -25.48 -13.96 17.13
C TYR H 198 -25.17 -12.49 17.41
N TYR H 199 -26.19 -11.65 17.26
CA TYR H 199 -26.06 -10.19 17.38
C TYR H 199 -27.33 -9.68 18.07
N GLY H 200 -27.16 -8.98 19.19
CA GLY H 200 -28.31 -8.60 20.00
C GLY H 200 -28.20 -7.19 20.52
N SER H 201 -29.36 -6.55 20.68
CA SER H 201 -29.42 -5.19 21.18
C SER H 201 -30.63 -5.01 22.07
N PHE H 202 -30.40 -4.37 23.23
CA PHE H 202 -31.44 -4.17 24.24
C PHE H 202 -31.42 -2.72 24.74
N THR H 203 -32.61 -2.10 24.73
CA THR H 203 -32.84 -0.82 25.42
C THR H 203 -34.09 -1.01 26.27
N GLY H 204 -33.95 -0.79 27.57
CA GLY H 204 -35.04 -0.97 28.52
C GLY H 204 -35.89 0.26 28.73
N GLY H 205 -36.35 0.44 29.96
CA GLY H 205 -37.23 1.56 30.28
C GLY H 205 -38.69 1.22 30.07
N ALA H 206 -39.55 2.03 30.66
CA ALA H 206 -40.99 1.80 30.63
C ALA H 206 -41.65 2.38 29.38
N THR H 207 -41.19 3.55 28.95
CA THR H 207 -41.81 4.32 27.85
C THR H 207 -40.81 4.80 26.79
N THR H 208 -39.62 4.22 26.75
CA THR H 208 -38.57 4.63 25.80
C THR H 208 -39.05 4.59 24.36
N PRO H 209 -38.81 5.67 23.60
CA PRO H 209 -39.12 5.62 22.18
C PRO H 209 -38.32 4.51 21.45
N PRO H 210 -38.98 3.73 20.58
CA PRO H 210 -38.21 2.76 19.79
C PRO H 210 -37.42 3.46 18.67
N VAL H 211 -36.24 2.92 18.34
CA VAL H 211 -35.39 3.42 17.25
C VAL H 211 -34.99 2.26 16.33
N MET H 212 -35.23 2.41 15.03
CA MET H 212 -34.86 1.37 14.06
C MET H 212 -34.51 1.98 12.72
N GLN H 213 -33.55 1.37 12.05
CA GLN H 213 -33.16 1.67 10.66
C GLN H 213 -33.59 0.54 9.75
N PHE H 214 -33.72 0.85 8.46
CA PHE H 214 -34.00 -0.14 7.45
C PHE H 214 -33.34 0.30 6.15
N THR H 215 -32.70 -0.64 5.46
CA THR H 215 -32.03 -0.36 4.20
C THR H 215 -31.68 -1.70 3.55
N ASN H 216 -31.51 -1.71 2.24
CA ASN H 216 -31.10 -2.94 1.62
C ASN H 216 -29.63 -2.86 1.19
N SER H 217 -28.87 -1.98 1.82
CA SER H 217 -27.48 -1.75 1.43
C SER H 217 -26.44 -2.32 2.40
N VAL H 218 -26.89 -2.96 3.46
CA VAL H 218 -25.99 -3.40 4.55
C VAL H 218 -25.93 -4.94 4.65
N THR H 219 -24.71 -5.48 4.73
CA THR H 219 -24.51 -6.91 4.92
C THR H 219 -23.67 -7.15 6.16
N THR H 220 -23.95 -8.22 6.90
CA THR H 220 -23.11 -8.63 8.02
C THR H 220 -22.28 -9.84 7.56
N VAL H 221 -20.95 -9.74 7.67
CA VAL H 221 -20.08 -10.88 7.36
C VAL H 221 -19.99 -11.83 8.57
N LEU H 222 -20.17 -13.13 8.33
CA LEU H 222 -20.34 -14.09 9.43
C LEU H 222 -19.08 -14.92 9.74
N LEU H 223 -18.03 -14.68 8.96
CA LEU H 223 -16.76 -15.38 9.11
C LEU H 223 -16.11 -15.06 10.46
N ASP H 224 -15.51 -16.05 11.11
CA ASP H 224 -14.78 -15.79 12.35
C ASP H 224 -13.35 -15.28 12.08
N GLU H 225 -12.50 -15.22 13.11
CA GLU H 225 -11.15 -14.69 12.92
C GLU H 225 -10.25 -15.56 12.05
N ASN H 226 -10.61 -16.83 11.86
CA ASN H 226 -9.88 -17.71 10.95
C ASN H 226 -10.50 -17.75 9.54
N GLY H 227 -11.40 -16.83 9.27
CA GLY H 227 -12.11 -16.82 7.98
C GLY H 227 -13.15 -17.91 7.82
N VAL H 228 -13.64 -18.49 8.92
CA VAL H 228 -14.62 -19.59 8.85
C VAL H 228 -16.03 -19.18 9.37
N GLY H 229 -17.06 -19.42 8.54
CA GLY H 229 -18.44 -19.12 8.93
C GLY H 229 -19.11 -20.33 9.58
N PRO H 230 -20.35 -20.15 10.08
CA PRO H 230 -21.06 -21.32 10.58
C PRO H 230 -21.09 -22.45 9.55
N LEU H 231 -20.85 -23.67 10.02
CA LEU H 231 -20.89 -24.86 9.17
C LEU H 231 -22.15 -25.69 9.51
N CYS H 232 -22.97 -25.91 8.50
CA CYS H 232 -24.29 -26.51 8.67
C CYS H 232 -24.27 -28.03 8.88
N LYS H 233 -24.27 -28.45 10.14
CA LYS H 233 -24.23 -29.89 10.43
C LYS H 233 -25.50 -30.57 9.92
N GLY H 234 -25.31 -31.70 9.27
CA GLY H 234 -26.40 -32.42 8.62
C GLY H 234 -27.15 -31.58 7.59
N ASP H 235 -26.45 -30.60 7.01
CA ASP H 235 -27.02 -29.67 6.01
C ASP H 235 -28.19 -28.81 6.53
N LYS H 236 -28.21 -28.55 7.83
CA LYS H 236 -29.25 -27.68 8.41
C LYS H 236 -28.72 -26.31 8.77
N LEU H 237 -29.45 -25.29 8.32
CA LEU H 237 -29.15 -23.90 8.67
C LEU H 237 -30.20 -23.41 9.66
N PHE H 238 -29.74 -22.93 10.83
CA PHE H 238 -30.60 -22.41 11.89
C PHE H 238 -30.65 -20.88 11.88
N LEU H 239 -31.84 -20.32 11.69
CA LEU H 239 -32.06 -18.88 11.74
C LEU H 239 -32.91 -18.60 12.97
N SER H 240 -32.45 -17.72 13.85
CA SER H 240 -33.21 -17.39 15.06
C SER H 240 -33.33 -15.88 15.22
N ALA H 241 -34.39 -15.45 15.90
CA ALA H 241 -34.66 -14.01 16.06
C ALA H 241 -35.59 -13.71 17.20
N VAL H 242 -35.46 -12.49 17.72
CA VAL H 242 -36.55 -11.85 18.45
C VAL H 242 -36.50 -10.37 18.16
N ASP H 243 -37.65 -9.77 17.88
CA ASP H 243 -37.71 -8.34 17.61
C ASP H 243 -38.92 -7.73 18.28
N ILE H 244 -38.79 -7.59 19.59
CA ILE H 244 -39.76 -6.86 20.42
C ILE H 244 -39.51 -5.37 20.22
N VAL H 245 -40.51 -4.66 19.71
CA VAL H 245 -40.35 -3.23 19.35
C VAL H 245 -41.01 -2.29 20.37
N GLY H 246 -41.60 -2.88 21.40
CA GLY H 246 -42.18 -2.11 22.51
C GLY H 246 -43.48 -2.72 23.02
N ILE H 247 -44.22 -1.86 23.74
CA ILE H 247 -45.45 -2.21 24.42
C ILE H 247 -46.52 -1.32 23.83
N HIS H 248 -47.65 -1.92 23.46
CA HIS H 248 -48.84 -1.12 23.14
C HIS H 248 -49.68 -1.00 24.36
N THR H 249 -50.14 0.20 24.66
CA THR H 249 -50.99 0.42 25.83
C THR H 249 -52.45 0.58 25.40
N ASN H 250 -53.34 -0.17 26.02
CA ASN H 250 -54.76 -0.12 25.68
C ASN H 250 -55.53 0.91 26.50
N TYR H 251 -56.80 1.14 26.13
CA TYR H 251 -57.60 2.16 26.80
C TYR H 251 -57.64 1.97 28.33
N SER H 252 -57.81 0.72 28.78
CA SER H 252 -57.90 0.41 30.21
C SER H 252 -56.53 0.44 30.89
N GLU H 253 -55.49 0.72 30.10
CA GLU H 253 -54.09 0.67 30.55
C GLU H 253 -53.53 -0.74 30.62
N SER H 254 -54.29 -1.74 30.17
CA SER H 254 -53.68 -3.06 29.94
C SER H 254 -52.65 -2.90 28.82
N GLN H 255 -51.67 -3.80 28.76
CA GLN H 255 -50.56 -3.65 27.84
C GLN H 255 -50.19 -4.94 27.14
N ASN H 256 -49.81 -4.83 25.87
CA ASN H 256 -49.39 -5.98 25.08
C ASN H 256 -48.04 -5.73 24.44
N TRP H 257 -47.16 -6.72 24.53
CA TRP H 257 -45.92 -6.66 23.81
C TRP H 257 -46.24 -6.62 22.35
N ARG H 258 -45.43 -5.87 21.60
CA ARG H 258 -45.54 -5.82 20.14
C ARG H 258 -44.21 -6.26 19.51
N GLY H 259 -44.29 -7.20 18.58
CA GLY H 259 -43.09 -7.65 17.84
C GLY H 259 -43.24 -7.44 16.36
N LEU H 260 -42.12 -7.50 15.62
CA LEU H 260 -42.14 -7.41 14.15
C LEU H 260 -41.38 -8.59 13.53
N PRO H 261 -41.72 -8.97 12.29
CA PRO H 261 -40.98 -10.10 11.69
C PRO H 261 -39.59 -9.71 11.21
N ARG H 262 -38.75 -10.71 10.98
CA ARG H 262 -37.42 -10.50 10.49
C ARG H 262 -37.18 -11.24 9.18
N TYR H 263 -36.54 -10.55 8.26
CA TYR H 263 -36.09 -11.06 6.98
C TYR H 263 -34.60 -11.43 7.06
N PHE H 264 -34.26 -12.55 6.42
CA PHE H 264 -32.90 -13.07 6.32
C PHE H 264 -32.61 -13.35 4.85
N ASN H 265 -31.41 -12.96 4.39
CA ASN H 265 -30.86 -13.42 3.12
C ASN H 265 -29.43 -13.84 3.42
N VAL H 266 -29.20 -15.15 3.49
CA VAL H 266 -27.91 -15.70 3.86
C VAL H 266 -27.21 -16.26 2.61
N THR H 267 -25.95 -15.86 2.41
CA THR H 267 -25.11 -16.44 1.35
C THR H 267 -24.28 -17.57 1.94
N LEU H 268 -24.31 -18.72 1.26
CA LEU H 268 -23.54 -19.88 1.69
C LEU H 268 -22.60 -20.35 0.59
N ARG H 269 -21.47 -20.95 1.00
CA ARG H 269 -20.53 -21.52 0.07
C ARG H 269 -20.15 -22.92 0.55
N LYS H 270 -19.42 -23.65 -0.28
CA LYS H 270 -18.99 -25.00 0.07
C LYS H 270 -17.65 -24.99 0.74
N ARG H 271 -17.56 -25.71 1.86
CA ARG H 271 -16.35 -25.79 2.66
C ARG H 271 -15.94 -27.24 2.78
N VAL H 272 -14.68 -27.53 2.45
CA VAL H 272 -14.09 -28.85 2.65
C VAL H 272 -13.74 -29.07 4.13
N VAL H 273 -14.07 -30.27 4.62
CA VAL H 273 -13.74 -30.69 5.97
C VAL H 273 -13.24 -32.13 5.97
N LYS H 274 -12.40 -32.47 6.95
CA LYS H 274 -11.91 -33.83 7.09
C LYS H 274 -13.05 -34.77 7.48
N ASN H 275 -13.12 -35.92 6.81
CA ASN H 275 -14.10 -36.95 7.13
C ASN H 275 -13.75 -37.68 8.44
N PRO H 276 -14.60 -37.57 9.48
CA PRO H 276 -14.30 -38.18 10.78
C PRO H 276 -14.98 -39.54 11.04
N VAL I 7 -32.09 -9.68 -17.06
CA VAL I 7 -31.17 -9.19 -18.13
C VAL I 7 -29.70 -9.25 -17.72
N GLU I 8 -28.86 -9.74 -18.63
CA GLU I 8 -27.42 -9.84 -18.42
C GLU I 8 -26.75 -8.47 -18.44
N VAL I 9 -26.09 -8.11 -17.35
CA VAL I 9 -25.46 -6.81 -17.20
C VAL I 9 -24.00 -6.88 -17.62
N LEU I 10 -23.65 -6.10 -18.63
CA LEU I 10 -22.28 -6.04 -19.13
C LEU I 10 -21.51 -4.83 -18.55
N GLU I 11 -20.55 -4.28 -19.29
CA GLU I 11 -19.64 -3.25 -18.78
C GLU I 11 -20.23 -1.84 -18.88
N VAL I 12 -19.61 -0.92 -18.14
CA VAL I 12 -19.90 0.51 -18.23
C VAL I 12 -19.44 1.06 -19.59
N ARG I 13 -20.32 1.81 -20.25
CA ARG I 13 -19.98 2.46 -21.53
C ARG I 13 -19.14 3.72 -21.24
N THR I 14 -17.93 3.79 -21.77
CA THR I 14 -17.10 4.97 -21.59
C THR I 14 -17.16 5.89 -22.81
N GLY I 15 -16.42 6.99 -22.76
CA GLY I 15 -16.37 7.95 -23.84
C GLY I 15 -17.02 9.27 -23.42
N PRO I 16 -17.06 10.26 -24.32
CA PRO I 16 -17.69 11.53 -23.98
C PRO I 16 -19.19 11.37 -23.81
N ASP I 17 -19.81 12.27 -23.05
CA ASP I 17 -21.27 12.32 -22.91
C ASP I 17 -21.87 11.06 -22.31
N ALA I 18 -21.10 10.34 -21.48
CA ALA I 18 -21.58 9.09 -20.89
C ALA I 18 -22.21 9.25 -19.50
N ILE I 19 -22.17 10.47 -18.97
CA ILE I 19 -22.66 10.77 -17.62
C ILE I 19 -23.74 11.82 -17.71
N THR I 20 -24.80 11.67 -16.93
CA THR I 20 -25.79 12.72 -16.81
C THR I 20 -26.16 12.95 -15.35
N GLN I 21 -26.77 14.09 -15.06
CA GLN I 21 -27.31 14.38 -13.74
C GLN I 21 -28.73 14.89 -13.82
N ILE I 22 -29.56 14.49 -12.88
CA ILE I 22 -30.88 15.08 -12.74
C ILE I 22 -31.03 15.64 -11.31
N GLU I 23 -32.02 16.51 -11.12
CA GLU I 23 -32.38 16.91 -9.77
C GLU I 23 -33.89 17.06 -9.69
N ALA I 24 -34.43 16.82 -8.49
CA ALA I 24 -35.88 16.91 -8.26
C ALA I 24 -36.18 17.12 -6.79
N TYR I 25 -37.40 17.58 -6.51
CA TYR I 25 -37.92 17.60 -5.16
C TYR I 25 -39.29 16.94 -5.11
N LEU I 26 -39.58 16.33 -3.97
CA LEU I 26 -40.85 15.68 -3.75
C LEU I 26 -41.51 16.36 -2.56
N ASN I 27 -42.70 16.92 -2.76
CA ASN I 27 -43.46 17.50 -1.66
C ASN I 27 -44.10 16.45 -0.75
N PRO I 28 -44.19 16.73 0.56
CA PRO I 28 -44.70 15.72 1.49
C PRO I 28 -46.20 15.43 1.28
N ARG I 29 -46.61 14.20 1.59
CA ARG I 29 -48.00 13.81 1.43
C ARG I 29 -48.54 13.31 2.76
N MET I 30 -48.86 14.27 3.63
CA MET I 30 -49.26 13.97 5.00
C MET I 30 -50.75 13.74 5.15
N GLY I 31 -51.53 14.09 4.12
CA GLY I 31 -52.98 13.95 4.17
C GLY I 31 -53.67 15.12 3.50
N ASN I 32 -53.27 16.34 3.88
CA ASN I 32 -53.66 17.50 3.09
C ASN I 32 -52.64 17.59 1.97
N ASN I 33 -53.02 17.08 0.80
CA ASN I 33 -52.06 16.83 -0.27
C ASN I 33 -52.22 17.70 -1.51
N ASN I 34 -53.16 18.64 -1.45
CA ASN I 34 -53.38 19.61 -2.52
C ASN I 34 -52.75 20.95 -2.07
N PRO I 35 -51.90 21.56 -2.93
CA PRO I 35 -51.22 22.80 -2.51
C PRO I 35 -52.14 23.97 -2.12
N THR I 36 -53.42 23.90 -2.47
CA THR I 36 -54.37 24.92 -2.03
C THR I 36 -54.97 24.60 -0.66
N ASP I 37 -54.68 23.41 -0.12
CA ASP I 37 -55.14 23.04 1.23
C ASP I 37 -54.57 23.97 2.29
N GLU I 38 -55.43 24.47 3.17
CA GLU I 38 -54.97 25.36 4.22
C GLU I 38 -53.83 24.75 5.03
N LEU I 39 -53.95 23.46 5.37
CA LEU I 39 -52.89 22.76 6.08
C LEU I 39 -52.06 21.87 5.15
N TYR I 40 -51.84 22.31 3.92
CA TYR I 40 -50.89 21.64 3.04
C TYR I 40 -49.57 21.37 3.78
N GLY I 41 -49.05 20.15 3.64
CA GLY I 41 -47.84 19.74 4.36
C GLY I 41 -48.12 19.17 5.74
N TYR I 42 -49.41 19.03 6.08
CA TYR I 42 -49.86 18.41 7.33
C TYR I 42 -50.98 17.38 7.09
N SER I 43 -51.19 16.48 8.05
CA SER I 43 -52.42 15.70 8.09
C SER I 43 -53.54 16.57 8.67
N ALA I 44 -54.79 16.14 8.49
CA ALA I 44 -55.92 16.73 9.19
C ALA I 44 -55.89 16.21 10.64
N ASP I 45 -56.76 16.71 11.51
CA ASP I 45 -56.80 16.25 12.91
C ASP I 45 -56.92 14.72 12.95
N ILE I 46 -56.05 14.06 13.69
CA ILE I 46 -56.11 12.60 13.83
C ILE I 46 -57.46 12.16 14.40
N ASN I 47 -58.12 11.22 13.75
CA ASN I 47 -59.35 10.67 14.32
C ASN I 47 -59.09 9.25 14.80
N VAL I 48 -59.25 9.06 16.11
CA VAL I 48 -58.82 7.86 16.81
C VAL I 48 -59.91 6.79 16.80
N ALA I 49 -59.50 5.52 16.75
CA ALA I 49 -60.42 4.38 16.94
C ALA I 49 -61.14 4.41 18.29
N SER I 50 -62.41 4.03 18.28
CA SER I 50 -63.14 3.83 19.53
C SER I 50 -62.93 2.42 20.09
N SER I 51 -62.44 1.50 19.27
CA SER I 51 -62.26 0.10 19.70
C SER I 51 -61.36 -0.67 18.74
N LYS I 52 -61.03 -1.90 19.11
CA LYS I 52 -60.36 -2.84 18.18
C LYS I 52 -61.18 -3.01 16.89
N ALA I 53 -62.49 -3.24 17.04
CA ALA I 53 -63.37 -3.45 15.89
C ALA I 53 -63.66 -2.17 15.09
N SER I 54 -63.64 -1.02 15.75
CA SER I 54 -64.09 0.18 15.11
C SER I 54 -62.95 1.19 14.95
N ASP I 55 -62.33 1.17 13.78
CA ASP I 55 -61.16 2.00 13.51
C ASP I 55 -61.21 2.45 12.06
N ASN I 56 -61.69 3.67 11.84
CA ASN I 56 -61.94 4.18 10.51
C ASN I 56 -61.21 5.51 10.23
N PRO I 57 -59.86 5.46 10.11
CA PRO I 57 -59.09 6.70 9.93
C PRO I 57 -59.40 7.42 8.62
N ASN I 58 -59.64 8.73 8.67
CA ASN I 58 -59.89 9.51 7.45
C ASN I 58 -58.66 9.50 6.55
N ALA I 59 -58.90 9.47 5.24
CA ALA I 59 -57.82 9.56 4.25
C ALA I 59 -56.89 10.74 4.51
N THR I 60 -57.45 11.86 4.95
CA THR I 60 -56.65 13.07 5.19
C THR I 60 -55.80 12.96 6.45
N THR I 61 -56.02 11.93 7.26
CA THR I 61 -55.22 11.77 8.48
C THR I 61 -54.07 10.78 8.34
N LEU I 62 -53.89 10.21 7.13
CA LEU I 62 -52.90 9.12 6.92
C LEU I 62 -51.76 9.51 5.95
N PRO I 63 -50.57 9.79 6.50
CA PRO I 63 -49.42 10.11 5.65
C PRO I 63 -49.09 8.97 4.67
N THR I 64 -48.81 9.35 3.44
CA THR I 64 -48.50 8.39 2.39
C THR I 64 -47.11 8.65 1.81
N TYR I 65 -46.61 7.70 1.04
CA TYR I 65 -45.32 7.83 0.37
C TYR I 65 -45.39 8.82 -0.79
N SER I 66 -44.29 9.54 -1.01
CA SER I 66 -44.13 10.37 -2.19
C SER I 66 -43.34 9.60 -3.23
N VAL I 67 -43.72 9.75 -4.49
CA VAL I 67 -42.97 9.12 -5.58
C VAL I 67 -43.02 9.99 -6.83
N ALA I 68 -41.86 10.15 -7.44
CA ALA I 68 -41.73 10.87 -8.70
C ALA I 68 -40.97 10.01 -9.73
N VAL I 69 -41.45 10.02 -10.97
CA VAL I 69 -40.79 9.33 -12.07
C VAL I 69 -40.11 10.39 -12.96
N ILE I 70 -38.79 10.25 -13.11
CA ILE I 70 -38.02 11.18 -13.93
C ILE I 70 -37.70 10.48 -15.24
N LYS I 71 -38.09 11.09 -16.34
CA LYS I 71 -37.82 10.53 -17.66
C LYS I 71 -36.43 10.97 -18.11
N LEU I 72 -35.60 10.00 -18.46
CA LEU I 72 -34.22 10.27 -18.82
C LEU I 72 -34.04 10.24 -20.34
N PRO I 73 -32.93 10.81 -20.84
CA PRO I 73 -32.76 10.83 -22.29
C PRO I 73 -32.81 9.41 -22.87
N MET I 74 -33.50 9.26 -24.00
CA MET I 74 -33.62 7.98 -24.66
C MET I 74 -32.26 7.53 -25.20
N LEU I 75 -31.87 6.29 -24.90
CA LEU I 75 -30.52 5.82 -25.23
C LEU I 75 -30.38 5.00 -26.50
N ASN I 76 -31.43 4.30 -26.89
CA ASN I 76 -31.28 3.27 -27.92
C ASN I 76 -31.76 3.63 -29.32
N ASP I 78 -33.21 2.99 -32.07
CA ASP I 78 -32.98 1.62 -32.47
C ASP I 78 -33.31 0.65 -31.34
N MET I 79 -33.47 -0.62 -31.65
CA MET I 79 -33.74 -1.59 -30.61
C MET I 79 -33.42 -3.00 -31.07
N THR I 80 -32.62 -3.11 -32.11
CA THR I 80 -32.31 -4.38 -32.75
C THR I 80 -30.91 -4.95 -32.55
N CYS I 81 -30.05 -4.20 -31.86
CA CYS I 81 -28.68 -4.60 -31.72
C CYS I 81 -28.42 -5.55 -30.58
N ASP I 82 -27.29 -6.22 -30.59
CA ASP I 82 -27.08 -7.32 -29.68
C ASP I 82 -26.98 -6.83 -28.26
N THR I 83 -26.56 -5.60 -28.10
CA THR I 83 -26.53 -5.00 -26.80
C THR I 83 -27.35 -3.72 -26.82
N LEU I 84 -27.74 -3.27 -25.65
CA LEU I 84 -28.47 -2.01 -25.45
C LEU I 84 -27.87 -1.24 -24.27
N LEU I 85 -28.18 0.06 -24.19
CA LEU I 85 -27.70 0.88 -23.08
C LEU I 85 -28.83 1.21 -22.09
N MET I 86 -28.48 1.25 -20.82
CA MET I 86 -29.40 1.68 -19.76
C MET I 86 -28.72 2.72 -18.89
N TRP I 87 -29.49 3.69 -18.39
CA TRP I 87 -28.98 4.60 -17.38
C TRP I 87 -28.77 3.88 -16.09
N GLU I 88 -27.61 4.12 -15.47
CA GLU I 88 -27.26 3.49 -14.21
C GLU I 88 -27.09 4.57 -13.17
N ALA I 89 -27.92 4.54 -12.13
CA ALA I 89 -27.79 5.48 -11.03
C ALA I 89 -26.61 5.09 -10.13
N VAL I 90 -25.63 5.98 -10.07
CA VAL I 90 -24.34 5.73 -9.43
C VAL I 90 -24.28 6.34 -8.03
N SER I 91 -24.90 7.50 -7.85
CA SER I 91 -24.82 8.21 -6.59
C SER I 91 -25.92 9.26 -6.46
N VAL I 92 -26.17 9.66 -5.21
CA VAL I 92 -27.22 10.61 -4.92
C VAL I 92 -26.84 11.52 -3.75
N LYS I 93 -27.10 12.82 -3.93
CA LYS I 93 -27.13 13.77 -2.83
C LYS I 93 -28.59 14.03 -2.53
N THR I 94 -28.97 13.87 -1.26
CA THR I 94 -30.35 14.11 -0.86
C THR I 94 -30.43 14.92 0.43
N GLU I 95 -31.52 15.66 0.60
CA GLU I 95 -31.63 16.67 1.65
C GLU I 95 -33.09 16.87 2.03
N VAL I 96 -33.38 16.87 3.32
CA VAL I 96 -34.71 17.27 3.77
C VAL I 96 -34.72 18.80 3.89
N MET I 97 -35.63 19.44 3.16
CA MET I 97 -35.65 20.89 3.08
C MET I 97 -36.56 21.55 4.11
N GLY I 98 -36.20 22.76 4.54
CA GLY I 98 -37.03 23.53 5.47
C GLY I 98 -37.01 23.03 6.91
N ILE I 99 -35.93 22.36 7.31
CA ILE I 99 -35.79 21.84 8.68
C ILE I 99 -35.96 22.96 9.70
N SER I 100 -35.32 24.09 9.45
CA SER I 100 -35.36 25.21 10.39
C SER I 100 -36.76 25.84 10.57
N SER I 101 -37.73 25.48 9.73
CA SER I 101 -39.11 25.92 9.92
C SER I 101 -39.73 25.43 11.25
N LEU I 102 -39.16 24.35 11.80
CA LEU I 102 -39.63 23.81 13.08
C LEU I 102 -39.17 24.62 14.29
N VAL I 103 -38.13 25.44 14.09
CA VAL I 103 -37.54 26.27 15.12
C VAL I 103 -38.46 27.49 15.26
N ASN I 104 -39.60 27.24 15.89
CA ASN I 104 -40.70 28.17 15.90
C ASN I 104 -41.53 27.90 17.16
N LEU I 105 -41.54 28.86 18.07
CA LEU I 105 -42.28 28.72 19.32
C LEU I 105 -43.50 29.64 19.42
N HIS I 106 -43.96 30.17 18.28
CA HIS I 106 -45.09 31.11 18.32
C HIS I 106 -46.32 30.61 17.60
N GLN I 107 -46.15 29.60 16.75
CA GLN I 107 -47.28 28.96 16.07
C GLN I 107 -48.40 28.64 17.06
N GLY I 108 -49.65 28.87 16.65
CA GLY I 108 -50.82 28.55 17.49
C GLY I 108 -50.80 27.08 17.89
N GLY I 109 -51.03 26.82 19.17
CA GLY I 109 -50.98 25.46 19.70
C GLY I 109 -51.09 25.38 21.21
N LYS I 110 -50.40 24.39 21.76
CA LYS I 110 -50.45 24.10 23.19
C LYS I 110 -49.26 24.76 23.87
N TYR I 111 -49.50 25.45 24.99
CA TYR I 111 -48.43 26.11 25.71
C TYR I 111 -47.48 25.11 26.32
N ILE I 112 -46.19 25.45 26.29
CA ILE I 112 -45.14 24.63 26.93
C ILE I 112 -45.38 24.56 28.45
N TYR I 113 -45.51 25.72 29.08
CA TYR I 113 -45.91 25.79 30.47
C TYR I 113 -47.29 26.43 30.51
N GLY I 114 -47.46 27.54 31.22
CA GLY I 114 -48.72 28.27 31.18
C GLY I 114 -48.80 29.26 30.02
N SER I 115 -49.79 30.12 30.08
CA SER I 115 -50.15 30.97 28.94
C SER I 115 -49.18 32.11 28.67
N SER I 116 -48.16 32.28 29.51
CA SER I 116 -47.09 33.25 29.22
C SER I 116 -45.94 32.67 28.37
N SER I 117 -45.90 31.34 28.20
CA SER I 117 -44.77 30.68 27.52
C SER I 117 -44.97 30.54 26.00
N GLY I 118 -43.95 30.03 25.31
CA GLY I 118 -44.11 29.65 23.91
C GLY I 118 -44.94 28.39 23.78
N THR I 119 -45.20 27.98 22.55
CA THR I 119 -45.96 26.77 22.29
C THR I 119 -45.04 25.59 22.00
N ILE I 120 -45.53 24.39 22.31
CA ILE I 120 -44.82 23.13 22.03
C ILE I 120 -44.58 22.99 20.51
N PRO I 121 -43.31 22.83 20.10
CA PRO I 121 -43.05 22.68 18.68
C PRO I 121 -43.30 21.23 18.21
N VAL I 122 -43.22 21.01 16.89
CA VAL I 122 -43.43 19.69 16.30
C VAL I 122 -42.47 18.65 16.90
N GLN I 123 -43.04 17.58 17.47
CA GLN I 123 -42.27 16.53 18.11
C GLN I 123 -43.04 15.22 18.06
N GLY I 124 -42.42 14.14 18.53
CA GLY I 124 -43.02 12.81 18.49
C GLY I 124 -42.39 11.93 17.41
N THR I 125 -43.13 10.90 17.00
CA THR I 125 -42.70 9.94 15.99
C THR I 125 -42.17 10.59 14.70
N THR I 126 -40.99 10.17 14.27
CA THR I 126 -40.44 10.57 12.96
C THR I 126 -40.17 9.35 12.10
N LEU I 127 -40.33 9.52 10.79
CA LEU I 127 -39.99 8.48 9.82
C LEU I 127 -39.39 9.14 8.59
N HIS I 128 -38.13 8.78 8.29
CA HIS I 128 -37.43 9.28 7.10
C HIS I 128 -37.06 8.14 6.22
N MET I 129 -37.43 8.24 4.94
CA MET I 129 -36.98 7.26 3.96
C MET I 129 -36.78 7.90 2.61
N PHE I 130 -35.73 7.50 1.92
CA PHE I 130 -35.61 7.80 0.50
C PHE I 130 -35.16 6.58 -0.25
N SER I 131 -35.58 6.48 -1.51
CA SER I 131 -35.10 5.42 -2.38
C SER I 131 -34.86 5.95 -3.78
N VAL I 132 -33.90 5.33 -4.46
CA VAL I 132 -33.62 5.60 -5.86
C VAL I 132 -33.58 4.24 -6.56
N GLY I 133 -34.39 4.08 -7.62
CA GLY I 133 -34.46 2.79 -8.31
C GLY I 133 -34.81 2.92 -9.78
N GLY I 134 -34.61 1.85 -10.53
CA GLY I 134 -34.90 1.85 -11.98
C GLY I 134 -36.29 1.34 -12.31
N GLU I 135 -37.15 1.32 -11.30
CA GLU I 135 -38.52 0.82 -11.37
C GLU I 135 -39.22 1.14 -10.04
N PRO I 136 -40.54 0.92 -9.95
CA PRO I 136 -41.23 1.27 -8.70
C PRO I 136 -40.67 0.54 -7.49
N LEU I 137 -40.58 1.24 -6.36
CA LEU I 137 -40.19 0.62 -5.09
C LEU I 137 -41.16 -0.51 -4.76
N GLU I 138 -40.63 -1.68 -4.41
CA GLU I 138 -41.48 -2.82 -4.05
C GLU I 138 -41.84 -2.82 -2.56
N LEU I 139 -43.12 -3.00 -2.26
CA LEU I 139 -43.63 -2.84 -0.90
C LEU I 139 -44.16 -4.14 -0.29
N GLN I 140 -44.01 -4.25 1.04
CA GLN I 140 -44.62 -5.29 1.86
C GLN I 140 -45.65 -4.65 2.80
N GLY I 141 -46.83 -5.28 2.86
CA GLY I 141 -47.90 -4.83 3.73
C GLY I 141 -47.78 -5.43 5.12
N LEU I 142 -48.05 -4.59 6.13
CA LEU I 142 -48.05 -5.00 7.53
C LEU I 142 -48.75 -3.90 8.34
N VAL I 143 -49.75 -4.27 9.13
CA VAL I 143 -50.52 -3.26 9.87
C VAL I 143 -50.53 -3.50 11.36
N ALA I 144 -50.77 -2.44 12.13
CA ALA I 144 -50.96 -2.56 13.58
C ALA I 144 -52.22 -3.36 13.90
N SER I 145 -53.22 -3.23 13.04
CA SER I 145 -54.49 -3.86 13.29
C SER I 145 -55.20 -4.28 12.02
N SER I 146 -55.48 -5.58 11.93
CA SER I 146 -56.11 -6.12 10.73
C SER I 146 -57.59 -5.72 10.62
N THR I 147 -58.17 -5.21 11.71
CA THR I 147 -59.58 -4.84 11.73
C THR I 147 -59.82 -3.37 11.38
N THR I 148 -58.74 -2.63 11.21
CA THR I 148 -58.85 -1.26 10.71
C THR I 148 -59.53 -1.28 9.34
N THR I 149 -60.49 -0.39 9.17
CA THR I 149 -61.11 -0.16 7.86
C THR I 149 -60.41 1.07 7.27
N TYR I 150 -59.64 0.85 6.21
CA TYR I 150 -58.97 1.95 5.51
C TYR I 150 -59.88 2.60 4.45
N PRO I 151 -59.63 3.88 4.15
CA PRO I 151 -60.39 4.55 3.07
C PRO I 151 -60.16 3.83 1.74
N THR I 152 -61.25 3.59 1.01
CA THR I 152 -61.19 2.73 -0.18
C THR I 152 -60.45 3.37 -1.35
N ASP I 153 -60.40 4.70 -1.38
CA ASP I 153 -59.67 5.41 -2.44
C ASP I 153 -58.13 5.42 -2.24
N MET I 154 -57.66 4.87 -1.12
CA MET I 154 -56.22 4.66 -0.91
C MET I 154 -55.85 3.24 -1.35
N VAL I 155 -54.56 2.98 -1.58
CA VAL I 155 -54.12 1.59 -1.87
C VAL I 155 -53.67 0.91 -0.58
N THR I 156 -54.41 -0.09 -0.13
CA THR I 156 -54.08 -0.76 1.12
C THR I 156 -54.22 -2.27 0.93
N ILE I 157 -54.16 -3.05 2.01
CA ILE I 157 -54.18 -4.52 1.88
C ILE I 157 -55.60 -5.00 1.62
N LYS I 158 -55.77 -5.79 0.58
CA LYS I 158 -57.09 -6.29 0.26
C LYS I 158 -57.46 -7.47 1.18
N ASN I 159 -58.69 -7.44 1.73
CA ASN I 159 -59.24 -8.50 2.58
C ASN I 159 -58.31 -8.95 3.71
N MET I 160 -57.97 -8.01 4.58
CA MET I 160 -57.03 -8.28 5.67
C MET I 160 -57.49 -9.39 6.60
N LYS I 161 -56.51 -10.09 7.16
CA LYS I 161 -56.76 -11.09 8.17
C LYS I 161 -55.75 -10.79 9.27
N PRO I 162 -55.93 -11.39 10.45
CA PRO I 162 -54.95 -11.17 11.51
C PRO I 162 -53.49 -11.44 11.11
N VAL I 163 -53.25 -12.35 10.16
CA VAL I 163 -51.88 -12.59 9.66
C VAL I 163 -51.18 -11.31 9.16
N ASN I 164 -51.98 -10.33 8.72
CA ASN I 164 -51.44 -9.05 8.23
C ASN I 164 -50.94 -8.14 9.33
N GLN I 165 -51.10 -8.54 10.58
CA GLN I 165 -50.44 -7.86 11.70
C GLN I 165 -48.98 -8.31 11.81
N ALA I 166 -48.63 -9.32 11.00
CA ALA I 166 -47.25 -9.78 10.85
C ALA I 166 -46.95 -10.00 9.37
N LEU I 167 -46.07 -10.95 9.05
CA LEU I 167 -45.66 -11.13 7.65
C LEU I 167 -46.56 -12.10 6.90
N ASP I 168 -47.31 -11.54 5.97
CA ASP I 168 -48.10 -12.27 5.01
C ASP I 168 -47.41 -12.08 3.66
N PRO I 169 -46.81 -13.14 3.11
CA PRO I 169 -46.05 -12.98 1.86
C PRO I 169 -46.92 -12.62 0.66
N ASN I 170 -48.25 -12.73 0.81
CA ASN I 170 -49.19 -12.29 -0.22
C ASN I 170 -49.47 -10.79 -0.25
N ALA I 171 -49.14 -10.09 0.84
CA ALA I 171 -49.42 -8.65 0.94
C ALA I 171 -48.27 -7.82 0.34
N LYS I 172 -48.21 -7.80 -0.99
CA LYS I 172 -47.15 -7.10 -1.75
C LYS I 172 -47.75 -6.05 -2.66
N ALA I 173 -47.01 -4.96 -2.86
CA ALA I 173 -47.48 -3.89 -3.73
C ALA I 173 -46.30 -3.16 -4.35
N LEU I 174 -46.59 -2.32 -5.33
CA LEU I 174 -45.61 -1.42 -5.93
C LEU I 174 -45.94 0.03 -5.60
N LEU I 175 -44.93 0.80 -5.22
CA LEU I 175 -45.10 2.25 -5.02
C LEU I 175 -45.20 2.93 -6.39
N ASP I 176 -46.38 2.86 -7.00
CA ASP I 176 -46.57 3.37 -8.35
C ASP I 176 -47.51 4.57 -8.42
N LYS I 177 -47.89 5.11 -7.27
CA LYS I 177 -48.74 6.30 -7.20
C LYS I 177 -48.34 7.17 -6.03
N ASP I 178 -48.17 8.46 -6.32
CA ASP I 178 -47.85 9.47 -5.30
C ASP I 178 -49.04 9.65 -4.37
N GLY I 179 -48.77 9.73 -3.06
CA GLY I 179 -49.81 10.08 -2.08
C GLY I 179 -51.02 9.15 -1.98
N LYS I 180 -50.80 7.83 -2.09
CA LYS I 180 -51.89 6.84 -2.05
C LYS I 180 -51.58 5.64 -1.17
N TYR I 181 -50.30 5.40 -0.89
CA TYR I 181 -49.84 4.22 -0.13
C TYR I 181 -49.45 4.67 1.27
N PRO I 182 -50.29 4.34 2.28
CA PRO I 182 -50.01 4.78 3.66
C PRO I 182 -48.75 4.13 4.20
N VAL I 183 -47.95 4.89 4.93
CA VAL I 183 -46.72 4.38 5.54
C VAL I 183 -47.03 3.35 6.65
N GLU I 184 -48.16 3.55 7.34
CA GLU I 184 -48.58 2.61 8.39
C GLU I 184 -49.05 1.27 7.85
N VAL I 185 -49.24 1.19 6.52
CA VAL I 185 -49.65 -0.07 5.83
C VAL I 185 -48.49 -0.72 5.05
N TRP I 186 -47.65 0.09 4.43
CA TRP I 186 -46.61 -0.44 3.53
C TRP I 186 -45.23 -0.04 3.92
N SER I 187 -44.27 -0.95 3.72
CA SER I 187 -42.86 -0.63 3.88
C SER I 187 -42.02 -1.26 2.75
N PRO I 188 -40.76 -0.82 2.59
CA PRO I 188 -39.86 -1.43 1.58
C PRO I 188 -39.72 -2.94 1.79
N ASP I 189 -39.92 -3.70 0.72
CA ASP I 189 -39.83 -5.15 0.78
C ASP I 189 -38.36 -5.58 0.63
N PRO I 190 -37.73 -6.06 1.71
CA PRO I 190 -36.32 -6.43 1.62
C PRO I 190 -36.11 -7.73 0.84
N SER I 191 -37.19 -8.47 0.60
CA SER I 191 -37.10 -9.69 -0.19
C SER I 191 -37.07 -9.42 -1.69
N LYS I 192 -37.28 -8.17 -2.10
CA LYS I 192 -37.15 -7.80 -3.51
C LYS I 192 -36.25 -6.57 -3.64
N ASN I 193 -36.63 -5.59 -4.46
CA ASN I 193 -35.85 -4.35 -4.63
C ASN I 193 -34.38 -4.55 -5.01
N GLU I 194 -34.15 -5.50 -5.91
CA GLU I 194 -32.82 -5.75 -6.48
C GLU I 194 -32.36 -4.52 -7.28
N ASN I 195 -33.31 -3.82 -7.89
CA ASN I 195 -33.03 -2.70 -8.77
C ASN I 195 -33.34 -1.32 -8.15
N THR I 196 -33.47 -1.28 -6.83
CA THR I 196 -33.70 -0.03 -6.07
C THR I 196 -32.80 -0.04 -4.84
N ARG I 197 -32.33 1.13 -4.43
CA ARG I 197 -31.67 1.24 -3.13
C ARG I 197 -32.51 2.15 -2.23
N TYR I 198 -32.86 1.65 -1.04
CA TYR I 198 -33.63 2.42 -0.09
C TYR I 198 -32.93 2.54 1.26
N TYR I 199 -33.19 3.64 1.94
CA TYR I 199 -32.53 3.97 3.19
C TYR I 199 -33.61 4.62 4.06
N GLY I 200 -33.80 4.07 5.25
CA GLY I 200 -34.84 4.52 6.14
C GLY I 200 -34.40 4.59 7.59
N SER I 201 -35.04 5.48 8.34
CA SER I 201 -34.79 5.66 9.75
C SER I 201 -36.11 6.00 10.48
N PHE I 202 -36.28 5.45 11.68
CA PHE I 202 -37.51 5.56 12.47
C PHE I 202 -37.16 5.79 13.94
N THR I 203 -37.81 6.77 14.54
CA THR I 203 -37.82 6.93 16.01
C THR I 203 -39.25 7.20 16.42
N GLY I 204 -39.75 6.39 17.36
CA GLY I 204 -41.13 6.48 17.78
C GLY I 204 -41.33 7.42 18.95
N GLY I 205 -42.38 7.16 19.72
CA GLY I 205 -42.71 7.99 20.86
C GLY I 205 -43.78 9.01 20.55
N ALA I 206 -44.44 9.48 21.61
CA ALA I 206 -45.50 10.48 21.50
C ALA I 206 -44.94 11.89 21.45
N THR I 207 -43.85 12.13 22.16
CA THR I 207 -43.33 13.49 22.32
C THR I 207 -41.83 13.64 22.03
N THR I 208 -41.20 12.60 21.48
CA THR I 208 -39.75 12.56 21.22
C THR I 208 -39.23 13.79 20.44
N PRO I 209 -38.13 14.40 20.89
CA PRO I 209 -37.52 15.49 20.12
C PRO I 209 -37.05 15.01 18.75
N PRO I 210 -37.48 15.68 17.66
CA PRO I 210 -36.94 15.29 16.36
C PRO I 210 -35.47 15.73 16.23
N VAL I 211 -34.71 14.98 15.44
CA VAL I 211 -33.27 15.21 15.23
C VAL I 211 -32.99 15.09 13.73
N MET I 212 -32.33 16.09 13.14
CA MET I 212 -32.05 16.08 11.70
C MET I 212 -30.80 16.87 11.34
N GLN I 213 -30.05 16.39 10.36
N GLN I 213 -30.03 16.39 10.37
CA GLN I 213 -28.87 17.09 9.83
CA GLN I 213 -28.92 17.17 9.85
C GLN I 213 -29.16 17.62 8.43
C GLN I 213 -29.14 17.62 8.43
N PHE I 214 -28.42 18.66 8.03
CA PHE I 214 -28.47 19.18 6.69
C PHE I 214 -27.10 19.68 6.26
N THR I 215 -26.73 19.35 5.03
CA THR I 215 -25.41 19.69 4.49
C THR I 215 -25.43 19.51 2.98
N ASN I 216 -24.45 20.06 2.27
CA ASN I 216 -24.31 19.75 0.85
C ASN I 216 -23.03 18.99 0.53
N SER I 217 -22.42 18.42 1.57
CA SER I 217 -21.11 17.78 1.45
C SER I 217 -21.21 16.26 1.47
N VAL I 218 -22.43 15.71 1.48
CA VAL I 218 -22.59 14.26 1.65
C VAL I 218 -23.25 13.56 0.44
N THR I 219 -22.55 12.57 -0.10
CA THR I 219 -23.07 11.76 -1.19
C THR I 219 -23.24 10.30 -0.73
N THR I 220 -24.33 9.66 -1.18
CA THR I 220 -24.46 8.22 -1.03
C THR I 220 -24.18 7.52 -2.36
N VAL I 221 -23.29 6.54 -2.34
CA VAL I 221 -22.99 5.70 -3.50
C VAL I 221 -24.05 4.59 -3.61
N LEU I 222 -24.57 4.36 -4.82
CA LEU I 222 -25.74 3.48 -5.03
C LEU I 222 -25.37 2.12 -5.62
N LEU I 223 -24.08 1.89 -5.85
CA LEU I 223 -23.63 0.66 -6.47
C LEU I 223 -23.76 -0.51 -5.50
N ASP I 224 -24.17 -1.68 -5.99
CA ASP I 224 -24.22 -2.87 -5.14
C ASP I 224 -22.83 -3.51 -5.01
N GLU I 225 -22.76 -4.68 -4.38
CA GLU I 225 -21.49 -5.37 -4.17
C GLU I 225 -20.82 -5.79 -5.49
N ASN I 226 -21.59 -5.83 -6.57
CA ASN I 226 -21.01 -6.10 -7.90
C ASN I 226 -20.61 -4.82 -8.64
N GLY I 227 -20.80 -3.67 -8.00
CA GLY I 227 -20.46 -2.40 -8.64
C GLY I 227 -21.51 -1.90 -9.62
N VAL I 228 -22.76 -2.36 -9.43
CA VAL I 228 -23.86 -2.03 -10.33
C VAL I 228 -24.94 -1.26 -9.56
N GLY I 229 -25.29 -0.08 -10.06
CA GLY I 229 -26.36 0.70 -9.48
C GLY I 229 -27.69 0.34 -10.11
N PRO I 230 -28.78 1.00 -9.68
CA PRO I 230 -30.09 0.73 -10.28
C PRO I 230 -30.08 1.05 -11.76
N LEU I 231 -30.71 0.17 -12.55
CA LEU I 231 -30.75 0.32 -14.00
C LEU I 231 -32.16 0.68 -14.45
N CYS I 232 -32.27 1.79 -15.19
CA CYS I 232 -33.55 2.45 -15.45
C CYS I 232 -34.33 1.87 -16.64
N LYS I 233 -35.27 0.99 -16.34
CA LYS I 233 -36.09 0.37 -17.36
C LYS I 233 -36.93 1.41 -18.08
N GLY I 234 -36.91 1.37 -19.40
CA GLY I 234 -37.62 2.34 -20.24
C GLY I 234 -37.16 3.76 -20.04
N ASP I 235 -35.92 3.90 -19.57
CA ASP I 235 -35.29 5.20 -19.31
C ASP I 235 -36.06 6.03 -18.29
N LYS I 236 -36.58 5.36 -17.26
CA LYS I 236 -37.31 6.02 -16.19
C LYS I 236 -36.63 5.81 -14.85
N LEU I 237 -36.43 6.90 -14.12
CA LEU I 237 -35.81 6.88 -12.80
C LEU I 237 -36.88 7.08 -11.71
N PHE I 238 -36.91 6.20 -10.71
CA PHE I 238 -37.92 6.28 -9.65
C PHE I 238 -37.34 6.82 -8.34
N LEU I 239 -37.89 7.94 -7.88
CA LEU I 239 -37.49 8.59 -6.63
C LEU I 239 -38.65 8.54 -5.65
N SER I 240 -38.40 7.99 -4.47
CA SER I 240 -39.46 7.87 -3.46
C SER I 240 -38.99 8.39 -2.13
N ALA I 241 -39.93 8.88 -1.33
CA ALA I 241 -39.59 9.40 -0.03
C ALA I 241 -40.78 9.42 0.90
N VAL I 242 -40.47 9.46 2.19
CA VAL I 242 -41.36 10.04 3.20
C VAL I 242 -40.50 10.73 4.26
N ASP I 243 -40.93 11.89 4.74
CA ASP I 243 -40.22 12.58 5.82
C ASP I 243 -41.21 13.17 6.79
N ILE I 244 -41.66 12.32 7.70
CA ILE I 244 -42.54 12.72 8.79
C ILE I 244 -41.65 13.25 9.91
N VAL I 245 -41.80 14.53 10.25
CA VAL I 245 -40.87 15.16 11.22
C VAL I 245 -41.46 15.27 12.63
N GLY I 246 -42.69 14.79 12.78
CA GLY I 246 -43.32 14.71 14.08
C GLY I 246 -44.76 15.11 13.99
N ILE I 247 -45.30 15.49 15.14
CA ILE I 247 -46.72 15.80 15.31
C ILE I 247 -46.79 17.25 15.81
N HIS I 248 -47.66 18.06 15.20
CA HIS I 248 -48.01 19.35 15.79
C HIS I 248 -49.27 19.25 16.61
N THR I 249 -49.21 19.74 17.85
CA THR I 249 -50.38 19.71 18.73
C THR I 249 -51.06 21.07 18.75
N ASN I 250 -52.37 21.06 18.55
CA ASN I 250 -53.17 22.27 18.50
C ASN I 250 -53.75 22.63 19.87
N TYR I 251 -54.30 23.83 19.97
CA TYR I 251 -54.75 24.31 21.26
C TYR I 251 -55.72 23.35 21.95
N SER I 252 -56.67 22.81 21.18
CA SER I 252 -57.63 21.84 21.69
C SER I 252 -57.03 20.44 21.94
N GLU I 253 -55.74 20.27 21.64
CA GLU I 253 -55.00 18.99 21.79
C GLU I 253 -55.19 18.02 20.63
N SER I 254 -55.99 18.41 19.64
CA SER I 254 -56.04 17.71 18.38
C SER I 254 -54.64 17.77 17.77
N GLN I 255 -54.28 16.77 16.98
CA GLN I 255 -52.92 16.68 16.47
C GLN I 255 -52.85 16.44 14.96
N ASN I 256 -51.83 16.99 14.32
CA ASN I 256 -51.60 16.83 12.88
C ASN I 256 -50.16 16.39 12.63
N TRP I 257 -49.99 15.38 11.78
CA TRP I 257 -48.67 14.96 11.35
C TRP I 257 -48.07 16.09 10.57
N ARG I 258 -46.77 16.32 10.73
CA ARG I 258 -46.07 17.33 9.93
C ARG I 258 -45.00 16.65 9.07
N GLY I 259 -44.98 16.95 7.77
CA GLY I 259 -43.93 16.43 6.88
C GLY I 259 -43.14 17.53 6.22
N LEU I 260 -41.97 17.19 5.69
CA LEU I 260 -41.12 18.16 4.99
C LEU I 260 -40.71 17.60 3.62
N PRO I 261 -40.41 18.50 2.65
CA PRO I 261 -40.03 18.02 1.32
C PRO I 261 -38.60 17.50 1.25
N ARG I 262 -38.33 16.68 0.24
CA ARG I 262 -36.99 16.12 0.05
C ARG I 262 -36.44 16.42 -1.35
N TYR I 263 -35.19 16.87 -1.38
CA TYR I 263 -34.42 17.13 -2.60
C TYR I 263 -33.55 15.92 -2.97
N PHE I 264 -33.49 15.62 -4.27
CA PHE I 264 -32.65 14.57 -4.83
C PHE I 264 -31.76 15.18 -5.90
N ASN I 265 -30.48 14.78 -5.92
CA ASN I 265 -29.59 15.06 -7.04
C ASN I 265 -28.87 13.76 -7.39
N VAL I 266 -29.26 13.12 -8.51
CA VAL I 266 -28.72 11.80 -8.87
C VAL I 266 -27.80 11.87 -10.08
N THR I 267 -26.64 11.22 -9.97
CA THR I 267 -25.71 11.07 -11.11
C THR I 267 -25.90 9.71 -11.76
N LEU I 268 -25.98 9.71 -13.10
CA LEU I 268 -26.20 8.48 -13.85
C LEU I 268 -25.15 8.29 -14.95
N ARG I 269 -24.85 7.02 -15.24
CA ARG I 269 -23.89 6.69 -16.29
C ARG I 269 -24.53 5.66 -17.22
N LYS I 270 -23.93 5.51 -18.40
CA LYS I 270 -24.42 4.55 -19.37
C LYS I 270 -23.82 3.16 -19.10
N ARG I 271 -24.69 2.16 -19.05
CA ARG I 271 -24.30 0.78 -18.76
C ARG I 271 -24.74 -0.15 -19.89
N VAL I 272 -23.80 -0.93 -20.42
CA VAL I 272 -24.13 -1.92 -21.45
C VAL I 272 -24.86 -3.14 -20.85
N VAL I 273 -25.93 -3.56 -21.50
CA VAL I 273 -26.65 -4.79 -21.12
C VAL I 273 -26.87 -5.60 -22.38
N LYS I 274 -26.98 -6.92 -22.23
CA LYS I 274 -27.26 -7.78 -23.36
C LYS I 274 -28.74 -7.66 -23.71
N ASN I 275 -29.04 -7.43 -24.98
CA ASN I 275 -30.41 -7.36 -25.46
C ASN I 275 -31.20 -8.65 -25.15
N PRO I 276 -32.26 -8.55 -24.32
CA PRO I 276 -33.04 -9.75 -23.96
C PRO I 276 -33.73 -10.44 -25.14
N VAL J 7 -17.38 29.66 -14.46
CA VAL J 7 -15.90 29.80 -14.61
C VAL J 7 -15.19 28.45 -14.84
N GLU J 8 -14.22 28.44 -15.75
CA GLU J 8 -13.43 27.24 -15.99
C GLU J 8 -12.28 27.16 -14.98
N VAL J 9 -12.33 26.14 -14.13
CA VAL J 9 -11.38 25.99 -13.05
C VAL J 9 -10.17 25.20 -13.53
N LEU J 10 -8.98 25.74 -13.33
CA LEU J 10 -7.76 25.04 -13.69
C LEU J 10 -7.02 24.59 -12.43
N GLU J 11 -5.70 24.52 -12.49
CA GLU J 11 -4.91 23.94 -11.41
C GLU J 11 -4.66 24.89 -10.25
N VAL J 12 -4.25 24.30 -9.13
CA VAL J 12 -3.77 25.04 -7.96
C VAL J 12 -2.44 25.71 -8.26
N ARG J 13 -2.32 26.97 -7.84
CA ARG J 13 -1.07 27.72 -7.96
C ARG J 13 -0.09 27.37 -6.84
N THR J 14 1.03 26.74 -7.19
CA THR J 14 2.08 26.46 -6.21
C THR J 14 3.07 27.62 -6.19
N GLY J 15 3.95 27.61 -5.19
CA GLY J 15 4.99 28.62 -5.07
C GLY J 15 4.89 29.21 -3.68
N PRO J 16 5.96 29.88 -3.21
CA PRO J 16 5.89 30.54 -1.90
C PRO J 16 4.69 31.48 -1.81
N ASP J 17 4.16 31.65 -0.61
CA ASP J 17 3.09 32.62 -0.36
C ASP J 17 1.78 32.33 -1.11
N ALA J 18 1.54 31.07 -1.44
CA ALA J 18 0.28 30.69 -2.10
C ALA J 18 -0.87 30.43 -1.11
N ILE J 19 -0.60 30.54 0.18
CA ILE J 19 -1.60 30.24 1.21
C ILE J 19 -1.88 31.47 2.05
N THR J 20 -3.14 31.64 2.42
CA THR J 20 -3.51 32.62 3.44
C THR J 20 -4.53 32.07 4.44
N GLN J 21 -4.67 32.75 5.59
CA GLN J 21 -5.66 32.40 6.61
C GLN J 21 -6.39 33.63 7.06
N ILE J 22 -7.65 33.49 7.42
CA ILE J 22 -8.36 34.58 8.07
C ILE J 22 -9.07 34.04 9.30
N GLU J 23 -9.38 34.94 10.23
CA GLU J 23 -10.24 34.57 11.33
C GLU J 23 -11.29 35.64 11.56
N ALA J 24 -12.44 35.21 12.07
CA ALA J 24 -13.56 36.10 12.29
C ALA J 24 -14.52 35.47 13.30
N TYR J 25 -15.37 36.29 13.91
CA TYR J 25 -16.45 35.77 14.72
C TYR J 25 -17.75 36.47 14.33
N LEU J 26 -18.86 35.77 14.48
CA LEU J 26 -20.19 36.32 14.21
C LEU J 26 -21.03 36.27 15.47
N ASN J 27 -21.45 37.44 15.95
CA ASN J 27 -22.35 37.49 17.10
C ASN J 27 -23.77 37.05 16.76
N PRO J 28 -24.46 36.39 17.71
CA PRO J 28 -25.77 35.84 17.36
C PRO J 28 -26.83 36.94 17.15
N ARG J 29 -27.86 36.61 16.37
CA ARG J 29 -28.95 37.54 16.09
C ARG J 29 -30.25 36.87 16.48
N MET J 30 -30.56 36.89 17.77
CA MET J 30 -31.72 36.19 18.30
C MET J 30 -32.99 37.04 18.32
N GLY J 31 -32.83 38.34 18.08
CA GLY J 31 -33.96 39.29 18.15
C GLY J 31 -33.53 40.60 18.76
N ASN J 32 -32.93 40.54 19.94
CA ASN J 32 -32.25 41.68 20.53
C ASN J 32 -30.85 41.72 19.90
N ASN J 33 -30.70 42.48 18.81
CA ASN J 33 -29.49 42.41 17.97
C ASN J 33 -28.53 43.59 18.04
N ASN J 34 -28.84 44.54 18.91
CA ASN J 34 -27.98 45.69 19.16
C ASN J 34 -27.25 45.44 20.48
N PRO J 35 -25.92 45.63 20.51
CA PRO J 35 -25.11 45.37 21.73
C PRO J 35 -25.46 46.25 22.95
N THR J 36 -26.30 47.27 22.78
CA THR J 36 -26.77 48.01 23.94
C THR J 36 -28.09 47.46 24.49
N ASP J 37 -28.75 46.56 23.76
CA ASP J 37 -29.96 45.89 24.26
C ASP J 37 -29.69 45.14 25.54
N GLU J 38 -30.59 45.28 26.51
CA GLU J 38 -30.46 44.61 27.80
C GLU J 38 -30.35 43.09 27.63
N LEU J 39 -31.13 42.55 26.69
CA LEU J 39 -31.13 41.11 26.44
C LEU J 39 -30.45 40.74 25.13
N TYR J 40 -29.38 41.49 24.81
CA TYR J 40 -28.51 41.19 23.69
C TYR J 40 -28.05 39.74 23.75
N GLY J 41 -28.17 39.03 22.64
CA GLY J 41 -27.86 37.60 22.60
C GLY J 41 -29.05 36.73 22.93
N TYR J 42 -30.20 37.36 23.18
CA TYR J 42 -31.47 36.66 23.37
C TYR J 42 -32.55 37.26 22.47
N SER J 43 -33.62 36.49 22.27
CA SER J 43 -34.85 37.05 21.70
C SER J 43 -35.62 37.78 22.80
N ALA J 44 -36.63 38.55 22.41
CA ALA J 44 -37.60 39.08 23.38
C ALA J 44 -38.61 37.99 23.78
N ASP J 45 -39.46 38.29 24.75
CA ASP J 45 -40.47 37.33 25.19
C ASP J 45 -41.26 36.84 23.97
N ILE J 46 -41.29 35.54 23.76
CA ILE J 46 -42.02 34.99 22.62
C ILE J 46 -43.49 35.40 22.71
N ASN J 47 -44.02 36.01 21.65
CA ASN J 47 -45.44 36.31 21.59
C ASN J 47 -46.16 35.33 20.65
N VAL J 48 -47.13 34.62 21.20
CA VAL J 48 -47.72 33.43 20.57
C VAL J 48 -48.96 33.81 19.76
N ALA J 49 -49.18 33.12 18.64
CA ALA J 49 -50.41 33.28 17.85
C ALA J 49 -51.67 32.98 18.68
N SER J 50 -52.76 33.67 18.42
CA SER J 50 -54.00 33.30 19.09
C SER J 50 -54.78 32.28 18.26
N SER J 51 -54.43 32.17 16.97
CA SER J 51 -55.14 31.27 16.06
C SER J 51 -54.31 30.98 14.81
N LYS J 52 -54.88 30.16 13.92
CA LYS J 52 -54.28 29.93 12.61
C LYS J 52 -54.23 31.23 11.81
N ALA J 53 -55.31 32.01 11.89
CA ALA J 53 -55.46 33.24 11.10
C ALA J 53 -54.64 34.41 11.64
N SER J 54 -54.43 34.43 12.95
CA SER J 54 -53.82 35.56 13.63
C SER J 54 -52.49 35.18 14.31
N ASP J 55 -51.40 35.56 13.67
CA ASP J 55 -50.07 35.16 14.09
C ASP J 55 -49.07 36.22 13.63
N ASN J 56 -48.80 37.17 14.52
CA ASN J 56 -47.94 38.30 14.16
C ASN J 56 -46.75 38.36 15.11
N PRO J 57 -45.76 37.46 14.94
CA PRO J 57 -44.61 37.52 15.84
C PRO J 57 -43.84 38.84 15.69
N ASN J 58 -43.41 39.41 16.81
CA ASN J 58 -42.55 40.61 16.78
C ASN J 58 -41.18 40.30 16.24
N ALA J 59 -40.57 41.27 15.55
CA ALA J 59 -39.23 41.13 14.97
C ALA J 59 -38.21 40.71 16.01
N THR J 60 -38.37 41.22 17.22
CA THR J 60 -37.43 40.93 18.30
C THR J 60 -37.60 39.51 18.86
N THR J 61 -38.59 38.75 18.38
CA THR J 61 -38.81 37.37 18.84
C THR J 61 -38.33 36.31 17.85
N LEU J 62 -37.79 36.73 16.71
CA LEU J 62 -37.45 35.80 15.61
C LEU J 62 -35.96 35.78 15.35
N PRO J 63 -35.29 34.65 15.71
CA PRO J 63 -33.86 34.54 15.43
C PRO J 63 -33.59 34.56 13.93
N THR J 64 -32.49 35.22 13.56
CA THR J 64 -32.11 35.38 12.17
C THR J 64 -30.69 34.87 11.96
N TYR J 65 -30.35 34.60 10.71
CA TYR J 65 -29.00 34.17 10.36
C TYR J 65 -28.02 35.30 10.54
N SER J 66 -26.81 34.94 10.99
CA SER J 66 -25.70 35.85 10.99
C SER J 66 -24.93 35.68 9.69
N VAL J 67 -24.44 36.79 9.13
CA VAL J 67 -23.56 36.71 7.95
C VAL J 67 -22.52 37.83 7.99
N ALA J 68 -21.30 37.49 7.62
CA ALA J 68 -20.21 38.45 7.45
C ALA J 68 -19.43 38.14 6.17
N VAL J 69 -19.00 39.20 5.48
CA VAL J 69 -18.16 39.11 4.29
C VAL J 69 -16.75 39.56 4.66
N ILE J 70 -15.76 38.71 4.39
CA ILE J 70 -14.36 39.03 4.66
C ILE J 70 -13.63 39.38 3.36
N LYS J 71 -12.97 40.54 3.35
CA LYS J 71 -12.20 41.01 2.20
C LYS J 71 -10.81 40.38 2.26
N LEU J 72 -10.43 39.68 1.19
CA LEU J 72 -9.17 38.94 1.15
C LEU J 72 -8.14 39.74 0.36
N PRO J 73 -6.85 39.43 0.55
CA PRO J 73 -5.84 40.17 -0.23
C PRO J 73 -6.17 40.14 -1.72
N MET J 74 -6.05 41.30 -2.38
CA MET J 74 -6.30 41.44 -3.81
C MET J 74 -5.34 40.56 -4.61
N LEU J 75 -5.87 39.75 -5.53
CA LEU J 75 -5.04 38.77 -6.24
C LEU J 75 -4.63 39.16 -7.66
N ASN J 76 -5.49 39.88 -8.36
CA ASN J 76 -5.26 40.13 -9.76
C ASN J 76 -4.97 41.60 -10.05
N GLU J 77 -3.68 41.92 -10.14
CA GLU J 77 -3.21 43.24 -10.55
C GLU J 77 -3.84 43.59 -11.89
N ASP J 78 -3.80 42.62 -12.79
CA ASP J 78 -4.20 42.79 -14.16
C ASP J 78 -5.36 41.86 -14.49
N MET J 79 -6.48 42.43 -14.86
CA MET J 79 -7.68 41.69 -15.13
C MET J 79 -7.84 41.31 -16.57
N THR J 80 -6.86 41.60 -17.37
CA THR J 80 -6.96 41.42 -18.81
C THR J 80 -6.25 40.17 -19.33
N CYS J 81 -5.57 39.48 -18.46
CA CYS J 81 -4.83 38.29 -18.77
C CYS J 81 -5.71 37.10 -18.98
N ASP J 82 -5.17 36.07 -19.58
CA ASP J 82 -5.98 34.97 -20.00
C ASP J 82 -6.48 34.11 -18.87
N THR J 83 -5.71 34.07 -17.81
CA THR J 83 -6.05 33.43 -16.59
C THR J 83 -6.05 34.42 -15.44
N LEU J 84 -6.74 34.05 -14.38
CA LEU J 84 -6.83 34.81 -13.14
C LEU J 84 -6.58 33.88 -11.96
N LEU J 85 -6.30 34.46 -10.80
CA LEU J 85 -6.27 33.69 -9.56
C LEU J 85 -7.50 34.02 -8.74
N MET J 86 -7.98 33.02 -8.01
CA MET J 86 -9.06 33.20 -7.06
C MET J 86 -8.64 32.52 -5.77
N TRP J 87 -9.06 33.09 -4.63
CA TRP J 87 -8.83 32.45 -3.36
C TRP J 87 -9.77 31.29 -3.22
N GLU J 88 -9.21 30.14 -2.88
CA GLU J 88 -9.97 28.91 -2.72
C GLU J 88 -9.99 28.53 -1.25
N ALA J 89 -11.18 28.48 -0.66
CA ALA J 89 -11.29 28.06 0.73
C ALA J 89 -11.06 26.55 0.82
N VAL J 90 -10.07 26.16 1.60
CA VAL J 90 -9.61 24.79 1.63
C VAL J 90 -10.08 24.05 2.87
N SER J 91 -9.96 24.71 4.03
CA SER J 91 -10.37 24.11 5.29
C SER J 91 -10.81 25.18 6.30
N VAL J 92 -11.57 24.75 7.31
CA VAL J 92 -12.06 25.66 8.35
C VAL J 92 -12.02 25.03 9.74
N LYS J 93 -11.57 25.80 10.74
CA LYS J 93 -11.82 25.48 12.14
C LYS J 93 -12.87 26.45 12.63
N THR J 94 -13.93 25.92 13.22
CA THR J 94 -15.01 26.75 13.69
C THR J 94 -15.47 26.24 15.05
N GLU J 95 -15.90 27.17 15.89
CA GLU J 95 -16.12 26.92 17.30
C GLU J 95 -17.25 27.82 17.81
N VAL J 96 -18.22 27.24 18.51
CA VAL J 96 -19.24 28.01 19.23
C VAL J 96 -18.64 28.45 20.55
N MET J 97 -18.59 29.76 20.78
CA MET J 97 -17.91 30.35 21.91
C MET J 97 -18.84 30.62 23.10
N GLY J 98 -18.28 30.57 24.31
CA GLY J 98 -19.05 30.82 25.52
C GLY J 98 -20.02 29.71 25.89
N ILE J 99 -19.70 28.47 25.52
CA ILE J 99 -20.60 27.36 25.81
C ILE J 99 -20.83 27.23 27.32
N SER J 100 -19.74 27.36 28.07
CA SER J 100 -19.78 27.14 29.52
C SER J 100 -20.62 28.22 30.25
N SER J 101 -20.99 29.29 29.54
CA SER J 101 -21.88 30.31 30.11
C SER J 101 -23.25 29.73 30.44
N LEU J 102 -23.63 28.64 29.78
CA LEU J 102 -24.89 27.95 30.08
C LEU J 102 -24.83 27.18 31.40
N VAL J 103 -23.62 26.96 31.91
CA VAL J 103 -23.43 26.18 33.15
C VAL J 103 -23.64 27.12 34.33
N ASN J 104 -24.90 27.44 34.56
CA ASN J 104 -25.30 28.53 35.45
C ASN J 104 -26.69 28.19 35.97
N LEU J 105 -26.78 27.98 37.27
CA LEU J 105 -28.05 27.62 37.90
C LEU J 105 -28.64 28.72 38.79
N HIS J 106 -28.07 29.92 38.72
CA HIS J 106 -28.49 31.00 39.60
C HIS J 106 -29.18 32.14 38.87
N GLN J 107 -29.03 32.18 37.54
CA GLN J 107 -29.69 33.22 36.74
C GLN J 107 -31.21 33.22 37.02
N GLY J 108 -31.79 34.42 37.15
CA GLY J 108 -33.22 34.57 37.42
C GLY J 108 -34.06 33.77 36.44
N GLY J 109 -35.10 33.10 36.95
CA GLY J 109 -35.92 32.24 36.10
C GLY J 109 -36.86 31.33 36.85
N LYS J 110 -37.16 30.19 36.23
CA LYS J 110 -38.09 29.21 36.80
C LYS J 110 -37.32 28.16 37.59
N TYR J 111 -37.73 27.93 38.84
CA TYR J 111 -37.12 26.94 39.72
C TYR J 111 -37.18 25.50 39.19
N ILE J 112 -36.07 24.78 39.33
CA ILE J 112 -36.04 23.36 38.98
C ILE J 112 -37.04 22.55 39.81
N TYR J 113 -36.99 22.72 41.14
CA TYR J 113 -38.00 22.12 42.01
C TYR J 113 -38.76 23.25 42.73
N GLY J 114 -38.78 23.25 44.06
CA GLY J 114 -39.33 24.38 44.83
C GLY J 114 -38.34 25.54 44.86
N SER J 115 -38.65 26.56 45.67
CA SER J 115 -37.87 27.80 45.69
C SER J 115 -36.53 27.74 46.42
N SER J 116 -36.17 26.58 46.97
CA SER J 116 -34.83 26.38 47.49
C SER J 116 -33.84 25.90 46.41
N SER J 117 -34.32 25.51 45.23
CA SER J 117 -33.44 24.93 44.20
C SER J 117 -32.79 25.95 43.29
N GLY J 118 -31.94 25.50 42.37
CA GLY J 118 -31.46 26.37 41.29
C GLY J 118 -32.55 26.57 40.24
N THR J 119 -32.24 27.36 39.22
CA THR J 119 -33.20 27.62 38.15
C THR J 119 -32.93 26.77 36.92
N ILE J 120 -33.98 26.49 36.14
CA ILE J 120 -33.86 25.72 34.91
C ILE J 120 -32.91 26.43 33.92
N PRO J 121 -31.83 25.76 33.47
CA PRO J 121 -30.93 26.38 32.51
C PRO J 121 -31.52 26.36 31.11
N VAL J 122 -30.82 26.98 30.16
CA VAL J 122 -31.26 27.08 28.78
C VAL J 122 -31.40 25.68 28.19
N GLN J 123 -32.58 25.38 27.65
CA GLN J 123 -32.85 24.05 27.10
C GLN J 123 -33.96 24.15 26.07
N GLY J 124 -34.26 23.02 25.42
CA GLY J 124 -35.23 23.00 24.33
C GLY J 124 -34.58 22.96 22.96
N THR J 125 -35.31 23.44 21.96
CA THR J 125 -34.89 23.35 20.56
C THR J 125 -33.52 24.00 20.33
N THR J 126 -32.66 23.32 19.57
CA THR J 126 -31.37 23.90 19.16
C THR J 126 -31.22 23.85 17.65
N LEU J 127 -30.52 24.86 17.12
CA LEU J 127 -30.19 24.87 15.70
C LEU J 127 -28.79 25.44 15.52
N HIS J 128 -27.90 24.61 14.98
CA HIS J 128 -26.53 25.00 14.67
C HIS J 128 -26.27 24.91 13.20
N MET J 129 -25.73 25.97 12.62
CA MET J 129 -25.35 25.93 11.22
C MET J 129 -24.16 26.83 10.98
N PHE J 130 -23.25 26.36 10.12
CA PHE J 130 -22.21 27.24 9.59
C PHE J 130 -22.00 26.96 8.10
N SER J 131 -21.58 27.99 7.38
CA SER J 131 -21.29 27.88 5.94
C SER J 131 -20.13 28.78 5.55
N VAL J 132 -19.32 28.29 4.61
CA VAL J 132 -18.21 29.02 4.05
C VAL J 132 -18.40 28.97 2.53
N GLY J 133 -18.46 30.15 1.91
CA GLY J 133 -18.70 30.25 0.47
C GLY J 133 -17.95 31.43 -0.14
N GLY J 134 -17.93 31.47 -1.48
CA GLY J 134 -17.30 32.56 -2.24
C GLY J 134 -18.34 33.54 -2.77
N GLU J 135 -19.53 33.52 -2.16
CA GLU J 135 -20.68 34.34 -2.55
C GLU J 135 -21.77 34.06 -1.49
N PRO J 136 -22.91 34.79 -1.54
CA PRO J 136 -23.94 34.58 -0.51
C PRO J 136 -24.55 33.18 -0.53
N LEU J 137 -24.75 32.63 0.67
CA LEU J 137 -25.51 31.38 0.87
C LEU J 137 -26.87 31.51 0.21
N GLU J 138 -27.21 30.53 -0.63
CA GLU J 138 -28.48 30.54 -1.31
C GLU J 138 -29.53 29.88 -0.43
N LEU J 139 -30.73 30.46 -0.43
CA LEU J 139 -31.78 30.11 0.54
C LEU J 139 -33.08 29.65 -0.11
N GLN J 140 -33.77 28.73 0.55
CA GLN J 140 -35.09 28.29 0.14
C GLN J 140 -36.08 28.64 1.24
N GLY J 141 -37.23 29.18 0.82
CA GLY J 141 -38.32 29.51 1.76
C GLY J 141 -39.27 28.37 2.05
N LEU J 142 -39.60 28.20 3.33
CA LEU J 142 -40.62 27.26 3.77
C LEU J 142 -40.97 27.61 5.20
N VAL J 143 -42.27 27.62 5.52
CA VAL J 143 -42.75 28.07 6.84
C VAL J 143 -43.73 27.07 7.47
N ALA J 144 -43.85 27.14 8.80
CA ALA J 144 -44.87 26.36 9.53
C ALA J 144 -46.28 26.79 9.14
N SER J 145 -46.46 28.08 8.87
CA SER J 145 -47.78 28.61 8.52
C SER J 145 -47.70 29.77 7.54
N SER J 146 -48.43 29.62 6.43
CA SER J 146 -48.50 30.63 5.40
C SER J 146 -49.39 31.82 5.77
N THR J 147 -50.21 31.69 6.82
CA THR J 147 -51.09 32.75 7.31
C THR J 147 -50.42 33.61 8.39
N THR J 148 -49.20 33.26 8.79
CA THR J 148 -48.38 34.11 9.66
C THR J 148 -48.04 35.44 8.96
N THR J 149 -48.28 36.55 9.65
CA THR J 149 -47.87 37.86 9.17
C THR J 149 -46.51 38.20 9.77
N TYR J 150 -45.48 38.20 8.93
CA TYR J 150 -44.13 38.52 9.38
C TYR J 150 -43.89 40.03 9.41
N PRO J 151 -42.99 40.50 10.30
CA PRO J 151 -42.68 41.95 10.34
C PRO J 151 -42.06 42.41 9.02
N THR J 152 -42.49 43.56 8.50
CA THR J 152 -42.09 43.98 7.16
C THR J 152 -40.62 44.43 7.02
N ASP J 153 -39.97 44.75 8.14
N ASP J 153 -39.98 44.72 8.16
CA ASP J 153 -38.54 45.12 8.08
CA ASP J 153 -38.58 45.10 8.20
C ASP J 153 -37.67 43.91 7.78
C ASP J 153 -37.65 43.89 8.26
N MET J 154 -38.20 42.72 8.01
CA MET J 154 -37.42 41.51 7.85
C MET J 154 -37.62 40.98 6.43
N VAL J 155 -36.72 40.10 5.98
CA VAL J 155 -36.85 39.52 4.65
C VAL J 155 -37.51 38.15 4.77
N THR J 156 -38.74 38.06 4.26
CA THR J 156 -39.51 36.85 4.32
C THR J 156 -40.15 36.62 2.94
N ILE J 157 -41.02 35.63 2.82
CA ILE J 157 -41.59 35.25 1.51
C ILE J 157 -42.68 36.22 1.10
N LYS J 158 -42.57 36.75 -0.13
CA LYS J 158 -43.59 37.64 -0.68
C LYS J 158 -44.89 36.88 -0.99
N ASN J 159 -46.03 37.44 -0.59
CA ASN J 159 -47.37 36.91 -0.91
C ASN J 159 -47.58 35.40 -0.66
N MET J 160 -47.34 34.95 0.56
CA MET J 160 -47.44 33.51 0.87
C MET J 160 -48.80 32.92 0.53
N LYS J 161 -48.78 31.65 0.15
CA LYS J 161 -49.98 30.83 0.00
C LYS J 161 -49.67 29.50 0.68
N PRO J 162 -50.68 28.64 0.86
CA PRO J 162 -50.39 27.39 1.60
C PRO J 162 -49.25 26.54 1.02
N VAL J 163 -48.99 26.67 -0.28
CA VAL J 163 -47.85 26.02 -0.92
C VAL J 163 -46.52 26.29 -0.19
N ASN J 164 -46.43 27.44 0.49
CA ASN J 164 -45.19 27.82 1.19
C ASN J 164 -44.98 27.08 2.52
N GLN J 165 -45.97 26.27 2.90
CA GLN J 165 -45.78 25.34 4.02
C GLN J 165 -45.04 24.07 3.55
N ALA J 166 -44.83 23.96 2.24
CA ALA J 166 -43.97 22.94 1.67
C ALA J 166 -43.00 23.59 0.67
N LEU J 167 -42.62 22.88 -0.39
CA LEU J 167 -41.67 23.43 -1.38
C LEU J 167 -42.34 24.25 -2.51
N ASP J 168 -42.14 25.57 -2.46
CA ASP J 168 -42.49 26.46 -3.56
C ASP J 168 -41.17 26.86 -4.22
N PRO J 169 -40.95 26.41 -5.46
CA PRO J 169 -39.65 26.65 -6.11
C PRO J 169 -39.40 28.12 -6.42
N ASN J 170 -40.40 28.97 -6.20
CA ASN J 170 -40.25 30.41 -6.40
C ASN J 170 -39.85 31.15 -5.15
N ALA J 171 -39.86 30.47 -4.01
CA ALA J 171 -39.51 31.11 -2.76
C ALA J 171 -38.00 30.94 -2.49
N LYS J 172 -37.19 31.74 -3.20
CA LYS J 172 -35.73 31.71 -3.08
C LYS J 172 -35.18 33.06 -2.60
N ALA J 173 -34.01 33.02 -1.95
CA ALA J 173 -33.40 34.23 -1.46
C ALA J 173 -31.90 34.03 -1.30
N LEU J 174 -31.21 35.14 -1.04
CA LEU J 174 -29.79 35.11 -0.73
C LEU J 174 -29.56 35.63 0.68
N LEU J 175 -28.69 34.94 1.42
CA LEU J 175 -28.27 35.44 2.73
C LEU J 175 -27.30 36.62 2.57
N ASP J 176 -27.88 37.79 2.32
CA ASP J 176 -27.10 38.98 1.99
C ASP J 176 -27.21 40.10 3.03
N LYS J 177 -27.89 39.83 4.15
CA LYS J 177 -28.01 40.78 5.25
C LYS J 177 -27.89 40.08 6.59
N ASP J 178 -27.09 40.65 7.48
CA ASP J 178 -26.97 40.13 8.83
C ASP J 178 -28.23 40.47 9.64
N GLY J 179 -28.74 39.49 10.38
CA GLY J 179 -29.88 39.71 11.27
C GLY J 179 -31.16 40.14 10.59
N LYS J 180 -31.43 39.63 9.39
CA LYS J 180 -32.64 40.00 8.65
C LYS J 180 -33.47 38.84 8.12
N TYR J 181 -32.85 37.67 7.95
CA TYR J 181 -33.50 36.46 7.39
C TYR J 181 -33.87 35.47 8.49
N PRO J 182 -35.18 35.34 8.81
CA PRO J 182 -35.57 34.46 9.93
C PRO J 182 -35.25 32.99 9.66
N VAL J 183 -34.68 32.28 10.64
CA VAL J 183 -34.41 30.83 10.47
C VAL J 183 -35.69 30.03 10.27
N GLU J 184 -36.81 30.53 10.76
CA GLU J 184 -38.06 29.78 10.67
C GLU J 184 -38.73 29.92 9.31
N VAL J 185 -38.15 30.76 8.47
CA VAL J 185 -38.62 31.00 7.11
C VAL J 185 -37.62 30.46 6.07
N TRP J 186 -36.32 30.55 6.36
CA TRP J 186 -35.29 30.24 5.36
C TRP J 186 -34.36 29.16 5.79
N SER J 187 -33.98 28.32 4.82
CA SER J 187 -32.99 27.27 5.04
C SER J 187 -32.08 27.15 3.81
N PRO J 188 -30.89 26.51 3.97
CA PRO J 188 -30.00 26.44 2.81
C PRO J 188 -30.65 25.68 1.65
N ASP J 189 -30.51 26.23 0.44
CA ASP J 189 -31.05 25.60 -0.74
C ASP J 189 -30.08 24.54 -1.31
N PRO J 190 -30.45 23.26 -1.23
CA PRO J 190 -29.56 22.19 -1.73
C PRO J 190 -29.52 22.06 -3.25
N SER J 191 -30.47 22.70 -3.94
CA SER J 191 -30.51 22.73 -5.41
C SER J 191 -29.51 23.71 -6.05
N LYS J 192 -28.87 24.52 -5.22
CA LYS J 192 -27.89 25.49 -5.65
C LYS J 192 -26.68 25.36 -4.71
N ASN J 193 -26.08 26.49 -4.31
CA ASN J 193 -24.94 26.48 -3.38
C ASN J 193 -23.72 25.67 -3.85
N GLU J 194 -23.48 25.66 -5.16
CA GLU J 194 -22.29 25.01 -5.77
C GLU J 194 -20.99 25.59 -5.21
N ASN J 195 -21.04 26.84 -4.75
CA ASN J 195 -19.84 27.58 -4.37
C ASN J 195 -19.82 27.95 -2.88
N THR J 196 -20.62 27.21 -2.12
CA THR J 196 -20.65 27.30 -0.65
C THR J 196 -20.69 25.88 -0.08
N ARG J 197 -20.04 25.67 1.06
CA ARG J 197 -20.25 24.47 1.83
C ARG J 197 -21.00 24.85 3.11
N TYR J 198 -22.11 24.16 3.39
CA TYR J 198 -22.84 24.40 4.62
C TYR J 198 -23.08 23.12 5.39
N TYR J 199 -23.17 23.25 6.71
CA TYR J 199 -23.27 22.12 7.63
C TYR J 199 -24.22 22.54 8.74
N GLY J 200 -25.23 21.71 9.02
CA GLY J 200 -26.28 22.09 9.97
C GLY J 200 -26.80 20.93 10.78
N SER J 201 -27.22 21.22 12.00
CA SER J 201 -27.93 20.23 12.78
C SER J 201 -29.03 20.82 13.64
N PHE J 202 -30.10 20.04 13.77
CA PHE J 202 -31.31 20.41 14.47
C PHE J 202 -31.71 19.33 15.46
N THR J 203 -32.01 19.75 16.69
CA THR J 203 -32.74 18.91 17.65
C THR J 203 -33.87 19.76 18.20
N GLY J 204 -35.09 19.25 18.13
CA GLY J 204 -36.26 20.02 18.54
C GLY J 204 -36.69 19.71 19.96
N GLY J 205 -37.99 19.85 20.23
CA GLY J 205 -38.52 19.67 21.58
C GLY J 205 -38.49 20.95 22.39
N ALA J 206 -39.18 20.92 23.52
CA ALA J 206 -39.37 22.11 24.35
C ALA J 206 -38.38 22.15 25.51
N THR J 207 -37.96 20.98 25.97
CA THR J 207 -37.12 20.91 27.15
C THR J 207 -35.84 20.08 26.95
N THR J 208 -35.53 19.76 25.69
CA THR J 208 -34.40 18.89 25.35
C THR J 208 -33.08 19.48 25.85
N PRO J 209 -32.28 18.67 26.56
CA PRO J 209 -30.95 19.11 27.01
C PRO J 209 -30.05 19.46 25.81
N PRO J 210 -29.43 20.65 25.82
CA PRO J 210 -28.47 20.98 24.77
C PRO J 210 -27.16 20.19 24.89
N VAL J 211 -26.58 19.85 23.74
CA VAL J 211 -25.28 19.15 23.67
C VAL J 211 -24.34 19.89 22.74
N MET J 212 -23.15 20.25 23.23
CA MET J 212 -22.14 20.92 22.40
C MET J 212 -20.72 20.52 22.77
N GLN J 213 -19.87 20.35 21.76
CA GLN J 213 -18.44 20.11 21.98
C GLN J 213 -17.68 21.40 21.73
N PHE J 214 -16.52 21.52 22.33
CA PHE J 214 -15.57 22.58 21.99
C PHE J 214 -14.13 22.06 22.01
N THR J 215 -13.33 22.46 21.02
CA THR J 215 -11.94 21.99 20.91
C THR J 215 -11.24 22.84 19.89
N ASN J 216 -9.91 22.90 19.95
CA ASN J 216 -9.16 23.50 18.83
C ASN J 216 -8.42 22.44 18.00
N SER J 217 -8.85 21.18 18.08
CA SER J 217 -8.16 20.10 17.36
C SER J 217 -8.86 19.62 16.08
N VAL J 218 -10.02 20.17 15.75
CA VAL J 218 -10.84 19.65 14.65
C VAL J 218 -10.91 20.62 13.46
N THR J 219 -10.62 20.09 12.27
CA THR J 219 -10.74 20.85 11.02
C THR J 219 -11.75 20.18 10.08
N THR J 220 -12.54 20.99 9.38
CA THR J 220 -13.39 20.47 8.30
C THR J 220 -12.74 20.87 6.98
N VAL J 221 -12.56 19.91 6.07
CA VAL J 221 -12.04 20.19 4.72
C VAL J 221 -13.21 20.58 3.81
N LEU J 222 -13.02 21.64 3.01
CA LEU J 222 -14.13 22.24 2.23
C LEU J 222 -14.12 21.86 0.75
N LEU J 223 -13.17 21.01 0.36
CA LEU J 223 -13.04 20.59 -1.03
C LEU J 223 -14.21 19.72 -1.45
N ASP J 224 -14.73 19.97 -2.66
CA ASP J 224 -15.77 19.10 -3.21
C ASP J 224 -15.18 17.81 -3.80
N GLU J 225 -16.02 17.04 -4.47
CA GLU J 225 -15.63 15.75 -5.06
C GLU J 225 -14.60 15.87 -6.20
N ASN J 226 -14.42 17.08 -6.74
CA ASN J 226 -13.36 17.33 -7.71
C ASN J 226 -12.12 17.95 -7.07
N GLY J 227 -12.09 18.03 -5.75
CA GLY J 227 -10.97 18.62 -5.02
C GLY J 227 -10.94 20.13 -5.03
N VAL J 228 -12.09 20.76 -5.29
CA VAL J 228 -12.18 22.21 -5.41
C VAL J 228 -13.03 22.83 -4.31
N GLY J 229 -12.44 23.77 -3.58
CA GLY J 229 -13.14 24.47 -2.50
C GLY J 229 -13.89 25.68 -3.02
N PRO J 230 -14.67 26.35 -2.14
CA PRO J 230 -15.35 27.56 -2.61
C PRO J 230 -14.34 28.56 -3.20
N LEU J 231 -14.72 29.16 -4.32
CA LEU J 231 -13.88 30.16 -4.97
C LEU J 231 -14.45 31.55 -4.71
N CYS J 232 -13.60 32.44 -4.19
CA CYS J 232 -14.03 33.74 -3.69
C CYS J 232 -14.15 34.78 -4.78
N LYS J 233 -15.38 35.03 -5.22
CA LYS J 233 -15.61 36.00 -6.28
C LYS J 233 -15.29 37.40 -5.77
N GLY J 234 -14.55 38.17 -6.57
CA GLY J 234 -14.13 39.53 -6.19
C GLY J 234 -13.35 39.55 -4.88
N ASP J 235 -12.64 38.46 -4.59
CA ASP J 235 -11.82 38.34 -3.38
C ASP J 235 -12.64 38.52 -2.08
N LYS J 236 -13.88 38.07 -2.11
CA LYS J 236 -14.76 38.13 -0.93
C LYS J 236 -15.12 36.73 -0.46
N LEU J 237 -14.99 36.53 0.86
CA LEU J 237 -15.33 35.26 1.52
C LEU J 237 -16.55 35.47 2.42
N PHE J 238 -17.58 34.64 2.21
CA PHE J 238 -18.82 34.71 2.97
C PHE J 238 -18.85 33.68 4.10
N LEU J 239 -19.10 34.14 5.32
CA LEU J 239 -19.22 33.27 6.48
C LEU J 239 -20.59 33.50 7.07
N SER J 240 -21.33 32.42 7.26
CA SER J 240 -22.70 32.53 7.78
C SER J 240 -22.90 31.54 8.90
N ALA J 241 -23.84 31.84 9.78
CA ALA J 241 -24.06 31.02 10.96
C ALA J 241 -25.37 31.32 11.67
N VAL J 242 -25.87 30.29 12.36
CA VAL J 242 -26.84 30.47 13.43
C VAL J 242 -26.57 29.41 14.51
N ASP J 243 -26.56 29.85 15.77
CA ASP J 243 -26.33 28.94 16.87
C ASP J 243 -27.31 29.20 18.00
N ILE J 244 -28.54 28.71 17.80
CA ILE J 244 -29.56 28.76 18.83
C ILE J 244 -29.27 27.59 19.75
N VAL J 245 -29.02 27.89 21.02
CA VAL J 245 -28.62 26.84 21.97
C VAL J 245 -29.76 26.44 22.90
N GLY J 246 -30.92 27.04 22.68
CA GLY J 246 -32.13 26.69 23.40
C GLY J 246 -32.95 27.90 23.83
N ILE J 247 -33.71 27.71 24.91
CA ILE J 247 -34.74 28.64 25.35
C ILE J 247 -34.50 28.88 26.83
N HIS J 248 -34.42 30.15 27.23
CA HIS J 248 -34.43 30.45 28.63
C HIS J 248 -35.82 30.77 29.09
N THR J 249 -36.28 30.09 30.13
CA THR J 249 -37.61 30.34 30.67
C THR J 249 -37.52 31.30 31.86
N ASN J 250 -38.37 32.32 31.84
CA ASN J 250 -38.40 33.33 32.89
C ASN J 250 -39.35 33.02 34.05
N TYR J 251 -39.31 33.82 35.11
CA TYR J 251 -40.09 33.51 36.30
C TYR J 251 -41.59 33.42 36.03
N SER J 252 -42.11 34.31 35.18
CA SER J 252 -43.52 34.32 34.79
C SER J 252 -43.84 33.25 33.74
N GLU J 253 -42.80 32.51 33.33
CA GLU J 253 -42.87 31.48 32.26
C GLU J 253 -42.79 32.07 30.84
N SER J 254 -42.53 33.37 30.71
CA SER J 254 -42.20 33.92 29.41
C SER J 254 -40.86 33.29 28.96
N GLN J 255 -40.60 33.30 27.65
CA GLN J 255 -39.45 32.57 27.12
C GLN J 255 -38.69 33.35 26.06
N ASN J 256 -37.36 33.28 26.17
CA ASN J 256 -36.44 33.93 25.23
C ASN J 256 -35.50 32.90 24.63
N TRP J 257 -35.35 32.96 23.31
CA TRP J 257 -34.31 32.19 22.63
C TRP J 257 -32.97 32.69 23.07
N ARG J 258 -32.01 31.77 23.21
CA ARG J 258 -30.63 32.11 23.55
C ARG J 258 -29.69 31.65 22.43
N GLY J 259 -28.79 32.54 21.99
CA GLY J 259 -27.80 32.20 20.97
C GLY J 259 -26.40 32.46 21.47
N LEU J 260 -25.41 31.88 20.78
CA LEU J 260 -23.99 32.07 21.10
C LEU J 260 -23.20 32.46 19.83
N PRO J 261 -22.08 33.19 20.00
CA PRO J 261 -21.26 33.58 18.83
C PRO J 261 -20.49 32.39 18.26
N ARG J 262 -20.13 32.49 16.97
CA ARG J 262 -19.34 31.47 16.29
C ARG J 262 -18.06 32.06 15.70
N TYR J 263 -16.94 31.40 15.99
CA TYR J 263 -15.62 31.72 15.48
C TYR J 263 -15.32 30.91 14.23
N PHE J 264 -14.65 31.54 13.25
CA PHE J 264 -14.17 30.86 12.05
C PHE J 264 -12.69 31.13 11.91
N ASN J 265 -11.95 30.11 11.49
CA ASN J 265 -10.60 30.25 11.01
C ASN J 265 -10.52 29.47 9.71
N VAL J 266 -10.37 30.20 8.60
CA VAL J 266 -10.40 29.58 7.28
C VAL J 266 -9.01 29.68 6.65
N THR J 267 -8.58 28.58 6.02
CA THR J 267 -7.35 28.55 5.23
C THR J 267 -7.72 28.53 3.76
N LEU J 268 -7.06 29.39 2.99
CA LEU J 268 -7.34 29.55 1.57
C LEU J 268 -6.07 29.48 0.74
N ARG J 269 -6.20 29.03 -0.51
CA ARG J 269 -5.05 28.92 -1.39
C ARG J 269 -5.37 29.52 -2.75
N LYS J 270 -4.34 29.79 -3.53
CA LYS J 270 -4.55 30.39 -4.84
C LYS J 270 -4.90 29.34 -5.89
N ARG J 271 -6.02 29.56 -6.57
CA ARG J 271 -6.47 28.65 -7.61
C ARG J 271 -6.51 29.38 -8.94
N VAL J 272 -5.96 28.75 -9.98
CA VAL J 272 -6.00 29.33 -11.32
C VAL J 272 -7.34 29.04 -11.98
N VAL J 273 -7.90 30.08 -12.61
CA VAL J 273 -9.10 29.97 -13.43
C VAL J 273 -8.89 30.60 -14.81
N LYS J 274 -9.65 30.15 -15.80
CA LYS J 274 -9.68 30.83 -17.08
C LYS J 274 -10.43 32.14 -16.86
N ASN J 275 -9.93 33.24 -17.42
CA ASN J 275 -10.56 34.55 -17.19
C ASN J 275 -11.98 34.55 -17.77
N PRO J 276 -13.00 34.73 -16.91
CA PRO J 276 -14.38 34.72 -17.42
C PRO J 276 -14.86 36.08 -18.00
N TYR J 277 -14.19 37.16 -17.62
CA TYR J 277 -14.70 38.51 -17.91
C TYR J 277 -14.38 38.96 -19.34
N PRO J 278 -15.32 39.71 -19.98
CA PRO J 278 -15.28 40.03 -21.43
C PRO J 278 -14.11 40.90 -21.90
#